data_7P7A
#
_entry.id   7P7A
#
_cell.length_a   1.00
_cell.length_b   1.00
_cell.length_c   1.00
_cell.angle_alpha   90.00
_cell.angle_beta   90.00
_cell.angle_gamma   90.00
#
_symmetry.space_group_name_H-M   'P 1'
#
loop_
_entity.id
_entity.type
_entity.pdbx_description
1 polymer 'Spike glycoprotein'
2 polymer sybody#68
3 branched 2-acetamido-2-deoxy-beta-D-glucopyranose-(1-4)-2-acetamido-2-deoxy-beta-D-glucopyranose
4 branched beta-D-mannopyranose-(1-4)-2-acetamido-2-deoxy-beta-D-glucopyranose-(1-4)-2-acetamido-2-deoxy-beta-D-glucopyranose
5 branched beta-D-mannopyranose-(1-4)-2-acetamido-2-deoxy-beta-D-glucopyranose
6 branched 2-acetamido-2-deoxy-beta-D-glucopyranose-(1-4)-2-acetamido-2-deoxy-beta-D-glucopyranose-(5-4)-2-acetamido-2-deoxy-beta-D-glucopyranose
7 non-polymer 2-acetamido-2-deoxy-beta-D-glucopyranose
#
loop_
_entity_poly.entity_id
_entity_poly.type
_entity_poly.pdbx_seq_one_letter_code
_entity_poly.pdbx_strand_id
1 'polypeptide(L)'
;MFVFLVLLPLVSSQCVNLTTRTQLPPAYTNSFTRGVYYPDKVFRSSVLHSTQDLFLPFFSNVTWFHAIHVSGTNGTKRFD
NPVLPFNDGVYFASTEKSNIIRGWIFGTTLDSKTQSLLIVNNATNVVIKVCEFQFCNDPFLGVYYHKNNKSWMESEFRVY
SSANNCTFEYVSQPFLMDLEGKQGNFKNLREFVFKNIDGYFKIYSKHTPINLVRDLPQGFSALEPLVDLPIGINITRFQT
LLALHRSYLTPGDSSSGWTAGAAAYYVGYLQPRTFLLKYNENGTITDAVDCALDPLSETKCTLKSFTVEKGIYQTSNFRV
QPTESIVRFPNITNLCPFGEVFNATRFASVYAWNRKRISNCVADYSVLYNSASFSTFKCYGVSPTKLNDLCFTNVYADSF
VIRGDEVRQIAPGQTGKIADYNYKLPDDFTGCVIAWNSNNLDSKVGGNYNYLYRLFRKSNLKPFERDISTEIYQAGSTPC
NGVEGFNCYFPLQSYGFQPTNGVGYQPYRVVVLSFELLHAPATVCGPKKSTNLVKNKCVNFNFNGLTGTGVLTESNKKFL
PFQQFGRDIADTTDAVRDPQTLEILDITPCSFGGVSVITPGTNTSNQVAVLYQDVNCTEVPVAIHADQLTPTWRVYSTGS
NVFQTRAGCLIGAEHVNNSYECDIPIGAGICASYQTQTNSPGSASSVASQSIIAYTMSLGAENSVAYSNNSIAIPTNFTI
SVTTEILPVSMTKTSVDCTMYICGDSTECSNLLLQYGSFCTQLNRALTGIAVEQDKNTQEVFAQVKQIYKTPPIKDFGGF
NFSQILPDPSKPSKRSPIEDLLFNKVTLADAGFIKQYGDCLGDIAARDLICAQKFNGLTVLPPLLTDEMIAQYTSALLAG
TITSGWTFGAGPALQIPFPMQMAYRFNGIGVTQNVLYENQKLIANQFNSAIGKIQDSLSSTPSALGKLQDVVNQNAQALN
TLVKQLSSNFGAISSVLNDILSRLDPPEAEVQIDRLITGRLQSLQTYVTQQLIRAAEIRASANLAATKMSECVLGQSKRV
DFCGKGYHLMSFPQSAPHGVVFLHVTYVPAQEKNFTTAPAICHDGKAHFPREGVFVSNGTHWFVTQRNFYEPQIITTDNT
FVSGNCDVVIGIVNNTVYDPLQPELDSFKEELDKYFKNHTSPDVDLGDISGINASVVNIQKEIDRLNEVAKNLNESLIDL
QELGKYEQGSGYIPEAPRDGQAYVRKDGEWVLLSTFLGRSLEVLFQGPGHHHHHHHHSAWSHPQFEKGGGSGGGGSGGSA
WSHPQFEK
;
B,C,E
2 'polypeptide(L)'
;QVQLVESGGGSVQAGGSLRLSCAASGSISSITYLGWFRQAPGKEREGVAALITVNGHTYYADSVKGRFTVSLDNAKNTVY
LQMNSLKPEDTALYYCAAAAWGYAWPLHQDDYWYWGQGTQVTVS
;
A,D
#
# COMPACT_ATOMS: atom_id res chain seq x y z
N PRO A 26 32.93 -41.22 -22.09
CA PRO A 26 31.88 -41.91 -22.86
C PRO A 26 30.85 -42.60 -21.96
N ALA A 27 29.84 -43.19 -22.60
CA ALA A 27 28.76 -43.97 -21.98
C ALA A 27 27.98 -43.15 -20.93
N TYR A 28 27.48 -42.00 -21.38
CA TYR A 28 26.66 -41.15 -20.53
C TYR A 28 25.23 -41.65 -20.49
N THR A 29 24.52 -41.26 -19.43
CA THR A 29 23.16 -41.69 -19.21
C THR A 29 22.38 -40.49 -18.68
N ASN A 30 21.17 -40.31 -19.19
CA ASN A 30 20.27 -39.29 -18.67
C ASN A 30 19.54 -39.83 -17.46
N SER A 31 19.06 -38.91 -16.62
CA SER A 31 18.39 -39.27 -15.36
C SER A 31 16.89 -39.15 -15.56
N PHE A 32 16.18 -40.25 -15.38
CA PHE A 32 14.72 -40.28 -15.59
C PHE A 32 14.02 -39.83 -14.32
N THR A 33 14.13 -38.51 -14.05
CA THR A 33 13.55 -37.78 -12.91
C THR A 33 13.92 -38.41 -11.56
N ARG A 34 15.23 -38.47 -11.32
CA ARG A 34 15.76 -39.06 -10.10
C ARG A 34 16.51 -38.00 -9.30
N GLY A 35 16.89 -38.36 -8.08
CA GLY A 35 17.71 -37.47 -7.27
C GLY A 35 16.95 -36.34 -6.63
N VAL A 36 15.85 -36.67 -5.94
CA VAL A 36 15.07 -35.70 -5.17
C VAL A 36 15.14 -36.08 -3.70
N TYR A 37 15.58 -35.15 -2.87
CA TYR A 37 15.73 -35.39 -1.44
C TYR A 37 14.81 -34.48 -0.65
N TYR A 38 14.70 -34.77 0.64
CA TYR A 38 13.90 -33.95 1.54
C TYR A 38 14.66 -32.68 1.85
N PRO A 39 14.11 -31.49 1.55
CA PRO A 39 14.91 -30.26 1.64
C PRO A 39 15.12 -29.75 3.06
N ASP A 40 14.33 -30.21 4.02
CA ASP A 40 14.43 -29.73 5.40
C ASP A 40 13.96 -30.84 6.33
N LYS A 41 13.86 -30.51 7.61
CA LYS A 41 13.43 -31.43 8.65
C LYS A 41 11.92 -31.27 8.91
N VAL A 42 11.30 -30.30 8.26
CA VAL A 42 9.92 -29.89 8.53
C VAL A 42 8.95 -30.90 7.92
N PHE A 43 7.97 -31.31 8.71
CA PHE A 43 6.95 -32.27 8.30
C PHE A 43 5.69 -31.51 7.90
N ARG A 44 5.29 -31.66 6.64
CA ARG A 44 4.01 -31.15 6.18
C ARG A 44 3.21 -32.28 5.55
N SER A 45 1.89 -32.14 5.56
CA SER A 45 0.98 -33.19 5.10
C SER A 45 0.02 -32.61 4.07
N SER A 46 -0.04 -33.25 2.89
CA SER A 46 -1.01 -33.03 1.81
C SER A 46 -0.99 -31.60 1.28
N VAL A 47 0.21 -31.15 0.92
CA VAL A 47 0.39 -29.78 0.45
C VAL A 47 1.46 -29.80 -0.64
N LEU A 48 1.38 -28.83 -1.55
CA LEU A 48 2.39 -28.60 -2.57
C LEU A 48 3.20 -27.38 -2.17
N HIS A 49 4.52 -27.54 -2.07
CA HIS A 49 5.39 -26.53 -1.50
C HIS A 49 6.56 -26.26 -2.44
N SER A 50 6.99 -25.00 -2.49
CA SER A 50 8.13 -24.58 -3.30
C SER A 50 9.31 -24.31 -2.38
N THR A 51 10.49 -24.78 -2.78
CA THR A 51 11.71 -24.63 -2.00
C THR A 51 12.88 -24.37 -2.94
N GLN A 52 13.66 -23.34 -2.61
CA GLN A 52 14.86 -22.97 -3.37
C GLN A 52 16.04 -23.70 -2.75
N ASP A 53 16.50 -24.76 -3.40
CA ASP A 53 17.61 -25.56 -2.89
C ASP A 53 18.34 -26.19 -4.07
N LEU A 54 19.54 -26.71 -3.83
CA LEU A 54 20.33 -27.37 -4.86
C LEU A 54 19.78 -28.78 -5.06
N PHE A 55 19.69 -29.21 -6.31
CA PHE A 55 19.20 -30.54 -6.67
C PHE A 55 19.90 -31.05 -7.92
N LEU A 56 19.52 -32.26 -8.32
CA LEU A 56 19.82 -32.77 -9.65
C LEU A 56 18.78 -32.21 -10.61
N PRO A 57 19.18 -31.52 -11.68
CA PRO A 57 18.23 -31.19 -12.74
C PRO A 57 17.76 -32.44 -13.47
N PHE A 58 16.51 -32.41 -13.90
CA PHE A 58 15.90 -33.59 -14.51
C PHE A 58 16.38 -33.72 -15.95
N PHE A 59 16.59 -34.98 -16.37
CA PHE A 59 17.19 -35.39 -17.65
C PHE A 59 18.58 -34.77 -17.86
N SER A 60 19.36 -34.65 -16.80
CA SER A 60 20.75 -34.27 -16.91
C SER A 60 21.61 -35.51 -17.11
N ASN A 61 22.83 -35.28 -17.60
CA ASN A 61 23.76 -36.36 -17.94
C ASN A 61 24.56 -36.72 -16.69
N VAL A 62 24.63 -38.01 -16.39
CA VAL A 62 25.51 -38.54 -15.36
C VAL A 62 26.54 -39.43 -16.04
N THR A 63 27.65 -39.68 -15.36
CA THR A 63 28.66 -40.57 -15.93
C THR A 63 28.46 -41.98 -15.39
N TRP A 64 29.01 -42.94 -16.11
CA TRP A 64 28.83 -44.35 -15.77
C TRP A 64 30.13 -45.08 -16.05
N PHE A 65 30.65 -45.75 -15.03
CA PHE A 65 31.93 -46.43 -15.06
C PHE A 65 31.71 -47.92 -14.79
N HIS A 66 32.81 -48.66 -14.78
CA HIS A 66 32.79 -50.08 -14.43
C HIS A 66 33.90 -50.40 -13.44
N PHE A 79 39.04 -52.10 -11.37
CA PHE A 79 38.85 -51.95 -12.80
C PHE A 79 38.85 -50.47 -13.18
N ASP A 80 37.84 -49.74 -12.71
CA ASP A 80 37.70 -48.32 -13.01
C ASP A 80 37.44 -47.55 -11.72
N ASN A 81 38.42 -46.77 -11.27
CA ASN A 81 38.18 -45.80 -10.19
C ASN A 81 39.02 -44.54 -10.36
N PRO A 82 38.59 -43.57 -11.16
CA PRO A 82 39.34 -42.32 -11.32
C PRO A 82 39.13 -41.39 -10.14
N VAL A 83 39.90 -40.30 -10.13
CA VAL A 83 39.72 -39.18 -9.22
C VAL A 83 38.84 -38.17 -9.94
N LEU A 84 37.70 -37.84 -9.35
CA LEU A 84 36.74 -36.94 -9.93
C LEU A 84 36.54 -35.73 -9.03
N PRO A 85 36.23 -34.56 -9.59
CA PRO A 85 35.99 -33.38 -8.75
C PRO A 85 34.64 -33.45 -8.03
N PHE A 86 34.46 -32.53 -7.07
CA PHE A 86 33.27 -32.53 -6.24
C PHE A 86 32.17 -31.63 -6.81
N ASN A 87 32.48 -30.33 -6.98
CA ASN A 87 31.62 -29.29 -7.56
C ASN A 87 30.27 -29.16 -6.84
N ASP A 88 30.37 -28.78 -5.56
CA ASP A 88 29.29 -28.34 -4.66
C ASP A 88 28.26 -29.42 -4.31
N GLY A 89 28.45 -30.66 -4.71
CA GLY A 89 27.52 -31.72 -4.37
C GLY A 89 27.50 -32.79 -5.44
N VAL A 90 27.55 -34.04 -4.97
CA VAL A 90 27.62 -35.20 -5.85
C VAL A 90 26.42 -36.09 -5.57
N TYR A 91 25.66 -36.39 -6.62
CA TYR A 91 24.67 -37.46 -6.57
C TYR A 91 25.34 -38.75 -7.01
N PHE A 92 25.40 -39.72 -6.09
CA PHE A 92 26.12 -40.97 -6.33
C PHE A 92 25.12 -42.11 -6.38
N ALA A 93 25.21 -42.93 -7.41
CA ALA A 93 24.38 -44.12 -7.56
C ALA A 93 25.27 -45.34 -7.76
N SER A 94 24.79 -46.49 -7.31
CA SER A 94 25.54 -47.73 -7.40
C SER A 94 24.58 -48.91 -7.48
N THR A 95 24.82 -49.79 -8.44
CA THR A 95 24.00 -50.97 -8.66
C THR A 95 24.88 -52.21 -8.52
N GLU A 96 24.44 -53.16 -7.70
CA GLU A 96 25.28 -54.30 -7.37
C GLU A 96 24.46 -55.58 -7.28
N LYS A 97 25.12 -56.68 -7.62
CA LYS A 97 24.71 -58.02 -7.19
C LYS A 97 25.54 -58.53 -6.04
N SER A 98 26.87 -58.47 -6.15
CA SER A 98 27.77 -58.74 -5.04
C SER A 98 28.36 -57.41 -4.57
N ASN A 99 28.70 -57.36 -3.28
CA ASN A 99 29.16 -56.13 -2.65
C ASN A 99 30.61 -55.89 -3.01
N ILE A 100 30.82 -54.97 -3.96
CA ILE A 100 32.16 -54.63 -4.43
C ILE A 100 32.59 -53.27 -3.91
N ILE A 101 31.71 -52.27 -3.99
CA ILE A 101 32.04 -50.91 -3.59
C ILE A 101 32.03 -50.82 -2.07
N ARG A 102 33.15 -50.38 -1.50
CA ARG A 102 33.31 -50.29 -0.05
C ARG A 102 33.07 -48.89 0.46
N GLY A 103 33.80 -47.92 -0.05
CA GLY A 103 33.65 -46.54 0.40
C GLY A 103 34.43 -45.60 -0.49
N TRP A 104 34.83 -44.46 0.08
CA TRP A 104 35.50 -43.43 -0.68
C TRP A 104 36.67 -42.89 0.11
N ILE A 105 37.48 -42.06 -0.56
CA ILE A 105 38.47 -41.22 0.08
C ILE A 105 38.11 -39.77 -0.24
N PHE A 106 38.02 -38.94 0.80
CA PHE A 106 37.69 -37.53 0.64
C PHE A 106 38.87 -36.67 1.07
N GLY A 107 38.91 -35.46 0.55
CA GLY A 107 39.99 -34.55 0.89
C GLY A 107 40.18 -33.53 -0.22
N THR A 108 41.25 -32.75 -0.07
CA THR A 108 41.60 -31.73 -1.05
C THR A 108 42.75 -32.18 -1.95
N THR A 109 43.90 -32.49 -1.36
CA THR A 109 45.08 -32.87 -2.14
C THR A 109 45.51 -34.32 -1.91
N LEU A 110 44.93 -34.99 -0.91
CA LEU A 110 45.07 -36.44 -0.65
C LEU A 110 46.52 -36.86 -0.36
N ASP A 111 47.25 -36.02 0.38
CA ASP A 111 48.63 -36.30 0.76
C ASP A 111 48.85 -35.86 2.19
N SER A 112 50.12 -35.70 2.57
CA SER A 112 50.51 -35.40 3.94
C SER A 112 50.66 -33.91 4.21
N LYS A 113 49.82 -33.08 3.58
CA LYS A 113 49.78 -31.65 3.84
C LYS A 113 48.40 -31.15 4.23
N THR A 114 47.34 -31.69 3.64
CA THR A 114 45.98 -31.23 3.91
C THR A 114 45.14 -32.40 4.41
N GLN A 115 44.21 -32.10 5.31
CA GLN A 115 43.45 -33.11 6.03
C GLN A 115 42.47 -33.84 5.12
N SER A 116 42.47 -35.17 5.21
CA SER A 116 41.73 -36.01 4.29
C SER A 116 40.81 -36.94 5.06
N LEU A 117 39.60 -37.13 4.55
CA LEU A 117 38.56 -37.91 5.21
C LEU A 117 38.44 -39.29 4.54
N LEU A 118 38.14 -40.30 5.35
CA LEU A 118 38.10 -41.68 4.89
C LEU A 118 36.86 -42.37 5.43
N ILE A 119 36.14 -43.05 4.54
CA ILE A 119 34.98 -43.87 4.88
C ILE A 119 35.17 -45.25 4.27
N VAL A 120 35.22 -46.28 5.11
CA VAL A 120 35.37 -47.67 4.68
C VAL A 120 34.30 -48.52 5.34
N ASN A 121 33.55 -49.25 4.52
CA ASN A 121 32.60 -50.26 4.99
C ASN A 121 33.26 -51.63 4.93
N ASN A 122 33.03 -52.44 5.97
CA ASN A 122 33.50 -53.82 5.97
C ASN A 122 32.40 -54.68 6.60
N ALA A 123 32.78 -55.90 7.03
CA ALA A 123 31.92 -57.06 7.30
C ALA A 123 30.72 -56.83 8.22
N THR A 124 30.89 -56.06 9.29
CA THR A 124 29.78 -55.85 10.22
C THR A 124 29.52 -54.36 10.47
N ASN A 125 30.57 -53.55 10.54
CA ASN A 125 30.42 -52.14 10.89
C ASN A 125 30.94 -51.27 9.76
N VAL A 126 31.03 -49.96 10.03
CA VAL A 126 31.68 -49.01 9.14
C VAL A 126 32.62 -48.16 9.99
N VAL A 127 33.57 -47.51 9.33
CA VAL A 127 34.42 -46.49 9.94
C VAL A 127 34.28 -45.20 9.15
N ILE A 128 34.24 -44.08 9.88
CA ILE A 128 34.26 -42.73 9.31
C ILE A 128 35.31 -41.94 10.07
N LYS A 129 36.34 -41.49 9.36
CA LYS A 129 37.55 -41.02 10.01
C LYS A 129 38.21 -39.99 9.11
N VAL A 130 38.62 -38.87 9.69
CA VAL A 130 39.38 -37.84 8.98
C VAL A 130 40.69 -37.61 9.73
N CYS A 131 41.79 -37.71 8.99
CA CYS A 131 43.12 -37.58 9.58
C CYS A 131 44.00 -36.86 8.58
N GLU A 132 45.31 -36.90 8.81
CA GLU A 132 46.30 -36.52 7.81
C GLU A 132 46.85 -37.79 7.18
N PHE A 133 46.38 -38.08 5.97
CA PHE A 133 46.57 -39.40 5.35
C PHE A 133 47.67 -39.35 4.30
N GLN A 134 47.83 -40.49 3.63
CA GLN A 134 48.66 -40.63 2.45
C GLN A 134 47.90 -41.54 1.50
N PHE A 135 47.11 -40.95 0.62
CA PHE A 135 46.32 -41.72 -0.33
C PHE A 135 47.23 -42.31 -1.41
N CYS A 136 47.05 -43.60 -1.67
CA CYS A 136 47.93 -44.31 -2.58
C CYS A 136 47.58 -44.00 -4.03
N ASN A 137 48.49 -44.36 -4.93
CA ASN A 137 48.26 -44.19 -6.36
C ASN A 137 47.18 -45.13 -6.88
N ASP A 138 47.12 -46.35 -6.35
CA ASP A 138 46.10 -47.34 -6.73
C ASP A 138 45.43 -47.86 -5.46
N PRO A 139 44.45 -47.12 -4.93
CA PRO A 139 43.77 -47.58 -3.71
C PRO A 139 42.73 -48.65 -4.04
N PHE A 140 42.87 -49.80 -3.40
CA PHE A 140 41.98 -50.93 -3.63
C PHE A 140 41.99 -51.80 -2.38
N LEU A 141 40.88 -52.52 -2.18
CA LEU A 141 40.76 -53.50 -1.09
C LEU A 141 40.37 -54.87 -1.64
N MET A 153 42.56 -63.83 0.02
CA MET A 153 41.40 -63.87 -0.85
C MET A 153 40.23 -63.14 -0.19
N GLU A 154 40.02 -63.42 1.10
CA GLU A 154 38.97 -62.78 1.88
C GLU A 154 39.39 -61.42 2.43
N SER A 155 40.65 -61.05 2.31
CA SER A 155 41.10 -59.80 2.90
C SER A 155 42.23 -59.22 2.04
N GLU A 156 42.17 -57.90 1.85
CA GLU A 156 43.18 -57.13 1.14
C GLU A 156 43.07 -55.69 1.59
N PHE A 157 44.20 -55.07 1.95
CA PHE A 157 44.16 -53.72 2.51
C PHE A 157 45.49 -53.04 2.20
N ARG A 158 45.49 -52.18 1.17
CA ARG A 158 46.65 -51.38 0.82
C ARG A 158 46.22 -49.98 0.39
N VAL A 159 45.25 -49.41 1.10
CA VAL A 159 44.73 -48.11 0.71
C VAL A 159 45.57 -46.95 1.28
N TYR A 160 46.17 -47.12 2.46
CA TYR A 160 46.95 -46.06 3.06
C TYR A 160 48.00 -46.65 3.97
N SER A 161 49.07 -45.87 4.21
CA SER A 161 49.93 -46.06 5.37
C SER A 161 50.28 -44.67 5.92
N SER A 162 49.39 -44.13 6.75
CA SER A 162 49.55 -42.85 7.44
C SER A 162 48.54 -42.74 8.58
N ALA A 163 49.02 -42.59 9.81
CA ALA A 163 48.12 -42.49 10.95
C ALA A 163 48.37 -41.23 11.76
N ASN A 164 49.09 -40.27 11.17
CA ASN A 164 49.43 -39.05 11.90
C ASN A 164 48.30 -38.03 11.85
N ASN A 165 48.17 -37.27 12.94
CA ASN A 165 47.33 -36.05 13.05
C ASN A 165 45.85 -36.32 12.82
N CYS A 166 45.30 -37.32 13.52
CA CYS A 166 43.87 -37.59 13.42
C CYS A 166 43.06 -36.58 14.22
N THR A 167 41.83 -36.35 13.78
CA THR A 167 41.00 -35.34 14.42
C THR A 167 39.67 -35.93 14.90
N PHE A 168 39.07 -36.81 14.09
CA PHE A 168 37.71 -37.28 14.33
C PHE A 168 37.64 -38.75 13.93
N GLU A 169 36.76 -39.50 14.61
CA GLU A 169 36.49 -40.90 14.29
C GLU A 169 35.03 -41.20 14.62
N TYR A 170 34.40 -42.03 13.79
CA TYR A 170 32.99 -42.34 13.99
C TYR A 170 32.70 -43.77 13.56
N VAL A 171 31.90 -44.46 14.37
CA VAL A 171 31.50 -45.85 14.12
C VAL A 171 29.97 -45.89 14.03
N SER A 172 29.48 -46.51 12.95
CA SER A 172 28.06 -46.72 12.77
C SER A 172 27.85 -48.15 12.28
N GLN A 173 26.61 -48.46 11.90
CA GLN A 173 26.27 -49.77 11.33
C GLN A 173 25.63 -49.59 9.97
N PRO A 174 26.12 -50.26 8.92
CA PRO A 174 25.52 -50.12 7.59
C PRO A 174 24.21 -50.88 7.46
N PHE A 186 22.33 -58.14 -10.57
CA PHE A 186 22.04 -56.80 -10.05
C PHE A 186 20.70 -56.80 -9.34
N LYS A 187 20.72 -56.64 -8.02
CA LYS A 187 19.50 -56.68 -7.24
C LYS A 187 19.31 -55.46 -6.35
N ASN A 188 20.40 -54.81 -5.95
CA ASN A 188 20.34 -53.69 -5.01
C ASN A 188 20.81 -52.42 -5.72
N LEU A 189 20.11 -51.32 -5.45
CA LEU A 189 20.49 -50.00 -5.96
C LEU A 189 20.57 -49.03 -4.78
N ARG A 190 21.73 -48.40 -4.62
CA ARG A 190 21.95 -47.42 -3.56
C ARG A 190 22.15 -46.05 -4.19
N GLU A 191 21.38 -45.06 -3.74
CA GLU A 191 21.48 -43.70 -4.24
C GLU A 191 21.90 -42.76 -3.12
N PHE A 192 23.04 -42.08 -3.33
CA PHE A 192 23.67 -41.26 -2.31
C PHE A 192 23.80 -39.83 -2.79
N VAL A 193 23.59 -38.88 -1.88
CA VAL A 193 23.86 -37.46 -2.11
C VAL A 193 24.79 -36.96 -1.01
N PHE A 194 25.92 -36.38 -1.41
CA PHE A 194 26.88 -35.78 -0.51
C PHE A 194 26.83 -34.27 -0.69
N LYS A 195 26.87 -33.53 0.41
CA LYS A 195 26.87 -32.08 0.34
C LYS A 195 27.58 -31.50 1.56
N ASN A 196 27.88 -30.21 1.48
CA ASN A 196 28.56 -29.49 2.55
C ASN A 196 27.99 -28.08 2.67
N ILE A 197 27.18 -27.86 3.71
CA ILE A 197 26.56 -26.57 3.96
C ILE A 197 26.94 -26.12 5.36
N ASP A 198 27.63 -24.96 5.43
CA ASP A 198 28.06 -24.28 6.67
C ASP A 198 28.96 -25.17 7.53
N GLY A 199 29.79 -25.97 6.86
CA GLY A 199 30.66 -26.91 7.55
C GLY A 199 30.01 -28.20 7.98
N TYR A 200 28.75 -28.44 7.59
CA TYR A 200 28.05 -29.65 7.98
C TYR A 200 27.89 -30.57 6.78
N PHE A 201 28.23 -31.84 6.97
CA PHE A 201 28.34 -32.82 5.90
C PHE A 201 27.21 -33.82 6.06
N LYS A 202 26.19 -33.71 5.20
CA LYS A 202 24.97 -34.48 5.32
C LYS A 202 24.99 -35.65 4.34
N ILE A 203 24.51 -36.81 4.79
CA ILE A 203 24.50 -38.03 4.00
C ILE A 203 23.06 -38.42 3.73
N TYR A 204 22.73 -38.62 2.46
CA TYR A 204 21.41 -39.07 2.06
C TYR A 204 21.50 -40.51 1.53
N SER A 205 20.50 -41.32 1.89
CA SER A 205 20.59 -42.76 1.65
C SER A 205 19.19 -43.35 1.52
N LYS A 206 19.06 -44.28 0.57
CA LYS A 206 17.85 -45.05 0.34
C LYS A 206 18.23 -46.28 -0.49
N HIS A 207 17.79 -47.44 -0.03
CA HIS A 207 18.00 -48.71 -0.72
C HIS A 207 16.71 -49.11 -1.41
N THR A 208 16.83 -49.48 -2.68
CA THR A 208 15.69 -49.92 -3.46
C THR A 208 16.08 -51.12 -4.31
N PRO A 209 15.13 -52.04 -4.57
CA PRO A 209 15.45 -53.14 -5.49
C PRO A 209 15.30 -52.74 -6.95
N ILE A 210 16.29 -53.09 -7.76
CA ILE A 210 16.23 -52.89 -9.20
C ILE A 210 16.68 -54.19 -9.87
N ASN A 211 16.00 -54.53 -10.97
CA ASN A 211 16.29 -55.80 -11.64
C ASN A 211 16.24 -55.65 -13.17
N LEU A 212 17.39 -55.24 -13.73
CA LEU A 212 17.73 -55.23 -15.14
C LEU A 212 19.23 -55.00 -15.22
N VAL A 213 19.80 -55.23 -16.40
CA VAL A 213 21.25 -55.33 -16.53
C VAL A 213 21.84 -54.26 -17.45
N ARG A 214 21.13 -53.15 -17.68
CA ARG A 214 21.61 -52.13 -18.59
C ARG A 214 21.92 -50.82 -17.89
N ASP A 215 20.95 -50.21 -17.21
CA ASP A 215 21.12 -48.88 -16.63
C ASP A 215 20.30 -48.79 -15.35
N LEU A 216 20.04 -47.57 -14.91
CA LEU A 216 19.13 -47.38 -13.79
C LEU A 216 17.69 -47.41 -14.31
N PRO A 217 16.76 -48.02 -13.59
CA PRO A 217 15.35 -48.03 -14.03
C PRO A 217 14.68 -46.69 -13.79
N GLN A 218 13.42 -46.62 -14.24
CA GLN A 218 12.61 -45.42 -14.13
C GLN A 218 11.88 -45.45 -12.77
N GLY A 219 11.01 -44.48 -12.55
CA GLY A 219 10.26 -44.36 -11.32
C GLY A 219 10.68 -43.14 -10.50
N PHE A 220 10.14 -43.07 -9.29
CA PHE A 220 10.43 -41.99 -8.37
C PHE A 220 10.80 -42.57 -7.02
N SER A 221 11.69 -41.88 -6.31
CA SER A 221 12.05 -42.28 -4.96
C SER A 221 12.38 -41.03 -4.17
N ALA A 222 12.02 -41.04 -2.90
CA ALA A 222 12.29 -39.92 -2.02
C ALA A 222 13.46 -40.27 -1.13
N LEU A 223 14.45 -39.38 -1.10
CA LEU A 223 15.78 -39.71 -0.59
C LEU A 223 15.98 -39.04 0.77
N GLU A 224 16.24 -39.87 1.79
CA GLU A 224 16.24 -39.69 3.23
C GLU A 224 17.63 -39.29 3.76
N PRO A 225 17.70 -38.17 4.50
CA PRO A 225 18.91 -37.87 5.26
C PRO A 225 19.05 -38.81 6.45
N LEU A 226 20.28 -39.25 6.70
CA LEU A 226 20.53 -40.09 7.86
C LEU A 226 21.46 -39.41 8.86
N VAL A 227 22.69 -39.09 8.48
CA VAL A 227 23.72 -38.62 9.41
C VAL A 227 24.28 -37.30 8.89
N ASP A 228 24.30 -36.29 9.74
CA ASP A 228 24.98 -35.03 9.45
C ASP A 228 26.29 -35.01 10.22
N LEU A 229 27.39 -34.75 9.52
CA LEU A 229 28.73 -34.75 10.09
C LEU A 229 29.20 -33.34 10.43
N PRO A 230 29.74 -33.13 11.64
CA PRO A 230 30.35 -31.84 12.01
C PRO A 230 31.85 -31.77 11.69
N ILE A 231 32.21 -31.99 10.41
CA ILE A 231 33.62 -31.97 10.03
C ILE A 231 34.11 -30.55 9.77
N GLY A 232 33.54 -29.90 8.75
CA GLY A 232 33.92 -28.53 8.45
C GLY A 232 35.26 -28.36 7.76
N ILE A 233 35.69 -29.33 6.97
CA ILE A 233 36.89 -29.16 6.15
C ILE A 233 36.45 -28.82 4.73
N ASN A 234 37.39 -28.41 3.90
CA ASN A 234 37.12 -28.03 2.52
C ASN A 234 37.52 -29.17 1.57
N ILE A 235 36.79 -29.25 0.46
CA ILE A 235 36.90 -30.41 -0.42
C ILE A 235 36.55 -29.98 -1.84
N THR A 236 37.42 -30.34 -2.79
CA THR A 236 37.18 -30.10 -4.21
C THR A 236 37.15 -31.35 -5.07
N ARG A 237 37.70 -32.48 -4.60
CA ARG A 237 37.69 -33.72 -5.36
C ARG A 237 37.37 -34.89 -4.45
N PHE A 238 37.16 -36.06 -5.08
CA PHE A 238 36.89 -37.29 -4.36
C PHE A 238 37.33 -38.47 -5.23
N GLN A 239 37.28 -39.66 -4.65
CA GLN A 239 37.60 -40.90 -5.35
C GLN A 239 36.89 -42.05 -4.64
N THR A 240 36.25 -42.92 -5.41
CA THR A 240 35.61 -44.10 -4.86
C THR A 240 36.61 -45.24 -4.71
N LEU A 241 36.12 -46.38 -4.22
CA LEU A 241 36.96 -47.55 -4.00
C LEU A 241 36.15 -48.81 -4.31
N LEU A 242 36.84 -49.83 -4.81
CA LEU A 242 36.27 -51.14 -5.10
C LEU A 242 37.17 -52.23 -4.54
N ALA A 243 36.69 -53.47 -4.61
CA ALA A 243 37.41 -54.62 -4.08
C ALA A 243 38.56 -55.02 -5.00
N GLY A 261 34.70 -60.50 -10.88
CA GLY A 261 33.47 -59.75 -10.63
C GLY A 261 33.65 -58.25 -10.73
N ALA A 262 32.78 -57.60 -11.50
CA ALA A 262 32.83 -56.16 -11.70
C ALA A 262 31.47 -55.58 -11.41
N ALA A 263 31.46 -54.32 -10.98
CA ALA A 263 30.23 -53.64 -10.61
C ALA A 263 30.20 -52.26 -11.27
N ALA A 264 29.00 -51.74 -11.46
CA ALA A 264 28.77 -50.48 -12.15
C ALA A 264 28.17 -49.45 -11.22
N TYR A 265 28.63 -48.21 -11.33
CA TYR A 265 28.15 -47.12 -10.49
C TYR A 265 27.97 -45.86 -11.33
N TYR A 266 27.09 -44.98 -10.87
CA TYR A 266 26.71 -43.77 -11.60
C TYR A 266 26.93 -42.55 -10.73
N VAL A 267 27.62 -41.55 -11.30
CA VAL A 267 28.02 -40.35 -10.56
C VAL A 267 27.43 -39.13 -11.27
N GLY A 268 26.72 -38.30 -10.50
CA GLY A 268 26.15 -37.07 -11.04
C GLY A 268 26.49 -35.88 -10.16
N TYR A 269 26.23 -34.70 -10.70
CA TYR A 269 26.53 -33.45 -10.04
C TYR A 269 25.25 -32.65 -9.84
N LEU A 270 25.28 -31.74 -8.87
CA LEU A 270 24.10 -31.02 -8.42
C LEU A 270 24.19 -29.54 -8.78
N GLN A 271 23.03 -28.95 -9.04
CA GLN A 271 22.94 -27.55 -9.43
C GLN A 271 21.88 -26.85 -8.58
N PRO A 272 22.07 -25.56 -8.28
CA PRO A 272 21.02 -24.80 -7.58
C PRO A 272 19.84 -24.51 -8.50
N ARG A 273 18.71 -25.16 -8.24
CA ARG A 273 17.54 -25.07 -9.09
C ARG A 273 16.31 -24.76 -8.24
N THR A 274 15.14 -24.81 -8.87
CA THR A 274 13.87 -24.59 -8.18
C THR A 274 13.00 -25.81 -8.46
N PHE A 275 12.39 -26.36 -7.41
CA PHE A 275 11.58 -27.55 -7.49
C PHE A 275 10.26 -27.35 -6.76
N LEU A 276 9.23 -28.05 -7.24
CA LEU A 276 7.92 -28.08 -6.60
C LEU A 276 7.66 -29.51 -6.13
N LEU A 277 7.36 -29.65 -4.84
CA LEU A 277 7.24 -30.95 -4.20
C LEU A 277 5.78 -31.30 -3.99
N LYS A 278 5.49 -32.60 -3.91
CA LYS A 278 4.17 -33.10 -3.59
C LYS A 278 4.24 -33.90 -2.30
N TYR A 279 3.36 -33.58 -1.35
CA TYR A 279 3.29 -34.29 -0.08
C TYR A 279 1.98 -35.06 0.00
N ASN A 280 2.03 -36.25 0.57
CA ASN A 280 0.85 -37.08 0.77
C ASN A 280 0.24 -36.80 2.14
N GLU A 281 -0.70 -37.65 2.56
CA GLU A 281 -1.30 -37.52 3.88
C GLU A 281 -0.31 -37.91 4.98
N ASN A 282 0.59 -38.84 4.69
CA ASN A 282 1.58 -39.29 5.65
C ASN A 282 2.89 -38.51 5.57
N GLY A 283 2.95 -37.49 4.73
CA GLY A 283 4.08 -36.59 4.72
C GLY A 283 5.33 -37.07 4.02
N THR A 284 5.19 -37.96 3.04
CA THR A 284 6.31 -38.39 2.22
C THR A 284 6.21 -37.73 0.86
N ILE A 285 7.31 -37.75 0.12
CA ILE A 285 7.32 -37.16 -1.22
C ILE A 285 6.91 -38.23 -2.22
N THR A 286 5.84 -37.97 -2.97
CA THR A 286 5.36 -38.89 -3.99
C THR A 286 5.73 -38.48 -5.40
N ASP A 287 5.83 -37.18 -5.68
CA ASP A 287 6.19 -36.70 -7.01
C ASP A 287 6.83 -35.33 -6.86
N ALA A 288 7.59 -34.94 -7.88
CA ALA A 288 8.26 -33.65 -7.91
C ALA A 288 8.48 -33.25 -9.35
N VAL A 289 8.46 -31.93 -9.59
CA VAL A 289 8.71 -31.37 -10.91
C VAL A 289 9.78 -30.30 -10.79
N ASP A 290 10.62 -30.22 -11.82
CA ASP A 290 11.66 -29.21 -11.92
C ASP A 290 11.06 -27.95 -12.53
N CYS A 291 11.41 -26.80 -11.98
CA CYS A 291 10.90 -25.53 -12.50
C CYS A 291 11.82 -24.92 -13.56
N ALA A 292 12.54 -25.74 -14.34
CA ALA A 292 13.28 -25.23 -15.49
C ALA A 292 13.30 -26.18 -16.68
N LEU A 293 12.43 -27.20 -16.71
CA LEU A 293 12.54 -28.22 -17.73
C LEU A 293 11.86 -27.80 -19.03
N ASP A 294 10.54 -27.62 -18.98
CA ASP A 294 9.75 -27.20 -20.14
C ASP A 294 8.74 -26.16 -19.65
N PRO A 295 8.12 -25.39 -20.57
CA PRO A 295 7.05 -24.46 -20.15
C PRO A 295 5.83 -25.10 -19.49
N LEU A 296 5.57 -26.40 -19.73
CA LEU A 296 4.53 -27.12 -19.00
C LEU A 296 4.84 -27.18 -17.50
N SER A 297 6.09 -27.46 -17.15
CA SER A 297 6.46 -27.47 -15.74
C SER A 297 6.63 -26.05 -15.20
N GLU A 298 6.83 -25.06 -16.09
CA GLU A 298 6.77 -23.67 -15.66
C GLU A 298 5.36 -23.29 -15.22
N THR A 299 4.33 -23.75 -15.96
CA THR A 299 2.95 -23.56 -15.52
C THR A 299 2.64 -24.32 -14.24
N LYS A 300 3.20 -25.54 -14.13
CA LYS A 300 2.99 -26.36 -12.92
C LYS A 300 3.66 -25.74 -11.70
N CYS A 301 4.78 -25.04 -11.90
CA CYS A 301 5.44 -24.38 -10.78
C CYS A 301 4.77 -23.05 -10.42
N THR A 302 4.35 -22.26 -11.42
CA THR A 302 3.82 -20.93 -11.09
C THR A 302 2.34 -20.96 -10.76
N LEU A 303 1.64 -22.07 -11.03
CA LEU A 303 0.28 -22.19 -10.53
C LEU A 303 0.18 -23.07 -9.30
N LYS A 304 1.33 -23.50 -8.76
CA LYS A 304 1.54 -24.42 -7.62
C LYS A 304 0.59 -25.62 -7.61
N SER A 305 0.44 -26.25 -8.78
CA SER A 305 -0.44 -27.39 -8.93
C SER A 305 0.18 -28.37 -9.91
N PHE A 306 -0.03 -29.66 -9.63
CA PHE A 306 0.43 -30.72 -10.51
C PHE A 306 -0.49 -30.96 -11.69
N THR A 307 -1.70 -30.38 -11.67
CA THR A 307 -2.58 -30.40 -12.82
C THR A 307 -2.94 -28.97 -13.19
N VAL A 308 -2.61 -28.59 -14.41
CA VAL A 308 -2.87 -27.24 -14.90
C VAL A 308 -3.93 -27.33 -15.99
N GLU A 309 -5.02 -26.60 -15.79
CA GLU A 309 -6.15 -26.60 -16.70
C GLU A 309 -5.86 -25.79 -17.95
N LYS A 310 -6.80 -25.84 -18.88
CA LYS A 310 -6.62 -25.23 -20.20
C LYS A 310 -6.75 -23.71 -20.12
N GLY A 311 -5.73 -23.01 -20.60
CA GLY A 311 -5.75 -21.55 -20.58
C GLY A 311 -4.39 -20.98 -20.92
N ILE A 312 -4.32 -19.65 -20.93
CA ILE A 312 -3.08 -18.92 -21.19
C ILE A 312 -2.66 -18.26 -19.88
N TYR A 313 -1.41 -18.49 -19.48
CA TYR A 313 -0.91 -18.03 -18.20
C TYR A 313 0.42 -17.32 -18.37
N GLN A 314 0.46 -16.07 -17.92
CA GLN A 314 1.68 -15.28 -17.90
C GLN A 314 2.58 -15.82 -16.79
N THR A 315 3.85 -16.04 -17.12
CA THR A 315 4.77 -16.69 -16.20
C THR A 315 5.89 -15.78 -15.69
N SER A 316 6.69 -15.21 -16.58
CA SER A 316 7.85 -14.43 -16.18
C SER A 316 8.10 -13.35 -17.22
N ASN A 317 9.30 -12.78 -17.16
CA ASN A 317 9.73 -11.76 -18.10
C ASN A 317 11.06 -12.17 -18.74
N PHE A 318 11.57 -11.28 -19.60
CA PHE A 318 12.82 -11.49 -20.30
C PHE A 318 13.38 -10.13 -20.69
N ARG A 319 14.69 -10.08 -20.86
CA ARG A 319 15.37 -8.81 -21.11
C ARG A 319 16.71 -9.06 -21.81
N VAL A 320 16.95 -8.31 -22.89
CA VAL A 320 18.24 -8.40 -23.57
C VAL A 320 19.27 -7.55 -22.84
N GLN A 321 20.39 -8.18 -22.48
CA GLN A 321 21.41 -7.51 -21.70
C GLN A 321 22.47 -6.91 -22.63
N PRO A 322 23.06 -5.78 -22.26
CA PRO A 322 24.14 -5.21 -23.07
C PRO A 322 25.43 -6.01 -22.94
N THR A 323 26.25 -5.91 -23.99
CA THR A 323 27.54 -6.59 -24.02
C THR A 323 28.72 -5.62 -24.10
N GLU A 324 28.72 -4.71 -25.08
CA GLU A 324 29.88 -3.88 -25.38
C GLU A 324 30.15 -2.80 -24.34
N SER A 325 29.09 -2.09 -23.92
CA SER A 325 29.12 -0.97 -22.95
C SER A 325 30.08 0.13 -23.38
N ILE A 326 29.72 0.81 -24.48
CA ILE A 326 30.58 1.79 -25.13
C ILE A 326 30.68 3.08 -24.32
N VAL A 327 31.80 3.79 -24.48
CA VAL A 327 32.14 4.97 -23.68
C VAL A 327 32.53 6.09 -24.63
N ARG A 328 31.92 7.27 -24.47
CA ARG A 328 32.15 8.38 -25.39
C ARG A 328 32.61 9.64 -24.67
N PHE A 329 33.63 10.28 -25.23
CA PHE A 329 34.23 11.55 -24.81
C PHE A 329 34.59 12.35 -26.06
N PRO A 330 34.64 13.69 -25.96
CA PRO A 330 34.93 14.50 -27.16
C PRO A 330 36.40 14.50 -27.55
N ASN A 331 36.71 15.46 -28.43
CA ASN A 331 38.07 15.81 -28.84
C ASN A 331 38.79 16.34 -27.60
N ILE A 332 39.86 15.66 -27.21
CA ILE A 332 40.57 16.09 -26.00
C ILE A 332 41.39 17.31 -26.33
N THR A 333 42.46 17.11 -27.13
CA THR A 333 43.22 18.03 -27.99
C THR A 333 43.34 19.51 -27.59
N ASN A 334 43.82 19.81 -26.40
CA ASN A 334 43.90 21.21 -25.97
C ASN A 334 45.32 21.62 -25.60
N LEU A 335 46.14 20.67 -25.13
CA LEU A 335 47.62 20.72 -25.13
C LEU A 335 48.18 21.87 -24.28
N CYS A 336 48.12 21.66 -22.95
CA CYS A 336 48.87 22.42 -21.95
C CYS A 336 50.35 22.53 -22.29
N PRO A 337 51.03 23.69 -21.98
CA PRO A 337 52.48 23.80 -22.19
C PRO A 337 53.31 23.14 -21.10
N PHE A 338 53.18 21.82 -20.97
CA PHE A 338 54.06 21.06 -20.09
C PHE A 338 55.23 20.46 -20.84
N GLY A 339 55.20 20.52 -22.17
CA GLY A 339 56.36 20.09 -22.95
C GLY A 339 57.51 21.09 -22.86
N GLU A 340 57.19 22.35 -22.59
CA GLU A 340 58.24 23.36 -22.44
C GLU A 340 58.81 23.37 -21.03
N VAL A 341 58.06 22.87 -20.04
CA VAL A 341 58.57 22.81 -18.67
C VAL A 341 58.95 21.36 -18.41
N PHE A 342 58.93 20.55 -19.46
CA PHE A 342 59.62 19.26 -19.47
C PHE A 342 60.83 19.22 -20.39
N ASN A 343 60.94 20.15 -21.35
CA ASN A 343 61.92 20.06 -22.43
C ASN A 343 62.63 21.39 -22.69
N ALA A 344 63.11 22.05 -21.65
CA ALA A 344 63.94 23.24 -21.80
C ALA A 344 65.18 23.15 -20.93
N THR A 345 66.21 23.92 -21.30
CA THR A 345 67.54 23.79 -20.72
C THR A 345 67.76 24.62 -19.46
N ARG A 346 66.86 25.54 -19.13
CA ARG A 346 67.03 26.36 -17.93
C ARG A 346 65.66 26.63 -17.34
N PHE A 347 65.38 26.04 -16.18
CA PHE A 347 64.09 26.14 -15.54
C PHE A 347 64.13 27.28 -14.51
N ALA A 348 63.12 27.34 -13.65
CA ALA A 348 63.10 28.31 -12.57
C ALA A 348 64.12 27.96 -11.50
N SER A 349 64.47 28.95 -10.69
CA SER A 349 65.41 28.80 -9.57
C SER A 349 64.63 28.42 -8.32
N VAL A 350 65.32 28.30 -7.19
CA VAL A 350 64.62 27.98 -5.94
C VAL A 350 64.43 29.26 -5.14
N TYR A 351 65.11 30.34 -5.53
CA TYR A 351 64.70 31.63 -5.03
C TYR A 351 63.54 32.20 -5.87
N ALA A 352 63.30 31.64 -7.05
CA ALA A 352 62.29 32.13 -7.96
C ALA A 352 61.53 31.00 -8.64
N TRP A 353 61.10 29.99 -7.87
CA TRP A 353 60.20 28.99 -8.44
C TRP A 353 58.81 29.61 -8.51
N ASN A 354 58.47 30.08 -9.70
CA ASN A 354 57.25 30.87 -9.89
C ASN A 354 56.00 30.00 -9.80
N ARG A 355 54.94 30.59 -9.26
CA ARG A 355 53.67 29.92 -9.08
C ARG A 355 52.81 30.21 -10.31
N LYS A 356 53.14 29.52 -11.40
CA LYS A 356 52.52 29.78 -12.70
C LYS A 356 51.13 29.18 -12.75
N ARG A 357 50.18 29.92 -13.35
CA ARG A 357 48.82 29.42 -13.53
C ARG A 357 48.71 28.86 -14.94
N ILE A 358 48.71 27.54 -15.04
CA ILE A 358 48.44 26.84 -16.29
C ILE A 358 47.02 26.33 -16.20
N SER A 359 46.12 26.93 -16.97
CA SER A 359 44.68 26.71 -16.80
C SER A 359 44.02 26.46 -18.14
N ASN A 360 42.91 25.71 -18.06
CA ASN A 360 41.95 25.45 -19.14
C ASN A 360 42.59 24.73 -20.33
N CYS A 361 43.29 23.65 -20.03
CA CYS A 361 43.84 22.77 -21.06
C CYS A 361 43.87 21.36 -20.48
N VAL A 362 44.56 20.45 -21.19
CA VAL A 362 44.70 19.06 -20.77
C VAL A 362 46.17 18.70 -20.73
N ALA A 363 46.56 17.91 -19.73
CA ALA A 363 47.93 17.44 -19.56
C ALA A 363 47.91 15.93 -19.49
N ASP A 364 48.44 15.27 -20.52
CA ASP A 364 48.52 13.82 -20.52
C ASP A 364 49.63 13.36 -19.60
N TYR A 365 49.26 12.58 -18.59
CA TYR A 365 50.22 11.99 -17.67
C TYR A 365 50.64 10.58 -18.08
N SER A 366 50.05 10.05 -19.16
CA SER A 366 50.45 8.74 -19.64
C SER A 366 51.80 8.79 -20.35
N VAL A 367 52.16 9.96 -20.88
CA VAL A 367 53.45 10.11 -21.57
C VAL A 367 54.58 10.26 -20.55
N LEU A 368 54.23 10.59 -19.29
CA LEU A 368 55.25 10.67 -18.24
C LEU A 368 55.73 9.29 -17.82
N TYR A 369 54.84 8.29 -17.84
CA TYR A 369 55.22 6.95 -17.40
C TYR A 369 56.14 6.26 -18.42
N ASN A 370 55.92 6.51 -19.71
CA ASN A 370 56.70 5.87 -20.75
C ASN A 370 57.80 6.76 -21.30
N SER A 371 58.27 7.73 -20.51
CA SER A 371 59.39 8.57 -20.92
C SER A 371 60.74 7.90 -20.72
N ALA A 372 60.78 6.79 -19.96
CA ALA A 372 61.97 5.97 -19.66
C ALA A 372 63.10 6.78 -19.02
N SER A 373 62.73 7.69 -18.10
CA SER A 373 63.71 8.55 -17.46
C SER A 373 63.49 8.78 -15.98
N PHE A 374 62.38 8.32 -15.40
CA PHE A 374 61.97 8.78 -14.07
C PHE A 374 62.75 8.09 -12.96
N SER A 375 63.06 8.86 -11.92
CA SER A 375 63.89 8.40 -10.82
C SER A 375 63.12 8.30 -9.51
N THR A 376 62.48 9.38 -9.05
CA THR A 376 61.80 9.41 -7.76
C THR A 376 60.38 9.95 -7.98
N PHE A 377 59.67 9.32 -8.90
CA PHE A 377 58.32 9.74 -9.26
C PHE A 377 57.33 9.33 -8.16
N LYS A 378 56.59 10.30 -7.64
CA LYS A 378 55.75 10.10 -6.46
C LYS A 378 54.44 10.84 -6.68
N CYS A 379 53.34 10.31 -6.17
CA CYS A 379 52.05 11.01 -6.17
C CYS A 379 51.41 10.85 -4.80
N TYR A 380 51.34 11.95 -4.06
CA TYR A 380 50.77 11.94 -2.72
C TYR A 380 49.26 12.17 -2.77
N GLY A 381 48.56 11.53 -1.84
CA GLY A 381 47.12 11.69 -1.74
C GLY A 381 46.34 10.73 -2.64
N VAL A 382 46.58 10.82 -3.95
CA VAL A 382 45.93 9.97 -4.93
C VAL A 382 47.01 9.06 -5.52
N SER A 383 46.60 7.90 -6.01
CA SER A 383 47.53 6.97 -6.65
C SER A 383 47.98 7.53 -7.99
N PRO A 384 49.22 7.25 -8.43
CA PRO A 384 49.72 7.84 -9.69
C PRO A 384 49.08 7.29 -10.95
N THR A 385 48.59 6.05 -10.91
CA THR A 385 47.96 5.47 -12.10
C THR A 385 46.58 6.07 -12.34
N LYS A 386 45.88 6.46 -11.27
CA LYS A 386 44.50 6.94 -11.36
C LYS A 386 44.45 8.46 -11.38
N LEU A 387 45.42 9.10 -12.05
CA LEU A 387 45.49 10.56 -12.12
C LEU A 387 44.90 11.09 -13.43
N ASN A 388 44.92 10.29 -14.50
CA ASN A 388 44.48 10.76 -15.81
C ASN A 388 42.95 10.82 -15.89
N ASP A 389 42.25 9.94 -15.17
CA ASP A 389 40.80 9.88 -15.31
C ASP A 389 40.10 10.91 -14.42
N LEU A 390 40.65 11.17 -13.24
CA LEU A 390 40.01 12.03 -12.25
C LEU A 390 40.97 13.14 -11.84
N CYS A 391 40.45 14.34 -11.69
CA CYS A 391 41.26 15.52 -11.40
C CYS A 391 40.71 16.25 -10.18
N PHE A 392 41.49 17.19 -9.65
CA PHE A 392 41.03 18.10 -8.60
C PHE A 392 41.22 19.52 -9.08
N THR A 393 40.78 20.47 -8.24
CA THR A 393 40.98 21.88 -8.50
C THR A 393 42.36 22.32 -8.00
N ASN A 394 42.69 23.59 -8.31
CA ASN A 394 43.91 24.31 -7.89
C ASN A 394 45.17 23.60 -8.40
N VAL A 395 45.40 23.74 -9.71
CA VAL A 395 46.29 22.87 -10.48
C VAL A 395 47.52 23.77 -10.74
N TYR A 396 47.92 24.49 -9.68
CA TYR A 396 49.11 25.33 -9.68
C TYR A 396 50.36 24.47 -9.91
N ALA A 397 51.34 25.05 -10.61
CA ALA A 397 52.50 24.29 -11.06
C ALA A 397 53.80 25.00 -10.65
N ASP A 398 54.82 24.20 -10.33
CA ASP A 398 56.13 24.70 -9.94
C ASP A 398 57.21 23.88 -10.61
N SER A 399 58.44 24.41 -10.58
CA SER A 399 59.57 23.75 -11.23
C SER A 399 60.89 24.19 -10.61
N PHE A 400 61.78 23.23 -10.42
CA PHE A 400 63.18 23.42 -10.01
C PHE A 400 63.94 22.18 -10.46
N VAL A 401 65.27 22.29 -10.51
CA VAL A 401 66.15 21.14 -10.65
C VAL A 401 66.88 21.02 -9.31
N ILE A 402 66.32 20.22 -8.39
CA ILE A 402 66.89 20.04 -7.06
C ILE A 402 68.04 19.03 -7.11
N ARG A 403 68.97 19.14 -6.15
CA ARG A 403 70.06 18.18 -6.03
C ARG A 403 69.52 16.81 -5.61
N GLY A 404 70.07 15.75 -6.23
CA GLY A 404 69.52 14.42 -6.14
C GLY A 404 69.89 13.60 -4.93
N ASP A 405 70.68 14.16 -4.01
CA ASP A 405 71.07 13.42 -2.82
C ASP A 405 69.94 13.33 -1.79
N GLU A 406 69.08 14.34 -1.71
CA GLU A 406 68.05 14.40 -0.68
C GLU A 406 66.66 14.65 -1.29
N VAL A 407 66.34 13.92 -2.36
CA VAL A 407 64.99 13.96 -2.91
C VAL A 407 64.05 13.09 -2.06
N ARG A 408 64.62 12.05 -1.44
CA ARG A 408 63.91 11.19 -0.48
C ARG A 408 63.47 11.95 0.78
N GLN A 409 64.13 13.06 1.11
CA GLN A 409 63.69 13.98 2.15
C GLN A 409 62.34 14.60 1.88
N ILE A 410 62.03 14.90 0.60
CA ILE A 410 60.84 15.67 0.23
C ILE A 410 59.60 14.81 0.43
N ALA A 411 58.95 15.01 1.56
CA ALA A 411 57.85 14.19 2.05
C ALA A 411 57.17 14.96 3.17
N PRO A 412 55.88 14.70 3.43
CA PRO A 412 55.25 15.29 4.62
C PRO A 412 55.80 14.70 5.91
N GLY A 413 55.99 15.57 6.90
CA GLY A 413 56.51 15.13 8.19
C GLY A 413 57.99 14.88 8.22
N GLN A 414 58.78 15.61 7.43
CA GLN A 414 60.24 15.41 7.38
C GLN A 414 60.90 16.77 7.23
N THR A 415 61.65 17.18 8.25
CA THR A 415 62.43 18.41 8.20
C THR A 415 63.88 18.09 7.85
N GLY A 416 64.76 19.09 7.94
CA GLY A 416 66.17 18.88 7.61
C GLY A 416 66.85 20.07 6.97
N LYS A 417 67.43 19.87 5.77
CA LYS A 417 68.11 20.93 5.04
C LYS A 417 67.35 21.37 3.80
N ILE A 418 67.01 20.46 2.89
CA ILE A 418 66.29 20.84 1.68
C ILE A 418 64.83 21.16 1.98
N ALA A 419 64.18 20.32 2.79
CA ALA A 419 62.78 20.50 3.12
C ALA A 419 62.51 21.66 4.07
N ASP A 420 63.52 22.15 4.78
CA ASP A 420 63.36 23.23 5.73
C ASP A 420 63.79 24.59 5.17
N TYR A 421 64.73 24.61 4.23
CA TYR A 421 65.35 25.86 3.82
C TYR A 421 65.13 26.18 2.34
N ASN A 422 64.71 25.20 1.55
CA ASN A 422 64.46 25.42 0.12
C ASN A 422 62.99 25.26 -0.24
N TYR A 423 62.37 24.12 0.06
CA TYR A 423 61.01 23.84 -0.40
C TYR A 423 60.34 22.80 0.49
N LYS A 424 59.18 23.14 1.06
CA LYS A 424 58.51 22.31 2.05
C LYS A 424 57.18 21.79 1.51
N LEU A 425 56.94 20.47 1.69
CA LEU A 425 55.67 19.82 1.37
C LEU A 425 54.76 19.82 2.59
N PRO A 426 53.47 20.18 2.44
CA PRO A 426 52.56 20.15 3.59
C PRO A 426 52.14 18.74 3.96
N ASP A 427 51.60 18.60 5.17
CA ASP A 427 51.05 17.34 5.61
C ASP A 427 49.73 17.06 4.89
N ASP A 428 49.54 15.77 4.56
CA ASP A 428 48.44 15.26 3.71
C ASP A 428 48.38 15.99 2.37
N PHE A 429 49.47 15.87 1.61
CA PHE A 429 49.56 16.48 0.30
C PHE A 429 48.69 15.70 -0.69
N THR A 430 47.97 16.43 -1.53
CA THR A 430 47.30 15.88 -2.70
C THR A 430 48.03 16.47 -3.91
N GLY A 431 48.63 15.60 -4.72
CA GLY A 431 49.43 16.05 -5.82
C GLY A 431 50.62 15.13 -6.01
N CYS A 432 51.43 15.46 -7.00
CA CYS A 432 52.53 14.61 -7.41
C CYS A 432 53.84 15.37 -7.39
N VAL A 433 54.86 14.76 -6.79
CA VAL A 433 56.23 15.25 -6.84
C VAL A 433 57.06 14.30 -7.71
N ILE A 434 57.64 14.85 -8.77
CA ILE A 434 58.16 14.06 -9.88
C ILE A 434 59.63 14.40 -10.09
N ALA A 435 60.51 13.42 -9.90
CA ALA A 435 61.94 13.62 -10.06
C ALA A 435 62.48 12.66 -11.10
N TRP A 436 63.45 13.13 -11.89
CA TRP A 436 64.07 12.32 -12.94
C TRP A 436 65.48 12.84 -13.20
N ASN A 437 66.22 12.11 -14.04
CA ASN A 437 67.65 12.31 -14.23
C ASN A 437 67.91 13.58 -15.06
N SER A 438 69.00 14.26 -14.73
CA SER A 438 69.45 15.45 -15.48
C SER A 438 70.96 15.44 -15.64
N ASN A 439 71.54 14.27 -15.94
CA ASN A 439 72.97 14.21 -16.17
C ASN A 439 73.31 14.74 -17.56
N ASN A 440 72.42 14.55 -18.53
CA ASN A 440 72.76 14.79 -19.92
C ASN A 440 72.51 16.21 -20.38
N LEU A 441 71.74 17.00 -19.63
CA LEU A 441 71.40 18.35 -20.07
C LEU A 441 71.73 19.43 -19.06
N ASP A 442 71.55 19.20 -17.77
CA ASP A 442 71.85 20.21 -16.76
C ASP A 442 73.21 19.98 -16.10
N SER A 443 74.24 19.85 -16.93
CA SER A 443 75.61 19.71 -16.44
C SER A 443 76.54 20.24 -17.53
N LYS A 444 77.00 21.48 -17.37
CA LYS A 444 77.97 22.03 -18.29
C LYS A 444 79.37 21.66 -17.80
N VAL A 445 80.39 22.02 -18.58
CA VAL A 445 81.76 21.67 -18.24
C VAL A 445 82.27 22.58 -17.11
N GLY A 446 82.98 21.97 -16.15
CA GLY A 446 83.48 22.71 -15.01
C GLY A 446 82.46 22.96 -13.92
N GLY A 447 81.31 22.30 -13.95
CA GLY A 447 80.28 22.51 -12.96
C GLY A 447 79.21 23.47 -13.43
N ASN A 448 77.94 23.08 -13.25
CA ASN A 448 76.82 23.92 -13.69
C ASN A 448 76.59 24.98 -12.63
N TYR A 449 77.26 26.12 -12.79
CA TYR A 449 77.11 27.27 -11.90
C TYR A 449 76.02 28.23 -12.39
N ASN A 450 74.83 27.69 -12.61
CA ASN A 450 73.69 28.50 -13.03
C ASN A 450 72.64 28.67 -11.94
N TYR A 451 72.65 27.83 -10.91
CA TYR A 451 71.59 27.78 -9.91
C TYR A 451 72.16 28.14 -8.55
N LEU A 452 71.78 29.31 -8.05
CA LEU A 452 72.11 29.71 -6.69
C LEU A 452 70.97 29.27 -5.79
N TYR A 453 71.21 29.13 -4.48
CA TYR A 453 70.15 28.60 -3.64
C TYR A 453 70.23 29.26 -2.27
N ARG A 454 69.15 29.13 -1.50
CA ARG A 454 69.10 29.66 -0.15
C ARG A 454 69.57 28.60 0.83
N LEU A 455 70.79 28.78 1.34
CA LEU A 455 71.34 27.95 2.41
C LEU A 455 71.16 28.59 3.79
N PHE A 456 70.72 29.85 3.84
CA PHE A 456 70.61 30.54 5.12
C PHE A 456 69.31 31.31 5.20
N ARG A 457 68.57 31.08 6.29
CA ARG A 457 67.27 31.68 6.57
C ARG A 457 67.10 31.67 8.08
N LYS A 458 66.49 32.73 8.61
CA LYS A 458 66.39 32.90 10.06
C LYS A 458 65.39 31.92 10.68
N SER A 459 64.32 31.60 9.97
CA SER A 459 63.25 30.78 10.52
C SER A 459 62.94 29.62 9.59
N ASN A 460 62.07 28.73 10.07
CA ASN A 460 61.65 27.57 9.27
C ASN A 460 60.66 27.99 8.20
N LEU A 461 60.67 27.26 7.09
CA LEU A 461 59.82 27.60 5.95
C LEU A 461 58.40 27.09 6.14
N LYS A 462 57.44 27.92 5.72
CA LYS A 462 56.07 27.44 5.58
C LYS A 462 55.97 26.56 4.34
N PRO A 463 55.04 25.61 4.31
CA PRO A 463 54.87 24.79 3.09
C PRO A 463 54.27 25.60 1.95
N PHE A 464 54.83 25.38 0.74
CA PHE A 464 54.57 26.13 -0.49
C PHE A 464 54.76 27.63 -0.29
N GLU A 465 55.99 27.99 0.09
CA GLU A 465 56.40 29.39 0.18
C GLU A 465 57.63 29.57 -0.70
N ARG A 466 57.48 30.35 -1.77
CA ARG A 466 58.61 30.70 -2.64
C ARG A 466 59.45 31.72 -1.88
N ASP A 467 60.68 31.33 -1.54
CA ASP A 467 61.52 32.11 -0.64
C ASP A 467 62.55 32.92 -1.44
N ILE A 468 62.37 34.24 -1.45
CA ILE A 468 63.29 35.15 -2.14
C ILE A 468 64.04 35.96 -1.10
N SER A 469 65.36 36.09 -1.29
CA SER A 469 66.19 36.88 -0.41
C SER A 469 67.43 37.36 -1.17
N THR A 470 67.78 38.61 -0.91
CA THR A 470 69.05 39.21 -1.29
C THR A 470 69.87 39.58 -0.06
N GLU A 471 69.18 39.82 1.05
CA GLU A 471 69.80 40.22 2.31
C GLU A 471 70.59 39.07 2.93
N ILE A 472 71.44 39.43 3.88
CA ILE A 472 72.48 38.53 4.38
C ILE A 472 72.04 38.05 5.77
N TYR A 473 72.42 36.81 6.10
CA TYR A 473 71.95 36.13 7.29
C TYR A 473 72.51 36.74 8.57
N GLN A 474 71.71 36.70 9.63
CA GLN A 474 72.10 37.20 10.94
C GLN A 474 72.23 36.05 11.93
N ALA A 475 73.37 35.97 12.62
CA ALA A 475 73.60 34.95 13.62
C ALA A 475 74.24 35.46 14.91
N GLY A 476 74.80 36.67 14.92
CA GLY A 476 75.46 37.17 16.10
C GLY A 476 74.92 38.50 16.57
N SER A 477 75.77 39.31 17.21
CA SER A 477 75.37 40.60 17.72
C SER A 477 76.05 41.74 16.96
N THR A 478 77.27 41.50 16.50
CA THR A 478 77.96 42.51 15.70
C THR A 478 77.43 42.50 14.27
N PRO A 479 76.91 43.62 13.77
CA PRO A 479 76.28 43.62 12.45
C PRO A 479 77.30 43.67 11.32
N CYS A 480 76.90 43.12 10.17
CA CYS A 480 77.71 43.24 8.95
C CYS A 480 77.64 44.66 8.42
N ASN A 481 78.65 45.04 7.63
CA ASN A 481 78.76 46.40 7.11
C ASN A 481 78.67 46.45 5.58
N GLY A 482 78.01 45.49 4.97
CA GLY A 482 77.94 45.41 3.51
C GLY A 482 79.05 44.58 2.89
N VAL A 483 80.31 44.94 3.15
CA VAL A 483 81.42 44.07 2.80
C VAL A 483 81.41 42.87 3.74
N GLU A 484 81.62 41.68 3.18
CA GLU A 484 81.44 40.43 3.92
C GLU A 484 82.52 40.25 4.99
N GLY A 485 82.08 39.95 6.21
CA GLY A 485 82.98 39.82 7.34
C GLY A 485 83.00 38.42 7.93
N PHE A 486 83.17 38.33 9.25
CA PHE A 486 83.29 37.02 9.89
C PHE A 486 81.96 36.44 10.34
N ASN A 487 80.91 37.25 10.43
CA ASN A 487 79.59 36.74 10.81
C ASN A 487 78.53 37.17 9.81
N CYS A 488 78.92 37.27 8.54
CA CYS A 488 77.95 37.60 7.51
C CYS A 488 77.22 36.35 7.03
N TYR A 489 77.97 35.33 6.59
CA TYR A 489 77.50 33.99 6.20
C TYR A 489 76.49 34.06 5.05
N PHE A 490 77.02 34.41 3.87
CA PHE A 490 76.37 34.55 2.56
C PHE A 490 75.47 33.37 2.21
N PRO A 491 74.16 33.60 1.99
CA PRO A 491 73.24 32.48 1.75
C PRO A 491 73.36 31.89 0.36
N LEU A 492 73.67 32.73 -0.64
CA LEU A 492 73.52 32.34 -2.04
C LEU A 492 74.85 31.83 -2.60
N GLN A 493 75.31 30.73 -2.02
CA GLN A 493 76.44 29.98 -2.59
C GLN A 493 75.84 29.02 -3.63
N SER A 494 76.67 28.54 -4.57
CA SER A 494 76.18 27.89 -5.78
C SER A 494 76.25 26.37 -5.66
N TYR A 495 75.23 25.70 -6.22
CA TYR A 495 75.29 24.32 -6.67
C TYR A 495 76.48 24.03 -7.55
N GLY A 496 77.33 23.11 -7.11
CA GLY A 496 78.36 22.55 -7.97
C GLY A 496 77.87 21.27 -8.62
N PHE A 497 77.42 21.36 -9.87
CA PHE A 497 76.86 20.23 -10.60
C PHE A 497 77.83 19.87 -11.71
N GLN A 498 78.77 19.02 -11.40
CA GLN A 498 79.85 18.61 -12.27
C GLN A 498 79.47 17.36 -13.05
N PRO A 499 80.02 17.18 -14.26
CA PRO A 499 79.83 15.92 -14.98
C PRO A 499 80.56 14.73 -14.36
N THR A 500 81.56 14.97 -13.50
CA THR A 500 82.26 13.88 -12.82
C THR A 500 81.51 13.38 -11.59
N ASN A 501 80.41 14.03 -11.22
CA ASN A 501 79.61 13.60 -10.09
C ASN A 501 78.86 12.31 -10.40
N GLY A 502 78.51 11.58 -9.35
CA GLY A 502 77.73 10.37 -9.47
C GLY A 502 76.26 10.66 -9.65
N VAL A 503 75.48 9.58 -9.74
CA VAL A 503 74.04 9.71 -10.00
C VAL A 503 73.31 10.21 -8.74
N GLY A 504 73.87 9.95 -7.57
CA GLY A 504 73.33 10.53 -6.35
C GLY A 504 73.68 11.99 -6.20
N TYR A 505 74.79 12.41 -6.80
CA TYR A 505 75.19 13.82 -6.71
C TYR A 505 74.70 14.62 -7.90
N GLN A 506 74.32 13.93 -8.99
CA GLN A 506 73.73 14.63 -10.12
C GLN A 506 72.30 15.05 -9.76
N PRO A 507 71.88 16.24 -10.21
CA PRO A 507 70.60 16.81 -9.72
C PRO A 507 69.38 16.12 -10.32
N TYR A 508 68.25 16.28 -9.63
CA TYR A 508 66.98 15.73 -10.10
C TYR A 508 66.00 16.85 -10.41
N ARG A 509 65.45 16.83 -11.62
CA ARG A 509 64.49 17.83 -12.09
C ARG A 509 63.14 17.61 -11.41
N VAL A 510 62.68 18.59 -10.64
CA VAL A 510 61.47 18.43 -9.84
C VAL A 510 60.36 19.35 -10.38
N VAL A 511 59.20 18.75 -10.66
CA VAL A 511 58.01 19.51 -11.00
C VAL A 511 56.93 19.18 -9.97
N VAL A 512 56.20 20.22 -9.56
CA VAL A 512 55.23 20.11 -8.49
C VAL A 512 53.86 20.35 -9.11
N LEU A 513 53.11 19.27 -9.35
CA LEU A 513 51.73 19.37 -9.81
C LEU A 513 50.86 19.34 -8.56
N SER A 514 50.76 20.49 -7.88
CA SER A 514 50.02 20.60 -6.63
C SER A 514 48.53 20.59 -6.89
N PHE A 515 47.77 20.16 -5.88
CA PHE A 515 46.31 20.09 -5.96
C PHE A 515 45.75 20.51 -4.61
N GLU A 516 45.45 21.80 -4.45
CA GLU A 516 44.89 22.31 -3.21
C GLU A 516 43.36 22.23 -3.26
N LEU A 517 42.72 22.69 -2.20
CA LEU A 517 41.26 22.64 -2.08
C LEU A 517 40.75 24.04 -1.80
N LEU A 518 40.35 24.74 -2.86
CA LEU A 518 39.79 26.08 -2.79
C LEU A 518 38.49 26.09 -3.60
N HIS A 519 37.60 27.01 -3.26
CA HIS A 519 36.29 27.13 -3.93
C HIS A 519 36.42 27.77 -5.31
N ALA A 520 36.97 26.99 -6.23
CA ALA A 520 37.18 27.34 -7.62
C ALA A 520 36.97 26.10 -8.46
N PRO A 521 36.49 26.24 -9.71
CA PRO A 521 36.41 25.07 -10.60
C PRO A 521 37.79 24.58 -11.02
N ALA A 522 37.87 23.28 -11.29
CA ALA A 522 39.10 22.70 -11.81
C ALA A 522 39.32 23.13 -13.25
N THR A 523 40.56 23.44 -13.58
CA THR A 523 40.89 23.99 -14.88
C THR A 523 41.54 22.95 -15.80
N VAL A 524 42.49 22.18 -15.29
CA VAL A 524 43.25 21.24 -16.09
C VAL A 524 43.03 19.84 -15.54
N CYS A 525 42.51 18.94 -16.38
CA CYS A 525 42.40 17.53 -16.04
C CYS A 525 42.98 16.71 -17.17
N GLY A 526 43.18 15.42 -16.89
CA GLY A 526 43.79 14.51 -17.83
C GLY A 526 42.86 14.11 -18.96
N PRO A 527 43.40 13.43 -19.98
CA PRO A 527 42.56 12.96 -21.10
C PRO A 527 41.69 11.78 -20.69
N LYS A 528 40.59 11.61 -21.41
CA LYS A 528 39.64 10.55 -21.14
C LYS A 528 39.48 9.67 -22.38
N LYS A 529 39.76 8.38 -22.22
CA LYS A 529 39.70 7.44 -23.33
C LYS A 529 38.26 7.12 -23.69
N SER A 530 38.03 6.87 -24.97
CA SER A 530 36.68 6.64 -25.48
C SER A 530 36.73 5.62 -26.61
N THR A 531 35.79 4.67 -26.59
CA THR A 531 35.72 3.66 -27.63
C THR A 531 34.86 4.16 -28.79
N ASN A 532 34.62 3.29 -29.77
CA ASN A 532 33.75 3.60 -30.89
C ASN A 532 32.30 3.36 -30.49
N LEU A 533 31.38 3.67 -31.41
CA LEU A 533 29.97 3.46 -31.20
C LEU A 533 29.46 2.34 -32.11
N VAL A 534 28.63 1.47 -31.55
CA VAL A 534 27.99 0.41 -32.32
C VAL A 534 26.55 0.86 -32.61
N LYS A 535 26.02 0.41 -33.74
CA LYS A 535 24.68 0.79 -34.17
C LYS A 535 23.78 -0.44 -34.18
N ASN A 536 22.50 -0.20 -33.89
CA ASN A 536 21.39 -1.18 -33.96
C ASN A 536 21.61 -2.37 -33.03
N LYS A 537 22.07 -2.11 -31.81
CA LYS A 537 22.30 -3.16 -30.84
C LYS A 537 21.93 -2.64 -29.46
N CYS A 538 21.43 -3.53 -28.60
CA CYS A 538 21.12 -3.18 -27.22
C CYS A 538 22.43 -3.04 -26.46
N VAL A 539 22.88 -1.80 -26.27
CA VAL A 539 24.20 -1.53 -25.72
C VAL A 539 24.09 -0.47 -24.64
N ASN A 540 24.90 -0.62 -23.59
CA ASN A 540 25.10 0.43 -22.62
C ASN A 540 25.94 1.53 -23.24
N PHE A 541 25.61 2.78 -22.91
CA PHE A 541 26.38 3.88 -23.47
C PHE A 541 26.79 4.83 -22.35
N ASN A 542 28.04 5.30 -22.43
CA ASN A 542 28.58 6.27 -21.48
C ASN A 542 29.03 7.47 -22.29
N PHE A 543 28.12 8.42 -22.47
CA PHE A 543 28.44 9.63 -23.24
C PHE A 543 29.13 10.66 -22.35
N ASN A 544 29.24 11.88 -22.85
CA ASN A 544 29.99 12.94 -22.19
C ASN A 544 29.33 13.52 -20.93
N GLY A 545 29.22 12.69 -19.89
CA GLY A 545 28.63 13.11 -18.64
C GLY A 545 27.43 12.27 -18.22
N LEU A 546 26.66 11.78 -19.18
CA LEU A 546 25.42 11.08 -18.91
C LEU A 546 25.53 9.62 -19.33
N THR A 547 24.85 8.75 -18.58
CA THR A 547 24.86 7.31 -18.82
C THR A 547 23.46 6.85 -19.17
N GLY A 548 23.36 5.66 -19.76
CA GLY A 548 22.07 5.07 -20.05
C GLY A 548 22.24 3.82 -20.88
N THR A 549 21.17 3.04 -20.95
CA THR A 549 21.11 1.82 -21.74
C THR A 549 20.01 1.95 -22.78
N GLY A 550 20.22 1.31 -23.94
CA GLY A 550 19.23 1.36 -25.00
C GLY A 550 19.80 0.85 -26.30
N VAL A 551 19.11 1.21 -27.39
CA VAL A 551 19.54 0.87 -28.75
C VAL A 551 19.74 2.18 -29.50
N LEU A 552 20.93 2.37 -30.05
CA LEU A 552 21.24 3.55 -30.84
C LEU A 552 20.87 3.28 -32.29
N THR A 553 19.88 4.02 -32.79
CA THR A 553 19.42 3.91 -34.17
C THR A 553 19.63 5.24 -34.89
N GLU A 554 19.27 5.24 -36.16
CA GLU A 554 19.37 6.45 -36.97
C GLU A 554 18.27 7.44 -36.60
N SER A 555 18.62 8.72 -36.59
CA SER A 555 17.70 9.78 -36.24
C SER A 555 17.18 10.46 -37.50
N ASN A 556 16.02 11.10 -37.36
CA ASN A 556 15.43 11.86 -38.45
C ASN A 556 15.25 13.33 -38.14
N LYS A 557 15.28 13.73 -36.86
CA LYS A 557 15.16 15.13 -36.48
C LYS A 557 16.53 15.81 -36.56
N LYS A 558 16.54 17.12 -36.39
CA LYS A 558 17.78 17.89 -36.45
C LYS A 558 17.86 18.72 -35.17
N PHE A 559 19.07 18.89 -34.66
CA PHE A 559 19.28 19.68 -33.45
C PHE A 559 19.64 21.11 -33.81
N LEU A 560 19.45 22.00 -32.83
CA LEU A 560 20.21 23.23 -32.82
C LEU A 560 21.65 22.89 -32.41
N PRO A 561 22.66 23.64 -32.90
CA PRO A 561 24.07 23.23 -32.68
C PRO A 561 24.62 23.32 -31.26
N PHE A 562 23.80 23.63 -30.25
CA PHE A 562 24.28 23.65 -28.87
C PHE A 562 23.61 22.62 -27.97
N GLN A 563 23.01 21.56 -28.54
CA GLN A 563 22.62 20.41 -27.73
C GLN A 563 23.40 19.16 -28.15
N GLN A 564 23.56 18.24 -27.21
CA GLN A 564 24.14 16.94 -27.48
C GLN A 564 23.23 15.77 -27.12
N PHE A 565 22.15 16.01 -26.37
CA PHE A 565 21.10 15.01 -26.25
C PHE A 565 19.76 15.73 -26.23
N GLY A 566 18.69 14.97 -26.02
CA GLY A 566 17.35 15.52 -26.06
C GLY A 566 16.49 14.98 -24.94
N ARG A 567 15.20 15.31 -24.99
CA ARG A 567 14.23 14.92 -23.99
C ARG A 567 12.85 14.83 -24.63
N ASP A 568 11.92 14.13 -23.98
CA ASP A 568 10.58 13.99 -24.51
C ASP A 568 9.52 14.40 -23.48
N ILE A 569 8.26 14.04 -23.75
CA ILE A 569 7.21 14.12 -22.75
C ILE A 569 7.56 13.17 -21.60
N ALA A 570 7.47 13.69 -20.36
CA ALA A 570 7.76 13.08 -19.06
C ALA A 570 9.22 12.69 -18.89
N ASP A 571 10.16 13.40 -19.52
CA ASP A 571 11.58 13.49 -19.16
C ASP A 571 12.33 12.15 -19.27
N THR A 572 12.41 11.64 -20.49
CA THR A 572 13.19 10.45 -20.82
C THR A 572 14.06 10.76 -22.03
N THR A 573 15.29 10.26 -22.04
CA THR A 573 16.20 10.50 -23.16
C THR A 573 15.77 9.66 -24.36
N ASP A 574 15.70 10.30 -25.53
CA ASP A 574 15.31 9.61 -26.75
C ASP A 574 16.25 9.89 -27.92
N ALA A 575 17.18 10.83 -27.80
CA ALA A 575 18.16 11.10 -28.84
C ALA A 575 19.45 11.58 -28.18
N VAL A 576 20.57 11.34 -28.87
CA VAL A 576 21.88 11.71 -28.37
C VAL A 576 22.76 12.02 -29.57
N ARG A 577 23.65 13.00 -29.42
CA ARG A 577 24.59 13.40 -30.45
C ARG A 577 25.98 12.94 -30.03
N ASP A 578 26.68 12.28 -30.93
CA ASP A 578 28.04 11.83 -30.59
C ASP A 578 29.01 13.02 -30.58
N PRO A 579 29.98 13.05 -29.66
CA PRO A 579 30.72 14.29 -29.43
C PRO A 579 31.85 14.54 -30.42
N GLN A 580 32.24 13.54 -31.20
CA GLN A 580 33.37 13.67 -32.11
C GLN A 580 32.96 13.74 -33.57
N THR A 581 31.73 13.33 -33.90
CA THR A 581 31.27 13.33 -35.27
C THR A 581 30.10 14.31 -35.44
N LEU A 582 29.51 14.76 -34.33
CA LEU A 582 28.33 15.65 -34.24
C LEU A 582 27.14 15.10 -35.03
N GLU A 583 26.96 13.79 -34.98
CA GLU A 583 25.81 13.11 -35.57
C GLU A 583 24.83 12.71 -34.47
N ILE A 584 23.59 13.15 -34.62
CA ILE A 584 22.51 12.86 -33.69
C ILE A 584 22.02 11.45 -33.94
N LEU A 585 22.00 10.62 -32.90
CA LEU A 585 21.49 9.26 -32.97
C LEU A 585 20.32 9.10 -32.00
N ASP A 586 19.24 8.52 -32.48
CA ASP A 586 18.06 8.27 -31.67
C ASP A 586 18.33 7.16 -30.66
N ILE A 587 17.62 7.22 -29.54
CA ILE A 587 17.73 6.21 -28.49
C ILE A 587 16.44 5.39 -28.48
N THR A 588 16.58 4.10 -28.74
CA THR A 588 15.48 3.15 -28.78
C THR A 588 15.61 2.24 -27.57
N PRO A 589 14.51 1.92 -26.87
CA PRO A 589 14.59 0.99 -25.74
C PRO A 589 14.94 -0.42 -26.17
N CYS A 590 15.66 -1.12 -25.28
CA CYS A 590 15.99 -2.52 -25.50
C CYS A 590 14.73 -3.38 -25.40
N SER A 591 14.74 -4.49 -26.13
CA SER A 591 13.56 -5.33 -26.23
C SER A 591 13.35 -6.14 -24.96
N PHE A 592 12.14 -6.05 -24.41
CA PHE A 592 11.77 -6.78 -23.22
C PHE A 592 10.27 -7.04 -23.28
N GLY A 593 9.78 -7.80 -22.31
CA GLY A 593 8.35 -8.03 -22.22
C GLY A 593 8.07 -9.23 -21.34
N GLY A 594 6.78 -9.54 -21.22
CA GLY A 594 6.36 -10.73 -20.53
C GLY A 594 6.26 -11.90 -21.48
N VAL A 595 6.33 -13.12 -20.95
CA VAL A 595 6.27 -14.32 -21.76
C VAL A 595 4.95 -15.04 -21.45
N SER A 596 4.26 -15.47 -22.49
CA SER A 596 2.99 -16.16 -22.36
C SER A 596 3.13 -17.57 -22.91
N VAL A 597 2.28 -18.47 -22.43
CA VAL A 597 2.29 -19.86 -22.84
C VAL A 597 0.86 -20.39 -22.79
N ILE A 598 0.50 -21.23 -23.76
CA ILE A 598 -0.86 -21.72 -23.93
C ILE A 598 -0.83 -23.24 -23.87
N THR A 599 -1.61 -23.81 -22.97
CA THR A 599 -1.76 -25.26 -22.90
C THR A 599 -3.22 -25.64 -23.09
N PRO A 600 -3.50 -26.79 -23.71
CA PRO A 600 -4.88 -27.28 -23.82
C PRO A 600 -5.34 -28.14 -22.65
N GLY A 601 -4.63 -28.15 -21.54
CA GLY A 601 -4.99 -28.99 -20.42
C GLY A 601 -3.93 -30.05 -20.15
N THR A 602 -3.62 -30.25 -18.87
CA THR A 602 -2.67 -31.29 -18.48
C THR A 602 -3.25 -32.68 -18.72
N ASN A 603 -4.56 -32.83 -18.46
CA ASN A 603 -5.24 -34.11 -18.67
C ASN A 603 -5.41 -34.46 -20.14
N THR A 604 -5.34 -33.48 -21.04
CA THR A 604 -5.65 -33.71 -22.44
C THR A 604 -4.41 -34.15 -23.23
N SER A 605 -3.38 -33.32 -23.26
CA SER A 605 -2.16 -33.61 -24.00
C SER A 605 -0.99 -32.99 -23.26
N ASN A 606 0.20 -33.12 -23.85
CA ASN A 606 1.41 -32.58 -23.24
C ASN A 606 2.00 -31.45 -24.07
N GLN A 607 1.51 -31.21 -25.29
CA GLN A 607 2.03 -30.20 -26.18
C GLN A 607 1.65 -28.80 -25.70
N VAL A 608 2.65 -27.90 -25.69
CA VAL A 608 2.47 -26.52 -25.29
C VAL A 608 3.00 -25.61 -26.41
N ALA A 609 2.53 -24.37 -26.40
CA ALA A 609 2.99 -23.34 -27.32
C ALA A 609 3.21 -22.05 -26.55
N VAL A 610 4.31 -21.36 -26.87
CA VAL A 610 4.81 -20.26 -26.07
C VAL A 610 4.70 -18.97 -26.87
N LEU A 611 4.11 -17.94 -26.25
CA LEU A 611 3.90 -16.64 -26.89
C LEU A 611 4.84 -15.63 -26.28
N TYR A 612 5.68 -15.00 -27.11
CA TYR A 612 6.52 -13.90 -26.68
C TYR A 612 5.88 -12.61 -27.18
N GLN A 613 5.20 -11.91 -26.26
CA GLN A 613 4.39 -10.76 -26.63
C GLN A 613 5.27 -9.55 -26.95
N ASP A 614 4.72 -8.66 -27.79
CA ASP A 614 5.27 -7.42 -28.37
C ASP A 614 6.76 -7.51 -28.77
N VAL A 615 7.10 -8.60 -29.44
CA VAL A 615 8.48 -8.89 -29.82
C VAL A 615 8.55 -9.18 -31.32
N ASN A 616 9.45 -8.48 -32.00
CA ASN A 616 9.90 -8.85 -33.33
C ASN A 616 10.43 -10.29 -33.33
N CYS A 617 9.75 -11.18 -34.04
CA CYS A 617 9.98 -12.61 -33.95
C CYS A 617 11.17 -13.10 -34.78
N THR A 618 12.33 -12.49 -34.58
CA THR A 618 13.63 -12.95 -35.07
C THR A 618 14.69 -12.95 -33.98
N GLU A 619 14.57 -12.05 -33.00
CA GLU A 619 15.50 -11.98 -31.87
C GLU A 619 14.97 -12.71 -30.64
N VAL A 620 14.13 -13.73 -30.85
CA VAL A 620 13.65 -14.55 -29.73
C VAL A 620 14.72 -15.37 -28.99
N PRO A 621 15.69 -16.07 -29.62
CA PRO A 621 16.57 -16.90 -28.76
C PRO A 621 17.69 -16.12 -28.09
N VAL A 622 17.85 -14.82 -28.37
CA VAL A 622 18.86 -13.99 -27.74
C VAL A 622 18.14 -13.18 -26.66
N ALA A 623 16.81 -13.19 -26.71
CA ALA A 623 16.01 -12.48 -25.70
C ALA A 623 16.09 -13.17 -24.36
N ILE A 624 16.07 -14.51 -24.36
CA ILE A 624 16.37 -15.27 -23.16
C ILE A 624 17.76 -15.85 -23.27
N HIS A 625 18.34 -16.26 -22.14
CA HIS A 625 19.60 -16.98 -22.13
C HIS A 625 19.31 -18.42 -22.56
N ALA A 626 19.29 -18.64 -23.87
CA ALA A 626 18.96 -19.96 -24.39
C ALA A 626 20.19 -20.86 -24.44
N ASP A 627 21.37 -20.32 -24.15
CA ASP A 627 22.57 -21.13 -24.12
C ASP A 627 22.89 -21.67 -22.72
N GLN A 628 22.05 -21.40 -21.72
CA GLN A 628 22.29 -21.87 -20.37
C GLN A 628 21.29 -22.91 -19.87
N LEU A 629 20.08 -22.93 -20.44
CA LEU A 629 19.02 -23.78 -19.89
C LEU A 629 19.07 -25.18 -20.50
N THR A 630 18.08 -25.99 -20.15
CA THR A 630 17.95 -27.35 -20.64
C THR A 630 17.57 -27.36 -22.12
N PRO A 631 18.07 -28.33 -22.90
CA PRO A 631 17.84 -28.31 -24.36
C PRO A 631 16.42 -28.70 -24.81
N THR A 632 15.46 -28.87 -23.90
CA THR A 632 14.05 -28.93 -24.25
C THR A 632 13.56 -27.62 -24.86
N TRP A 633 14.12 -26.49 -24.41
CA TRP A 633 13.63 -25.17 -24.82
C TRP A 633 14.09 -24.79 -26.22
N ARG A 634 14.97 -25.58 -26.84
CA ARG A 634 15.54 -25.23 -28.13
C ARG A 634 14.54 -25.34 -29.28
N VAL A 635 13.57 -26.25 -29.18
CA VAL A 635 12.47 -26.26 -30.14
C VAL A 635 11.42 -25.22 -29.81
N TYR A 636 11.47 -24.64 -28.60
CA TYR A 636 10.56 -23.58 -28.19
C TYR A 636 11.17 -22.21 -28.40
N SER A 637 12.41 -22.15 -28.88
CA SER A 637 13.08 -20.90 -29.21
C SER A 637 13.29 -20.74 -30.71
N THR A 638 13.32 -21.83 -31.46
CA THR A 638 13.41 -21.80 -32.92
C THR A 638 12.77 -23.07 -33.46
N GLY A 639 12.44 -23.05 -34.73
CA GLY A 639 11.83 -24.20 -35.38
C GLY A 639 11.02 -23.76 -36.58
N SER A 640 10.40 -24.74 -37.22
CA SER A 640 9.55 -24.46 -38.37
C SER A 640 8.22 -23.85 -37.96
N ASN A 641 7.74 -24.17 -36.77
CA ASN A 641 6.48 -23.64 -36.25
C ASN A 641 6.71 -22.26 -35.65
N VAL A 642 6.88 -21.26 -36.51
CA VAL A 642 7.15 -19.89 -36.10
C VAL A 642 5.99 -19.02 -36.60
N PHE A 643 5.59 -18.05 -35.78
CA PHE A 643 4.48 -17.17 -36.14
C PHE A 643 4.65 -15.82 -35.46
N GLN A 644 4.34 -14.76 -36.20
CA GLN A 644 4.32 -13.40 -35.69
C GLN A 644 2.88 -12.91 -35.70
N THR A 645 2.40 -12.45 -34.55
CA THR A 645 1.08 -11.87 -34.40
C THR A 645 1.21 -10.38 -34.15
N ARG A 646 0.06 -9.69 -34.08
CA ARG A 646 0.05 -8.31 -33.63
C ARG A 646 0.32 -8.20 -32.14
N ALA A 647 -0.02 -9.24 -31.37
CA ALA A 647 0.34 -9.29 -29.96
C ALA A 647 1.82 -9.58 -29.75
N GLY A 648 2.46 -10.29 -30.65
CA GLY A 648 3.89 -10.55 -30.53
C GLY A 648 4.30 -11.75 -31.36
N CYS A 649 5.24 -12.51 -30.82
CA CYS A 649 5.87 -13.64 -31.49
C CYS A 649 5.35 -14.94 -30.88
N LEU A 650 4.91 -15.85 -31.73
CA LEU A 650 4.33 -17.12 -31.29
C LEU A 650 5.22 -18.26 -31.76
N ILE A 651 5.66 -19.10 -30.82
CA ILE A 651 6.44 -20.30 -31.11
C ILE A 651 5.65 -21.50 -30.60
N GLY A 652 5.49 -22.50 -31.44
CA GLY A 652 4.79 -23.72 -31.07
C GLY A 652 3.46 -23.94 -31.73
N ALA A 653 3.11 -23.15 -32.74
CA ALA A 653 1.86 -23.31 -33.45
C ALA A 653 2.05 -23.02 -34.93
N GLU A 654 1.15 -23.58 -35.74
CA GLU A 654 1.13 -23.35 -37.18
C GLU A 654 -0.05 -22.45 -37.52
N HIS A 655 0.22 -21.43 -38.34
CA HIS A 655 -0.82 -20.50 -38.76
C HIS A 655 -1.75 -21.17 -39.77
N VAL A 656 -3.04 -21.12 -39.48
CA VAL A 656 -4.07 -21.79 -40.27
C VAL A 656 -5.01 -20.74 -40.85
N ASN A 657 -5.16 -20.76 -42.18
CA ASN A 657 -6.05 -19.83 -42.85
C ASN A 657 -7.53 -20.14 -42.62
N ASN A 658 -7.86 -21.39 -42.26
CA ASN A 658 -9.23 -21.76 -41.96
C ASN A 658 -9.64 -21.13 -40.62
N SER A 659 -10.93 -20.88 -40.47
CA SER A 659 -11.43 -20.02 -39.39
C SER A 659 -12.41 -20.76 -38.51
N TYR A 660 -12.23 -20.65 -37.20
CA TYR A 660 -13.08 -21.31 -36.22
C TYR A 660 -13.34 -20.35 -35.05
N GLU A 661 -13.92 -20.90 -33.99
CA GLU A 661 -14.33 -20.12 -32.83
C GLU A 661 -13.18 -19.98 -31.81
N CYS A 662 -13.36 -19.05 -30.86
CA CYS A 662 -12.29 -18.76 -29.91
C CYS A 662 -12.35 -19.67 -28.69
N ASP A 663 -11.28 -20.44 -28.50
CA ASP A 663 -11.10 -21.24 -27.30
C ASP A 663 -10.22 -20.52 -26.29
N ILE A 664 -9.01 -20.14 -26.68
CA ILE A 664 -8.05 -19.49 -25.80
C ILE A 664 -7.70 -18.14 -26.43
N PRO A 665 -7.80 -17.03 -25.69
CA PRO A 665 -7.42 -15.74 -26.26
C PRO A 665 -5.92 -15.55 -26.28
N ILE A 666 -5.42 -14.86 -27.29
CA ILE A 666 -4.03 -14.43 -27.38
C ILE A 666 -3.93 -12.92 -27.58
N GLY A 667 -4.63 -12.39 -28.57
CA GLY A 667 -4.63 -10.97 -28.84
C GLY A 667 -4.86 -10.69 -30.32
N ALA A 668 -5.56 -9.58 -30.58
CA ALA A 668 -5.95 -9.07 -31.91
C ALA A 668 -6.73 -10.11 -32.72
N GLY A 669 -7.63 -10.83 -32.04
CA GLY A 669 -8.48 -11.80 -32.68
C GLY A 669 -7.83 -13.13 -33.01
N ILE A 670 -6.63 -13.38 -32.53
CA ILE A 670 -5.95 -14.65 -32.75
C ILE A 670 -6.30 -15.58 -31.61
N CYS A 671 -6.89 -16.73 -31.94
CA CYS A 671 -7.27 -17.72 -30.97
C CYS A 671 -6.72 -19.08 -31.36
N ALA A 672 -6.50 -19.92 -30.34
CA ALA A 672 -5.86 -21.21 -30.53
C ALA A 672 -6.62 -22.26 -29.74
N SER A 673 -6.47 -23.51 -30.16
CA SER A 673 -7.10 -24.66 -29.52
C SER A 673 -6.27 -25.89 -29.83
N TYR A 674 -6.85 -27.06 -29.59
CA TYR A 674 -6.18 -28.33 -29.80
C TYR A 674 -7.00 -29.17 -30.78
N GLN A 675 -6.30 -29.83 -31.72
CA GLN A 675 -6.95 -30.69 -32.70
C GLN A 675 -6.14 -31.96 -32.99
N THR A 676 -5.22 -32.32 -32.08
CA THR A 676 -4.28 -33.45 -32.17
C THR A 676 -3.45 -33.46 -33.46
N SER A 691 -1.37 -31.29 -32.15
CA SER A 691 -1.00 -30.12 -32.92
C SER A 691 -1.82 -28.90 -32.52
N ILE A 692 -1.16 -27.94 -31.85
CA ILE A 692 -1.79 -26.67 -31.49
C ILE A 692 -1.80 -25.77 -32.72
N ILE A 693 -2.98 -25.36 -33.15
CA ILE A 693 -3.13 -24.56 -34.36
C ILE A 693 -3.45 -23.12 -34.00
N ALA A 694 -2.99 -22.21 -34.84
CA ALA A 694 -3.27 -20.79 -34.70
C ALA A 694 -4.02 -20.33 -35.94
N TYR A 695 -5.05 -19.49 -35.74
CA TYR A 695 -5.95 -19.17 -36.85
C TYR A 695 -6.60 -17.82 -36.59
N THR A 696 -7.07 -17.21 -37.67
CA THR A 696 -7.93 -16.04 -37.62
C THR A 696 -9.32 -16.51 -37.21
N MET A 697 -9.86 -15.93 -36.16
CA MET A 697 -11.03 -16.49 -35.51
C MET A 697 -12.32 -15.95 -36.14
N SER A 698 -13.24 -16.87 -36.41
CA SER A 698 -14.54 -16.57 -37.01
C SER A 698 -15.59 -16.39 -35.93
N LEU A 699 -16.38 -15.34 -36.06
CA LEU A 699 -17.38 -14.99 -35.05
C LEU A 699 -18.57 -15.92 -35.04
N GLY A 700 -18.98 -16.43 -36.20
CA GLY A 700 -20.19 -17.21 -36.28
C GLY A 700 -20.50 -17.57 -37.71
N ALA A 701 -21.73 -18.03 -37.92
CA ALA A 701 -22.12 -18.58 -39.21
C ALA A 701 -22.78 -17.53 -40.09
N GLU A 702 -22.79 -17.80 -41.39
CA GLU A 702 -23.54 -17.00 -42.35
C GLU A 702 -25.03 -17.21 -42.18
N ASN A 703 -25.78 -16.11 -42.25
CA ASN A 703 -27.23 -16.20 -42.11
C ASN A 703 -27.86 -15.04 -42.87
N SER A 704 -28.73 -15.38 -43.82
CA SER A 704 -29.44 -14.39 -44.63
C SER A 704 -30.70 -15.05 -45.18
N VAL A 705 -31.87 -14.66 -44.68
CA VAL A 705 -33.12 -15.12 -45.26
C VAL A 705 -33.50 -14.10 -46.34
N ALA A 706 -34.33 -14.52 -47.29
CA ALA A 706 -34.80 -13.63 -48.36
C ALA A 706 -35.76 -12.60 -47.78
N TYR A 707 -35.25 -11.37 -47.67
CA TYR A 707 -36.05 -10.25 -47.20
C TYR A 707 -37.08 -9.87 -48.26
N SER A 708 -38.28 -9.54 -47.80
CA SER A 708 -39.39 -9.29 -48.70
C SER A 708 -40.35 -8.30 -48.06
N ASN A 709 -40.85 -7.39 -48.89
CA ASN A 709 -41.91 -6.48 -48.50
C ASN A 709 -43.29 -7.12 -48.57
N ASN A 710 -43.42 -8.31 -49.14
CA ASN A 710 -44.71 -8.96 -49.35
C ASN A 710 -44.71 -10.39 -48.81
N SER A 711 -43.89 -10.65 -47.80
CA SER A 711 -43.85 -11.96 -47.17
C SER A 711 -43.42 -11.82 -45.71
N ILE A 712 -43.89 -12.76 -44.88
CA ILE A 712 -43.57 -12.76 -43.46
C ILE A 712 -43.26 -14.22 -43.10
N ALA A 713 -42.46 -14.39 -42.04
CA ALA A 713 -42.18 -15.70 -41.50
C ALA A 713 -42.80 -15.81 -40.11
N ILE A 714 -43.69 -16.78 -39.93
CA ILE A 714 -44.41 -16.95 -38.68
C ILE A 714 -44.04 -18.31 -38.09
N PRO A 715 -43.62 -18.39 -36.83
CA PRO A 715 -43.36 -19.69 -36.22
C PRO A 715 -44.64 -20.44 -35.93
N THR A 716 -44.62 -21.73 -36.25
CA THR A 716 -45.80 -22.57 -36.13
C THR A 716 -45.78 -23.47 -34.92
N ASN A 717 -44.59 -23.75 -34.36
CA ASN A 717 -44.50 -24.69 -33.26
C ASN A 717 -43.64 -23.99 -32.21
N PHE A 718 -43.31 -24.70 -31.13
CA PHE A 718 -42.63 -24.11 -29.98
C PHE A 718 -41.59 -25.07 -29.46
N THR A 719 -40.64 -24.52 -28.71
CA THR A 719 -39.81 -25.32 -27.81
C THR A 719 -39.65 -24.57 -26.49
N ILE A 720 -39.44 -25.34 -25.43
CA ILE A 720 -39.27 -24.79 -24.09
C ILE A 720 -37.82 -24.97 -23.71
N SER A 721 -37.14 -23.87 -23.41
CA SER A 721 -35.76 -23.90 -23.00
C SER A 721 -35.65 -23.37 -21.58
N VAL A 722 -34.83 -24.04 -20.78
CA VAL A 722 -34.51 -23.59 -19.43
C VAL A 722 -32.99 -23.58 -19.30
N THR A 723 -32.47 -22.62 -18.54
CA THR A 723 -31.04 -22.40 -18.46
C THR A 723 -30.66 -22.06 -17.04
N THR A 724 -29.37 -21.78 -16.82
CA THR A 724 -28.87 -21.38 -15.53
C THR A 724 -28.30 -19.96 -15.58
N GLU A 725 -28.41 -19.27 -14.45
CA GLU A 725 -27.76 -18.00 -14.22
C GLU A 725 -27.14 -18.05 -12.83
N ILE A 726 -25.87 -17.65 -12.75
CA ILE A 726 -25.10 -17.81 -11.52
C ILE A 726 -24.64 -16.42 -11.08
N LEU A 727 -24.96 -16.06 -9.84
CA LEU A 727 -24.60 -14.75 -9.32
C LEU A 727 -24.31 -14.85 -7.82
N PRO A 728 -23.16 -14.35 -7.36
CA PRO A 728 -22.85 -14.41 -5.93
C PRO A 728 -23.56 -13.31 -5.16
N VAL A 729 -23.68 -13.51 -3.85
CA VAL A 729 -24.18 -12.44 -2.97
C VAL A 729 -23.20 -12.09 -1.84
N SER A 730 -22.39 -13.02 -1.33
CA SER A 730 -21.73 -12.75 -0.07
C SER A 730 -20.37 -13.43 -0.03
N MET A 731 -19.70 -13.26 1.11
CA MET A 731 -18.37 -13.79 1.37
C MET A 731 -18.19 -13.98 2.86
N THR A 732 -17.03 -14.52 3.23
CA THR A 732 -16.78 -14.94 4.61
C THR A 732 -16.56 -13.75 5.52
N LYS A 733 -17.36 -13.69 6.59
CA LYS A 733 -17.44 -12.54 7.47
C LYS A 733 -16.17 -12.50 8.32
N THR A 734 -15.24 -11.63 7.95
CA THR A 734 -13.90 -11.65 8.52
C THR A 734 -13.68 -10.37 9.34
N SER A 735 -13.35 -10.55 10.61
CA SER A 735 -12.95 -9.46 11.49
C SER A 735 -11.53 -9.72 11.96
N VAL A 736 -10.68 -8.71 11.85
CA VAL A 736 -9.29 -8.85 12.28
C VAL A 736 -9.07 -7.89 13.45
N ASP A 737 -8.11 -8.22 14.29
CA ASP A 737 -7.61 -7.29 15.31
C ASP A 737 -6.27 -6.78 14.81
N CYS A 738 -5.99 -5.50 15.04
CA CYS A 738 -4.68 -4.97 14.67
C CYS A 738 -3.59 -5.51 15.60
N THR A 739 -3.74 -5.28 16.93
CA THR A 739 -2.65 -5.34 17.91
C THR A 739 -2.03 -6.72 18.03
N MET A 740 -2.86 -7.76 18.03
CA MET A 740 -2.34 -9.11 18.25
C MET A 740 -1.69 -9.66 16.99
N TYR A 741 -2.09 -9.15 15.82
CA TYR A 741 -1.32 -9.41 14.61
C TYR A 741 0.00 -8.66 14.62
N ILE A 742 -0.03 -7.36 14.91
CA ILE A 742 1.08 -6.50 14.48
C ILE A 742 2.15 -6.40 15.56
N CYS A 743 1.85 -6.87 16.76
CA CYS A 743 2.84 -6.88 17.84
C CYS A 743 3.21 -8.30 18.25
N GLY A 744 2.23 -9.21 18.20
CA GLY A 744 2.45 -10.57 18.67
C GLY A 744 2.42 -10.63 20.18
N ASP A 745 1.30 -10.14 20.75
CA ASP A 745 1.05 -9.80 22.16
C ASP A 745 2.28 -9.18 22.84
N SER A 746 2.78 -8.12 22.20
CA SER A 746 3.99 -7.45 22.68
C SER A 746 3.56 -6.19 23.44
N THR A 747 4.09 -6.03 24.65
CA THR A 747 3.72 -4.90 25.49
C THR A 747 4.33 -3.61 24.95
N GLU A 748 5.62 -3.65 24.57
CA GLU A 748 6.31 -2.43 24.14
C GLU A 748 5.88 -2.00 22.74
N CYS A 749 5.45 -2.95 21.89
CA CYS A 749 4.93 -2.59 20.57
C CYS A 749 3.59 -1.90 20.68
N SER A 750 2.76 -2.33 21.62
CA SER A 750 1.49 -1.66 21.88
C SER A 750 1.71 -0.34 22.62
N ASN A 751 2.82 -0.22 23.36
CA ASN A 751 3.18 1.06 23.96
C ASN A 751 3.62 2.05 22.89
N LEU A 752 4.30 1.56 21.85
CA LEU A 752 4.65 2.42 20.73
C LEU A 752 3.54 2.48 19.69
N LEU A 753 2.48 1.68 19.86
CA LEU A 753 1.33 1.84 18.97
C LEU A 753 0.46 3.02 19.38
N LEU A 754 0.55 3.42 20.66
CA LEU A 754 -0.22 4.56 21.17
C LEU A 754 0.24 5.90 20.59
N GLN A 755 1.47 5.96 20.09
CA GLN A 755 1.93 7.12 19.35
C GLN A 755 1.82 6.97 17.84
N TYR A 756 1.10 5.96 17.34
CA TYR A 756 0.63 5.93 15.96
C TYR A 756 -0.82 6.38 15.81
N GLY A 757 -1.40 6.94 16.85
CA GLY A 757 -2.71 7.57 16.74
C GLY A 757 -3.84 6.56 16.81
N SER A 758 -4.87 6.77 16.00
CA SER A 758 -6.13 6.03 16.07
C SER A 758 -6.37 5.27 14.77
N PHE A 759 -5.34 4.57 14.31
CA PHE A 759 -5.43 3.74 13.11
C PHE A 759 -6.36 2.55 13.33
N CYS A 760 -6.30 1.96 14.53
CA CYS A 760 -6.96 0.69 14.80
C CYS A 760 -8.49 0.83 14.86
N THR A 761 -9.00 1.98 15.30
CA THR A 761 -10.44 2.17 15.31
C THR A 761 -10.99 2.34 13.90
N GLN A 762 -10.18 2.90 12.99
CA GLN A 762 -10.59 2.98 11.60
C GLN A 762 -10.51 1.62 10.92
N LEU A 763 -9.52 0.81 11.29
CA LEU A 763 -9.42 -0.55 10.76
C LEU A 763 -10.57 -1.42 11.25
N ASN A 764 -10.91 -1.33 12.54
CA ASN A 764 -11.99 -2.12 13.11
C ASN A 764 -13.35 -1.67 12.59
N ARG A 765 -13.51 -0.36 12.36
CA ARG A 765 -14.76 0.15 11.81
C ARG A 765 -14.87 -0.17 10.32
N ALA A 766 -13.73 -0.36 9.64
CA ALA A 766 -13.75 -0.85 8.28
C ALA A 766 -14.16 -2.32 8.23
N LEU A 767 -13.58 -3.16 9.10
CA LEU A 767 -13.85 -4.59 9.05
C LEU A 767 -15.22 -5.00 9.60
N THR A 768 -15.80 -4.26 10.56
CA THR A 768 -17.17 -4.61 10.93
C THR A 768 -18.18 -4.09 9.91
N GLY A 769 -17.75 -3.11 9.11
CA GLY A 769 -18.55 -2.66 7.98
C GLY A 769 -18.74 -3.73 6.93
N ILE A 770 -17.73 -4.58 6.73
CA ILE A 770 -17.85 -5.73 5.82
C ILE A 770 -18.94 -6.68 6.31
N ALA A 771 -18.97 -6.93 7.62
CA ALA A 771 -19.93 -7.88 8.19
C ALA A 771 -21.35 -7.34 8.12
N VAL A 772 -21.54 -6.04 8.36
CA VAL A 772 -22.90 -5.50 8.26
C VAL A 772 -23.34 -5.36 6.81
N GLU A 773 -22.40 -5.19 5.86
CA GLU A 773 -22.77 -5.29 4.44
C GLU A 773 -23.17 -6.69 4.03
N GLN A 774 -22.47 -7.73 4.51
CA GLN A 774 -22.84 -9.10 4.11
C GLN A 774 -24.18 -9.52 4.69
N ASP A 775 -24.44 -9.12 5.95
CA ASP A 775 -25.74 -9.39 6.55
C ASP A 775 -26.85 -8.58 5.87
N LYS A 776 -26.54 -7.35 5.45
CA LYS A 776 -27.53 -6.53 4.76
C LYS A 776 -27.81 -7.05 3.35
N ASN A 777 -26.78 -7.60 2.68
CA ASN A 777 -26.98 -8.16 1.34
C ASN A 777 -27.83 -9.43 1.38
N THR A 778 -27.55 -10.32 2.34
CA THR A 778 -28.35 -11.55 2.43
C THR A 778 -29.77 -11.26 2.90
N GLN A 779 -29.93 -10.28 3.80
CA GLN A 779 -31.25 -9.84 4.24
C GLN A 779 -32.02 -9.14 3.13
N GLU A 780 -31.30 -8.46 2.23
CA GLU A 780 -31.96 -7.80 1.10
C GLU A 780 -32.39 -8.80 0.05
N VAL A 781 -31.59 -9.85 -0.18
CA VAL A 781 -31.91 -10.73 -1.30
C VAL A 781 -32.97 -11.77 -0.88
N PHE A 782 -32.88 -12.31 0.35
CA PHE A 782 -33.67 -13.50 0.66
C PHE A 782 -34.73 -13.28 1.71
N ALA A 783 -34.73 -12.14 2.40
CA ALA A 783 -35.84 -11.80 3.30
C ALA A 783 -36.67 -10.73 2.62
N GLN A 784 -37.57 -11.20 1.74
CA GLN A 784 -38.40 -10.32 0.93
C GLN A 784 -39.88 -10.63 1.12
N VAL A 785 -40.20 -11.71 1.82
CA VAL A 785 -41.56 -12.23 1.91
C VAL A 785 -41.97 -12.22 3.38
N LYS A 786 -43.16 -11.67 3.66
CA LYS A 786 -43.65 -11.47 5.02
C LYS A 786 -43.92 -12.79 5.73
N GLN A 787 -44.62 -13.70 5.09
CA GLN A 787 -45.01 -14.95 5.72
C GLN A 787 -44.13 -16.09 5.21
N ILE A 788 -44.38 -17.29 5.75
CA ILE A 788 -43.67 -18.49 5.32
C ILE A 788 -44.74 -19.43 4.76
N TYR A 789 -44.74 -19.60 3.45
CA TYR A 789 -45.73 -20.45 2.81
C TYR A 789 -45.26 -21.89 2.77
N LYS A 790 -46.21 -22.80 2.57
CA LYS A 790 -45.93 -24.22 2.51
C LYS A 790 -46.55 -24.84 1.28
N THR A 791 -45.88 -25.80 0.73
CA THR A 791 -46.41 -26.62 -0.33
C THR A 791 -47.47 -27.58 0.21
N PRO A 792 -48.50 -27.91 -0.56
CA PRO A 792 -49.44 -28.93 -0.10
C PRO A 792 -48.84 -30.31 -0.21
N PRO A 793 -49.30 -31.26 0.61
CA PRO A 793 -48.79 -32.63 0.51
C PRO A 793 -49.26 -33.36 -0.74
N ILE A 794 -50.54 -33.27 -1.09
CA ILE A 794 -51.06 -33.85 -2.32
C ILE A 794 -50.70 -32.91 -3.45
N LYS A 795 -49.79 -33.34 -4.31
CA LYS A 795 -49.19 -32.49 -5.33
C LYS A 795 -49.86 -32.79 -6.67
N ASP A 796 -51.01 -32.17 -6.89
CA ASP A 796 -51.77 -32.30 -8.13
C ASP A 796 -51.65 -31.04 -8.98
N PHE A 797 -50.57 -30.98 -9.76
CA PHE A 797 -50.26 -29.81 -10.58
C PHE A 797 -50.66 -30.01 -12.04
N GLY A 798 -51.60 -30.89 -12.30
CA GLY A 798 -52.11 -31.10 -13.65
C GLY A 798 -51.17 -31.82 -14.59
N GLY A 799 -50.23 -32.61 -14.05
CA GLY A 799 -49.29 -33.36 -14.87
C GLY A 799 -47.90 -32.75 -14.88
N PHE A 800 -47.75 -31.53 -14.36
CA PHE A 800 -46.45 -30.89 -14.31
C PHE A 800 -45.62 -31.50 -13.18
N ASN A 801 -44.30 -31.34 -13.29
CA ASN A 801 -43.35 -32.01 -12.41
C ASN A 801 -42.43 -30.97 -11.78
N PHE A 802 -42.40 -30.93 -10.44
CA PHE A 802 -41.47 -30.11 -9.69
C PHE A 802 -40.74 -30.92 -8.63
N SER A 803 -40.60 -32.24 -8.86
CA SER A 803 -40.06 -33.13 -7.83
C SER A 803 -38.56 -32.97 -7.66
N GLN A 804 -37.87 -32.40 -8.64
CA GLN A 804 -36.45 -32.15 -8.52
C GLN A 804 -36.11 -31.01 -7.58
N ILE A 805 -37.04 -30.11 -7.30
CA ILE A 805 -36.69 -28.81 -6.77
C ILE A 805 -37.55 -28.42 -5.56
N LEU A 806 -38.66 -29.13 -5.31
CA LEU A 806 -39.33 -29.05 -4.02
C LEU A 806 -38.44 -29.66 -2.94
N PRO A 807 -38.47 -29.10 -1.71
CA PRO A 807 -37.56 -29.57 -0.66
C PRO A 807 -37.89 -30.97 -0.17
N ASP A 808 -36.84 -31.71 0.16
CA ASP A 808 -36.94 -33.13 0.48
C ASP A 808 -36.97 -33.31 1.99
N PRO A 809 -38.08 -33.78 2.58
CA PRO A 809 -38.08 -34.06 4.02
C PRO A 809 -37.41 -35.38 4.38
N SER A 810 -37.08 -36.21 3.39
CA SER A 810 -36.35 -37.45 3.65
C SER A 810 -34.92 -37.17 4.09
N LYS A 811 -34.33 -36.12 3.53
CA LYS A 811 -33.01 -35.67 3.99
C LYS A 811 -33.15 -34.97 5.34
N PRO A 812 -32.16 -35.12 6.25
CA PRO A 812 -32.25 -34.42 7.54
C PRO A 812 -31.91 -32.94 7.44
N SER A 813 -31.35 -32.53 6.31
CA SER A 813 -31.13 -31.11 6.04
C SER A 813 -32.42 -30.39 5.64
N LYS A 814 -33.46 -31.15 5.26
CA LYS A 814 -34.73 -30.65 4.69
C LYS A 814 -34.48 -29.77 3.47
N ARG A 815 -33.79 -30.33 2.48
CA ARG A 815 -33.20 -29.57 1.40
C ARG A 815 -33.41 -30.29 0.07
N SER A 816 -33.67 -29.51 -0.98
CA SER A 816 -33.96 -30.05 -2.29
C SER A 816 -32.68 -30.57 -2.96
N PRO A 817 -32.74 -31.69 -3.70
CA PRO A 817 -31.49 -32.38 -4.06
C PRO A 817 -30.74 -31.77 -5.23
N ILE A 818 -31.33 -30.81 -5.94
CA ILE A 818 -30.55 -30.06 -6.92
C ILE A 818 -29.54 -29.13 -6.23
N GLU A 819 -29.97 -28.37 -5.21
CA GLU A 819 -29.04 -27.48 -4.56
C GLU A 819 -28.22 -28.22 -3.50
N ASP A 820 -28.59 -29.46 -3.18
CA ASP A 820 -27.68 -30.33 -2.45
C ASP A 820 -26.46 -30.67 -3.29
N LEU A 821 -26.65 -30.90 -4.59
CA LEU A 821 -25.50 -31.12 -5.47
C LEU A 821 -24.76 -29.81 -5.76
N LEU A 822 -25.48 -28.67 -5.73
CA LEU A 822 -24.78 -27.39 -5.71
C LEU A 822 -23.94 -27.19 -4.45
N PHE A 823 -24.41 -27.67 -3.30
CA PHE A 823 -23.57 -27.67 -2.10
C PHE A 823 -22.41 -28.66 -2.23
N ASN A 824 -22.64 -29.76 -2.92
CA ASN A 824 -21.64 -30.81 -3.05
C ASN A 824 -20.51 -30.36 -3.96
N LYS A 825 -20.83 -29.61 -5.02
CA LYS A 825 -19.83 -29.22 -6.00
C LYS A 825 -18.88 -28.15 -5.50
N VAL A 826 -19.30 -27.30 -4.56
CA VAL A 826 -18.41 -26.30 -4.02
C VAL A 826 -17.63 -26.87 -2.83
N THR A 827 -16.31 -26.83 -2.92
CA THR A 827 -15.41 -27.25 -1.85
C THR A 827 -14.29 -26.23 -1.75
N LEU A 828 -13.75 -26.05 -0.56
CA LEU A 828 -12.65 -25.11 -0.36
C LEU A 828 -11.35 -25.78 -0.80
N ALA A 852 -9.85 -19.67 7.08
CA ALA A 852 -10.57 -20.85 7.53
C ALA A 852 -9.98 -21.38 8.84
N GLN A 853 -8.72 -21.03 9.10
CA GLN A 853 -8.03 -21.45 10.31
C GLN A 853 -7.96 -20.25 11.24
N LYS A 854 -7.58 -20.49 12.49
CA LYS A 854 -7.63 -19.46 13.53
C LYS A 854 -6.25 -19.28 14.14
N PHE A 855 -5.51 -18.30 13.66
CA PHE A 855 -4.23 -17.88 14.23
C PHE A 855 -4.01 -16.43 13.86
N ASN A 856 -3.06 -15.80 14.54
CA ASN A 856 -2.57 -14.42 14.35
C ASN A 856 -3.65 -13.36 14.54
N GLY A 857 -4.66 -13.62 15.36
CA GLY A 857 -5.74 -12.67 15.55
C GLY A 857 -6.78 -12.66 14.46
N LEU A 858 -6.73 -13.58 13.51
CA LEU A 858 -7.73 -13.71 12.46
C LEU A 858 -8.83 -14.65 12.92
N THR A 859 -10.07 -14.30 12.61
CA THR A 859 -11.21 -15.14 12.97
C THR A 859 -12.29 -15.02 11.92
N VAL A 860 -13.20 -15.98 11.91
CA VAL A 860 -14.39 -15.96 11.05
C VAL A 860 -15.61 -15.95 11.95
N LEU A 861 -16.25 -14.85 12.01
CA LEU A 861 -17.51 -14.65 12.69
C LEU A 861 -18.64 -15.25 11.86
N PRO A 862 -19.57 -15.96 12.48
CA PRO A 862 -20.54 -16.76 11.71
C PRO A 862 -21.63 -15.88 11.09
N PRO A 863 -22.26 -16.33 10.01
CA PRO A 863 -23.38 -15.57 9.44
C PRO A 863 -24.61 -15.56 10.34
N LEU A 864 -25.34 -14.46 10.25
CA LEU A 864 -26.58 -14.29 11.00
C LEU A 864 -27.67 -15.24 10.52
N LEU A 865 -27.75 -15.46 9.21
CA LEU A 865 -28.69 -16.41 8.64
C LEU A 865 -27.96 -17.70 8.36
N THR A 866 -28.38 -18.77 9.02
CA THR A 866 -27.86 -20.10 8.73
C THR A 866 -28.45 -20.61 7.43
N ASP A 867 -27.84 -21.68 6.91
CA ASP A 867 -28.17 -22.17 5.57
C ASP A 867 -29.53 -22.86 5.53
N GLU A 868 -29.99 -23.39 6.67
CA GLU A 868 -31.32 -24.02 6.70
C GLU A 868 -32.43 -22.99 6.64
N MET A 869 -32.21 -21.79 7.19
CA MET A 869 -33.18 -20.72 7.03
C MET A 869 -33.14 -20.15 5.61
N ILE A 870 -31.98 -20.22 4.97
CA ILE A 870 -31.87 -19.87 3.55
C ILE A 870 -32.67 -20.85 2.70
N ALA A 871 -32.57 -22.14 3.01
CA ALA A 871 -33.32 -23.16 2.29
C ALA A 871 -34.82 -23.06 2.56
N GLN A 872 -35.19 -22.67 3.79
CA GLN A 872 -36.59 -22.46 4.12
C GLN A 872 -37.15 -21.23 3.40
N TYR A 873 -36.33 -20.19 3.24
CA TYR A 873 -36.74 -19.02 2.45
C TYR A 873 -36.91 -19.37 0.97
N THR A 874 -36.01 -20.20 0.42
CA THR A 874 -36.18 -20.62 -0.97
C THR A 874 -37.40 -21.53 -1.15
N SER A 875 -37.72 -22.34 -0.14
CA SER A 875 -38.95 -23.12 -0.17
C SER A 875 -40.18 -22.23 -0.07
N ALA A 876 -40.09 -21.14 0.69
CA ALA A 876 -41.22 -20.22 0.82
C ALA A 876 -41.46 -19.44 -0.48
N LEU A 877 -40.37 -18.98 -1.12
CA LEU A 877 -40.48 -18.35 -2.44
C LEU A 877 -40.97 -19.32 -3.51
N LEU A 878 -40.54 -20.58 -3.46
CA LEU A 878 -41.00 -21.57 -4.43
C LEU A 878 -42.47 -21.92 -4.22
N ALA A 879 -42.91 -22.01 -2.96
CA ALA A 879 -44.31 -22.28 -2.65
C ALA A 879 -45.21 -21.11 -3.06
N GLY A 880 -44.72 -19.88 -2.87
CA GLY A 880 -45.44 -18.71 -3.35
C GLY A 880 -45.54 -18.65 -4.87
N THR A 881 -44.43 -18.89 -5.57
CA THR A 881 -44.44 -18.73 -7.01
C THR A 881 -45.06 -19.92 -7.74
N ILE A 882 -45.30 -21.04 -7.06
CA ILE A 882 -46.11 -22.09 -7.68
C ILE A 882 -47.57 -21.94 -7.28
N THR A 883 -47.87 -22.00 -5.98
CA THR A 883 -49.25 -22.07 -5.53
C THR A 883 -50.00 -20.74 -5.63
N SER A 884 -49.35 -19.61 -5.41
CA SER A 884 -50.08 -18.36 -5.37
C SER A 884 -49.79 -17.43 -6.54
N GLY A 885 -48.90 -17.80 -7.45
CA GLY A 885 -48.52 -16.89 -8.53
C GLY A 885 -47.68 -15.75 -8.00
N TRP A 886 -47.92 -14.56 -8.53
CA TRP A 886 -47.23 -13.36 -8.08
C TRP A 886 -48.10 -12.46 -7.23
N THR A 887 -49.25 -12.96 -6.76
CA THR A 887 -50.15 -12.15 -5.94
C THR A 887 -49.59 -11.93 -4.55
N PHE A 888 -48.77 -12.86 -4.05
CA PHE A 888 -48.17 -12.70 -2.74
C PHE A 888 -47.04 -11.68 -2.74
N GLY A 889 -46.45 -11.40 -3.91
CA GLY A 889 -45.42 -10.38 -3.99
C GLY A 889 -45.91 -8.96 -3.87
N ALA A 890 -47.20 -8.74 -4.13
CA ALA A 890 -47.82 -7.43 -3.96
C ALA A 890 -48.88 -7.40 -2.88
N GLY A 891 -49.45 -8.56 -2.53
CA GLY A 891 -50.48 -8.62 -1.52
C GLY A 891 -50.62 -9.99 -0.88
N PRO A 892 -51.85 -10.44 -0.71
CA PRO A 892 -52.08 -11.75 -0.08
C PRO A 892 -51.86 -12.89 -1.06
N ALA A 893 -51.75 -14.10 -0.53
CA ALA A 893 -51.68 -15.28 -1.37
C ALA A 893 -53.05 -15.60 -1.95
N LEU A 894 -53.23 -15.28 -3.23
CA LEU A 894 -54.44 -15.64 -3.96
C LEU A 894 -54.22 -16.97 -4.65
N GLN A 895 -55.17 -17.88 -4.45
CA GLN A 895 -55.01 -19.26 -4.87
C GLN A 895 -55.48 -19.49 -6.30
N ILE A 896 -54.52 -19.78 -7.16
CA ILE A 896 -54.74 -20.08 -8.57
C ILE A 896 -54.09 -21.43 -8.88
N PRO A 897 -54.61 -22.22 -9.81
CA PRO A 897 -53.90 -23.45 -10.20
C PRO A 897 -52.88 -23.18 -11.29
N PHE A 898 -52.01 -24.17 -11.51
CA PHE A 898 -50.84 -23.96 -12.35
C PHE A 898 -51.11 -23.96 -13.87
N PRO A 899 -52.00 -24.80 -14.46
CA PRO A 899 -52.37 -24.53 -15.87
C PRO A 899 -53.10 -23.22 -16.08
N MET A 900 -53.83 -22.71 -15.08
CA MET A 900 -54.36 -21.36 -15.17
C MET A 900 -53.25 -20.33 -15.11
N GLN A 901 -52.20 -20.61 -14.32
CA GLN A 901 -51.09 -19.67 -14.17
C GLN A 901 -50.25 -19.60 -15.44
N MET A 902 -50.01 -20.74 -16.08
CA MET A 902 -49.26 -20.75 -17.34
C MET A 902 -50.06 -20.12 -18.48
N ALA A 903 -51.38 -20.29 -18.45
CA ALA A 903 -52.24 -19.63 -19.43
C ALA A 903 -52.31 -18.14 -19.19
N TYR A 904 -52.16 -17.69 -17.95
CA TYR A 904 -52.10 -16.26 -17.68
C TYR A 904 -50.77 -15.69 -18.16
N ARG A 905 -49.68 -16.43 -17.94
CA ARG A 905 -48.36 -15.93 -18.34
C ARG A 905 -48.17 -15.99 -19.85
N PHE A 906 -48.93 -16.86 -20.54
CA PHE A 906 -48.91 -16.85 -22.00
C PHE A 906 -49.61 -15.61 -22.55
N ASN A 907 -50.58 -15.06 -21.83
CA ASN A 907 -51.29 -13.88 -22.32
C ASN A 907 -50.47 -12.61 -22.15
N GLY A 908 -49.44 -12.65 -21.31
CA GLY A 908 -48.49 -11.56 -21.24
C GLY A 908 -47.63 -11.41 -22.48
N ILE A 909 -47.28 -12.52 -23.13
CA ILE A 909 -46.37 -12.51 -24.26
C ILE A 909 -47.10 -12.72 -25.59
N GLY A 910 -48.42 -12.53 -25.61
CA GLY A 910 -49.15 -12.57 -26.86
C GLY A 910 -49.61 -13.94 -27.32
N VAL A 911 -49.73 -14.90 -26.41
CA VAL A 911 -50.17 -16.25 -26.74
C VAL A 911 -51.56 -16.47 -26.17
N THR A 912 -52.47 -16.98 -27.01
CA THR A 912 -53.84 -17.23 -26.61
C THR A 912 -53.87 -18.45 -25.67
N GLN A 913 -54.87 -18.47 -24.76
CA GLN A 913 -54.97 -19.48 -23.71
C GLN A 913 -55.27 -20.88 -24.25
N ASN A 914 -55.84 -20.97 -25.47
CA ASN A 914 -56.39 -22.23 -25.94
C ASN A 914 -55.32 -23.21 -26.39
N VAL A 915 -54.16 -22.72 -26.83
CA VAL A 915 -53.15 -23.62 -27.38
C VAL A 915 -52.39 -24.37 -26.30
N LEU A 916 -52.35 -23.83 -25.08
CA LEU A 916 -51.82 -24.60 -23.95
C LEU A 916 -52.80 -25.66 -23.50
N TYR A 917 -54.09 -25.35 -23.47
CA TYR A 917 -55.10 -26.27 -22.97
C TYR A 917 -55.40 -27.39 -23.95
N GLU A 918 -55.02 -27.23 -25.22
CA GLU A 918 -55.01 -28.35 -26.15
C GLU A 918 -53.70 -29.12 -26.13
N ASN A 919 -52.65 -28.58 -25.50
CA ASN A 919 -51.33 -29.22 -25.51
C ASN A 919 -50.69 -29.26 -24.13
N GLN A 920 -51.48 -29.52 -23.08
CA GLN A 920 -51.00 -29.42 -21.70
C GLN A 920 -49.99 -30.51 -21.35
N LYS A 921 -50.23 -31.72 -21.85
CA LYS A 921 -49.37 -32.86 -21.57
C LYS A 921 -48.01 -32.70 -22.26
N LEU A 922 -47.99 -32.09 -23.45
CA LEU A 922 -46.73 -31.90 -24.16
C LEU A 922 -45.87 -30.82 -23.51
N ILE A 923 -46.49 -29.74 -23.02
CA ILE A 923 -45.78 -28.70 -22.28
C ILE A 923 -45.25 -29.25 -20.96
N ALA A 924 -46.06 -30.07 -20.28
CA ALA A 924 -45.63 -30.67 -19.01
C ALA A 924 -44.51 -31.69 -19.22
N ASN A 925 -44.58 -32.47 -20.30
CA ASN A 925 -43.55 -33.45 -20.60
C ASN A 925 -42.24 -32.81 -21.02
N GLN A 926 -42.32 -31.75 -21.85
CA GLN A 926 -41.11 -31.08 -22.30
C GLN A 926 -40.49 -30.26 -21.18
N PHE A 927 -41.31 -29.73 -20.28
CA PHE A 927 -40.80 -28.99 -19.13
C PHE A 927 -40.17 -29.95 -18.12
N ASN A 928 -40.75 -31.14 -17.97
CA ASN A 928 -40.18 -32.15 -17.09
C ASN A 928 -38.87 -32.70 -17.64
N SER A 929 -38.78 -32.83 -18.97
CA SER A 929 -37.54 -33.28 -19.58
C SER A 929 -36.47 -32.19 -19.53
N ALA A 930 -36.89 -30.93 -19.62
CA ALA A 930 -35.92 -29.83 -19.60
C ALA A 930 -35.42 -29.57 -18.17
N ILE A 931 -36.28 -29.76 -17.17
CA ILE A 931 -35.88 -29.64 -15.77
C ILE A 931 -34.90 -30.75 -15.39
N GLY A 932 -35.11 -31.95 -15.95
CA GLY A 932 -34.23 -33.07 -15.64
C GLY A 932 -32.87 -32.96 -16.29
N LYS A 933 -32.75 -32.14 -17.34
CA LYS A 933 -31.45 -31.94 -17.96
C LYS A 933 -30.60 -30.92 -17.21
N ILE A 934 -31.20 -30.21 -16.25
CA ILE A 934 -30.47 -29.20 -15.48
C ILE A 934 -29.47 -29.88 -14.54
N GLN A 935 -29.89 -31.00 -13.93
CA GLN A 935 -28.97 -31.82 -13.14
C GLN A 935 -27.91 -32.48 -14.02
N ASP A 936 -28.27 -32.82 -15.26
CA ASP A 936 -27.32 -33.40 -16.19
C ASP A 936 -26.33 -32.38 -16.70
N SER A 937 -26.78 -31.13 -16.90
CA SER A 937 -25.88 -30.08 -17.37
C SER A 937 -24.93 -29.60 -16.28
N LEU A 938 -25.36 -29.61 -15.03
CA LEU A 938 -24.48 -29.25 -13.93
C LEU A 938 -23.56 -30.39 -13.51
N SER A 939 -24.04 -31.63 -13.57
CA SER A 939 -23.27 -32.79 -13.11
C SER A 939 -22.10 -33.13 -14.02
N SER A 940 -22.14 -32.71 -15.28
CA SER A 940 -21.04 -33.02 -16.20
C SER A 940 -20.25 -31.77 -16.59
N THR A 941 -20.38 -30.67 -15.85
CA THR A 941 -19.64 -29.46 -16.12
C THR A 941 -18.92 -29.01 -14.85
N PRO A 942 -17.58 -28.91 -14.87
CA PRO A 942 -16.85 -28.51 -13.66
C PRO A 942 -16.52 -27.03 -13.54
N SER A 943 -16.97 -26.20 -14.48
CA SER A 943 -16.59 -24.79 -14.50
C SER A 943 -17.79 -23.85 -14.56
N ALA A 944 -19.01 -24.38 -14.41
CA ALA A 944 -20.19 -23.53 -14.40
C ALA A 944 -20.32 -22.77 -13.09
N LEU A 945 -19.75 -23.31 -12.01
CA LEU A 945 -19.82 -22.70 -10.69
C LEU A 945 -18.59 -21.87 -10.37
N GLY A 946 -17.97 -21.26 -11.37
CA GLY A 946 -16.76 -20.49 -11.13
C GLY A 946 -17.05 -19.13 -10.51
N LYS A 947 -18.28 -18.64 -10.66
CA LYS A 947 -18.61 -17.29 -10.20
C LYS A 947 -18.80 -17.25 -8.69
N LEU A 948 -18.97 -18.40 -8.05
CA LEU A 948 -18.88 -18.46 -6.60
C LEU A 948 -17.51 -18.92 -6.14
N GLN A 949 -16.84 -19.72 -6.99
CA GLN A 949 -15.56 -20.30 -6.61
C GLN A 949 -14.44 -19.26 -6.62
N ASP A 950 -14.55 -18.25 -7.49
CA ASP A 950 -13.48 -17.27 -7.63
C ASP A 950 -13.42 -16.32 -6.44
N VAL A 951 -14.56 -16.04 -5.81
CA VAL A 951 -14.58 -15.20 -4.62
C VAL A 951 -13.95 -15.94 -3.44
N VAL A 952 -14.21 -17.25 -3.36
CA VAL A 952 -13.62 -18.10 -2.32
C VAL A 952 -12.12 -18.23 -2.53
N ASN A 953 -11.70 -18.36 -3.80
CA ASN A 953 -10.27 -18.45 -4.11
C ASN A 953 -9.57 -17.12 -3.89
N GLN A 954 -10.25 -16.01 -4.18
CA GLN A 954 -9.67 -14.69 -4.01
C GLN A 954 -9.50 -14.31 -2.54
N ASN A 955 -10.54 -14.53 -1.70
CA ASN A 955 -10.35 -14.16 -0.29
C ASN A 955 -9.51 -15.19 0.46
N ALA A 956 -9.46 -16.44 -0.03
CA ALA A 956 -8.54 -17.42 0.54
C ALA A 956 -7.09 -17.07 0.21
N GLN A 957 -6.81 -16.65 -1.02
CA GLN A 957 -5.45 -16.27 -1.37
C GLN A 957 -5.07 -14.92 -0.76
N ALA A 958 -6.05 -14.05 -0.54
CA ALA A 958 -5.79 -12.80 0.16
C ALA A 958 -5.46 -13.04 1.63
N LEU A 959 -6.17 -13.98 2.27
CA LEU A 959 -5.86 -14.35 3.64
C LEU A 959 -4.52 -15.06 3.75
N ASN A 960 -4.19 -15.89 2.74
CA ASN A 960 -2.88 -16.55 2.70
C ASN A 960 -1.75 -15.55 2.48
N THR A 961 -2.01 -14.51 1.68
CA THR A 961 -1.03 -13.44 1.48
C THR A 961 -0.84 -12.62 2.74
N LEU A 962 -1.91 -12.45 3.53
CA LEU A 962 -1.77 -11.81 4.83
C LEU A 962 -1.04 -12.71 5.83
N VAL A 963 -1.15 -14.03 5.67
CA VAL A 963 -0.33 -14.95 6.47
C VAL A 963 1.14 -14.87 6.06
N LYS A 964 1.42 -14.88 4.76
CA LYS A 964 2.79 -15.02 4.28
C LYS A 964 3.64 -13.76 4.47
N GLN A 965 3.00 -12.62 4.75
CA GLN A 965 3.77 -11.42 4.96
C GLN A 965 4.14 -11.20 6.42
N LEU A 966 3.93 -12.19 7.28
CA LEU A 966 4.45 -12.23 8.65
C LEU A 966 5.83 -12.80 8.74
N SER A 967 6.44 -13.12 7.60
CA SER A 967 7.79 -13.66 7.52
C SER A 967 8.65 -12.78 6.65
N SER A 968 8.57 -11.47 6.87
CA SER A 968 9.36 -10.50 6.14
C SER A 968 10.08 -9.63 7.16
N ASN A 969 11.36 -9.35 6.90
CA ASN A 969 12.16 -8.65 7.89
C ASN A 969 11.85 -7.16 7.89
N PHE A 970 11.39 -6.64 6.75
CA PHE A 970 11.01 -5.25 6.47
C PHE A 970 12.14 -4.27 6.73
N GLY A 971 13.40 -4.69 6.62
CA GLY A 971 14.53 -3.86 6.97
C GLY A 971 15.21 -4.21 8.27
N ALA A 972 14.68 -5.17 9.03
CA ALA A 972 15.28 -5.56 10.31
C ALA A 972 16.21 -6.76 10.11
N ILE A 973 16.81 -7.24 11.21
CA ILE A 973 17.72 -8.38 11.12
C ILE A 973 16.93 -9.67 10.95
N SER A 974 15.98 -9.92 11.84
CA SER A 974 15.18 -11.14 11.81
C SER A 974 13.72 -10.80 12.00
N SER A 975 12.87 -11.67 11.46
CA SER A 975 11.43 -11.44 11.46
C SER A 975 10.78 -11.76 12.80
N VAL A 976 11.47 -12.48 13.67
CA VAL A 976 11.03 -12.71 15.04
C VAL A 976 11.40 -11.48 15.84
N LEU A 977 10.47 -11.00 16.65
CA LEU A 977 10.74 -9.84 17.50
C LEU A 977 11.67 -10.19 18.65
N ASN A 978 11.72 -11.47 19.05
CA ASN A 978 12.50 -11.87 20.20
C ASN A 978 13.99 -11.91 19.88
N ASP A 979 14.34 -12.18 18.62
CA ASP A 979 15.75 -12.12 18.22
C ASP A 979 16.22 -10.67 18.09
N ILE A 980 15.30 -9.77 17.74
CA ILE A 980 15.58 -8.34 17.76
C ILE A 980 15.78 -7.86 19.19
N LEU A 981 14.92 -8.31 20.11
CA LEU A 981 14.98 -7.90 21.50
C LEU A 981 16.20 -8.45 22.23
N SER A 982 16.56 -9.70 21.93
CA SER A 982 17.66 -10.36 22.64
C SER A 982 19.01 -9.85 22.16
N ARG A 983 19.19 -9.71 20.85
CA ARG A 983 20.51 -9.42 20.30
C ARG A 983 20.76 -7.93 20.08
N LEU A 984 19.87 -7.06 20.51
CA LEU A 984 20.09 -5.63 20.39
C LEU A 984 19.67 -4.94 21.69
N ASP A 985 20.17 -3.74 21.89
CA ASP A 985 19.94 -2.72 22.89
C ASP A 985 18.56 -2.09 22.66
N PRO A 986 17.72 -1.95 23.69
CA PRO A 986 16.28 -1.70 23.44
C PRO A 986 15.95 -0.28 23.00
N PRO A 987 16.76 0.76 23.28
CA PRO A 987 16.64 1.98 22.47
C PRO A 987 17.09 1.84 21.02
N GLU A 988 17.86 0.81 20.66
CA GLU A 988 18.29 0.62 19.28
C GLU A 988 17.57 -0.52 18.60
N ALA A 989 16.74 -1.27 19.33
CA ALA A 989 15.80 -2.19 18.69
C ALA A 989 14.51 -1.50 18.30
N GLU A 990 14.36 -0.23 18.72
CA GLU A 990 13.21 0.60 18.35
C GLU A 990 13.13 0.85 16.85
N VAL A 991 14.26 1.07 16.21
CA VAL A 991 14.28 1.33 14.77
C VAL A 991 13.95 0.07 13.97
N GLN A 992 14.45 -1.11 14.39
CA GLN A 992 14.08 -2.36 13.73
C GLN A 992 12.61 -2.73 13.95
N ILE A 993 12.08 -2.53 15.16
CA ILE A 993 10.67 -2.82 15.39
C ILE A 993 9.80 -1.75 14.72
N ASP A 994 10.35 -0.57 14.45
CA ASP A 994 9.63 0.46 13.71
C ASP A 994 9.54 0.12 12.23
N ARG A 995 10.62 -0.44 11.66
CA ARG A 995 10.59 -1.03 10.31
C ARG A 995 9.55 -2.13 10.21
N LEU A 996 9.51 -3.02 11.21
CA LEU A 996 8.61 -4.16 11.18
C LEU A 996 7.15 -3.72 11.34
N ILE A 997 6.92 -2.68 12.15
CA ILE A 997 5.54 -2.27 12.42
C ILE A 997 5.01 -1.45 11.24
N THR A 998 5.90 -0.76 10.51
CA THR A 998 5.46 -0.04 9.32
C THR A 998 5.17 -0.99 8.18
N GLY A 999 5.95 -2.07 8.07
CA GLY A 999 5.66 -3.09 7.05
C GLY A 999 4.36 -3.83 7.31
N ARG A 1000 4.10 -4.19 8.57
CA ARG A 1000 2.82 -4.81 8.90
C ARG A 1000 1.65 -3.85 8.74
N LEU A 1001 1.86 -2.56 9.04
CA LEU A 1001 0.82 -1.54 8.88
C LEU A 1001 0.46 -1.36 7.41
N GLN A 1002 1.46 -1.36 6.52
CA GLN A 1002 1.18 -1.29 5.09
C GLN A 1002 0.51 -2.57 4.58
N SER A 1003 0.82 -3.72 5.20
CA SER A 1003 0.17 -4.97 4.82
C SER A 1003 -1.33 -4.97 5.17
N LEU A 1004 -1.68 -4.52 6.38
CA LEU A 1004 -3.10 -4.37 6.71
C LEU A 1004 -3.78 -3.28 5.89
N GLN A 1005 -3.06 -2.22 5.50
CA GLN A 1005 -3.70 -1.17 4.72
C GLN A 1005 -4.00 -1.62 3.29
N THR A 1006 -3.11 -2.41 2.68
CA THR A 1006 -3.43 -2.94 1.35
C THR A 1006 -4.44 -4.09 1.44
N TYR A 1007 -4.51 -4.77 2.60
CA TYR A 1007 -5.55 -5.77 2.80
C TYR A 1007 -6.94 -5.14 2.93
N VAL A 1008 -7.03 -4.05 3.69
CA VAL A 1008 -8.28 -3.28 3.82
C VAL A 1008 -8.68 -2.69 2.47
N THR A 1009 -7.69 -2.23 1.68
CA THR A 1009 -7.95 -1.71 0.34
C THR A 1009 -8.54 -2.75 -0.59
N GLN A 1010 -7.94 -3.95 -0.65
CA GLN A 1010 -8.45 -5.03 -1.50
C GLN A 1010 -9.81 -5.54 -1.03
N GLN A 1011 -10.01 -5.63 0.29
CA GLN A 1011 -11.28 -6.07 0.86
C GLN A 1011 -12.40 -5.09 0.56
N LEU A 1012 -12.13 -3.79 0.63
CA LEU A 1012 -13.22 -2.83 0.47
C LEU A 1012 -13.53 -2.55 -1.00
N ILE A 1013 -12.52 -2.67 -1.88
CA ILE A 1013 -12.80 -2.65 -3.33
C ILE A 1013 -13.61 -3.88 -3.75
N ARG A 1014 -13.32 -5.05 -3.15
CA ARG A 1014 -14.19 -6.19 -3.44
C ARG A 1014 -15.56 -6.07 -2.78
N ALA A 1015 -15.64 -5.35 -1.66
CA ALA A 1015 -16.91 -5.13 -0.97
C ALA A 1015 -17.87 -4.28 -1.78
N ALA A 1016 -17.36 -3.25 -2.47
CA ALA A 1016 -18.21 -2.44 -3.34
C ALA A 1016 -18.76 -3.24 -4.53
N GLU A 1017 -17.93 -4.12 -5.09
CA GLU A 1017 -18.34 -4.92 -6.24
C GLU A 1017 -19.36 -5.98 -5.83
N ILE A 1018 -19.22 -6.55 -4.63
CA ILE A 1018 -20.22 -7.53 -4.23
C ILE A 1018 -21.49 -6.85 -3.71
N ARG A 1019 -21.39 -5.58 -3.28
CA ARG A 1019 -22.60 -4.77 -3.11
C ARG A 1019 -23.37 -4.59 -4.41
N ALA A 1020 -22.65 -4.27 -5.50
CA ALA A 1020 -23.30 -4.09 -6.80
C ALA A 1020 -23.90 -5.40 -7.33
N SER A 1021 -23.16 -6.51 -7.15
CA SER A 1021 -23.66 -7.83 -7.56
C SER A 1021 -24.83 -8.28 -6.69
N ALA A 1022 -24.82 -7.93 -5.41
CA ALA A 1022 -25.91 -8.31 -4.53
C ALA A 1022 -27.17 -7.50 -4.77
N ASN A 1023 -27.02 -6.22 -5.11
CA ASN A 1023 -28.17 -5.40 -5.47
C ASN A 1023 -28.75 -5.84 -6.81
N LEU A 1024 -27.89 -6.26 -7.75
CA LEU A 1024 -28.35 -6.85 -8.99
C LEU A 1024 -29.05 -8.19 -8.74
N ALA A 1025 -28.57 -8.95 -7.76
CA ALA A 1025 -29.22 -10.21 -7.39
C ALA A 1025 -30.59 -9.99 -6.77
N ALA A 1026 -30.71 -8.95 -5.92
CA ALA A 1026 -32.00 -8.65 -5.30
C ALA A 1026 -33.01 -8.12 -6.30
N THR A 1027 -32.56 -7.26 -7.23
CA THR A 1027 -33.46 -6.76 -8.27
C THR A 1027 -33.80 -7.84 -9.28
N LYS A 1028 -32.88 -8.78 -9.53
CA LYS A 1028 -33.18 -9.92 -10.39
C LYS A 1028 -34.13 -10.88 -9.71
N MET A 1029 -34.01 -11.02 -8.38
CA MET A 1029 -34.95 -11.80 -7.56
C MET A 1029 -36.36 -11.25 -7.68
N SER A 1030 -36.48 -9.92 -7.59
CA SER A 1030 -37.75 -9.22 -7.78
C SER A 1030 -38.31 -9.39 -9.19
N GLU A 1031 -37.54 -9.07 -10.23
CA GLU A 1031 -38.07 -9.08 -11.60
C GLU A 1031 -38.28 -10.48 -12.17
N CYS A 1032 -37.47 -11.47 -11.80
CA CYS A 1032 -37.63 -12.81 -12.30
C CYS A 1032 -38.57 -13.67 -11.46
N VAL A 1033 -38.44 -13.65 -10.13
CA VAL A 1033 -39.25 -14.53 -9.29
C VAL A 1033 -40.60 -13.92 -8.97
N LEU A 1034 -40.63 -12.69 -8.48
CA LEU A 1034 -41.88 -12.07 -8.03
C LEU A 1034 -42.70 -11.48 -9.17
N GLY A 1035 -42.20 -11.49 -10.39
CA GLY A 1035 -42.95 -10.96 -11.51
C GLY A 1035 -42.56 -11.55 -12.84
N GLN A 1036 -43.28 -11.15 -13.89
CA GLN A 1036 -43.03 -11.61 -15.25
C GLN A 1036 -42.19 -10.56 -15.96
N SER A 1037 -41.26 -11.00 -16.80
CA SER A 1037 -40.35 -10.07 -17.47
C SER A 1037 -40.81 -9.78 -18.89
N LYS A 1038 -40.93 -8.48 -19.18
CA LYS A 1038 -41.10 -7.98 -20.53
C LYS A 1038 -39.78 -7.54 -21.14
N ARG A 1039 -38.77 -7.27 -20.33
CA ARG A 1039 -37.44 -6.97 -20.85
C ARG A 1039 -36.78 -8.25 -21.32
N VAL A 1040 -36.25 -8.24 -22.53
CA VAL A 1040 -35.60 -9.43 -23.08
C VAL A 1040 -34.18 -9.51 -22.52
N ASP A 1041 -33.73 -10.74 -22.28
CA ASP A 1041 -32.42 -11.15 -21.76
C ASP A 1041 -32.10 -10.56 -20.39
N PHE A 1042 -33.09 -10.41 -19.52
CA PHE A 1042 -32.80 -10.12 -18.11
C PHE A 1042 -33.09 -11.35 -17.26
N CYS A 1043 -34.15 -12.08 -17.60
CA CYS A 1043 -34.43 -13.40 -17.04
C CYS A 1043 -34.50 -14.35 -18.23
N GLY A 1044 -33.49 -15.22 -18.34
CA GLY A 1044 -33.45 -16.17 -19.43
C GLY A 1044 -32.98 -15.54 -20.72
N LYS A 1045 -33.00 -16.36 -21.77
CA LYS A 1045 -32.58 -15.93 -23.11
C LYS A 1045 -33.77 -16.11 -24.03
N GLY A 1046 -34.55 -15.04 -24.20
CA GLY A 1046 -35.74 -15.09 -25.03
C GLY A 1046 -36.96 -14.45 -24.41
N TYR A 1047 -38.12 -15.10 -24.55
CA TYR A 1047 -39.34 -14.62 -23.91
C TYR A 1047 -39.49 -15.30 -22.56
N HIS A 1048 -39.37 -14.52 -21.49
CA HIS A 1048 -39.43 -15.06 -20.14
C HIS A 1048 -40.86 -15.38 -19.73
N LEU A 1049 -41.02 -16.40 -18.90
CA LEU A 1049 -42.30 -16.66 -18.25
C LEU A 1049 -42.26 -16.41 -16.76
N MET A 1050 -41.45 -17.17 -16.02
CA MET A 1050 -41.35 -17.08 -14.55
C MET A 1050 -40.08 -17.81 -14.14
N SER A 1051 -39.77 -17.78 -12.85
CA SER A 1051 -38.45 -18.21 -12.43
C SER A 1051 -38.47 -18.98 -11.11
N PHE A 1052 -37.45 -19.81 -10.92
CA PHE A 1052 -37.25 -20.71 -9.80
C PHE A 1052 -36.02 -20.27 -9.01
N PRO A 1053 -36.19 -19.82 -7.76
CA PRO A 1053 -35.03 -19.41 -6.95
C PRO A 1053 -34.46 -20.52 -6.08
N GLN A 1054 -33.13 -20.64 -6.09
CA GLN A 1054 -32.43 -21.68 -5.35
C GLN A 1054 -31.16 -21.16 -4.70
N SER A 1055 -30.65 -21.93 -3.74
CA SER A 1055 -29.64 -21.49 -2.78
C SER A 1055 -28.24 -21.98 -3.14
N ALA A 1056 -27.27 -21.16 -2.78
CA ALA A 1056 -25.84 -21.43 -2.85
C ALA A 1056 -25.26 -20.96 -1.51
N PRO A 1057 -24.04 -21.47 -1.09
CA PRO A 1057 -23.50 -21.07 0.22
C PRO A 1057 -23.17 -19.59 0.38
N HIS A 1058 -22.86 -18.91 -0.72
CA HIS A 1058 -22.60 -17.47 -0.67
C HIS A 1058 -23.20 -16.78 -1.87
N GLY A 1059 -24.21 -17.37 -2.48
CA GLY A 1059 -24.71 -16.84 -3.72
C GLY A 1059 -26.14 -17.27 -3.97
N VAL A 1060 -26.48 -17.31 -5.26
CA VAL A 1060 -27.81 -17.69 -5.71
C VAL A 1060 -27.69 -18.20 -7.15
N VAL A 1061 -28.48 -19.22 -7.47
CA VAL A 1061 -28.56 -19.75 -8.83
C VAL A 1061 -30.01 -19.60 -9.30
N PHE A 1062 -30.18 -19.35 -10.60
CA PHE A 1062 -31.48 -19.04 -11.17
C PHE A 1062 -31.87 -20.10 -12.20
N LEU A 1063 -33.16 -20.36 -12.31
CA LEU A 1063 -33.74 -21.20 -13.35
C LEU A 1063 -34.81 -20.38 -14.06
N HIS A 1064 -34.80 -20.40 -15.38
CA HIS A 1064 -35.67 -19.54 -16.17
C HIS A 1064 -36.37 -20.35 -17.27
N VAL A 1065 -37.66 -20.58 -17.11
CA VAL A 1065 -38.48 -21.15 -18.18
C VAL A 1065 -38.69 -20.06 -19.22
N THR A 1066 -38.37 -20.39 -20.47
CA THR A 1066 -38.22 -19.38 -21.52
C THR A 1066 -38.85 -19.89 -22.81
N TYR A 1067 -39.65 -19.03 -23.43
CA TYR A 1067 -40.34 -19.37 -24.68
C TYR A 1067 -39.37 -19.10 -25.82
N VAL A 1068 -39.10 -20.14 -26.60
CA VAL A 1068 -38.26 -20.07 -27.81
C VAL A 1068 -39.09 -20.62 -28.97
N PRO A 1069 -39.22 -19.90 -30.08
CA PRO A 1069 -39.95 -20.43 -31.22
C PRO A 1069 -39.19 -21.52 -31.95
N ALA A 1070 -39.94 -22.37 -32.65
CA ALA A 1070 -39.37 -23.48 -33.39
C ALA A 1070 -40.29 -23.82 -34.56
N GLN A 1071 -39.67 -24.41 -35.60
CA GLN A 1071 -40.33 -24.92 -36.82
C GLN A 1071 -41.11 -23.84 -37.55
N GLU A 1072 -40.38 -22.84 -38.04
CA GLU A 1072 -41.01 -21.67 -38.62
C GLU A 1072 -41.25 -21.85 -40.12
N LYS A 1073 -42.35 -21.29 -40.60
CA LYS A 1073 -42.72 -21.31 -42.01
C LYS A 1073 -42.91 -19.88 -42.50
N ASN A 1074 -42.74 -19.69 -43.81
CA ASN A 1074 -42.97 -18.41 -44.45
C ASN A 1074 -44.30 -18.40 -45.18
N PHE A 1075 -44.95 -17.25 -45.20
CA PHE A 1075 -46.22 -17.06 -45.89
C PHE A 1075 -46.19 -15.74 -46.63
N THR A 1076 -47.31 -15.39 -47.25
CA THR A 1076 -47.47 -14.11 -47.93
C THR A 1076 -48.33 -13.19 -47.08
N THR A 1077 -47.81 -12.01 -46.76
CA THR A 1077 -48.51 -11.07 -45.90
C THR A 1077 -48.95 -9.87 -46.70
N ALA A 1078 -49.87 -9.11 -46.10
CA ALA A 1078 -50.37 -7.86 -46.65
C ALA A 1078 -50.87 -7.01 -45.50
N PRO A 1079 -50.71 -5.69 -45.56
CA PRO A 1079 -51.21 -4.85 -44.45
C PRO A 1079 -52.71 -4.66 -44.42
N ALA A 1080 -53.41 -4.71 -45.54
CA ALA A 1080 -54.84 -4.40 -45.54
C ALA A 1080 -55.56 -5.17 -46.63
N ILE A 1081 -56.88 -5.29 -46.47
CA ILE A 1081 -57.75 -5.99 -47.42
C ILE A 1081 -58.84 -5.01 -47.86
N CYS A 1082 -59.00 -4.86 -49.17
CA CYS A 1082 -60.01 -3.98 -49.73
C CYS A 1082 -61.31 -4.74 -49.92
N HIS A 1083 -62.39 -4.21 -49.35
CA HIS A 1083 -63.72 -4.78 -49.53
C HIS A 1083 -64.73 -3.67 -49.38
N ASP A 1084 -65.57 -3.51 -50.42
CA ASP A 1084 -66.61 -2.47 -50.54
C ASP A 1084 -66.06 -1.05 -50.40
N GLY A 1085 -64.86 -0.82 -50.94
CA GLY A 1085 -64.31 0.53 -51.01
C GLY A 1085 -63.79 1.09 -49.70
N LYS A 1086 -63.44 0.22 -48.74
CA LYS A 1086 -62.89 0.68 -47.48
C LYS A 1086 -61.76 -0.26 -47.07
N ALA A 1087 -60.84 0.27 -46.27
CA ALA A 1087 -59.65 -0.46 -45.83
C ALA A 1087 -59.96 -1.22 -44.55
N HIS A 1088 -59.66 -2.50 -44.54
CA HIS A 1088 -59.93 -3.37 -43.40
C HIS A 1088 -58.61 -3.72 -42.72
N PHE A 1089 -58.61 -3.74 -41.39
CA PHE A 1089 -57.44 -4.13 -40.62
C PHE A 1089 -57.86 -5.00 -39.42
N PRO A 1090 -57.15 -6.09 -39.16
CA PRO A 1090 -57.56 -7.03 -38.10
C PRO A 1090 -57.37 -6.49 -36.70
N ARG A 1091 -57.92 -7.22 -35.73
CA ARG A 1091 -57.95 -6.76 -34.35
C ARG A 1091 -56.57 -6.87 -33.69
N GLU A 1092 -56.05 -8.09 -33.59
CA GLU A 1092 -54.74 -8.33 -32.97
C GLU A 1092 -53.91 -9.27 -33.82
N GLY A 1093 -53.85 -9.02 -35.12
CA GLY A 1093 -53.07 -9.87 -36.00
C GLY A 1093 -52.72 -9.20 -37.30
N VAL A 1094 -52.50 -10.03 -38.33
CA VAL A 1094 -52.17 -9.58 -39.68
C VAL A 1094 -53.02 -10.33 -40.68
N PHE A 1095 -52.86 -9.96 -41.95
CA PHE A 1095 -53.42 -10.71 -43.06
C PHE A 1095 -52.38 -11.65 -43.64
N VAL A 1096 -52.70 -12.94 -43.69
CA VAL A 1096 -51.84 -13.96 -44.28
C VAL A 1096 -52.65 -14.75 -45.30
N SER A 1097 -51.95 -15.47 -46.17
CA SER A 1097 -52.58 -16.37 -47.13
C SER A 1097 -51.69 -17.58 -47.30
N ASN A 1098 -52.29 -18.76 -47.42
CA ASN A 1098 -51.53 -19.99 -47.62
C ASN A 1098 -51.40 -20.34 -49.11
N GLY A 1099 -51.01 -19.34 -49.90
CA GLY A 1099 -51.00 -19.42 -51.35
C GLY A 1099 -52.27 -18.96 -52.04
N THR A 1100 -53.44 -19.43 -51.59
CA THR A 1100 -54.72 -19.08 -52.21
C THR A 1100 -55.64 -18.25 -51.32
N HIS A 1101 -55.96 -18.75 -50.12
CA HIS A 1101 -57.07 -18.25 -49.33
C HIS A 1101 -56.56 -17.36 -48.21
N TRP A 1102 -57.12 -16.16 -48.13
CA TRP A 1102 -56.62 -15.09 -47.26
C TRP A 1102 -57.20 -15.21 -45.86
N PHE A 1103 -56.31 -15.25 -44.86
CA PHE A 1103 -56.57 -15.61 -43.47
C PHE A 1103 -56.05 -14.55 -42.52
N VAL A 1104 -56.63 -14.55 -41.31
CA VAL A 1104 -56.19 -13.71 -40.20
C VAL A 1104 -55.64 -14.63 -39.13
N THR A 1105 -54.38 -14.41 -38.75
CA THR A 1105 -53.76 -15.20 -37.70
C THR A 1105 -53.13 -14.27 -36.67
N GLN A 1106 -52.79 -14.85 -35.51
CA GLN A 1106 -52.09 -14.08 -34.50
C GLN A 1106 -50.61 -13.97 -34.84
N ARG A 1107 -49.88 -13.23 -34.01
CA ARG A 1107 -48.50 -12.90 -34.33
C ARG A 1107 -47.53 -14.06 -34.12
N ASN A 1108 -47.66 -14.82 -33.04
CA ASN A 1108 -46.65 -15.79 -32.68
C ASN A 1108 -47.01 -17.22 -33.03
N PHE A 1109 -48.13 -17.44 -33.72
CA PHE A 1109 -48.55 -18.79 -34.09
C PHE A 1109 -49.29 -18.78 -35.41
N TYR A 1110 -49.17 -19.86 -36.15
CA TYR A 1110 -49.98 -20.06 -37.33
C TYR A 1110 -51.34 -20.62 -36.91
N GLU A 1111 -52.21 -19.75 -36.40
CA GLU A 1111 -53.58 -20.13 -36.06
C GLU A 1111 -54.52 -19.29 -36.91
N PRO A 1112 -54.91 -19.79 -38.08
CA PRO A 1112 -55.68 -18.96 -39.01
C PRO A 1112 -57.14 -18.85 -38.62
N GLN A 1113 -57.74 -17.73 -39.04
CA GLN A 1113 -59.17 -17.49 -38.84
C GLN A 1113 -59.75 -16.86 -40.10
N ILE A 1114 -61.07 -16.93 -40.21
CA ILE A 1114 -61.80 -16.35 -41.32
C ILE A 1114 -61.91 -14.84 -41.12
N ILE A 1115 -61.69 -14.07 -42.19
CA ILE A 1115 -61.82 -12.62 -42.15
C ILE A 1115 -63.30 -12.25 -41.97
N THR A 1116 -63.62 -11.76 -40.79
CA THR A 1116 -64.99 -11.50 -40.36
C THR A 1116 -64.99 -10.09 -39.76
N THR A 1117 -66.16 -9.48 -39.56
CA THR A 1117 -66.25 -8.11 -39.10
C THR A 1117 -66.06 -7.95 -37.59
N ASP A 1118 -65.89 -9.05 -36.84
CA ASP A 1118 -65.71 -8.95 -35.40
C ASP A 1118 -64.25 -9.02 -34.97
N ASN A 1119 -63.37 -9.61 -35.76
CA ASN A 1119 -61.94 -9.59 -35.49
C ASN A 1119 -61.19 -8.64 -36.41
N THR A 1120 -61.89 -7.64 -36.95
CA THR A 1120 -61.32 -6.73 -37.93
C THR A 1120 -62.07 -5.40 -37.86
N PHE A 1121 -61.32 -4.31 -37.66
CA PHE A 1121 -61.90 -2.97 -37.61
C PHE A 1121 -61.55 -2.20 -38.88
N VAL A 1122 -62.23 -1.09 -39.08
CA VAL A 1122 -62.15 -0.32 -40.32
C VAL A 1122 -61.61 1.08 -40.02
N SER A 1123 -60.69 1.55 -40.87
CA SER A 1123 -60.15 2.90 -40.76
C SER A 1123 -59.71 3.34 -42.15
N GLY A 1124 -60.21 4.50 -42.60
CA GLY A 1124 -59.80 5.07 -43.86
C GLY A 1124 -60.41 4.38 -45.06
N ASN A 1125 -59.91 4.77 -46.23
CA ASN A 1125 -60.37 4.23 -47.50
C ASN A 1125 -59.26 3.38 -48.13
N CYS A 1126 -59.54 2.86 -49.33
CA CYS A 1126 -58.68 1.88 -50.01
C CYS A 1126 -57.53 2.54 -50.76
N ASP A 1127 -57.50 3.86 -50.86
CA ASP A 1127 -56.54 4.56 -51.71
C ASP A 1127 -55.26 4.96 -51.01
N VAL A 1128 -55.34 5.45 -49.78
CA VAL A 1128 -54.18 6.05 -49.11
C VAL A 1128 -53.22 5.00 -48.56
N VAL A 1129 -53.67 3.75 -48.46
CA VAL A 1129 -52.83 2.69 -47.92
C VAL A 1129 -52.20 1.91 -49.08
N ILE A 1130 -50.92 1.58 -48.95
CA ILE A 1130 -50.23 0.74 -49.91
C ILE A 1130 -50.28 -0.70 -49.40
N GLY A 1131 -50.02 -1.65 -50.29
CA GLY A 1131 -50.01 -3.07 -49.93
C GLY A 1131 -51.37 -3.71 -49.83
N ILE A 1132 -52.45 -3.00 -50.16
CA ILE A 1132 -53.79 -3.55 -49.97
C ILE A 1132 -54.24 -4.29 -51.23
N VAL A 1133 -54.75 -5.51 -51.04
CA VAL A 1133 -55.25 -6.34 -52.13
C VAL A 1133 -56.74 -6.62 -51.89
N ASN A 1134 -57.35 -7.24 -52.90
CA ASN A 1134 -58.80 -7.43 -52.95
C ASN A 1134 -59.17 -8.79 -52.36
N ASN A 1135 -60.08 -8.78 -51.39
CA ASN A 1135 -60.68 -10.00 -50.84
C ASN A 1135 -62.04 -9.62 -50.25
N THR A 1136 -62.61 -10.54 -49.47
CA THR A 1136 -63.92 -10.35 -48.86
C THR A 1136 -63.82 -10.44 -47.34
N VAL A 1137 -64.72 -9.75 -46.65
CA VAL A 1137 -64.82 -9.80 -45.19
C VAL A 1137 -66.21 -10.35 -44.89
N TYR A 1138 -66.28 -11.42 -44.10
CA TYR A 1138 -67.52 -12.18 -43.97
C TYR A 1138 -68.46 -11.54 -42.96
N ASP A 1139 -69.77 -11.59 -43.26
CA ASP A 1139 -70.89 -11.10 -42.46
C ASP A 1139 -71.52 -12.26 -41.69
N PRO A 1140 -71.48 -12.24 -40.35
CA PRO A 1140 -72.06 -13.35 -39.59
C PRO A 1140 -73.53 -13.14 -39.24
N LEU A 1141 -74.19 -12.18 -39.87
CA LEU A 1141 -75.56 -11.83 -39.48
C LEU A 1141 -76.56 -11.97 -40.62
N GLN A 1142 -76.11 -11.90 -41.88
CA GLN A 1142 -77.05 -11.87 -43.00
C GLN A 1142 -77.74 -13.20 -43.35
N PRO A 1143 -77.10 -14.44 -43.26
CA PRO A 1143 -77.91 -15.67 -43.41
C PRO A 1143 -79.01 -15.85 -42.37
N GLU A 1144 -78.72 -15.52 -41.11
CA GLU A 1144 -79.71 -15.58 -40.03
C GLU A 1144 -80.79 -14.53 -40.19
N LEU A 1145 -80.47 -13.38 -40.79
CA LEU A 1145 -81.47 -12.37 -41.11
C LEU A 1145 -82.37 -12.79 -42.27
N ASP A 1146 -81.79 -13.41 -43.29
CA ASP A 1146 -82.50 -13.62 -44.55
C ASP A 1146 -83.16 -14.99 -44.66
N SER A 1147 -82.40 -16.07 -44.53
CA SER A 1147 -82.93 -17.38 -44.93
C SER A 1147 -83.82 -18.02 -43.88
N PHE A 1148 -83.82 -17.53 -42.65
CA PHE A 1148 -84.69 -18.06 -41.61
C PHE A 1148 -85.82 -17.12 -41.25
N LYS A 1149 -85.52 -15.89 -40.84
CA LYS A 1149 -86.53 -14.91 -40.47
C LYS A 1149 -86.44 -13.66 -41.33
N PRO B 26 15.17 59.27 -16.10
CA PRO B 26 14.51 59.81 -17.30
C PRO B 26 14.50 58.82 -18.46
N ALA B 27 13.54 59.03 -19.39
CA ALA B 27 13.36 58.26 -20.63
C ALA B 27 13.13 56.76 -20.36
N TYR B 28 12.02 56.47 -19.70
CA TYR B 28 11.63 55.10 -19.42
C TYR B 28 10.87 54.48 -20.59
N THR B 29 11.09 53.17 -20.77
CA THR B 29 10.49 52.39 -21.85
C THR B 29 10.00 51.10 -21.22
N ASN B 30 9.01 50.47 -21.86
CA ASN B 30 8.56 49.15 -21.44
C ASN B 30 9.07 48.09 -22.41
N SER B 31 8.70 46.83 -22.16
CA SER B 31 9.21 45.69 -22.90
C SER B 31 8.04 44.82 -23.37
N PHE B 32 7.72 44.90 -24.66
CA PHE B 32 6.60 44.16 -25.25
C PHE B 32 7.03 42.71 -25.50
N THR B 33 6.86 41.89 -24.45
CA THR B 33 7.06 40.42 -24.43
C THR B 33 8.45 40.01 -24.91
N ARG B 34 9.45 40.75 -24.44
CA ARG B 34 10.82 40.59 -24.90
C ARG B 34 11.70 40.26 -23.70
N GLY B 35 12.65 39.34 -23.90
CA GLY B 35 13.55 38.96 -22.83
C GLY B 35 13.36 37.54 -22.33
N VAL B 36 13.06 36.63 -23.25
CA VAL B 36 12.99 35.20 -22.95
C VAL B 36 14.13 34.50 -23.66
N TYR B 37 15.05 33.94 -22.88
CA TYR B 37 16.18 33.18 -23.38
C TYR B 37 15.91 31.71 -23.16
N TYR B 38 16.83 30.86 -23.60
CA TYR B 38 16.75 29.44 -23.29
C TYR B 38 17.13 29.21 -21.84
N PRO B 39 16.18 28.87 -20.95
CA PRO B 39 16.50 28.82 -19.51
C PRO B 39 17.30 27.61 -19.09
N ASP B 40 17.44 26.62 -19.97
CA ASP B 40 18.24 25.43 -19.72
C ASP B 40 18.96 25.05 -21.00
N LYS B 41 19.59 23.88 -20.99
CA LYS B 41 20.29 23.36 -22.15
C LYS B 41 19.42 22.38 -22.95
N VAL B 42 18.55 21.65 -22.27
CA VAL B 42 18.01 20.38 -22.74
C VAL B 42 17.01 20.58 -23.86
N PHE B 43 17.19 19.83 -24.95
CA PHE B 43 16.31 19.85 -26.10
C PHE B 43 15.03 19.09 -25.76
N ARG B 44 13.90 19.78 -25.85
CA ARG B 44 12.59 19.14 -25.83
C ARG B 44 11.81 19.60 -27.04
N SER B 45 10.96 18.72 -27.57
CA SER B 45 10.21 19.00 -28.79
C SER B 45 8.73 18.79 -28.56
N SER B 46 7.93 19.82 -28.89
CA SER B 46 6.47 19.82 -28.93
C SER B 46 5.84 19.49 -27.59
N VAL B 47 6.23 20.26 -26.57
CA VAL B 47 5.77 20.03 -25.21
C VAL B 47 5.70 21.38 -24.51
N LEU B 48 4.82 21.48 -23.51
CA LEU B 48 4.76 22.64 -22.62
C LEU B 48 5.42 22.28 -21.30
N HIS B 49 6.30 23.16 -20.83
CA HIS B 49 7.11 22.91 -19.66
C HIS B 49 7.34 24.21 -18.91
N SER B 50 7.28 24.14 -17.58
CA SER B 50 7.50 25.30 -16.73
C SER B 50 8.94 25.29 -16.23
N THR B 51 9.58 26.45 -16.24
CA THR B 51 10.94 26.60 -15.75
C THR B 51 10.99 27.83 -14.86
N GLN B 52 11.69 27.71 -13.73
CA GLN B 52 11.77 28.77 -12.74
C GLN B 52 13.21 29.26 -12.71
N ASP B 53 13.46 30.42 -13.29
CA ASP B 53 14.82 30.93 -13.38
C ASP B 53 14.76 32.46 -13.33
N LEU B 54 15.88 33.10 -13.67
CA LEU B 54 16.06 34.55 -13.54
C LEU B 54 15.75 35.19 -14.89
N PHE B 55 14.65 35.94 -14.94
CA PHE B 55 14.16 36.52 -16.19
C PHE B 55 13.92 38.01 -16.01
N LEU B 56 13.54 38.66 -17.09
CA LEU B 56 12.97 40.00 -17.00
C LEU B 56 11.47 39.84 -17.26
N PRO B 57 10.59 40.20 -16.32
CA PRO B 57 9.16 39.98 -16.50
C PRO B 57 8.56 40.90 -17.56
N PHE B 58 7.39 40.51 -18.05
CA PHE B 58 6.79 41.16 -19.20
C PHE B 58 6.26 42.55 -18.84
N PHE B 59 6.52 43.51 -19.74
CA PHE B 59 6.11 44.92 -19.66
C PHE B 59 6.68 45.61 -18.42
N SER B 60 7.91 45.28 -18.05
CA SER B 60 8.61 45.97 -16.97
C SER B 60 9.30 47.22 -17.51
N ASN B 61 9.73 48.09 -16.60
CA ASN B 61 10.30 49.39 -16.96
C ASN B 61 11.79 49.26 -17.22
N VAL B 62 12.23 49.72 -18.38
CA VAL B 62 13.64 49.83 -18.73
C VAL B 62 13.91 51.28 -19.12
N THR B 63 15.17 51.68 -19.06
CA THR B 63 15.53 53.07 -19.34
C THR B 63 16.39 53.18 -20.61
N TRP B 64 16.46 54.39 -21.15
CA TRP B 64 17.08 54.66 -22.44
C TRP B 64 17.98 55.88 -22.31
N PHE B 65 19.17 55.80 -22.90
CA PHE B 65 20.10 56.92 -22.93
C PHE B 65 20.59 57.14 -24.36
N HIS B 66 21.18 58.30 -24.59
CA HIS B 66 21.79 58.61 -25.88
C HIS B 66 23.25 58.21 -25.88
N PHE B 79 28.28 60.64 -25.39
CA PHE B 79 27.28 61.58 -24.89
C PHE B 79 26.74 61.13 -23.54
N ASP B 80 26.26 59.89 -23.46
CA ASP B 80 25.68 59.35 -22.24
C ASP B 80 26.35 58.03 -21.92
N ASN B 81 26.99 57.94 -20.75
CA ASN B 81 27.57 56.70 -20.27
C ASN B 81 27.54 56.63 -18.75
N PRO B 82 26.44 56.22 -18.15
CA PRO B 82 26.34 56.22 -16.68
C PRO B 82 26.98 54.98 -16.08
N VAL B 83 27.05 54.97 -14.75
CA VAL B 83 27.36 53.78 -13.97
C VAL B 83 26.04 53.24 -13.41
N LEU B 84 25.83 51.94 -13.58
CA LEU B 84 24.54 51.31 -13.31
C LEU B 84 24.73 50.04 -12.48
N PRO B 85 23.80 49.74 -11.59
CA PRO B 85 23.94 48.54 -10.76
C PRO B 85 23.63 47.26 -11.53
N PHE B 86 24.23 46.16 -11.05
CA PHE B 86 24.03 44.85 -11.66
C PHE B 86 22.63 44.30 -11.38
N ASN B 87 22.29 44.14 -10.09
CA ASN B 87 21.03 43.60 -9.57
C ASN B 87 20.75 42.20 -10.12
N ASP B 88 21.67 41.28 -9.80
CA ASP B 88 21.70 39.84 -10.05
C ASP B 88 21.86 39.44 -11.51
N GLY B 89 21.89 40.38 -12.44
CA GLY B 89 21.90 40.07 -13.86
C GLY B 89 21.28 41.19 -14.66
N VAL B 90 21.81 41.39 -15.86
CA VAL B 90 21.47 42.52 -16.71
C VAL B 90 21.01 42.03 -18.07
N TYR B 91 19.81 42.45 -18.48
CA TYR B 91 19.42 42.47 -19.88
C TYR B 91 19.84 43.80 -20.47
N PHE B 92 20.37 43.78 -21.68
CA PHE B 92 20.81 44.99 -22.37
C PHE B 92 20.28 44.95 -23.79
N ALA B 93 19.92 46.12 -24.33
CA ALA B 93 19.52 46.26 -25.71
C ALA B 93 20.24 47.46 -26.33
N SER B 94 20.47 47.38 -27.64
CA SER B 94 21.14 48.46 -28.35
C SER B 94 20.70 48.46 -29.81
N THR B 95 20.24 49.61 -30.28
CA THR B 95 19.90 49.81 -31.68
C THR B 95 20.82 50.88 -32.24
N GLU B 96 21.54 50.53 -33.30
CA GLU B 96 22.64 51.37 -33.77
C GLU B 96 22.57 51.53 -35.28
N LYS B 97 23.36 52.48 -35.78
CA LYS B 97 23.69 52.53 -37.20
C LYS B 97 25.15 52.19 -37.47
N SER B 98 26.04 52.42 -36.51
CA SER B 98 27.42 51.98 -36.54
C SER B 98 27.80 51.48 -35.16
N ASN B 99 28.94 50.78 -35.08
CA ASN B 99 29.39 50.19 -33.82
C ASN B 99 29.96 51.28 -32.92
N ILE B 100 29.05 51.95 -32.19
CA ILE B 100 29.46 52.99 -31.25
C ILE B 100 29.70 52.39 -29.87
N ILE B 101 28.75 51.62 -29.36
CA ILE B 101 28.96 50.88 -28.12
C ILE B 101 29.78 49.64 -28.44
N ARG B 102 30.95 49.53 -27.83
CA ARG B 102 31.89 48.47 -28.15
C ARG B 102 31.98 47.43 -27.04
N GLY B 103 31.63 47.79 -25.82
CA GLY B 103 31.76 46.87 -24.71
C GLY B 103 31.58 47.53 -23.37
N TRP B 104 31.96 46.79 -22.32
CA TRP B 104 31.69 47.19 -20.96
C TRP B 104 32.92 46.89 -20.12
N ILE B 105 33.05 47.60 -19.01
CA ILE B 105 34.03 47.25 -17.99
C ILE B 105 33.26 46.88 -16.72
N PHE B 106 33.37 45.62 -16.31
CA PHE B 106 32.68 45.13 -15.14
C PHE B 106 33.64 45.11 -13.96
N GLY B 107 33.09 45.15 -12.76
CA GLY B 107 33.92 45.10 -11.57
C GLY B 107 33.12 45.48 -10.34
N THR B 108 33.87 45.71 -9.25
CA THR B 108 33.27 46.08 -7.97
C THR B 108 33.54 47.56 -7.65
N THR B 109 34.80 47.98 -7.72
CA THR B 109 35.17 49.34 -7.33
C THR B 109 35.62 50.21 -8.50
N LEU B 110 36.04 49.59 -9.62
CA LEU B 110 36.71 50.23 -10.77
C LEU B 110 37.95 51.01 -10.33
N ASP B 111 38.69 50.47 -9.36
CA ASP B 111 39.87 51.08 -8.78
C ASP B 111 40.97 50.05 -8.71
N SER B 112 42.08 50.42 -8.05
CA SER B 112 43.28 49.60 -8.01
C SER B 112 43.33 48.70 -6.77
N LYS B 113 42.17 48.22 -6.30
CA LYS B 113 42.11 47.29 -5.19
C LYS B 113 41.41 45.98 -5.51
N THR B 114 40.33 45.99 -6.27
CA THR B 114 39.58 44.78 -6.57
C THR B 114 39.63 44.50 -8.06
N GLN B 115 39.61 43.21 -8.40
CA GLN B 115 39.79 42.76 -9.79
C GLN B 115 38.57 43.10 -10.64
N SER B 116 38.83 43.55 -11.86
CA SER B 116 37.80 44.05 -12.75
C SER B 116 37.90 43.36 -14.10
N LEU B 117 36.74 43.06 -14.68
CA LEU B 117 36.66 42.39 -15.98
C LEU B 117 36.47 43.44 -17.07
N LEU B 118 36.99 43.14 -18.26
CA LEU B 118 36.94 44.07 -19.37
C LEU B 118 36.68 43.33 -20.68
N ILE B 119 35.68 43.80 -21.44
CA ILE B 119 35.38 43.31 -22.77
C ILE B 119 35.33 44.50 -23.72
N VAL B 120 36.23 44.52 -24.70
CA VAL B 120 36.27 45.58 -25.71
C VAL B 120 36.28 44.95 -27.09
N ASN B 121 35.33 45.35 -27.93
CA ASN B 121 35.28 44.96 -29.33
C ASN B 121 35.91 46.06 -30.17
N ASN B 122 36.74 45.65 -31.12
CA ASN B 122 37.33 46.56 -32.11
C ASN B 122 37.46 45.78 -33.42
N ALA B 123 38.34 46.27 -34.31
CA ALA B 123 38.37 46.04 -35.75
C ALA B 123 38.28 44.60 -36.26
N THR B 124 39.03 43.67 -35.68
CA THR B 124 38.99 42.30 -36.18
C THR B 124 38.90 41.25 -35.08
N ASN B 125 38.94 41.65 -33.81
CA ASN B 125 38.92 40.69 -32.72
C ASN B 125 38.15 41.27 -31.54
N VAL B 126 37.70 40.39 -30.65
CA VAL B 126 37.17 40.81 -29.36
C VAL B 126 38.12 40.29 -28.28
N VAL B 127 38.30 41.09 -27.24
CA VAL B 127 39.23 40.78 -26.16
C VAL B 127 38.42 40.69 -24.87
N ILE B 128 38.53 39.56 -24.18
CA ILE B 128 37.79 39.31 -22.95
C ILE B 128 38.82 38.95 -21.87
N LYS B 129 38.86 39.76 -20.80
CA LYS B 129 39.88 39.59 -19.79
C LYS B 129 39.36 40.08 -18.45
N VAL B 130 39.93 39.56 -17.37
CA VAL B 130 39.77 40.11 -16.03
C VAL B 130 41.16 40.28 -15.40
N CYS B 131 41.44 41.50 -14.95
CA CYS B 131 42.73 41.85 -14.36
C CYS B 131 42.48 42.83 -13.23
N GLU B 132 43.55 43.47 -12.74
CA GLU B 132 43.45 44.59 -11.82
C GLU B 132 43.61 45.87 -12.62
N PHE B 133 42.58 46.71 -12.62
CA PHE B 133 42.49 47.81 -13.58
C PHE B 133 42.46 49.15 -12.87
N GLN B 134 42.64 50.21 -13.66
CA GLN B 134 42.41 51.59 -13.21
C GLN B 134 41.83 52.35 -14.42
N PHE B 135 40.51 52.40 -14.50
CA PHE B 135 39.84 53.11 -15.57
C PHE B 135 39.85 54.61 -15.29
N CYS B 136 39.66 55.40 -16.34
CA CYS B 136 39.68 56.86 -16.20
C CYS B 136 38.33 57.35 -15.68
N ASN B 137 38.26 58.66 -15.42
CA ASN B 137 37.00 59.27 -14.96
C ASN B 137 35.96 59.33 -16.07
N ASP B 138 36.40 59.47 -17.33
CA ASP B 138 35.53 59.41 -18.49
C ASP B 138 36.06 58.33 -19.42
N PRO B 139 35.62 57.08 -19.23
CA PRO B 139 36.17 55.98 -20.04
C PRO B 139 35.49 55.88 -21.39
N PHE B 140 36.28 56.05 -22.45
CA PHE B 140 35.85 55.88 -23.83
C PHE B 140 37.09 55.60 -24.67
N LEU B 141 36.88 55.36 -25.95
CA LEU B 141 37.99 55.20 -26.89
C LEU B 141 37.97 56.32 -27.93
N MET B 153 41.98 59.66 -36.35
CA MET B 153 40.54 59.79 -36.28
C MET B 153 39.99 58.36 -36.18
N GLU B 154 40.74 57.41 -36.70
CA GLU B 154 40.37 56.00 -36.69
C GLU B 154 40.70 55.30 -35.36
N SER B 155 41.47 55.95 -34.49
CA SER B 155 41.91 55.28 -33.27
C SER B 155 42.12 56.30 -32.16
N GLU B 156 41.76 55.89 -30.94
CA GLU B 156 41.92 56.67 -29.72
C GLU B 156 41.81 55.70 -28.55
N PHE B 157 42.70 55.85 -27.56
CA PHE B 157 42.72 54.90 -26.45
C PHE B 157 43.20 55.63 -25.20
N ARG B 158 42.26 56.08 -24.37
CA ARG B 158 42.55 56.57 -23.03
C ARG B 158 41.51 56.06 -22.03
N VAL B 159 41.05 54.83 -22.23
CA VAL B 159 40.07 54.24 -21.33
C VAL B 159 40.73 53.75 -20.03
N TYR B 160 41.98 53.26 -20.09
CA TYR B 160 42.72 52.84 -18.91
C TYR B 160 44.21 52.89 -19.23
N SER B 161 45.02 53.01 -18.17
CA SER B 161 46.45 52.70 -18.26
C SER B 161 46.84 51.95 -16.98
N SER B 162 46.63 50.64 -16.99
CA SER B 162 46.91 49.72 -15.87
C SER B 162 46.86 48.28 -16.34
N ALA B 163 47.93 47.51 -16.14
CA ALA B 163 47.95 46.14 -16.65
C ALA B 163 48.56 45.17 -15.65
N ASN B 164 48.52 45.50 -14.36
CA ASN B 164 49.09 44.63 -13.35
C ASN B 164 48.08 43.59 -12.89
N ASN B 165 48.59 42.45 -12.41
CA ASN B 165 47.85 41.37 -11.72
C ASN B 165 46.75 40.76 -12.58
N CYS B 166 47.11 40.35 -13.79
CA CYS B 166 46.14 39.69 -14.67
C CYS B 166 45.95 38.23 -14.27
N THR B 167 44.73 37.75 -14.43
CA THR B 167 44.37 36.41 -13.99
C THR B 167 43.85 35.58 -15.15
N PHE B 168 42.97 36.15 -15.97
CA PHE B 168 42.36 35.44 -17.08
C PHE B 168 42.28 36.36 -18.28
N GLU B 169 42.50 35.79 -19.47
CA GLU B 169 42.36 36.50 -20.74
C GLU B 169 41.85 35.52 -21.78
N TYR B 170 40.96 36.01 -22.65
CA TYR B 170 40.32 35.16 -23.65
C TYR B 170 40.27 35.91 -24.98
N VAL B 171 40.59 35.19 -26.06
CA VAL B 171 40.68 35.78 -27.40
C VAL B 171 39.62 35.15 -28.29
N SER B 172 38.81 36.00 -28.92
CA SER B 172 37.82 35.55 -29.89
C SER B 172 37.70 36.61 -30.98
N GLN B 173 36.64 36.51 -31.78
CA GLN B 173 36.37 37.40 -32.90
C GLN B 173 34.93 37.87 -32.85
N PRO B 174 34.60 39.07 -33.38
CA PRO B 174 33.18 39.47 -33.37
C PRO B 174 32.37 38.83 -34.48
N PHE B 186 18.69 53.70 -38.43
CA PHE B 186 19.03 52.56 -37.59
C PHE B 186 18.64 51.26 -38.30
N LYS B 187 19.50 50.25 -38.24
CA LYS B 187 19.28 49.04 -39.02
C LYS B 187 19.32 47.75 -38.20
N ASN B 188 20.15 47.68 -37.17
CA ASN B 188 20.32 46.45 -36.41
C ASN B 188 19.98 46.66 -34.93
N LEU B 189 19.51 45.59 -34.29
CA LEU B 189 19.25 45.58 -32.87
C LEU B 189 20.01 44.43 -32.23
N ARG B 190 20.73 44.72 -31.16
CA ARG B 190 21.52 43.73 -30.44
C ARG B 190 20.94 43.55 -29.05
N GLU B 191 20.63 42.31 -28.69
CA GLU B 191 20.07 41.97 -27.38
C GLU B 191 21.07 41.11 -26.64
N PHE B 192 21.17 41.32 -25.33
CA PHE B 192 22.15 40.60 -24.50
C PHE B 192 21.54 40.25 -23.14
N VAL B 193 22.11 39.22 -22.52
CA VAL B 193 21.88 38.91 -21.12
C VAL B 193 23.23 38.74 -20.45
N PHE B 194 23.48 39.54 -19.41
CA PHE B 194 24.62 39.34 -18.52
C PHE B 194 24.11 38.71 -17.24
N LYS B 195 24.91 37.81 -16.67
CA LYS B 195 24.65 37.27 -15.34
C LYS B 195 25.97 36.77 -14.76
N ASN B 196 25.98 36.59 -13.44
CA ASN B 196 27.12 35.99 -12.75
C ASN B 196 26.57 35.12 -11.63
N ILE B 197 26.30 33.85 -11.93
CA ILE B 197 25.69 32.92 -10.98
C ILE B 197 26.65 31.75 -10.80
N ASP B 198 26.95 31.44 -9.53
CA ASP B 198 27.81 30.33 -9.07
C ASP B 198 29.22 30.41 -9.67
N GLY B 199 29.74 31.64 -9.74
CA GLY B 199 31.07 31.88 -10.23
C GLY B 199 31.22 31.81 -11.74
N TYR B 200 30.12 31.80 -12.49
CA TYR B 200 30.17 31.66 -13.94
C TYR B 200 29.44 32.81 -14.61
N PHE B 201 30.16 33.51 -15.49
CA PHE B 201 29.65 34.69 -16.19
C PHE B 201 29.21 34.24 -17.57
N LYS B 202 27.89 34.27 -17.80
CA LYS B 202 27.29 33.67 -18.99
C LYS B 202 26.69 34.77 -19.88
N ILE B 203 26.73 34.54 -21.18
CA ILE B 203 26.20 35.48 -22.17
C ILE B 203 25.10 34.78 -22.96
N TYR B 204 24.03 35.52 -23.24
CA TYR B 204 22.90 35.05 -24.05
C TYR B 204 22.47 36.18 -24.98
N SER B 205 22.55 35.92 -26.29
CA SER B 205 22.47 37.02 -27.24
C SER B 205 21.81 36.56 -28.54
N LYS B 206 21.34 37.55 -29.29
CA LYS B 206 20.77 37.39 -30.62
C LYS B 206 20.85 38.73 -31.33
N HIS B 207 21.31 38.70 -32.59
CA HIS B 207 21.35 39.87 -33.44
C HIS B 207 20.15 39.84 -34.38
N THR B 208 19.39 40.94 -34.39
CA THR B 208 18.18 41.02 -35.19
C THR B 208 18.12 42.36 -35.90
N PRO B 209 17.54 42.42 -37.11
CA PRO B 209 17.35 43.72 -37.76
C PRO B 209 16.00 44.35 -37.48
N ILE B 210 15.99 45.67 -37.32
CA ILE B 210 14.76 46.44 -37.18
C ILE B 210 14.97 47.80 -37.85
N ASN B 211 13.87 48.41 -38.28
CA ASN B 211 13.95 49.70 -38.96
C ASN B 211 12.91 50.64 -38.34
N LEU B 212 13.30 51.25 -37.21
CA LEU B 212 12.56 52.27 -36.46
C LEU B 212 13.52 52.87 -35.46
N VAL B 213 13.34 54.16 -35.19
CA VAL B 213 14.29 54.92 -34.39
C VAL B 213 13.62 55.47 -33.13
N ARG B 214 12.59 54.77 -32.65
CA ARG B 214 11.73 55.33 -31.61
C ARG B 214 11.92 54.64 -30.25
N ASP B 215 11.75 53.33 -30.17
CA ASP B 215 11.74 52.63 -28.90
C ASP B 215 12.14 51.17 -29.14
N LEU B 216 11.90 50.32 -28.14
CA LEU B 216 12.11 48.89 -28.30
C LEU B 216 11.03 48.32 -29.22
N PRO B 217 11.39 47.49 -30.19
CA PRO B 217 10.40 46.96 -31.13
C PRO B 217 9.57 45.85 -30.50
N GLN B 218 8.42 45.61 -31.12
CA GLN B 218 7.57 44.49 -30.75
C GLN B 218 8.06 43.25 -31.48
N GLY B 219 7.66 42.07 -30.99
CA GLY B 219 8.08 40.82 -31.57
C GLY B 219 8.74 39.91 -30.54
N PHE B 220 9.09 38.71 -30.99
CA PHE B 220 9.65 37.69 -30.13
C PHE B 220 10.88 37.06 -30.79
N SER B 221 11.85 36.70 -29.98
CA SER B 221 13.03 35.98 -30.42
C SER B 221 13.62 35.22 -29.25
N ALA B 222 14.46 34.23 -29.54
CA ALA B 222 15.13 33.44 -28.52
C ALA B 222 16.61 33.77 -28.50
N LEU B 223 17.15 33.95 -27.29
CA LEU B 223 18.54 34.35 -27.10
C LEU B 223 19.41 33.09 -26.98
N GLU B 224 20.60 33.16 -27.56
CA GLU B 224 21.49 32.01 -27.73
C GLU B 224 22.69 32.11 -26.78
N PRO B 225 22.96 31.04 -26.01
CA PRO B 225 24.20 31.01 -25.23
C PRO B 225 25.42 30.78 -26.09
N LEU B 226 26.46 31.56 -25.83
CA LEU B 226 27.73 31.39 -26.55
C LEU B 226 28.87 31.00 -25.62
N VAL B 227 29.21 31.82 -24.63
CA VAL B 227 30.47 31.73 -23.90
C VAL B 227 30.19 31.68 -22.41
N ASP B 228 30.75 30.67 -21.74
CA ASP B 228 30.70 30.58 -20.28
C ASP B 228 32.12 30.68 -19.74
N LEU B 229 32.32 31.55 -18.74
CA LEU B 229 33.63 31.85 -18.20
C LEU B 229 33.69 31.56 -16.69
N PRO B 230 34.73 30.83 -16.22
CA PRO B 230 34.90 30.62 -14.78
C PRO B 230 35.64 31.77 -14.09
N ILE B 231 34.99 32.93 -14.03
CA ILE B 231 35.64 34.12 -13.46
C ILE B 231 35.62 34.07 -11.94
N GLY B 232 34.43 33.92 -11.37
CA GLY B 232 34.30 33.73 -9.93
C GLY B 232 34.55 34.94 -9.06
N ILE B 233 34.32 36.15 -9.58
CA ILE B 233 34.40 37.36 -8.76
C ILE B 233 33.00 37.91 -8.59
N ASN B 234 32.83 38.83 -7.65
CA ASN B 234 31.54 39.46 -7.43
C ASN B 234 31.45 40.77 -8.21
N ILE B 235 30.22 41.17 -8.49
CA ILE B 235 29.97 42.26 -9.42
C ILE B 235 28.80 43.10 -8.91
N THR B 236 29.03 44.41 -8.80
CA THR B 236 27.98 45.36 -8.50
C THR B 236 27.79 46.44 -9.55
N ARG B 237 28.85 47.01 -10.10
CA ARG B 237 28.76 48.18 -10.96
C ARG B 237 29.44 47.90 -12.29
N PHE B 238 29.06 48.66 -13.31
CA PHE B 238 29.61 48.54 -14.65
C PHE B 238 29.44 49.87 -15.37
N GLN B 239 30.07 49.97 -16.55
CA GLN B 239 29.96 51.16 -17.39
C GLN B 239 30.24 50.76 -18.83
N THR B 240 29.42 51.26 -19.74
CA THR B 240 29.61 51.00 -21.16
C THR B 240 30.68 51.93 -21.73
N LEU B 241 31.08 51.65 -22.97
CA LEU B 241 32.08 52.44 -23.66
C LEU B 241 31.52 52.89 -24.99
N LEU B 242 31.77 54.14 -25.36
CA LEU B 242 31.33 54.72 -26.62
C LEU B 242 32.49 55.46 -27.28
N ALA B 243 32.17 56.19 -28.35
CA ALA B 243 33.19 56.93 -29.10
C ALA B 243 33.41 58.31 -28.49
N GLY B 261 28.71 61.59 -33.20
CA GLY B 261 27.48 60.84 -33.39
C GLY B 261 26.87 60.35 -32.09
N ALA B 262 25.61 59.92 -32.16
CA ALA B 262 24.89 59.42 -31.00
C ALA B 262 24.24 58.09 -31.33
N ALA B 263 24.04 57.27 -30.31
CA ALA B 263 23.46 55.94 -30.48
C ALA B 263 22.45 55.69 -29.37
N ALA B 264 21.53 54.78 -29.64
CA ALA B 264 20.43 54.47 -28.72
C ALA B 264 20.63 53.09 -28.10
N TYR B 265 20.48 53.01 -26.78
CA TYR B 265 20.65 51.75 -26.07
C TYR B 265 19.73 51.68 -24.87
N TYR B 266 19.39 50.45 -24.48
CA TYR B 266 18.44 50.17 -23.42
C TYR B 266 19.01 49.11 -22.48
N VAL B 267 18.73 49.27 -21.19
CA VAL B 267 19.29 48.38 -20.17
C VAL B 267 18.16 47.93 -19.25
N GLY B 268 18.18 46.65 -18.88
CA GLY B 268 17.13 46.08 -18.05
C GLY B 268 17.71 45.34 -16.86
N TYR B 269 16.80 44.88 -16.00
CA TYR B 269 17.14 44.20 -14.76
C TYR B 269 16.46 42.84 -14.72
N LEU B 270 17.04 41.92 -13.95
CA LEU B 270 16.55 40.56 -13.90
C LEU B 270 16.10 40.17 -12.48
N GLN B 271 14.93 39.53 -12.42
CA GLN B 271 14.25 39.19 -11.18
C GLN B 271 13.61 37.81 -11.38
N PRO B 272 13.72 36.92 -10.39
CA PRO B 272 13.31 35.51 -10.61
C PRO B 272 11.79 35.35 -10.65
N ARG B 273 11.31 34.72 -11.73
CA ARG B 273 9.88 34.52 -11.96
C ARG B 273 9.67 33.11 -12.48
N THR B 274 8.45 32.83 -12.94
CA THR B 274 8.06 31.53 -13.44
C THR B 274 7.43 31.70 -14.82
N PHE B 275 7.94 30.98 -15.80
CA PHE B 275 7.44 31.04 -17.16
C PHE B 275 7.03 29.66 -17.66
N LEU B 276 6.03 29.65 -18.55
CA LEU B 276 5.60 28.46 -19.26
C LEU B 276 6.01 28.60 -20.71
N LEU B 277 6.64 27.57 -21.27
CA LEU B 277 7.30 27.66 -22.56
C LEU B 277 6.65 26.74 -23.57
N LYS B 278 6.47 27.26 -24.79
CA LYS B 278 5.91 26.51 -25.91
C LYS B 278 7.01 26.19 -26.90
N TYR B 279 7.20 24.89 -27.16
CA TYR B 279 8.22 24.42 -28.08
C TYR B 279 7.54 23.86 -29.34
N ASN B 280 8.16 24.09 -30.48
CA ASN B 280 7.63 23.65 -31.76
C ASN B 280 8.09 22.23 -32.07
N GLU B 281 7.91 21.80 -33.31
CA GLU B 281 8.38 20.47 -33.72
C GLU B 281 9.90 20.44 -33.87
N ASN B 282 10.50 21.59 -34.20
CA ASN B 282 11.93 21.67 -34.39
C ASN B 282 12.66 22.14 -33.14
N GLY B 283 11.95 22.27 -32.02
CA GLY B 283 12.59 22.48 -30.73
C GLY B 283 13.16 23.85 -30.48
N THR B 284 12.50 24.92 -30.91
CA THR B 284 12.92 26.27 -30.59
C THR B 284 11.82 26.98 -29.81
N ILE B 285 12.18 28.08 -29.16
CA ILE B 285 11.21 28.87 -28.41
C ILE B 285 10.34 29.65 -29.38
N THR B 286 9.02 29.55 -29.21
CA THR B 286 8.09 30.23 -30.10
C THR B 286 7.31 31.35 -29.41
N ASP B 287 6.51 31.03 -28.39
CA ASP B 287 5.74 31.97 -27.58
C ASP B 287 5.85 31.54 -26.13
N ALA B 288 5.75 32.53 -25.23
CA ALA B 288 5.84 32.28 -23.81
C ALA B 288 4.90 33.22 -23.06
N VAL B 289 4.42 32.76 -21.90
CA VAL B 289 3.56 33.54 -21.03
C VAL B 289 4.19 33.64 -19.65
N ASP B 290 3.83 34.71 -18.94
CA ASP B 290 4.28 34.92 -17.57
C ASP B 290 3.21 34.41 -16.62
N CYS B 291 3.61 33.65 -15.61
CA CYS B 291 2.65 32.97 -14.75
C CYS B 291 2.08 33.87 -13.64
N ALA B 292 2.54 35.13 -13.51
CA ALA B 292 1.98 35.99 -12.46
C ALA B 292 1.74 37.42 -12.94
N LEU B 293 1.74 37.66 -14.25
CA LEU B 293 1.44 39.00 -14.74
C LEU B 293 -0.06 39.29 -14.69
N ASP B 294 -0.88 38.28 -14.96
CA ASP B 294 -2.33 38.41 -14.96
C ASP B 294 -2.92 37.04 -14.65
N PRO B 295 -4.16 36.99 -14.08
CA PRO B 295 -4.74 35.67 -13.72
C PRO B 295 -5.05 34.74 -14.87
N LEU B 296 -5.22 35.27 -16.10
CA LEU B 296 -5.52 34.42 -17.24
C LEU B 296 -4.31 33.57 -17.64
N SER B 297 -3.12 34.17 -17.66
CA SER B 297 -1.93 33.39 -17.95
C SER B 297 -1.50 32.59 -16.73
N GLU B 298 -1.95 32.98 -15.53
CA GLU B 298 -1.77 32.16 -14.34
C GLU B 298 -2.56 30.85 -14.45
N THR B 299 -3.80 30.94 -14.93
CA THR B 299 -4.59 29.73 -15.20
C THR B 299 -4.03 28.96 -16.40
N LYS B 300 -3.41 29.67 -17.35
CA LYS B 300 -2.74 29.00 -18.45
C LYS B 300 -1.52 28.21 -17.97
N CYS B 301 -0.79 28.76 -16.99
CA CYS B 301 0.35 28.05 -16.42
C CYS B 301 -0.08 26.85 -15.59
N THR B 302 -1.13 27.02 -14.78
CA THR B 302 -1.57 25.91 -13.92
C THR B 302 -2.32 24.84 -14.69
N LEU B 303 -2.94 25.19 -15.82
CA LEU B 303 -3.54 24.18 -16.69
C LEU B 303 -2.56 23.59 -17.68
N LYS B 304 -1.32 24.11 -17.70
CA LYS B 304 -0.24 23.88 -18.68
C LYS B 304 -0.74 23.78 -20.14
N SER B 305 -1.42 24.85 -20.55
CA SER B 305 -1.87 24.99 -21.92
C SER B 305 -1.94 26.48 -22.26
N PHE B 306 -1.67 26.80 -23.52
CA PHE B 306 -1.72 28.17 -23.99
C PHE B 306 -3.12 28.62 -24.37
N THR B 307 -4.09 27.72 -24.38
CA THR B 307 -5.50 28.05 -24.55
C THR B 307 -6.28 27.38 -23.42
N VAL B 308 -7.45 27.93 -23.12
CA VAL B 308 -8.30 27.41 -22.06
C VAL B 308 -9.75 27.50 -22.54
N GLU B 309 -10.59 26.63 -21.99
CA GLU B 309 -12.02 26.66 -22.27
C GLU B 309 -12.74 27.50 -21.23
N LYS B 310 -14.04 27.70 -21.46
CA LYS B 310 -14.87 28.42 -20.48
C LYS B 310 -15.13 27.54 -19.27
N GLY B 311 -15.29 28.16 -18.11
CA GLY B 311 -15.59 27.43 -16.90
C GLY B 311 -14.99 28.09 -15.69
N ILE B 312 -15.00 27.36 -14.57
CA ILE B 312 -14.40 27.81 -13.32
C ILE B 312 -13.18 26.94 -13.05
N TYR B 313 -12.08 27.59 -12.64
CA TYR B 313 -10.86 26.90 -12.29
C TYR B 313 -10.25 27.57 -11.09
N GLN B 314 -9.81 26.77 -10.13
CA GLN B 314 -9.14 27.28 -8.94
C GLN B 314 -7.64 27.13 -9.14
N THR B 315 -6.87 28.03 -8.53
CA THR B 315 -5.43 28.05 -8.77
C THR B 315 -4.55 28.10 -7.51
N SER B 316 -4.95 28.79 -6.45
CA SER B 316 -4.04 29.03 -5.33
C SER B 316 -4.84 29.27 -4.07
N ASN B 317 -4.14 29.73 -3.03
CA ASN B 317 -4.69 30.15 -1.76
C ASN B 317 -4.06 31.48 -1.34
N PHE B 318 -4.64 32.09 -0.31
CA PHE B 318 -4.14 33.33 0.24
C PHE B 318 -4.49 33.40 1.72
N ARG B 319 -3.69 34.16 2.47
CA ARG B 319 -3.83 34.22 3.93
C ARG B 319 -3.26 35.54 4.42
N VAL B 320 -3.94 36.15 5.39
CA VAL B 320 -3.53 37.46 5.92
C VAL B 320 -2.38 37.29 6.92
N GLN B 321 -1.33 38.07 6.73
CA GLN B 321 -0.13 37.96 7.55
C GLN B 321 -0.16 38.96 8.71
N PRO B 322 0.37 38.59 9.88
CA PRO B 322 0.37 39.50 11.02
C PRO B 322 1.40 40.62 10.87
N THR B 323 1.15 41.71 11.60
CA THR B 323 2.01 42.89 11.55
C THR B 323 2.63 43.28 12.90
N GLU B 324 1.87 43.31 13.99
CA GLU B 324 2.48 43.75 15.25
C GLU B 324 3.18 42.63 16.01
N SER B 325 2.54 41.46 16.13
CA SER B 325 3.00 40.29 16.90
C SER B 325 3.26 40.64 18.37
N ILE B 326 2.16 40.92 19.07
CA ILE B 326 2.18 41.46 20.44
C ILE B 326 2.67 40.45 21.47
N VAL B 327 3.13 40.95 22.61
CA VAL B 327 3.71 40.15 23.69
C VAL B 327 3.10 40.62 25.00
N ARG B 328 2.54 39.70 25.80
CA ARG B 328 2.07 40.06 27.13
C ARG B 328 2.43 38.98 28.14
N PHE B 329 2.39 39.36 29.41
CA PHE B 329 2.89 38.57 30.52
C PHE B 329 2.18 39.05 31.78
N PRO B 330 2.13 38.22 32.83
CA PRO B 330 1.51 38.67 34.10
C PRO B 330 2.30 39.77 34.78
N ASN B 331 1.57 40.54 35.58
CA ASN B 331 2.12 41.74 36.23
C ASN B 331 3.02 41.35 37.41
N LYS B 529 8.90 41.41 30.53
CA LYS B 529 8.27 42.59 29.92
C LYS B 529 6.95 42.21 29.27
N SER B 530 6.15 43.22 28.93
CA SER B 530 4.87 43.00 28.28
C SER B 530 4.49 44.25 27.49
N THR B 531 3.97 44.05 26.28
CA THR B 531 3.51 45.15 25.44
C THR B 531 2.03 45.41 25.73
N ASN B 532 1.42 46.30 24.95
CA ASN B 532 0.01 46.62 25.12
C ASN B 532 -0.85 45.65 24.30
N LEU B 533 -2.13 46.00 24.16
CA LEU B 533 -3.12 45.09 23.61
C LEU B 533 -3.66 45.63 22.28
N VAL B 534 -3.97 44.72 21.37
CA VAL B 534 -4.58 45.06 20.09
C VAL B 534 -5.80 44.13 19.89
N LYS B 535 -6.75 44.60 19.10
CA LYS B 535 -7.98 43.85 18.84
C LYS B 535 -8.31 43.90 17.35
N ASN B 536 -9.13 42.93 16.92
CA ASN B 536 -9.87 42.93 15.65
C ASN B 536 -8.94 42.89 14.43
N LYS B 537 -7.75 42.33 14.62
CA LYS B 537 -6.73 42.33 13.58
C LYS B 537 -6.10 40.94 13.59
N CYS B 538 -5.75 40.43 12.41
CA CYS B 538 -5.02 39.18 12.30
C CYS B 538 -3.60 39.40 12.80
N VAL B 539 -3.33 38.95 14.03
CA VAL B 539 -2.06 39.22 14.68
C VAL B 539 -1.52 37.92 15.26
N ASN B 540 -0.20 37.87 15.44
CA ASN B 540 0.41 36.92 16.35
C ASN B 540 0.32 37.49 17.75
N PHE B 541 0.33 36.62 18.75
CA PHE B 541 0.30 37.09 20.13
C PHE B 541 1.17 36.20 20.99
N ASN B 542 1.67 36.77 22.09
CA ASN B 542 2.36 35.99 23.11
C ASN B 542 1.66 36.29 24.43
N PHE B 543 0.84 35.34 24.87
CA PHE B 543 0.14 35.49 26.14
C PHE B 543 0.98 34.91 27.26
N ASN B 544 0.34 34.66 28.40
CA ASN B 544 0.96 34.09 29.58
C ASN B 544 1.22 32.58 29.50
N GLY B 545 2.02 32.16 28.52
CA GLY B 545 2.34 30.76 28.36
C GLY B 545 2.04 30.21 26.97
N LEU B 546 1.05 30.77 26.29
CA LEU B 546 0.62 30.27 24.99
C LEU B 546 0.76 31.36 23.92
N THR B 547 1.15 30.94 22.73
CA THR B 547 1.27 31.81 21.57
C THR B 547 0.40 31.27 20.44
N GLY B 548 0.00 32.17 19.54
CA GLY B 548 -0.80 31.75 18.40
C GLY B 548 -1.06 32.93 17.49
N THR B 549 -1.63 32.61 16.33
CA THR B 549 -1.97 33.60 15.32
C THR B 549 -3.48 33.60 15.10
N GLY B 550 -4.07 34.78 15.13
CA GLY B 550 -5.52 34.89 14.95
C GLY B 550 -6.00 36.31 15.16
N VAL B 551 -7.32 36.45 15.24
CA VAL B 551 -7.99 37.73 15.42
C VAL B 551 -8.57 37.77 16.82
N LEU B 552 -8.19 38.79 17.59
CA LEU B 552 -8.67 38.96 18.96
C LEU B 552 -9.92 39.83 18.96
N THR B 553 -11.02 39.29 19.43
CA THR B 553 -12.31 39.97 19.48
C THR B 553 -12.84 39.97 20.91
N GLU B 554 -13.89 40.76 21.12
CA GLU B 554 -14.58 40.78 22.40
C GLU B 554 -15.37 39.49 22.61
N SER B 555 -15.62 39.16 23.87
CA SER B 555 -16.38 37.98 24.25
C SER B 555 -17.70 38.38 24.87
N ASN B 556 -18.78 37.83 24.32
CA ASN B 556 -20.08 37.86 24.98
C ASN B 556 -20.28 36.70 25.94
N LYS B 557 -19.44 35.68 25.89
CA LYS B 557 -19.42 34.62 26.88
C LYS B 557 -18.59 35.08 28.09
N LYS B 558 -18.54 34.23 29.11
CA LYS B 558 -17.89 34.61 30.36
C LYS B 558 -17.31 33.36 31.02
N PHE B 559 -16.24 33.55 31.78
CA PHE B 559 -15.55 32.46 32.45
C PHE B 559 -15.94 32.38 33.92
N LEU B 560 -15.60 31.26 34.55
CA LEU B 560 -15.44 31.23 35.98
C LEU B 560 -14.11 31.91 36.34
N PRO B 561 -14.00 32.52 37.54
CA PRO B 561 -12.78 33.32 37.83
C PRO B 561 -11.46 32.57 38.05
N PHE B 562 -11.37 31.27 37.77
CA PHE B 562 -10.10 30.57 37.98
C PHE B 562 -9.46 29.98 36.73
N GLN B 563 -10.16 29.95 35.59
CA GLN B 563 -9.47 29.50 34.38
C GLN B 563 -8.60 30.61 33.80
N GLN B 564 -7.81 30.23 32.81
CA GLN B 564 -6.98 31.16 32.06
C GLN B 564 -7.41 31.30 30.60
N PHE B 565 -7.60 30.18 29.90
CA PHE B 565 -7.96 30.20 28.49
C PHE B 565 -9.23 29.38 28.30
N GLY B 566 -9.63 29.24 27.04
CA GLY B 566 -10.83 28.48 26.72
C GLY B 566 -10.71 27.81 25.37
N ARG B 567 -10.99 26.51 25.34
CA ARG B 567 -11.01 25.74 24.12
C ARG B 567 -12.42 25.29 23.79
N ASP B 568 -12.58 24.60 22.66
CA ASP B 568 -13.89 24.19 22.17
C ASP B 568 -13.92 22.69 21.91
N ILE B 569 -14.94 22.25 21.17
CA ILE B 569 -14.98 20.90 20.61
C ILE B 569 -13.73 20.66 19.74
N ALA B 570 -13.09 19.50 19.97
CA ALA B 570 -11.85 18.99 19.38
C ALA B 570 -10.63 19.87 19.65
N ASP B 571 -10.58 20.54 20.81
CA ASP B 571 -9.36 21.05 21.46
C ASP B 571 -8.62 22.12 20.64
N THR B 572 -9.34 23.21 20.36
CA THR B 572 -8.75 24.38 19.72
C THR B 572 -9.09 25.61 20.56
N THR B 573 -8.08 26.37 20.96
CA THR B 573 -8.33 27.52 21.82
C THR B 573 -8.95 28.67 21.04
N ASP B 574 -10.01 29.25 21.62
CA ASP B 574 -10.71 30.35 20.99
C ASP B 574 -11.12 31.43 21.97
N ALA B 575 -10.83 31.29 23.26
CA ALA B 575 -11.08 32.32 24.24
C ALA B 575 -9.94 32.30 25.26
N VAL B 576 -9.61 33.48 25.78
CA VAL B 576 -8.43 33.64 26.62
C VAL B 576 -8.65 34.85 27.52
N ARG B 577 -8.05 34.82 28.71
CA ARG B 577 -8.06 35.93 29.64
C ARG B 577 -6.65 36.49 29.75
N ASP B 578 -6.51 37.78 29.51
CA ASP B 578 -5.22 38.44 29.66
C ASP B 578 -4.90 38.62 31.14
N PRO B 579 -3.63 38.46 31.55
CA PRO B 579 -3.34 38.39 33.00
C PRO B 579 -3.28 39.75 33.71
N GLN B 580 -3.52 40.85 33.01
CA GLN B 580 -3.38 42.17 33.59
C GLN B 580 -4.71 42.89 33.80
N THR B 581 -5.81 42.31 33.32
CA THR B 581 -7.04 43.07 33.13
C THR B 581 -8.26 42.41 33.77
N LEU B 582 -8.26 41.07 33.91
CA LEU B 582 -9.45 40.22 34.16
C LEU B 582 -10.54 40.50 33.12
N GLU B 583 -10.25 40.17 31.87
CA GLU B 583 -11.19 40.27 30.77
C GLU B 583 -10.99 39.12 29.81
N ILE B 584 -12.09 38.44 29.48
CA ILE B 584 -12.08 37.32 28.55
C ILE B 584 -12.14 37.89 27.14
N LEU B 585 -11.16 37.54 26.31
CA LEU B 585 -11.13 37.95 24.92
C LEU B 585 -11.19 36.72 24.03
N ASP B 586 -11.94 36.82 22.95
CA ASP B 586 -12.16 35.69 22.05
C ASP B 586 -11.12 35.67 20.94
N ILE B 587 -10.67 34.46 20.61
CA ILE B 587 -9.70 34.23 19.54
C ILE B 587 -10.43 33.62 18.36
N THR B 588 -10.31 34.25 17.20
CA THR B 588 -10.84 33.72 15.95
C THR B 588 -9.70 33.66 14.93
N PRO B 589 -9.68 32.65 14.06
CA PRO B 589 -8.58 32.54 13.09
C PRO B 589 -8.69 33.57 11.98
N CYS B 590 -7.57 33.81 11.31
CA CYS B 590 -7.50 34.79 10.25
C CYS B 590 -8.22 34.31 8.99
N SER B 591 -8.60 35.26 8.14
CA SER B 591 -9.33 34.94 6.93
C SER B 591 -8.40 34.32 5.88
N PHE B 592 -8.86 33.21 5.30
CA PHE B 592 -8.09 32.47 4.31
C PHE B 592 -9.06 31.65 3.49
N GLY B 593 -8.58 31.18 2.34
CA GLY B 593 -9.40 30.32 1.50
C GLY B 593 -8.78 30.12 0.15
N GLY B 594 -9.56 29.54 -0.75
CA GLY B 594 -9.12 29.33 -2.12
C GLY B 594 -9.49 30.48 -3.03
N VAL B 595 -8.88 30.54 -4.20
CA VAL B 595 -9.13 31.60 -5.18
C VAL B 595 -9.58 30.94 -6.48
N SER B 596 -10.56 31.54 -7.15
CA SER B 596 -11.16 30.98 -8.35
C SER B 596 -11.23 32.03 -9.44
N VAL B 597 -11.02 31.59 -10.68
CA VAL B 597 -10.96 32.46 -11.86
C VAL B 597 -12.04 32.04 -12.84
N ILE B 598 -12.89 33.01 -13.23
CA ILE B 598 -13.91 32.80 -14.26
C ILE B 598 -13.33 33.24 -15.59
N THR B 599 -13.30 32.32 -16.56
CA THR B 599 -12.91 32.71 -17.92
C THR B 599 -13.96 32.23 -18.92
N PRO B 600 -14.14 32.96 -20.01
CA PRO B 600 -14.99 32.45 -21.11
C PRO B 600 -14.23 31.73 -22.21
N GLY B 601 -12.93 31.52 -22.06
CA GLY B 601 -12.13 30.93 -23.11
C GLY B 601 -11.27 31.95 -23.82
N THR B 602 -10.13 31.50 -24.35
CA THR B 602 -9.20 32.42 -25.03
C THR B 602 -9.73 32.83 -26.40
N ASN B 603 -10.49 31.94 -27.06
CA ASN B 603 -11.00 32.23 -28.39
C ASN B 603 -12.16 33.22 -28.37
N THR B 604 -12.81 33.41 -27.22
CA THR B 604 -14.02 34.24 -27.15
C THR B 604 -13.69 35.65 -26.67
N SER B 605 -13.09 35.77 -25.50
CA SER B 605 -12.75 37.06 -24.92
C SER B 605 -11.42 36.93 -24.21
N ASN B 606 -11.04 37.98 -23.48
CA ASN B 606 -9.79 37.98 -22.73
C ASN B 606 -9.99 38.43 -21.29
N GLN B 607 -11.04 39.19 -21.00
CA GLN B 607 -11.32 39.65 -19.66
C GLN B 607 -11.79 38.50 -18.78
N VAL B 608 -11.28 38.46 -17.56
CA VAL B 608 -11.55 37.38 -16.62
C VAL B 608 -12.13 37.97 -15.35
N ALA B 609 -12.82 37.12 -14.60
CA ALA B 609 -13.37 37.49 -13.29
C ALA B 609 -12.77 36.56 -12.25
N VAL B 610 -12.40 37.15 -11.11
CA VAL B 610 -11.67 36.45 -10.06
C VAL B 610 -12.55 36.36 -8.83
N LEU B 611 -12.67 35.16 -8.27
CA LEU B 611 -13.48 34.91 -7.08
C LEU B 611 -12.59 34.75 -5.86
N TYR B 612 -12.77 35.62 -4.87
CA TYR B 612 -12.14 35.47 -3.56
C TYR B 612 -13.18 34.87 -2.62
N GLN B 613 -13.13 33.56 -2.43
CA GLN B 613 -14.17 32.87 -1.69
C GLN B 613 -14.00 33.08 -0.19
N ASP B 614 -15.14 32.99 0.51
CA ASP B 614 -15.38 33.10 1.98
C ASP B 614 -14.57 34.20 2.69
N VAL B 615 -14.46 35.34 2.02
CA VAL B 615 -13.80 36.53 2.56
C VAL B 615 -14.77 37.70 2.40
N ASN B 616 -14.92 38.50 3.47
CA ASN B 616 -15.55 39.81 3.39
C ASN B 616 -14.86 40.66 2.35
N CYS B 617 -15.63 41.14 1.36
CA CYS B 617 -15.07 41.87 0.24
C CYS B 617 -14.92 43.36 0.55
N THR B 618 -14.17 43.68 1.59
CA THR B 618 -13.67 45.01 1.95
C THR B 618 -12.18 45.01 2.20
N GLU B 619 -11.63 43.92 2.74
CA GLU B 619 -10.21 43.78 3.02
C GLU B 619 -9.48 43.06 1.89
N VAL B 620 -10.12 42.91 0.74
CA VAL B 620 -9.46 42.23 -0.40
C VAL B 620 -8.27 42.94 -1.03
N PRO B 621 -8.08 44.28 -0.96
CA PRO B 621 -6.73 44.79 -1.33
C PRO B 621 -5.66 44.58 -0.27
N VAL B 622 -6.00 44.20 0.96
CA VAL B 622 -4.98 43.87 1.94
C VAL B 622 -5.05 42.38 2.25
N ALA B 623 -5.93 41.66 1.56
CA ALA B 623 -5.87 40.20 1.59
C ALA B 623 -4.75 39.69 0.70
N ILE B 624 -4.75 40.11 -0.57
CA ILE B 624 -3.65 39.80 -1.46
C ILE B 624 -2.57 40.87 -1.29
N HIS B 625 -1.38 40.58 -1.81
CA HIS B 625 -0.25 41.50 -1.72
C HIS B 625 -0.20 42.35 -2.98
N ALA B 626 -1.19 43.25 -3.09
CA ALA B 626 -1.47 43.93 -4.36
C ALA B 626 -0.43 45.00 -4.68
N ASP B 627 0.11 45.66 -3.66
CA ASP B 627 1.14 46.66 -3.93
C ASP B 627 2.54 46.05 -4.08
N GLN B 628 2.71 44.74 -3.83
CA GLN B 628 3.91 44.05 -4.29
C GLN B 628 3.77 43.47 -5.69
N LEU B 629 2.55 43.30 -6.18
CA LEU B 629 2.35 42.77 -7.52
C LEU B 629 2.34 43.90 -8.54
N THR B 630 2.12 43.51 -9.80
CA THR B 630 2.02 44.45 -10.90
C THR B 630 0.70 45.22 -10.84
N PRO B 631 0.63 46.39 -11.48
CA PRO B 631 -0.67 47.08 -11.60
C PRO B 631 -1.74 46.35 -12.41
N THR B 632 -1.38 45.35 -13.23
CA THR B 632 -2.35 44.48 -13.88
C THR B 632 -3.13 43.63 -12.87
N TRP B 633 -2.47 43.18 -11.80
CA TRP B 633 -3.20 42.50 -10.72
C TRP B 633 -3.95 43.50 -9.84
N ARG B 634 -3.53 44.77 -9.84
CA ARG B 634 -4.10 45.74 -8.91
C ARG B 634 -5.48 46.23 -9.35
N VAL B 635 -5.82 46.12 -10.63
CA VAL B 635 -7.16 46.49 -11.08
C VAL B 635 -8.15 45.37 -10.79
N TYR B 636 -7.67 44.16 -10.53
CA TYR B 636 -8.51 43.05 -10.10
C TYR B 636 -8.48 42.84 -8.60
N SER B 637 -8.25 43.90 -7.83
CA SER B 637 -8.38 43.89 -6.38
C SER B 637 -9.43 44.86 -5.88
N THR B 638 -9.89 45.78 -6.74
CA THR B 638 -10.91 46.76 -6.40
C THR B 638 -11.58 47.17 -7.71
N GLY B 639 -12.57 48.04 -7.60
CA GLY B 639 -13.20 48.59 -8.78
C GLY B 639 -14.64 48.97 -8.50
N SER B 640 -15.30 49.44 -9.55
CA SER B 640 -16.74 49.71 -9.47
C SER B 640 -17.55 48.41 -9.51
N ASN B 641 -16.99 47.36 -10.10
CA ASN B 641 -17.67 46.07 -10.24
C ASN B 641 -17.26 45.15 -9.10
N VAL B 642 -17.45 45.60 -7.87
CA VAL B 642 -17.20 44.80 -6.67
C VAL B 642 -18.52 44.13 -6.30
N PHE B 643 -18.51 42.80 -6.23
CA PHE B 643 -19.69 42.01 -5.89
C PHE B 643 -19.35 41.07 -4.75
N GLN B 644 -20.14 41.13 -3.69
CA GLN B 644 -20.00 40.21 -2.56
C GLN B 644 -21.16 39.23 -2.64
N THR B 645 -20.85 37.94 -2.73
CA THR B 645 -21.85 36.89 -2.82
C THR B 645 -21.87 36.11 -1.51
N ARG B 646 -22.73 35.09 -1.48
CA ARG B 646 -22.71 34.12 -0.39
C ARG B 646 -21.41 33.31 -0.41
N ALA B 647 -20.94 32.92 -1.59
CA ALA B 647 -19.70 32.18 -1.75
C ALA B 647 -18.46 33.00 -1.39
N GLY B 648 -18.53 34.32 -1.50
CA GLY B 648 -17.42 35.16 -1.10
C GLY B 648 -17.41 36.45 -1.89
N CYS B 649 -16.20 37.01 -2.03
CA CYS B 649 -15.98 38.25 -2.77
C CYS B 649 -15.72 37.92 -4.23
N LEU B 650 -16.33 38.69 -5.13
CA LEU B 650 -16.17 38.52 -6.56
C LEU B 650 -15.74 39.84 -7.18
N ILE B 651 -14.71 39.78 -8.02
CA ILE B 651 -14.27 40.94 -8.80
C ILE B 651 -14.22 40.50 -10.26
N GLY B 652 -14.56 41.42 -11.16
CA GLY B 652 -14.59 41.13 -12.58
C GLY B 652 -15.97 40.91 -13.15
N ALA B 653 -16.99 40.79 -12.32
CA ALA B 653 -18.36 40.64 -12.78
C ALA B 653 -19.26 41.62 -12.06
N GLU B 654 -20.16 42.25 -12.82
CA GLU B 654 -21.13 43.19 -12.29
C GLU B 654 -22.45 42.48 -12.06
N HIS B 655 -23.14 42.82 -10.98
CA HIS B 655 -24.37 42.14 -10.62
C HIS B 655 -25.54 42.62 -11.48
N VAL B 656 -26.29 41.66 -12.01
CA VAL B 656 -27.45 41.94 -12.86
C VAL B 656 -28.68 41.33 -12.20
N ASN B 657 -29.73 42.13 -12.03
CA ASN B 657 -31.01 41.69 -11.48
C ASN B 657 -31.73 40.69 -12.38
N ASN B 658 -31.50 40.74 -13.70
CA ASN B 658 -32.13 39.84 -14.64
C ASN B 658 -31.54 38.43 -14.49
N SER B 659 -32.31 37.43 -14.91
CA SER B 659 -31.94 36.04 -14.77
C SER B 659 -31.89 35.39 -16.14
N TYR B 660 -30.89 34.54 -16.34
CA TYR B 660 -30.69 33.85 -17.61
C TYR B 660 -30.33 32.40 -17.31
N GLU B 661 -30.06 31.64 -18.37
CA GLU B 661 -29.60 30.26 -18.20
C GLU B 661 -28.19 30.25 -17.65
N CYS B 662 -27.93 29.34 -16.71
CA CYS B 662 -26.63 29.31 -16.06
C CYS B 662 -25.57 28.71 -16.99
N ASP B 663 -24.60 29.55 -17.34
CA ASP B 663 -23.50 29.16 -18.20
C ASP B 663 -22.27 28.77 -17.38
N ILE B 664 -21.79 29.67 -16.54
CA ILE B 664 -20.58 29.46 -15.75
C ILE B 664 -20.98 29.42 -14.29
N PRO B 665 -21.00 28.26 -13.63
CA PRO B 665 -21.42 28.21 -12.23
C PRO B 665 -20.35 28.74 -11.29
N ILE B 666 -20.70 29.75 -10.51
CA ILE B 666 -19.84 30.27 -9.45
C ILE B 666 -20.11 29.57 -8.13
N GLY B 667 -21.36 29.51 -7.72
CA GLY B 667 -21.76 28.87 -6.48
C GLY B 667 -22.89 29.62 -5.81
N ALA B 668 -23.74 28.85 -5.11
CA ALA B 668 -24.91 29.30 -4.34
C ALA B 668 -25.91 30.09 -5.18
N GLY B 669 -26.07 29.72 -6.45
CA GLY B 669 -27.12 30.27 -7.28
C GLY B 669 -26.69 31.34 -8.26
N ILE B 670 -25.51 31.93 -8.11
CA ILE B 670 -25.07 33.05 -8.95
C ILE B 670 -24.21 32.50 -10.07
N CYS B 671 -24.48 32.94 -11.30
CA CYS B 671 -23.73 32.51 -12.47
C CYS B 671 -23.10 33.72 -13.16
N ALA B 672 -22.36 33.42 -14.22
CA ALA B 672 -21.71 34.43 -15.04
C ALA B 672 -21.76 34.00 -16.50
N SER B 673 -21.66 34.99 -17.39
CA SER B 673 -21.62 34.76 -18.83
C SER B 673 -20.94 35.96 -19.49
N TYR B 674 -21.00 35.98 -20.81
CA TYR B 674 -20.40 37.05 -21.61
C TYR B 674 -21.48 37.66 -22.49
N GLN B 675 -21.56 38.99 -22.50
CA GLN B 675 -22.55 39.71 -23.30
C GLN B 675 -21.97 40.91 -24.03
N THR B 676 -20.64 40.95 -24.17
CA THR B 676 -19.84 42.03 -24.80
C THR B 676 -20.13 43.42 -24.23
N SER B 691 -18.11 42.61 -21.57
CA SER B 691 -18.31 42.70 -20.13
C SER B 691 -18.80 41.38 -19.55
N ILE B 692 -18.34 41.07 -18.33
CA ILE B 692 -18.76 39.87 -17.62
C ILE B 692 -19.82 40.27 -16.60
N ILE B 693 -20.94 39.55 -16.59
CA ILE B 693 -22.08 39.88 -15.75
C ILE B 693 -22.18 38.84 -14.63
N ALA B 694 -22.92 39.20 -13.58
CA ALA B 694 -23.24 38.30 -12.49
C ALA B 694 -24.74 38.31 -12.26
N TYR B 695 -25.32 37.13 -12.07
CA TYR B 695 -26.78 36.99 -12.09
C TYR B 695 -27.17 35.70 -11.39
N THR B 696 -28.31 35.76 -10.69
CA THR B 696 -28.97 34.57 -10.16
C THR B 696 -29.57 33.84 -11.35
N MET B 697 -29.46 32.51 -11.35
CA MET B 697 -29.82 31.72 -12.53
C MET B 697 -31.33 31.64 -12.71
N SER B 698 -31.75 31.34 -13.93
CA SER B 698 -33.13 31.00 -14.22
C SER B 698 -33.20 29.56 -14.71
N LEU B 699 -34.10 28.78 -14.11
CA LEU B 699 -34.21 27.37 -14.41
C LEU B 699 -35.00 27.11 -15.68
N GLY B 700 -35.73 28.10 -16.16
CA GLY B 700 -36.55 27.95 -17.34
C GLY B 700 -37.68 28.96 -17.32
N ALA B 701 -38.56 28.81 -18.29
CA ALA B 701 -39.70 29.71 -18.39
C ALA B 701 -40.92 29.14 -17.68
N GLU B 702 -41.81 30.01 -17.25
CA GLU B 702 -43.06 29.63 -16.61
C GLU B 702 -43.99 28.92 -17.60
N ASN B 703 -44.67 27.89 -17.11
CA ASN B 703 -45.64 27.18 -17.93
C ASN B 703 -46.90 26.98 -17.10
N SER B 704 -47.99 27.57 -17.59
CA SER B 704 -49.29 27.47 -16.92
C SER B 704 -50.28 26.94 -17.94
N VAL B 705 -50.42 25.62 -18.00
CA VAL B 705 -51.34 24.99 -18.92
C VAL B 705 -52.76 25.17 -18.39
N ALA B 706 -53.68 25.53 -19.27
CA ALA B 706 -55.05 25.93 -18.91
C ALA B 706 -55.85 24.71 -18.45
N TYR B 707 -55.99 24.62 -17.12
CA TYR B 707 -56.70 23.50 -16.51
C TYR B 707 -58.20 23.66 -16.70
N SER B 708 -58.86 22.54 -17.00
CA SER B 708 -60.31 22.45 -16.94
C SER B 708 -60.67 21.02 -16.60
N ASN B 709 -61.76 20.85 -15.86
CA ASN B 709 -62.19 19.54 -15.39
C ASN B 709 -62.87 18.71 -16.47
N ASN B 710 -63.21 19.31 -17.61
CA ASN B 710 -63.89 18.61 -18.68
C ASN B 710 -63.21 18.89 -20.01
N SER B 711 -61.90 19.09 -20.01
CA SER B 711 -61.18 19.40 -21.23
C SER B 711 -59.83 18.70 -21.25
N ILE B 712 -59.28 18.57 -22.47
CA ILE B 712 -58.04 17.84 -22.71
C ILE B 712 -57.41 18.43 -23.97
N ALA B 713 -56.12 18.18 -24.15
CA ALA B 713 -55.42 18.51 -25.38
C ALA B 713 -54.79 17.25 -25.97
N ILE B 714 -55.10 16.98 -27.23
CA ILE B 714 -54.65 15.76 -27.91
C ILE B 714 -53.84 16.16 -29.13
N PRO B 715 -52.66 15.59 -29.35
CA PRO B 715 -51.88 15.92 -30.55
C PRO B 715 -52.50 15.36 -31.83
N THR B 716 -52.18 16.02 -32.94
CA THR B 716 -52.70 15.63 -34.25
C THR B 716 -51.64 15.05 -35.17
N ASN B 717 -50.37 15.43 -35.00
CA ASN B 717 -49.25 14.78 -35.68
C ASN B 717 -48.18 14.41 -34.67
N PHE B 718 -47.06 13.92 -35.18
CA PHE B 718 -45.99 13.43 -34.33
C PHE B 718 -44.67 13.67 -35.01
N THR B 719 -43.60 13.74 -34.21
CA THR B 719 -42.24 13.88 -34.71
C THR B 719 -41.40 12.73 -34.20
N ILE B 720 -40.59 12.17 -35.10
CA ILE B 720 -39.64 11.13 -34.76
C ILE B 720 -38.27 11.79 -34.66
N SER B 721 -37.66 11.73 -33.48
CA SER B 721 -36.40 12.39 -33.22
C SER B 721 -35.35 11.37 -32.80
N VAL B 722 -34.11 11.60 -33.26
CA VAL B 722 -32.99 10.76 -32.90
C VAL B 722 -32.08 11.56 -31.98
N THR B 723 -31.86 11.04 -30.77
CA THR B 723 -31.02 11.71 -29.78
C THR B 723 -29.92 10.76 -29.35
N THR B 724 -28.68 11.20 -29.53
CA THR B 724 -27.50 10.38 -29.27
C THR B 724 -27.24 10.24 -27.78
N GLU B 725 -26.55 9.16 -27.42
CA GLU B 725 -26.19 8.91 -26.04
C GLU B 725 -24.81 8.25 -26.00
N ILE B 726 -23.89 8.87 -25.25
CA ILE B 726 -22.52 8.42 -25.14
C ILE B 726 -22.27 7.93 -23.71
N LEU B 727 -21.60 6.78 -23.58
CA LEU B 727 -21.26 6.22 -22.29
C LEU B 727 -20.08 5.26 -22.55
N PRO B 728 -19.05 5.27 -21.70
CA PRO B 728 -17.84 4.49 -22.00
C PRO B 728 -17.95 3.03 -21.61
N VAL B 729 -17.13 2.19 -22.23
CA VAL B 729 -17.10 0.77 -21.89
C VAL B 729 -15.74 0.28 -21.41
N SER B 730 -14.64 0.98 -21.69
CA SER B 730 -13.33 0.38 -21.44
C SER B 730 -12.29 1.47 -21.20
N MET B 731 -11.13 1.05 -20.73
CA MET B 731 -9.96 1.90 -20.59
C MET B 731 -8.72 1.13 -21.01
N THR B 732 -7.62 1.85 -21.18
CA THR B 732 -6.37 1.23 -21.61
C THR B 732 -5.70 0.49 -20.45
N LYS B 733 -5.66 -0.84 -20.54
CA LYS B 733 -5.08 -1.68 -19.50
C LYS B 733 -3.57 -1.57 -19.55
N THR B 734 -2.93 -1.59 -18.39
CA THR B 734 -1.50 -1.35 -18.27
C THR B 734 -0.88 -2.42 -17.37
N SER B 735 0.19 -3.05 -17.85
CA SER B 735 0.96 -3.98 -17.05
C SER B 735 2.23 -3.28 -16.55
N VAL B 736 2.45 -3.33 -15.25
CA VAL B 736 3.57 -2.65 -14.62
C VAL B 736 4.37 -3.69 -13.85
N ASP B 737 5.65 -3.81 -14.16
CA ASP B 737 6.57 -4.60 -13.34
C ASP B 737 6.97 -3.74 -12.16
N CYS B 738 6.89 -4.32 -10.96
CA CYS B 738 7.28 -3.60 -9.76
C CYS B 738 8.80 -3.47 -9.66
N THR B 739 9.52 -4.49 -10.14
CA THR B 739 10.94 -4.64 -9.84
C THR B 739 11.78 -3.63 -10.64
N MET B 740 11.47 -3.47 -11.92
CA MET B 740 12.20 -2.51 -12.75
C MET B 740 11.79 -1.08 -12.42
N TYR B 741 10.53 -0.87 -12.02
CA TYR B 741 10.08 0.46 -11.62
C TYR B 741 10.69 0.89 -10.29
N ILE B 742 10.96 -0.07 -9.41
CA ILE B 742 11.41 0.30 -8.08
C ILE B 742 12.93 0.24 -7.97
N CYS B 743 13.55 -0.85 -8.43
CA CYS B 743 14.99 -0.99 -8.30
C CYS B 743 15.74 -0.49 -9.53
N GLY B 744 15.47 -1.07 -10.69
CA GLY B 744 16.22 -0.78 -11.88
C GLY B 744 17.53 -1.56 -11.95
N ASP B 745 17.39 -2.90 -11.98
CA ASP B 745 18.44 -3.94 -11.98
C ASP B 745 19.61 -3.66 -11.03
N SER B 746 19.26 -3.39 -9.77
CA SER B 746 20.27 -3.21 -8.72
C SER B 746 19.99 -4.26 -7.64
N THR B 747 21.04 -5.00 -7.26
CA THR B 747 20.86 -6.24 -6.53
C THR B 747 20.53 -6.02 -5.06
N GLU B 748 21.15 -5.02 -4.42
CA GLU B 748 20.91 -4.80 -3.00
C GLU B 748 19.57 -4.12 -2.76
N CYS B 749 19.04 -3.43 -3.78
CA CYS B 749 17.67 -2.93 -3.71
C CYS B 749 16.68 -4.10 -3.69
N SER B 750 16.93 -5.11 -4.53
CA SER B 750 16.10 -6.32 -4.53
C SER B 750 16.32 -7.15 -3.27
N ASN B 751 17.50 -7.01 -2.66
CA ASN B 751 17.73 -7.59 -1.35
C ASN B 751 16.98 -6.83 -0.27
N LEU B 752 16.67 -5.56 -0.52
CA LEU B 752 15.75 -4.85 0.36
C LEU B 752 14.29 -5.02 -0.09
N LEU B 753 14.08 -5.25 -1.39
CA LEU B 753 12.70 -5.40 -1.91
C LEU B 753 12.09 -6.74 -1.52
N LEU B 754 12.87 -7.82 -1.57
CA LEU B 754 12.39 -9.12 -1.11
C LEU B 754 12.32 -9.18 0.41
N GLN B 755 13.07 -8.30 1.09
CA GLN B 755 12.96 -8.11 2.52
C GLN B 755 11.70 -7.34 2.91
N TYR B 756 11.15 -6.55 2.00
CA TYR B 756 9.78 -6.07 2.04
C TYR B 756 8.77 -7.07 1.48
N GLY B 757 9.19 -8.28 1.22
CA GLY B 757 8.27 -9.40 1.04
C GLY B 757 7.71 -9.44 -0.38
N SER B 758 6.39 -9.50 -0.48
CA SER B 758 5.71 -9.78 -1.73
C SER B 758 4.51 -8.87 -1.92
N PHE B 759 4.72 -7.54 -1.79
CA PHE B 759 3.73 -6.55 -2.25
C PHE B 759 3.50 -6.63 -3.76
N CYS B 760 4.55 -7.05 -4.48
CA CYS B 760 4.53 -7.25 -5.92
C CYS B 760 3.48 -8.26 -6.34
N THR B 761 3.21 -9.26 -5.49
CA THR B 761 2.25 -10.32 -5.80
C THR B 761 0.82 -9.79 -5.89
N GLN B 762 0.32 -9.09 -4.85
CA GLN B 762 -1.06 -8.64 -4.97
C GLN B 762 -1.21 -7.40 -5.85
N LEU B 763 -0.15 -6.60 -6.07
CA LEU B 763 -0.31 -5.54 -7.07
C LEU B 763 -0.31 -6.12 -8.49
N ASN B 764 0.38 -7.25 -8.68
CA ASN B 764 0.37 -7.88 -10.00
C ASN B 764 -0.96 -8.59 -10.30
N ARG B 765 -1.56 -9.29 -9.33
CA ARG B 765 -2.87 -9.90 -9.63
C ARG B 765 -3.97 -8.84 -9.63
N ALA B 766 -3.75 -7.71 -8.93
CA ALA B 766 -4.71 -6.61 -9.01
C ALA B 766 -4.66 -5.95 -10.38
N LEU B 767 -3.46 -5.80 -10.96
CA LEU B 767 -3.35 -5.25 -12.30
C LEU B 767 -3.78 -6.24 -13.37
N THR B 768 -3.53 -7.53 -13.16
CA THR B 768 -3.97 -8.57 -14.11
C THR B 768 -5.48 -8.74 -14.06
N GLY B 769 -6.06 -8.52 -12.87
CA GLY B 769 -7.50 -8.56 -12.71
C GLY B 769 -8.23 -7.48 -13.48
N ILE B 770 -7.58 -6.32 -13.64
CA ILE B 770 -8.10 -5.24 -14.50
C ILE B 770 -8.17 -5.70 -15.95
N ALA B 771 -7.14 -6.41 -16.42
CA ALA B 771 -7.08 -6.84 -17.81
C ALA B 771 -8.09 -7.94 -18.11
N VAL B 772 -8.18 -8.95 -17.24
CA VAL B 772 -9.13 -10.03 -17.48
C VAL B 772 -10.56 -9.57 -17.23
N GLU B 773 -10.76 -8.61 -16.31
CA GLU B 773 -12.08 -8.04 -16.09
C GLU B 773 -12.48 -7.13 -17.24
N GLN B 774 -11.51 -6.51 -17.91
CA GLN B 774 -11.86 -5.68 -19.06
C GLN B 774 -12.13 -6.52 -20.30
N ASP B 775 -11.51 -7.70 -20.39
CA ASP B 775 -11.90 -8.61 -21.47
C ASP B 775 -13.28 -9.20 -21.24
N LYS B 776 -13.61 -9.53 -19.98
CA LYS B 776 -14.96 -9.96 -19.63
C LYS B 776 -15.97 -8.81 -19.82
N ASN B 777 -15.51 -7.58 -19.61
CA ASN B 777 -16.30 -6.37 -19.83
C ASN B 777 -16.67 -6.20 -21.31
N THR B 778 -15.68 -6.29 -22.21
CA THR B 778 -16.00 -6.07 -23.62
C THR B 778 -16.71 -7.28 -24.22
N GLN B 779 -16.51 -8.47 -23.63
CA GLN B 779 -17.32 -9.63 -24.00
C GLN B 779 -18.75 -9.48 -23.55
N GLU B 780 -18.96 -8.88 -22.37
CA GLU B 780 -20.30 -8.73 -21.80
C GLU B 780 -21.03 -7.55 -22.45
N VAL B 781 -20.29 -6.62 -23.05
CA VAL B 781 -20.95 -5.51 -23.73
C VAL B 781 -21.21 -5.85 -25.20
N PHE B 782 -20.21 -6.37 -25.91
CA PHE B 782 -20.30 -6.45 -27.36
C PHE B 782 -20.68 -7.82 -27.93
N ALA B 783 -20.57 -8.92 -27.19
CA ALA B 783 -20.69 -10.25 -27.82
C ALA B 783 -21.85 -11.03 -27.21
N GLN B 784 -23.04 -10.84 -27.79
CA GLN B 784 -24.28 -11.37 -27.23
C GLN B 784 -25.13 -12.12 -28.26
N VAL B 785 -24.90 -11.89 -29.55
CA VAL B 785 -25.68 -12.57 -30.59
C VAL B 785 -24.98 -13.89 -30.88
N LYS B 786 -25.78 -14.96 -30.96
CA LYS B 786 -25.23 -16.31 -31.13
C LYS B 786 -24.61 -16.50 -32.52
N GLN B 787 -25.19 -15.85 -33.52
CA GLN B 787 -24.70 -15.92 -34.89
C GLN B 787 -24.30 -14.53 -35.36
N ILE B 788 -24.01 -14.42 -36.66
CA ILE B 788 -23.69 -13.15 -37.29
C ILE B 788 -24.67 -12.96 -38.43
N TYR B 789 -25.40 -11.86 -38.42
CA TYR B 789 -26.30 -11.61 -39.53
C TYR B 789 -25.70 -10.58 -40.48
N LYS B 790 -26.01 -10.73 -41.76
CA LYS B 790 -25.51 -9.86 -42.81
C LYS B 790 -26.68 -9.23 -43.55
N THR B 791 -26.42 -8.06 -44.12
CA THR B 791 -27.38 -7.28 -44.90
C THR B 791 -27.72 -8.00 -46.20
N PRO B 792 -28.92 -7.81 -46.72
CA PRO B 792 -29.22 -8.29 -48.07
C PRO B 792 -28.46 -7.48 -49.10
N PRO B 793 -28.16 -8.07 -50.26
CA PRO B 793 -27.42 -7.32 -51.31
C PRO B 793 -28.23 -6.20 -51.96
N ILE B 794 -29.56 -6.25 -51.88
CA ILE B 794 -30.40 -5.12 -52.21
C ILE B 794 -30.94 -4.53 -50.91
N LYS B 795 -31.01 -3.21 -50.85
CA LYS B 795 -31.49 -2.49 -49.66
C LYS B 795 -32.74 -1.71 -50.08
N ASP B 796 -33.88 -2.39 -50.08
CA ASP B 796 -35.16 -1.79 -50.45
C ASP B 796 -36.09 -1.97 -49.26
N PHE B 797 -36.22 -0.91 -48.46
CA PHE B 797 -37.00 -0.95 -47.23
C PHE B 797 -38.30 -0.16 -47.39
N GLY B 798 -38.75 0.03 -48.62
CA GLY B 798 -40.01 0.71 -48.88
C GLY B 798 -39.97 2.22 -48.72
N GLY B 799 -38.79 2.82 -48.63
CA GLY B 799 -38.65 4.26 -48.50
C GLY B 799 -37.61 4.69 -47.47
N PHE B 800 -37.21 3.77 -46.60
CA PHE B 800 -36.23 4.12 -45.57
C PHE B 800 -34.82 4.16 -46.15
N ASN B 801 -33.96 4.95 -45.52
CA ASN B 801 -32.52 4.96 -45.77
C ASN B 801 -31.78 4.64 -44.48
N PHE B 802 -30.75 3.79 -44.60
CA PHE B 802 -29.90 3.41 -43.49
C PHE B 802 -28.43 3.53 -43.86
N SER B 803 -28.08 4.54 -44.66
CA SER B 803 -26.73 4.63 -45.23
C SER B 803 -25.71 5.11 -44.20
N GLN B 804 -26.13 5.95 -43.25
CA GLN B 804 -25.18 6.57 -42.33
C GLN B 804 -24.75 5.67 -41.19
N ILE B 805 -25.45 4.56 -40.95
CA ILE B 805 -25.11 3.66 -39.85
C ILE B 805 -24.78 2.24 -40.31
N LEU B 806 -25.12 1.88 -41.54
CA LEU B 806 -24.64 0.59 -42.03
C LEU B 806 -23.19 0.75 -42.49
N PRO B 807 -22.36 -0.28 -42.32
CA PRO B 807 -20.93 -0.13 -42.64
C PRO B 807 -20.64 -0.02 -44.14
N ASP B 808 -19.73 0.89 -44.47
CA ASP B 808 -19.34 1.17 -45.85
C ASP B 808 -18.34 0.10 -46.29
N PRO B 809 -18.61 -0.62 -47.38
CA PRO B 809 -17.59 -1.54 -47.90
C PRO B 809 -16.43 -0.84 -48.59
N SER B 810 -16.59 0.43 -48.97
CA SER B 810 -15.52 1.15 -49.66
C SER B 810 -14.37 1.48 -48.71
N LYS B 811 -14.67 1.70 -47.43
CA LYS B 811 -13.64 1.92 -46.44
C LYS B 811 -12.91 0.60 -46.15
N PRO B 812 -11.60 0.66 -45.86
CA PRO B 812 -10.89 -0.56 -45.47
C PRO B 812 -11.21 -0.99 -44.05
N SER B 813 -11.68 -0.03 -43.25
CA SER B 813 -12.07 -0.33 -41.87
C SER B 813 -13.38 -1.10 -41.78
N LYS B 814 -14.20 -1.04 -42.84
CA LYS B 814 -15.55 -1.62 -42.92
C LYS B 814 -16.45 -1.12 -41.80
N ARG B 815 -16.45 0.20 -41.60
CA ARG B 815 -17.20 0.84 -40.55
C ARG B 815 -18.25 1.77 -41.15
N SER B 816 -19.24 2.13 -40.34
CA SER B 816 -20.21 3.14 -40.71
C SER B 816 -19.51 4.50 -40.76
N PRO B 817 -19.94 5.42 -41.65
CA PRO B 817 -19.18 6.67 -41.80
C PRO B 817 -19.34 7.65 -40.65
N ILE B 818 -20.32 7.45 -39.76
CA ILE B 818 -20.31 8.22 -38.52
C ILE B 818 -19.31 7.63 -37.54
N GLU B 819 -19.07 6.31 -37.61
CA GLU B 819 -18.06 5.69 -36.76
C GLU B 819 -16.65 6.05 -37.22
N ASP B 820 -16.50 6.38 -38.50
CA ASP B 820 -15.22 6.90 -39.00
C ASP B 820 -14.88 8.25 -38.37
N LEU B 821 -15.87 9.14 -38.25
CA LEU B 821 -15.59 10.42 -37.61
C LEU B 821 -15.52 10.28 -36.08
N LEU B 822 -16.17 9.26 -35.51
CA LEU B 822 -15.92 8.93 -34.10
C LEU B 822 -14.49 8.45 -33.87
N PHE B 823 -13.97 7.61 -34.77
CA PHE B 823 -12.62 7.11 -34.61
C PHE B 823 -11.59 8.16 -34.96
N ASN B 824 -11.96 9.14 -35.79
CA ASN B 824 -11.09 10.27 -36.04
C ASN B 824 -11.09 11.25 -34.87
N LYS B 825 -12.25 11.44 -34.24
CA LYS B 825 -12.37 12.46 -33.21
C LYS B 825 -11.77 12.04 -31.87
N VAL B 826 -11.66 10.73 -31.61
CA VAL B 826 -11.05 10.27 -30.37
C VAL B 826 -9.56 10.03 -30.61
N THR B 827 -8.74 11.04 -30.27
CA THR B 827 -7.28 10.95 -30.33
C THR B 827 -6.74 11.52 -29.03
N LEU B 828 -5.48 11.21 -28.73
CA LEU B 828 -4.81 11.74 -27.54
C LEU B 828 -4.50 13.21 -27.76
N ALA B 852 1.48 6.83 -22.93
CA ALA B 852 1.66 6.07 -24.16
C ALA B 852 3.13 5.77 -24.42
N GLN B 853 3.93 5.75 -23.36
CA GLN B 853 5.36 5.49 -23.45
C GLN B 853 5.64 4.11 -22.90
N LYS B 854 6.83 3.57 -23.18
CA LYS B 854 7.25 2.26 -22.69
C LYS B 854 8.63 2.42 -22.06
N PHE B 855 8.66 2.78 -20.78
CA PHE B 855 9.90 2.94 -20.02
C PHE B 855 9.65 2.52 -18.59
N ASN B 856 10.74 2.15 -17.92
CA ASN B 856 10.84 1.91 -16.47
C ASN B 856 9.91 0.82 -15.96
N GLY B 857 9.66 -0.23 -16.73
CA GLY B 857 8.93 -1.38 -16.23
C GLY B 857 7.44 -1.40 -16.50
N LEU B 858 6.88 -0.33 -17.07
CA LEU B 858 5.46 -0.31 -17.41
C LEU B 858 5.29 -0.66 -18.88
N THR B 859 4.36 -1.58 -19.16
CA THR B 859 4.20 -2.14 -20.49
C THR B 859 2.71 -2.21 -20.83
N VAL B 860 2.37 -1.66 -22.00
CA VAL B 860 1.00 -1.63 -22.47
C VAL B 860 0.68 -2.98 -23.11
N LEU B 861 -0.53 -3.47 -22.90
CA LEU B 861 -1.00 -4.70 -23.50
C LEU B 861 -2.03 -4.37 -24.57
N PRO B 862 -1.97 -5.03 -25.74
CA PRO B 862 -2.95 -4.77 -26.80
C PRO B 862 -4.32 -5.31 -26.44
N PRO B 863 -5.39 -4.80 -27.06
CA PRO B 863 -6.72 -5.39 -26.86
C PRO B 863 -6.81 -6.79 -27.44
N LEU B 864 -7.48 -7.66 -26.69
CA LEU B 864 -7.58 -9.06 -27.09
C LEU B 864 -8.59 -9.26 -28.21
N LEU B 865 -9.53 -8.33 -28.36
CA LEU B 865 -10.43 -8.28 -29.50
C LEU B 865 -10.32 -6.89 -30.12
N THR B 866 -9.77 -6.80 -31.32
CA THR B 866 -9.53 -5.50 -31.92
C THR B 866 -10.81 -4.96 -32.56
N ASP B 867 -10.68 -3.76 -33.15
CA ASP B 867 -11.82 -2.92 -33.49
C ASP B 867 -12.62 -3.46 -34.68
N GLU B 868 -12.00 -4.32 -35.50
CA GLU B 868 -12.66 -4.86 -36.69
C GLU B 868 -13.79 -5.81 -36.32
N MET B 869 -13.55 -6.69 -35.35
CA MET B 869 -14.61 -7.60 -34.94
C MET B 869 -15.64 -6.89 -34.05
N ILE B 870 -15.25 -5.79 -33.41
CA ILE B 870 -16.23 -4.94 -32.70
C ILE B 870 -17.17 -4.29 -33.72
N ALA B 871 -16.62 -3.81 -34.83
CA ALA B 871 -17.43 -3.25 -35.91
C ALA B 871 -18.28 -4.32 -36.58
N GLN B 872 -17.77 -5.56 -36.64
CA GLN B 872 -18.54 -6.65 -37.23
C GLN B 872 -19.67 -7.10 -36.32
N TYR B 873 -19.44 -7.07 -34.99
CA TYR B 873 -20.51 -7.36 -34.03
C TYR B 873 -21.61 -6.30 -34.05
N THR B 874 -21.22 -5.03 -34.14
CA THR B 874 -22.23 -3.97 -34.25
C THR B 874 -22.96 -4.02 -35.61
N SER B 875 -22.25 -4.43 -36.67
CA SER B 875 -22.88 -4.62 -37.98
C SER B 875 -23.85 -5.80 -37.96
N ALA B 876 -23.51 -6.86 -37.21
CA ALA B 876 -24.40 -8.00 -37.06
C ALA B 876 -25.64 -7.63 -36.24
N LEU B 877 -25.46 -6.78 -35.21
CA LEU B 877 -26.58 -6.23 -34.45
C LEU B 877 -27.52 -5.42 -35.33
N LEU B 878 -26.96 -4.54 -36.17
CA LEU B 878 -27.79 -3.69 -37.02
C LEU B 878 -28.46 -4.49 -38.13
N ALA B 879 -27.77 -5.52 -38.66
CA ALA B 879 -28.34 -6.37 -39.69
C ALA B 879 -29.47 -7.23 -39.13
N GLY B 880 -29.27 -7.77 -37.91
CA GLY B 880 -30.31 -8.55 -37.27
C GLY B 880 -31.52 -7.72 -36.88
N THR B 881 -31.29 -6.46 -36.50
CA THR B 881 -32.45 -5.65 -36.15
C THR B 881 -33.07 -4.96 -37.37
N ILE B 882 -32.40 -4.98 -38.53
CA ILE B 882 -33.04 -4.41 -39.71
C ILE B 882 -33.79 -5.49 -40.49
N THR B 883 -33.39 -6.76 -40.35
CA THR B 883 -34.07 -7.81 -41.09
C THR B 883 -34.54 -8.96 -40.22
N SER B 884 -34.72 -8.75 -38.91
CA SER B 884 -35.31 -9.77 -38.07
C SER B 884 -36.30 -9.25 -37.05
N GLY B 885 -36.34 -7.94 -36.79
CA GLY B 885 -37.13 -7.47 -35.67
C GLY B 885 -36.43 -7.81 -34.36
N TRP B 886 -37.22 -8.19 -33.36
CA TRP B 886 -36.67 -8.65 -32.08
C TRP B 886 -36.45 -10.16 -32.05
N THR B 887 -36.68 -10.86 -33.16
CA THR B 887 -36.68 -12.32 -33.14
C THR B 887 -35.28 -12.89 -33.09
N PHE B 888 -34.28 -12.17 -33.60
CA PHE B 888 -32.89 -12.60 -33.47
C PHE B 888 -32.37 -12.41 -32.06
N GLY B 889 -32.96 -11.49 -31.29
CA GLY B 889 -32.56 -11.30 -29.91
C GLY B 889 -33.15 -12.29 -28.94
N ALA B 890 -34.07 -13.14 -29.39
CA ALA B 890 -34.72 -14.12 -28.54
C ALA B 890 -34.38 -15.56 -28.90
N GLY B 891 -34.49 -15.92 -30.17
CA GLY B 891 -34.22 -17.26 -30.61
C GLY B 891 -33.69 -17.25 -32.04
N PRO B 892 -34.26 -18.10 -32.90
CA PRO B 892 -33.97 -17.97 -34.32
C PRO B 892 -34.60 -16.72 -34.89
N ALA B 893 -33.91 -16.11 -35.84
CA ALA B 893 -34.39 -14.88 -36.46
C ALA B 893 -35.54 -15.18 -37.41
N LEU B 894 -36.55 -14.31 -37.40
CA LEU B 894 -37.73 -14.48 -38.23
C LEU B 894 -37.86 -13.31 -39.18
N GLN B 895 -38.37 -13.57 -40.37
CA GLN B 895 -38.43 -12.56 -41.41
C GLN B 895 -39.68 -11.70 -41.27
N ILE B 896 -39.48 -10.46 -40.81
CA ILE B 896 -40.53 -9.44 -40.71
C ILE B 896 -40.01 -8.21 -41.44
N PRO B 897 -40.78 -7.67 -42.38
CA PRO B 897 -40.43 -6.40 -43.03
C PRO B 897 -40.35 -5.24 -42.06
N PHE B 898 -39.50 -4.27 -42.39
CA PHE B 898 -39.31 -3.11 -41.51
C PHE B 898 -40.51 -2.16 -41.41
N PRO B 899 -41.32 -1.87 -42.45
CA PRO B 899 -42.58 -1.16 -42.15
C PRO B 899 -43.62 -2.02 -41.44
N MET B 900 -43.52 -3.35 -41.53
CA MET B 900 -44.36 -4.20 -40.68
C MET B 900 -43.90 -4.12 -39.24
N GLN B 901 -42.58 -4.13 -39.02
CA GLN B 901 -42.00 -4.06 -37.68
C GLN B 901 -42.29 -2.72 -37.04
N MET B 902 -42.17 -1.63 -37.80
CA MET B 902 -42.46 -0.30 -37.27
C MET B 902 -43.95 -0.10 -37.03
N ALA B 903 -44.80 -0.84 -37.76
CA ALA B 903 -46.22 -0.83 -37.45
C ALA B 903 -46.51 -1.59 -36.15
N TYR B 904 -45.78 -2.69 -35.91
CA TYR B 904 -45.86 -3.38 -34.62
C TYR B 904 -45.38 -2.50 -33.47
N ARG B 905 -44.30 -1.75 -33.71
CA ARG B 905 -43.76 -0.91 -32.65
C ARG B 905 -44.61 0.32 -32.43
N PHE B 906 -45.29 0.80 -33.48
CA PHE B 906 -46.37 1.75 -33.29
C PHE B 906 -47.54 1.12 -32.54
N ASN B 907 -47.85 -0.15 -32.85
CA ASN B 907 -48.86 -0.87 -32.08
C ASN B 907 -48.38 -1.18 -30.68
N GLY B 908 -47.06 -1.31 -30.51
CA GLY B 908 -46.50 -1.47 -29.18
C GLY B 908 -46.53 -0.20 -28.35
N ILE B 909 -46.49 0.97 -28.99
CA ILE B 909 -46.51 2.23 -28.26
C ILE B 909 -47.94 2.75 -28.07
N GLY B 910 -48.90 2.18 -28.79
CA GLY B 910 -50.29 2.49 -28.54
C GLY B 910 -50.99 3.30 -29.61
N VAL B 911 -50.48 3.32 -30.83
CA VAL B 911 -51.17 3.93 -31.96
C VAL B 911 -51.37 2.86 -33.04
N THR B 912 -52.35 3.06 -33.91
CA THR B 912 -52.73 2.01 -34.83
C THR B 912 -51.85 2.03 -36.09
N GLN B 913 -52.28 1.27 -37.09
CA GLN B 913 -51.49 1.12 -38.30
C GLN B 913 -51.65 2.32 -39.23
N ASN B 914 -52.75 3.06 -39.11
CA ASN B 914 -53.07 4.07 -40.12
C ASN B 914 -52.31 5.38 -39.89
N VAL B 915 -51.55 5.47 -38.80
CA VAL B 915 -50.61 6.58 -38.68
C VAL B 915 -49.33 6.28 -39.42
N LEU B 916 -49.12 5.03 -39.83
CA LEU B 916 -47.95 4.65 -40.61
C LEU B 916 -48.27 4.42 -42.08
N TYR B 917 -49.29 3.62 -42.38
CA TYR B 917 -49.55 3.22 -43.75
C TYR B 917 -50.20 4.33 -44.57
N GLU B 918 -50.80 5.32 -43.90
CA GLU B 918 -51.23 6.53 -44.59
C GLU B 918 -50.15 7.60 -44.60
N ASN B 919 -49.08 7.43 -43.82
CA ASN B 919 -48.04 8.44 -43.70
C ASN B 919 -46.65 7.86 -43.91
N GLN B 920 -46.48 6.96 -44.87
CA GLN B 920 -45.24 6.19 -45.01
C GLN B 920 -44.09 7.05 -45.54
N LYS B 921 -44.37 7.87 -46.55
CA LYS B 921 -43.33 8.72 -47.13
C LYS B 921 -42.99 9.87 -46.18
N LEU B 922 -43.97 10.33 -45.40
CA LEU B 922 -43.73 11.37 -44.40
C LEU B 922 -42.86 10.85 -43.27
N ILE B 923 -43.12 9.61 -42.82
CA ILE B 923 -42.34 8.99 -41.76
C ILE B 923 -40.93 8.68 -42.25
N ALA B 924 -40.81 8.28 -43.52
CA ALA B 924 -39.49 8.02 -44.12
C ALA B 924 -38.70 9.30 -44.30
N ASN B 925 -39.37 10.40 -44.64
CA ASN B 925 -38.72 11.70 -44.75
C ASN B 925 -38.25 12.21 -43.41
N GLN B 926 -39.10 12.07 -42.37
CA GLN B 926 -38.73 12.48 -41.01
C GLN B 926 -37.61 11.62 -40.44
N PHE B 927 -37.62 10.33 -40.78
CA PHE B 927 -36.61 9.39 -40.31
C PHE B 927 -35.26 9.67 -40.97
N ASN B 928 -35.25 9.89 -42.29
CA ASN B 928 -34.01 10.13 -43.01
C ASN B 928 -33.47 11.52 -42.75
N SER B 929 -34.34 12.48 -42.45
CA SER B 929 -33.88 13.80 -42.04
C SER B 929 -33.40 13.78 -40.60
N ALA B 930 -33.97 12.89 -39.78
CA ALA B 930 -33.59 12.83 -38.37
C ALA B 930 -32.25 12.12 -38.20
N ILE B 931 -31.98 11.10 -39.02
CA ILE B 931 -30.67 10.46 -38.97
C ILE B 931 -29.63 11.31 -39.70
N GLY B 932 -30.09 12.18 -40.59
CA GLY B 932 -29.16 12.99 -41.37
C GLY B 932 -28.58 14.15 -40.58
N LYS B 933 -29.30 14.58 -39.53
CA LYS B 933 -28.78 15.66 -38.71
C LYS B 933 -27.96 15.13 -37.54
N ILE B 934 -27.79 13.81 -37.45
CA ILE B 934 -26.94 13.22 -36.43
C ILE B 934 -25.47 13.51 -36.74
N GLN B 935 -25.11 13.42 -38.02
CA GLN B 935 -23.74 13.66 -38.48
C GLN B 935 -23.32 15.11 -38.29
N ASP B 936 -24.24 16.05 -38.54
CA ASP B 936 -23.92 17.46 -38.36
C ASP B 936 -23.88 17.84 -36.88
N SER B 937 -24.65 17.13 -36.05
CA SER B 937 -24.63 17.43 -34.61
C SER B 937 -23.34 16.94 -33.96
N LEU B 938 -22.79 15.83 -34.43
CA LEU B 938 -21.54 15.30 -33.88
C LEU B 938 -20.32 15.94 -34.51
N SER B 939 -20.38 16.28 -35.80
CA SER B 939 -19.23 16.87 -36.47
C SER B 939 -19.00 18.33 -36.08
N SER B 940 -20.05 19.06 -35.69
CA SER B 940 -19.89 20.46 -35.35
C SER B 940 -19.78 20.69 -33.84
N THR B 941 -19.79 19.63 -33.04
CA THR B 941 -19.62 19.76 -31.61
C THR B 941 -18.41 18.95 -31.15
N PRO B 942 -17.28 19.60 -30.87
CA PRO B 942 -16.14 18.89 -30.28
C PRO B 942 -16.36 18.40 -28.86
N SER B 943 -17.31 18.99 -28.12
CA SER B 943 -17.56 18.66 -26.73
C SER B 943 -18.62 17.56 -26.57
N ALA B 944 -18.98 16.88 -27.64
CA ALA B 944 -19.96 15.81 -27.54
C ALA B 944 -19.34 14.51 -27.03
N LEU B 945 -18.01 14.42 -27.08
CA LEU B 945 -17.30 13.21 -26.69
C LEU B 945 -16.42 13.41 -25.47
N GLY B 946 -16.84 14.23 -24.51
CA GLY B 946 -16.01 14.49 -23.35
C GLY B 946 -16.02 13.35 -22.34
N LYS B 947 -17.08 12.53 -22.38
CA LYS B 947 -17.20 11.41 -21.45
C LYS B 947 -16.19 10.31 -21.77
N LEU B 948 -15.96 10.05 -23.06
CA LEU B 948 -14.86 9.18 -23.45
C LEU B 948 -13.51 9.85 -23.20
N GLN B 949 -13.43 11.16 -23.39
CA GLN B 949 -12.14 11.84 -23.43
C GLN B 949 -11.54 12.02 -22.04
N ASP B 950 -12.37 12.26 -21.03
CA ASP B 950 -11.86 12.53 -19.68
C ASP B 950 -11.26 11.29 -19.03
N VAL B 951 -11.80 10.11 -19.38
CA VAL B 951 -11.28 8.85 -18.84
C VAL B 951 -9.89 8.56 -19.39
N VAL B 952 -9.73 8.71 -20.71
CA VAL B 952 -8.45 8.46 -21.38
C VAL B 952 -7.43 9.52 -20.98
N ASN B 953 -7.89 10.77 -20.81
CA ASN B 953 -7.03 11.85 -20.33
C ASN B 953 -6.57 11.62 -18.90
N GLN B 954 -7.45 11.09 -18.05
CA GLN B 954 -7.06 10.80 -16.67
C GLN B 954 -6.11 9.61 -16.59
N ASN B 955 -6.28 8.62 -17.49
CA ASN B 955 -5.32 7.51 -17.56
C ASN B 955 -3.95 7.97 -18.01
N ALA B 956 -3.91 8.82 -19.04
CA ALA B 956 -2.65 9.33 -19.56
C ALA B 956 -1.94 10.23 -18.55
N GLN B 957 -2.69 11.09 -17.86
CA GLN B 957 -2.06 11.97 -16.88
C GLN B 957 -1.69 11.21 -15.61
N ALA B 958 -2.40 10.12 -15.30
CA ALA B 958 -2.03 9.29 -14.15
C ALA B 958 -0.74 8.53 -14.43
N LEU B 959 -0.60 7.99 -15.65
CA LEU B 959 0.65 7.36 -16.06
C LEU B 959 1.81 8.35 -16.10
N ASN B 960 1.58 9.55 -16.63
CA ASN B 960 2.64 10.55 -16.72
C ASN B 960 3.04 11.09 -15.35
N THR B 961 2.07 11.29 -14.47
CA THR B 961 2.37 11.83 -13.15
C THR B 961 2.98 10.75 -12.25
N LEU B 962 2.68 9.47 -12.54
CA LEU B 962 3.40 8.37 -11.91
C LEU B 962 4.85 8.33 -12.39
N VAL B 963 5.08 8.58 -13.68
CA VAL B 963 6.44 8.67 -14.21
C VAL B 963 7.14 9.93 -13.68
N LYS B 964 6.40 11.04 -13.55
CA LYS B 964 7.00 12.31 -13.12
C LYS B 964 7.43 12.31 -11.66
N GLN B 965 6.93 11.37 -10.85
CA GLN B 965 7.31 11.33 -9.45
C GLN B 965 8.69 10.70 -9.22
N LEU B 966 9.27 10.08 -10.24
CA LEU B 966 10.54 9.35 -10.21
C LEU B 966 11.75 10.24 -10.05
N SER B 967 11.67 11.57 -10.13
CA SER B 967 12.84 12.43 -10.19
C SER B 967 13.12 13.04 -8.84
N SER B 968 12.91 12.27 -7.78
CA SER B 968 13.10 12.74 -6.42
C SER B 968 13.81 11.68 -5.60
N ASN B 969 14.68 12.13 -4.70
CA ASN B 969 15.59 11.24 -3.99
C ASN B 969 15.06 10.81 -2.62
N PHE B 970 13.93 11.39 -2.21
CA PHE B 970 13.02 10.85 -1.17
C PHE B 970 13.62 10.95 0.24
N GLY B 971 14.54 11.88 0.44
CA GLY B 971 15.25 12.09 1.68
C GLY B 971 16.75 12.26 1.52
N ALA B 972 17.27 12.01 0.32
CA ALA B 972 18.69 11.79 0.11
C ALA B 972 19.40 13.07 -0.31
N ILE B 973 20.66 12.90 -0.73
CA ILE B 973 21.45 14.01 -1.24
C ILE B 973 21.35 14.08 -2.76
N SER B 974 21.43 12.92 -3.42
CA SER B 974 21.51 12.85 -4.86
C SER B 974 20.38 11.99 -5.43
N SER B 975 19.90 12.41 -6.61
CA SER B 975 18.68 11.85 -7.20
C SER B 975 18.85 10.47 -7.80
N VAL B 976 20.06 10.09 -8.19
CA VAL B 976 20.35 8.77 -8.74
C VAL B 976 20.80 7.89 -7.58
N LEU B 977 20.56 6.58 -7.68
CA LEU B 977 21.02 5.65 -6.65
C LEU B 977 22.53 5.44 -6.72
N ASN B 978 23.13 5.72 -7.88
CA ASN B 978 24.56 5.46 -8.08
C ASN B 978 25.43 6.45 -7.31
N ASP B 979 24.97 7.70 -7.17
CA ASP B 979 25.74 8.66 -6.39
C ASP B 979 25.47 8.49 -4.90
N ILE B 980 24.37 7.85 -4.53
CA ILE B 980 24.19 7.40 -3.15
C ILE B 980 25.14 6.24 -2.85
N LEU B 981 25.30 5.33 -3.81
CA LEU B 981 26.17 4.18 -3.59
C LEU B 981 27.64 4.52 -3.80
N SER B 982 27.93 5.70 -4.36
CA SER B 982 29.31 6.10 -4.58
C SER B 982 29.79 7.07 -3.50
N ARG B 983 28.98 8.07 -3.18
CA ARG B 983 29.41 9.10 -2.22
C ARG B 983 29.00 8.80 -0.78
N LEU B 984 28.33 7.68 -0.51
CA LEU B 984 28.00 7.32 0.85
C LEU B 984 28.47 5.89 1.10
N ASP B 985 28.37 5.45 2.35
CA ASP B 985 28.84 4.20 2.92
C ASP B 985 27.69 3.19 2.99
N PRO B 986 27.90 2.00 2.44
CA PRO B 986 26.85 0.93 2.45
C PRO B 986 26.39 0.46 3.83
N PRO B 987 27.18 0.54 4.92
CA PRO B 987 26.55 0.39 6.25
C PRO B 987 25.63 1.53 6.69
N GLU B 988 25.63 2.70 6.02
CA GLU B 988 24.64 3.72 6.28
C GLU B 988 23.85 4.14 5.06
N ALA B 989 24.02 3.47 3.92
CA ALA B 989 23.21 3.77 2.74
C ALA B 989 21.94 2.93 2.66
N GLU B 990 21.85 1.85 3.44
CA GLU B 990 20.69 0.96 3.42
C GLU B 990 19.43 1.65 3.91
N VAL B 991 19.59 2.54 4.91
CA VAL B 991 18.48 3.35 5.43
C VAL B 991 17.96 4.29 4.36
N GLN B 992 18.87 4.87 3.57
CA GLN B 992 18.47 5.85 2.58
C GLN B 992 17.83 5.19 1.35
N ILE B 993 18.36 4.03 0.96
CA ILE B 993 17.73 3.23 -0.10
C ILE B 993 16.37 2.73 0.36
N ASP B 994 16.20 2.45 1.66
CA ASP B 994 14.90 2.09 2.23
C ASP B 994 13.91 3.26 2.16
N ARG B 995 14.37 4.49 2.39
CA ARG B 995 13.50 5.68 2.23
C ARG B 995 13.04 5.83 0.78
N LEU B 996 13.95 5.59 -0.16
CA LEU B 996 13.64 5.52 -1.59
C LEU B 996 12.62 4.43 -1.90
N ILE B 997 12.77 3.25 -1.26
CA ILE B 997 11.89 2.10 -1.44
C ILE B 997 10.47 2.43 -1.00
N THR B 998 10.34 3.06 0.19
CA THR B 998 9.03 3.38 0.74
C THR B 998 8.31 4.45 -0.07
N GLY B 999 9.06 5.43 -0.58
CA GLY B 999 8.46 6.46 -1.43
C GLY B 999 7.91 5.92 -2.74
N ARG B 1000 8.71 5.12 -3.46
CA ARG B 1000 8.24 4.66 -4.77
C ARG B 1000 7.21 3.53 -4.62
N LEU B 1001 7.29 2.78 -3.52
CA LEU B 1001 6.32 1.72 -3.27
C LEU B 1001 4.97 2.31 -2.86
N GLN B 1002 4.98 3.41 -2.11
CA GLN B 1002 3.71 4.04 -1.74
C GLN B 1002 3.08 4.76 -2.93
N SER B 1003 3.91 5.30 -3.84
CA SER B 1003 3.37 5.90 -5.06
C SER B 1003 2.76 4.85 -5.98
N LEU B 1004 3.38 3.67 -6.06
CA LEU B 1004 2.81 2.58 -6.85
C LEU B 1004 1.55 2.01 -6.21
N GLN B 1005 1.50 2.04 -4.87
CA GLN B 1005 0.33 1.57 -4.13
C GLN B 1005 -0.89 2.48 -4.35
N THR B 1006 -0.68 3.80 -4.32
CA THR B 1006 -1.81 4.70 -4.57
C THR B 1006 -2.17 4.74 -6.05
N TYR B 1007 -1.20 4.41 -6.93
CA TYR B 1007 -1.49 4.22 -8.35
C TYR B 1007 -2.41 3.04 -8.60
N VAL B 1008 -2.12 1.89 -7.99
CA VAL B 1008 -2.93 0.70 -8.25
C VAL B 1008 -4.28 0.81 -7.52
N THR B 1009 -4.32 1.60 -6.43
CA THR B 1009 -5.59 1.90 -5.76
C THR B 1009 -6.50 2.74 -6.66
N GLN B 1010 -5.96 3.81 -7.25
CA GLN B 1010 -6.75 4.67 -8.14
C GLN B 1010 -7.14 3.94 -9.43
N GLN B 1011 -6.27 3.06 -9.91
CA GLN B 1011 -6.54 2.25 -11.10
C GLN B 1011 -7.67 1.26 -10.87
N LEU B 1012 -7.66 0.57 -9.72
CA LEU B 1012 -8.70 -0.41 -9.45
C LEU B 1012 -10.03 0.25 -9.12
N ILE B 1013 -10.01 1.44 -8.49
CA ILE B 1013 -11.30 2.06 -8.15
C ILE B 1013 -11.90 2.74 -9.39
N ARG B 1014 -11.06 3.12 -10.37
CA ARG B 1014 -11.61 3.62 -11.63
C ARG B 1014 -12.08 2.46 -12.51
N ALA B 1015 -11.46 1.29 -12.35
CA ALA B 1015 -11.97 0.08 -12.98
C ALA B 1015 -13.32 -0.34 -12.41
N ALA B 1016 -13.55 -0.10 -11.12
CA ALA B 1016 -14.85 -0.39 -10.53
C ALA B 1016 -15.95 0.54 -11.07
N GLU B 1017 -15.60 1.81 -11.30
CA GLU B 1017 -16.54 2.77 -11.88
C GLU B 1017 -16.85 2.44 -13.33
N ILE B 1018 -15.83 1.99 -14.09
CA ILE B 1018 -16.07 1.60 -15.47
C ILE B 1018 -16.81 0.27 -15.53
N ARG B 1019 -16.70 -0.55 -14.48
CA ARG B 1019 -17.48 -1.79 -14.39
C ARG B 1019 -18.95 -1.49 -14.15
N ALA B 1020 -19.25 -0.56 -13.25
CA ALA B 1020 -20.65 -0.19 -12.98
C ALA B 1020 -21.29 0.50 -14.17
N SER B 1021 -20.52 1.35 -14.87
CA SER B 1021 -21.00 1.96 -16.10
C SER B 1021 -21.21 0.93 -17.19
N ALA B 1022 -20.39 -0.12 -17.21
CA ALA B 1022 -20.56 -1.16 -18.22
C ALA B 1022 -21.75 -2.06 -17.94
N ASN B 1023 -22.08 -2.27 -16.66
CA ASN B 1023 -23.33 -2.96 -16.33
C ASN B 1023 -24.55 -2.14 -16.75
N LEU B 1024 -24.48 -0.81 -16.56
CA LEU B 1024 -25.53 0.08 -17.04
C LEU B 1024 -25.64 0.05 -18.56
N ALA B 1025 -24.50 0.00 -19.26
CA ALA B 1025 -24.50 -0.07 -20.71
C ALA B 1025 -25.01 -1.40 -21.23
N ALA B 1026 -24.69 -2.49 -20.51
CA ALA B 1026 -25.14 -3.82 -20.91
C ALA B 1026 -26.65 -3.97 -20.77
N THR B 1027 -27.21 -3.51 -19.64
CA THR B 1027 -28.66 -3.60 -19.49
C THR B 1027 -29.38 -2.61 -20.39
N LYS B 1028 -28.74 -1.46 -20.70
CA LYS B 1028 -29.38 -0.48 -21.58
C LYS B 1028 -29.39 -0.96 -23.03
N MET B 1029 -28.31 -1.60 -23.49
CA MET B 1029 -28.30 -2.07 -24.88
C MET B 1029 -29.18 -3.30 -25.02
N SER B 1030 -29.13 -4.22 -24.04
CA SER B 1030 -29.90 -5.45 -24.15
C SER B 1030 -31.38 -5.23 -23.88
N GLU B 1031 -31.76 -4.07 -23.33
CA GLU B 1031 -33.16 -3.70 -23.28
C GLU B 1031 -33.62 -2.83 -24.45
N CYS B 1032 -32.89 -1.76 -24.77
CA CYS B 1032 -33.32 -0.81 -25.79
C CYS B 1032 -33.09 -1.29 -27.22
N VAL B 1033 -32.21 -2.25 -27.44
CA VAL B 1033 -31.85 -2.68 -28.80
C VAL B 1033 -32.53 -3.98 -29.17
N LEU B 1034 -32.48 -4.99 -28.31
CA LEU B 1034 -33.01 -6.31 -28.62
C LEU B 1034 -34.53 -6.41 -28.43
N GLY B 1035 -35.17 -5.37 -27.93
CA GLY B 1035 -36.61 -5.37 -27.77
C GLY B 1035 -37.10 -3.95 -27.56
N GLN B 1036 -38.41 -3.82 -27.39
CA GLN B 1036 -39.02 -2.51 -27.19
C GLN B 1036 -39.42 -2.34 -25.73
N SER B 1037 -38.73 -1.45 -25.04
CA SER B 1037 -38.99 -1.16 -23.63
C SER B 1037 -40.19 -0.24 -23.49
N LYS B 1038 -40.71 -0.17 -22.27
CA LYS B 1038 -41.75 0.80 -21.92
C LYS B 1038 -41.29 1.80 -20.88
N ARG B 1039 -40.06 1.64 -20.38
CA ARG B 1039 -39.52 2.53 -19.35
C ARG B 1039 -39.17 3.90 -19.96
N VAL B 1040 -39.54 4.97 -19.27
CA VAL B 1040 -39.33 6.30 -19.82
C VAL B 1040 -38.05 6.92 -19.22
N ASP B 1041 -37.32 7.63 -20.07
CA ASP B 1041 -35.94 8.10 -19.93
C ASP B 1041 -35.02 6.93 -19.59
N PHE B 1042 -35.06 5.87 -20.39
CA PHE B 1042 -34.04 4.83 -20.30
C PHE B 1042 -33.48 4.54 -21.68
N CYS B 1043 -34.32 4.69 -22.71
CA CYS B 1043 -33.94 4.62 -24.11
C CYS B 1043 -34.22 6.01 -24.68
N GLY B 1044 -33.27 6.92 -24.55
CA GLY B 1044 -33.47 8.27 -25.01
C GLY B 1044 -34.32 9.08 -24.05
N LYS B 1045 -34.88 10.17 -24.55
CA LYS B 1045 -35.79 11.00 -23.78
C LYS B 1045 -37.19 10.83 -24.37
N GLY B 1046 -38.01 10.02 -23.71
CA GLY B 1046 -39.38 9.84 -24.15
C GLY B 1046 -39.80 8.41 -24.43
N TYR B 1047 -40.78 8.24 -25.32
CA TYR B 1047 -41.38 6.94 -25.60
C TYR B 1047 -40.50 6.20 -26.59
N HIS B 1048 -39.97 5.05 -26.17
CA HIS B 1048 -38.96 4.35 -26.95
C HIS B 1048 -39.56 3.59 -28.12
N LEU B 1049 -38.92 3.69 -29.28
CA LEU B 1049 -39.24 2.84 -30.41
C LEU B 1049 -38.11 1.88 -30.76
N MET B 1050 -36.93 2.40 -31.06
CA MET B 1050 -35.75 1.61 -31.40
C MET B 1050 -34.49 2.32 -30.94
N SER B 1051 -33.41 1.55 -30.84
CA SER B 1051 -32.09 2.06 -30.52
C SER B 1051 -31.06 1.38 -31.40
N PHE B 1052 -30.08 2.17 -31.85
CA PHE B 1052 -29.06 1.67 -32.76
C PHE B 1052 -27.67 1.85 -32.16
N PRO B 1053 -26.95 0.76 -31.91
CA PRO B 1053 -25.61 0.89 -31.31
C PRO B 1053 -24.54 1.19 -32.35
N GLN B 1054 -23.60 2.05 -31.94
CA GLN B 1054 -22.42 2.35 -32.73
C GLN B 1054 -21.19 2.20 -31.87
N SER B 1055 -20.11 1.73 -32.49
CA SER B 1055 -18.89 1.40 -31.79
C SER B 1055 -17.98 2.62 -31.65
N ALA B 1056 -17.19 2.62 -30.59
CA ALA B 1056 -16.25 3.66 -30.25
C ALA B 1056 -14.94 2.97 -29.91
N PRO B 1057 -13.81 3.72 -29.84
CA PRO B 1057 -12.59 3.15 -29.25
C PRO B 1057 -12.72 2.67 -27.82
N HIS B 1058 -13.52 3.34 -26.99
CA HIS B 1058 -13.63 2.96 -25.60
C HIS B 1058 -15.07 3.09 -25.10
N GLY B 1059 -16.03 2.98 -25.99
CA GLY B 1059 -17.41 3.18 -25.58
C GLY B 1059 -18.38 2.58 -26.56
N VAL B 1060 -19.64 2.97 -26.39
CA VAL B 1060 -20.71 2.60 -27.31
C VAL B 1060 -21.62 3.81 -27.47
N VAL B 1061 -22.15 3.99 -28.67
CA VAL B 1061 -22.96 5.15 -29.00
C VAL B 1061 -24.37 4.68 -29.31
N PHE B 1062 -25.35 5.20 -28.56
CA PHE B 1062 -26.74 4.79 -28.69
C PHE B 1062 -27.49 5.80 -29.54
N LEU B 1063 -28.34 5.28 -30.43
CA LEU B 1063 -29.11 6.11 -31.35
C LEU B 1063 -30.59 5.79 -31.14
N HIS B 1064 -31.20 6.45 -30.16
CA HIS B 1064 -32.58 6.20 -29.79
C HIS B 1064 -33.51 7.01 -30.68
N VAL B 1065 -34.48 6.33 -31.30
CA VAL B 1065 -35.57 7.03 -31.98
C VAL B 1065 -36.77 7.05 -31.03
N THR B 1066 -37.52 8.15 -31.07
CA THR B 1066 -38.50 8.45 -30.04
C THR B 1066 -39.71 9.13 -30.65
N TYR B 1067 -40.90 8.59 -30.36
CA TYR B 1067 -42.16 9.22 -30.74
C TYR B 1067 -42.36 10.41 -29.81
N VAL B 1068 -42.43 11.59 -30.39
CA VAL B 1068 -42.68 12.84 -29.67
C VAL B 1068 -43.98 13.44 -30.21
N PRO B 1069 -44.95 13.77 -29.36
CA PRO B 1069 -46.18 14.38 -29.87
C PRO B 1069 -45.99 15.83 -30.25
N ALA B 1070 -46.85 16.30 -31.16
CA ALA B 1070 -46.80 17.67 -31.66
C ALA B 1070 -48.18 18.07 -32.16
N GLN B 1071 -48.39 19.39 -32.20
CA GLN B 1071 -49.60 20.08 -32.69
C GLN B 1071 -50.86 19.65 -31.94
N GLU B 1072 -50.89 19.97 -30.65
CA GLU B 1072 -52.07 19.70 -29.84
C GLU B 1072 -53.14 20.75 -30.06
N LYS B 1073 -54.39 20.34 -29.99
CA LYS B 1073 -55.54 21.23 -30.01
C LYS B 1073 -56.47 20.87 -28.86
N ASN B 1074 -56.90 21.89 -28.12
CA ASN B 1074 -57.65 21.69 -26.88
C ASN B 1074 -59.07 21.23 -27.19
N PHE B 1075 -59.49 20.16 -26.50
CA PHE B 1075 -60.67 19.38 -26.82
C PHE B 1075 -61.52 19.23 -25.57
N THR B 1076 -62.82 19.44 -25.71
CA THR B 1076 -63.77 19.20 -24.64
C THR B 1076 -63.97 17.69 -24.49
N THR B 1077 -63.92 17.21 -23.25
CA THR B 1077 -63.98 15.78 -23.01
C THR B 1077 -64.94 15.48 -21.87
N ALA B 1078 -65.30 14.21 -21.76
CA ALA B 1078 -66.21 13.69 -20.74
C ALA B 1078 -65.95 12.20 -20.62
N PRO B 1079 -66.21 11.59 -19.46
CA PRO B 1079 -66.00 10.13 -19.36
C PRO B 1079 -67.06 9.26 -20.00
N ALA B 1080 -68.33 9.68 -20.03
CA ALA B 1080 -69.40 8.76 -20.39
C ALA B 1080 -70.42 9.45 -21.28
N ILE B 1081 -71.22 8.63 -21.97
CA ILE B 1081 -72.29 9.07 -22.86
C ILE B 1081 -73.57 8.34 -22.47
N CYS B 1082 -74.66 9.08 -22.28
CA CYS B 1082 -75.91 8.52 -21.82
C CYS B 1082 -76.84 8.21 -22.99
N HIS B 1083 -77.14 6.93 -23.18
CA HIS B 1083 -78.08 6.50 -24.21
C HIS B 1083 -78.97 5.40 -23.65
N ASP B 1084 -80.29 5.57 -23.85
CA ASP B 1084 -81.34 4.64 -23.43
C ASP B 1084 -81.30 4.32 -21.94
N GLY B 1085 -81.01 5.34 -21.12
CA GLY B 1085 -80.89 5.14 -19.69
C GLY B 1085 -79.63 4.43 -19.28
N LYS B 1086 -78.60 4.43 -20.13
CA LYS B 1086 -77.40 3.65 -19.89
C LYS B 1086 -76.17 4.49 -20.23
N ALA B 1087 -75.13 4.34 -19.42
CA ALA B 1087 -73.87 5.07 -19.61
C ALA B 1087 -72.91 4.22 -20.43
N HIS B 1088 -72.20 4.87 -21.35
CA HIS B 1088 -71.32 4.19 -22.30
C HIS B 1088 -69.87 4.52 -22.00
N PHE B 1089 -69.01 3.49 -22.01
CA PHE B 1089 -67.57 3.58 -21.77
C PHE B 1089 -66.76 3.10 -22.97
N PRO B 1090 -65.56 3.64 -23.16
CA PRO B 1090 -64.62 3.09 -24.14
C PRO B 1090 -63.62 2.15 -23.47
N ARG B 1091 -63.05 1.25 -24.27
CA ARG B 1091 -61.92 0.49 -23.73
C ARG B 1091 -60.65 1.32 -23.75
N GLU B 1092 -60.18 1.69 -24.94
CA GLU B 1092 -58.88 2.35 -25.06
C GLU B 1092 -59.03 3.78 -25.55
N GLY B 1093 -60.26 4.28 -25.64
CA GLY B 1093 -60.51 5.53 -26.32
C GLY B 1093 -60.81 6.65 -25.37
N VAL B 1094 -60.85 7.88 -25.92
CA VAL B 1094 -61.18 9.09 -25.16
C VAL B 1094 -62.25 9.88 -25.91
N PHE B 1095 -63.33 10.20 -25.20
CA PHE B 1095 -64.46 10.94 -25.76
C PHE B 1095 -64.14 12.42 -26.00
N VAL B 1096 -64.31 12.88 -27.26
CA VAL B 1096 -64.10 14.28 -27.67
C VAL B 1096 -65.21 14.73 -28.62
N SER B 1097 -65.03 15.94 -29.18
CA SER B 1097 -66.05 16.67 -29.91
C SER B 1097 -65.38 17.53 -30.99
N ASN B 1098 -66.16 18.30 -31.77
CA ASN B 1098 -65.71 19.48 -32.51
C ASN B 1098 -65.20 20.40 -31.40
N GLY B 1099 -66.17 20.49 -30.47
CA GLY B 1099 -66.77 21.61 -29.72
C GLY B 1099 -68.35 21.67 -29.92
N THR B 1100 -68.95 20.73 -30.73
CA THR B 1100 -70.32 20.76 -31.27
C THR B 1100 -71.02 19.51 -30.68
N HIS B 1101 -70.30 18.34 -30.55
CA HIS B 1101 -70.54 17.30 -31.55
C HIS B 1101 -70.72 16.15 -30.58
N TRP B 1102 -70.44 14.88 -30.98
CA TRP B 1102 -69.58 14.01 -30.15
C TRP B 1102 -68.88 12.92 -30.98
N PHE B 1103 -67.62 12.59 -30.66
CA PHE B 1103 -66.91 11.46 -31.27
C PHE B 1103 -66.39 10.43 -30.25
N VAL B 1104 -65.73 9.42 -30.82
CA VAL B 1104 -64.85 8.50 -30.11
C VAL B 1104 -63.47 8.56 -30.80
N THR B 1105 -62.41 8.83 -30.02
CA THR B 1105 -61.07 9.06 -30.56
C THR B 1105 -60.01 8.46 -29.64
N GLN B 1106 -58.98 7.84 -30.24
CA GLN B 1106 -57.81 7.37 -29.51
C GLN B 1106 -57.03 8.54 -28.90
N ARG B 1107 -56.39 8.29 -27.76
CA ARG B 1107 -55.80 9.33 -26.93
C ARG B 1107 -54.49 9.89 -27.44
N ASN B 1108 -53.77 9.19 -28.32
CA ASN B 1108 -52.44 9.62 -28.73
C ASN B 1108 -52.41 10.18 -30.15
N PHE B 1109 -53.43 9.91 -30.95
CA PHE B 1109 -53.53 10.47 -32.29
C PHE B 1109 -54.98 10.85 -32.51
N TYR B 1110 -55.21 12.04 -33.08
CA TYR B 1110 -56.57 12.48 -33.33
C TYR B 1110 -57.11 11.79 -34.56
N GLU B 1111 -57.65 10.59 -34.38
CA GLU B 1111 -58.42 9.93 -35.42
C GLU B 1111 -59.86 9.77 -34.94
N PRO B 1112 -60.76 10.64 -35.40
CA PRO B 1112 -62.15 10.59 -34.92
C PRO B 1112 -62.94 9.47 -35.58
N GLN B 1113 -63.83 8.88 -34.79
CA GLN B 1113 -64.71 7.83 -35.29
C GLN B 1113 -66.14 8.07 -34.83
N ILE B 1114 -67.07 7.52 -35.60
CA ILE B 1114 -68.49 7.61 -35.33
C ILE B 1114 -68.85 6.73 -34.14
N ILE B 1115 -69.61 7.27 -33.19
CA ILE B 1115 -70.03 6.56 -32.00
C ILE B 1115 -71.04 5.48 -32.38
N THR B 1116 -70.71 4.23 -32.06
CA THR B 1116 -71.49 3.08 -32.46
C THR B 1116 -71.66 2.24 -31.18
N THR B 1117 -72.46 1.17 -31.23
CA THR B 1117 -72.58 0.26 -30.10
C THR B 1117 -71.44 -0.74 -30.02
N ASP B 1118 -70.51 -0.73 -30.99
CA ASP B 1118 -69.38 -1.63 -30.98
C ASP B 1118 -68.08 -0.98 -30.50
N ASN B 1119 -67.91 0.32 -30.67
CA ASN B 1119 -66.73 1.01 -30.16
C ASN B 1119 -66.97 1.59 -28.76
N THR B 1120 -68.16 1.36 -28.21
CA THR B 1120 -68.52 1.74 -26.86
C THR B 1120 -69.11 0.51 -26.17
N PHE B 1121 -68.94 0.42 -24.84
CA PHE B 1121 -69.62 -0.60 -24.06
C PHE B 1121 -70.28 0.05 -22.85
N VAL B 1122 -71.23 -0.68 -22.26
CA VAL B 1122 -72.08 -0.18 -21.20
C VAL B 1122 -71.69 -0.84 -19.88
N SER B 1123 -71.47 -0.03 -18.85
CA SER B 1123 -71.29 -0.54 -17.49
C SER B 1123 -72.00 0.40 -16.53
N GLY B 1124 -73.12 -0.04 -15.97
CA GLY B 1124 -73.87 0.77 -15.04
C GLY B 1124 -74.94 1.63 -15.71
N ASN B 1125 -75.68 2.32 -14.87
CA ASN B 1125 -76.77 3.19 -15.31
C ASN B 1125 -76.25 4.61 -15.52
N CYS B 1126 -77.17 5.55 -15.72
CA CYS B 1126 -76.83 6.94 -15.97
C CYS B 1126 -76.91 7.79 -14.70
N ASP B 1127 -76.66 7.21 -13.53
CA ASP B 1127 -76.79 7.92 -12.27
C ASP B 1127 -75.55 7.87 -11.41
N VAL B 1128 -74.61 6.96 -11.67
CA VAL B 1128 -73.49 6.73 -10.77
C VAL B 1128 -72.22 7.44 -11.24
N VAL B 1129 -72.18 7.84 -12.51
CA VAL B 1129 -70.98 8.48 -13.05
C VAL B 1129 -71.23 9.97 -13.21
N ILE B 1130 -70.28 10.78 -12.76
CA ILE B 1130 -70.33 12.24 -12.94
C ILE B 1130 -69.70 12.58 -14.28
N GLY B 1131 -70.19 13.63 -14.93
CA GLY B 1131 -69.64 14.10 -16.18
C GLY B 1131 -70.34 13.58 -17.42
N ILE B 1132 -71.42 12.81 -17.29
CA ILE B 1132 -72.08 12.27 -18.46
C ILE B 1132 -72.89 13.34 -19.17
N VAL B 1133 -72.74 13.42 -20.49
CA VAL B 1133 -73.60 14.22 -21.33
C VAL B 1133 -74.48 13.27 -22.14
N ASN B 1134 -75.52 13.84 -22.75
CA ASN B 1134 -76.54 13.07 -23.45
C ASN B 1134 -76.20 13.00 -24.93
N ASN B 1135 -76.14 11.78 -25.47
CA ASN B 1135 -75.99 11.56 -26.91
C ASN B 1135 -76.62 10.23 -27.26
N THR B 1136 -77.17 10.15 -28.47
CA THR B 1136 -77.60 8.88 -29.05
C THR B 1136 -76.37 8.10 -29.51
N VAL B 1137 -76.51 6.78 -29.49
CA VAL B 1137 -75.44 5.86 -29.87
C VAL B 1137 -75.99 5.03 -31.03
N TYR B 1138 -75.28 5.03 -32.15
CA TYR B 1138 -75.82 4.50 -33.40
C TYR B 1138 -75.78 2.98 -33.43
N ASP B 1139 -76.92 2.37 -33.76
CA ASP B 1139 -77.05 0.92 -33.87
C ASP B 1139 -76.68 0.47 -35.28
N PRO B 1140 -75.68 -0.41 -35.44
CA PRO B 1140 -75.32 -0.88 -36.78
C PRO B 1140 -76.08 -2.15 -37.18
N LEU B 1141 -77.09 -2.52 -36.38
CA LEU B 1141 -77.89 -3.71 -36.64
C LEU B 1141 -79.28 -3.38 -37.13
N GLN B 1142 -79.83 -2.23 -36.73
CA GLN B 1142 -81.19 -1.87 -37.10
C GLN B 1142 -81.43 -1.49 -38.56
N PRO B 1143 -80.51 -0.73 -39.34
CA PRO B 1143 -80.81 -0.48 -40.76
C PRO B 1143 -80.93 -1.69 -41.68
N GLU B 1144 -80.08 -2.71 -41.54
CA GLU B 1144 -80.26 -3.88 -42.38
C GLU B 1144 -81.39 -4.78 -41.90
N LEU B 1145 -81.75 -4.70 -40.62
CA LEU B 1145 -82.94 -5.36 -40.12
C LEU B 1145 -84.21 -4.73 -40.69
N ASP B 1146 -84.23 -3.42 -40.86
CA ASP B 1146 -85.44 -2.71 -41.27
C ASP B 1146 -85.56 -2.54 -42.78
N SER B 1147 -84.57 -1.94 -43.44
CA SER B 1147 -84.75 -1.51 -44.82
C SER B 1147 -84.55 -2.65 -45.82
N PHE B 1148 -83.86 -3.72 -45.45
CA PHE B 1148 -83.58 -4.79 -46.40
C PHE B 1148 -84.47 -6.02 -46.19
N LYS B 1149 -84.61 -6.50 -44.97
CA LYS B 1149 -85.40 -7.70 -44.73
C LYS B 1149 -86.71 -7.34 -44.01
N PRO C 26 -11.44 -1.55 60.67
CA PRO C 26 -12.88 -1.77 60.81
C PRO C 26 -13.71 -0.63 60.26
N ALA C 27 -15.04 -0.77 60.35
CA ALA C 27 -16.05 0.24 59.97
C ALA C 27 -15.91 0.64 58.49
N TYR C 28 -16.12 -0.34 57.62
CA TYR C 28 -16.00 -0.14 56.19
C TYR C 28 -17.24 0.53 55.62
N THR C 29 -17.01 1.51 54.74
CA THR C 29 -18.07 2.23 54.08
C THR C 29 -17.73 2.32 52.60
N ASN C 30 -18.69 1.98 51.75
CA ASN C 30 -18.48 2.01 50.31
C ASN C 30 -18.78 3.41 49.79
N SER C 31 -18.05 3.80 48.74
CA SER C 31 -18.05 5.16 48.22
C SER C 31 -19.15 5.29 47.17
N PHE C 32 -20.01 6.30 47.32
CA PHE C 32 -21.17 6.46 46.45
C PHE C 32 -20.80 7.35 45.26
N THR C 33 -19.92 6.81 44.40
CA THR C 33 -19.41 7.41 43.16
C THR C 33 -18.79 8.79 43.40
N ARG C 34 -17.73 8.80 44.20
CA ARG C 34 -17.05 10.03 44.60
C ARG C 34 -15.60 9.99 44.16
N GLY C 35 -14.93 11.14 44.26
CA GLY C 35 -13.50 11.21 44.01
C GLY C 35 -13.10 11.57 42.60
N VAL C 36 -13.74 12.60 42.03
CA VAL C 36 -13.44 13.09 40.69
C VAL C 36 -12.94 14.53 40.79
N TYR C 37 -11.80 14.80 40.16
CA TYR C 37 -11.18 16.12 40.17
C TYR C 37 -10.94 16.57 38.74
N TYR C 38 -10.67 17.87 38.58
CA TYR C 38 -10.34 18.43 37.28
C TYR C 38 -8.93 17.99 36.90
N PRO C 39 -8.73 17.34 35.75
CA PRO C 39 -7.41 16.75 35.47
C PRO C 39 -6.34 17.74 35.03
N ASP C 40 -6.70 18.79 34.29
CA ASP C 40 -5.72 19.75 33.76
C ASP C 40 -6.50 21.06 33.57
N LYS C 41 -5.80 22.12 33.15
CA LYS C 41 -6.34 23.47 33.07
C LYS C 41 -7.15 23.71 31.79
N VAL C 42 -7.33 22.67 30.96
CA VAL C 42 -8.02 22.79 29.68
C VAL C 42 -9.52 23.00 29.89
N PHE C 43 -9.99 24.16 29.45
CA PHE C 43 -11.40 24.52 29.48
C PHE C 43 -12.09 23.83 28.33
N ARG C 44 -13.05 22.96 28.64
CA ARG C 44 -13.74 22.17 27.64
C ARG C 44 -15.22 22.51 27.66
N SER C 45 -15.79 22.72 26.47
CA SER C 45 -17.16 23.18 26.32
C SER C 45 -17.98 22.12 25.59
N SER C 46 -18.89 21.48 26.33
CA SER C 46 -19.95 20.58 25.84
C SER C 46 -19.38 19.37 25.09
N VAL C 47 -18.38 18.72 25.71
CA VAL C 47 -17.74 17.56 25.12
C VAL C 47 -17.70 16.44 26.15
N LEU C 48 -17.31 15.25 25.68
CA LEU C 48 -16.99 14.14 26.56
C LEU C 48 -15.51 13.82 26.39
N HIS C 49 -14.78 13.77 27.51
CA HIS C 49 -13.33 13.61 27.47
C HIS C 49 -12.91 12.42 28.31
N SER C 50 -11.94 11.67 27.80
CA SER C 50 -11.36 10.52 28.49
C SER C 50 -9.90 10.79 28.80
N THR C 51 -9.40 10.24 29.90
CA THR C 51 -8.03 10.44 30.34
C THR C 51 -7.50 9.19 31.03
N GLN C 52 -6.20 9.23 31.33
CA GLN C 52 -5.50 8.13 31.99
C GLN C 52 -4.77 8.69 33.21
N ASP C 53 -5.48 8.84 34.33
CA ASP C 53 -4.87 9.47 35.50
C ASP C 53 -5.15 8.59 36.73
N LEU C 54 -4.83 9.12 37.90
CA LEU C 54 -4.96 8.44 39.18
C LEU C 54 -6.25 8.91 39.84
N PHE C 55 -7.17 7.98 40.11
CA PHE C 55 -8.49 8.32 40.61
C PHE C 55 -8.89 7.40 41.76
N LEU C 56 -9.99 7.76 42.40
CA LEU C 56 -10.68 6.86 43.31
C LEU C 56 -11.70 6.08 42.50
N PRO C 57 -11.62 4.75 42.46
CA PRO C 57 -12.62 3.98 41.71
C PRO C 57 -13.98 3.99 42.39
N PHE C 58 -15.01 3.69 41.58
CA PHE C 58 -16.39 3.69 42.08
C PHE C 58 -16.63 2.49 42.98
N PHE C 59 -17.41 2.72 44.04
CA PHE C 59 -17.89 1.72 45.00
C PHE C 59 -16.76 1.00 45.73
N SER C 60 -15.68 1.73 46.03
CA SER C 60 -14.60 1.19 46.83
C SER C 60 -14.83 1.51 48.31
N ASN C 61 -14.16 0.75 49.17
CA ASN C 61 -14.37 0.80 50.61
C ASN C 61 -13.48 1.86 51.23
N VAL C 62 -14.06 2.67 52.13
CA VAL C 62 -13.29 3.54 53.02
C VAL C 62 -13.60 3.16 54.45
N THR C 63 -12.62 3.32 55.34
CA THR C 63 -12.81 3.02 56.75
C THR C 63 -13.22 4.28 57.50
N TRP C 64 -13.76 4.08 58.70
CA TRP C 64 -14.38 5.17 59.45
C TRP C 64 -13.88 5.14 60.88
N PHE C 65 -13.20 6.23 61.28
CA PHE C 65 -12.62 6.38 62.61
C PHE C 65 -13.26 7.57 63.31
N HIS C 66 -12.97 7.69 64.60
CA HIS C 66 -13.45 8.82 65.40
C HIS C 66 -12.28 9.66 65.90
N PHE C 79 -8.31 10.62 70.69
CA PHE C 79 -9.05 9.38 70.87
C PHE C 79 -8.64 8.33 69.84
N ASP C 80 -8.78 8.68 68.57
CA ASP C 80 -8.46 7.78 67.46
C ASP C 80 -7.62 8.52 66.43
N ASN C 81 -6.32 8.22 66.38
CA ASN C 81 -5.46 8.75 65.33
C ASN C 81 -4.35 7.77 64.99
N PRO C 82 -4.60 6.75 64.16
CA PRO C 82 -3.57 5.77 63.86
C PRO C 82 -2.64 6.23 62.74
N VAL C 83 -1.76 5.32 62.34
CA VAL C 83 -0.77 5.55 61.29
C VAL C 83 -1.19 4.75 60.07
N LEU C 84 -1.34 5.43 58.93
CA LEU C 84 -1.70 4.81 57.67
C LEU C 84 -0.62 5.07 56.63
N PRO C 85 -0.34 4.09 55.76
CA PRO C 85 0.59 4.33 54.65
C PRO C 85 -0.02 5.24 53.60
N PHE C 86 0.86 5.92 52.88
CA PHE C 86 0.45 6.86 51.84
C PHE C 86 -0.10 6.14 50.60
N ASN C 87 0.73 5.25 50.03
CA ASN C 87 0.41 4.39 48.87
C ASN C 87 0.01 5.20 47.64
N ASP C 88 0.98 5.99 47.14
CA ASP C 88 0.99 6.75 45.89
C ASP C 88 -0.06 7.85 45.82
N GLY C 89 -0.66 8.25 46.92
CA GLY C 89 -1.73 9.22 46.90
C GLY C 89 -2.90 8.74 47.74
N VAL C 90 -3.77 9.68 48.08
CA VAL C 90 -4.84 9.43 49.04
C VAL C 90 -6.01 10.39 48.75
N TYR C 91 -7.23 9.91 48.97
CA TYR C 91 -8.41 10.76 49.02
C TYR C 91 -8.86 10.84 50.48
N PHE C 92 -9.10 12.06 50.96
CA PHE C 92 -9.45 12.30 52.36
C PHE C 92 -10.75 13.10 52.40
N ALA C 93 -11.68 12.67 53.24
CA ALA C 93 -12.93 13.39 53.48
C ALA C 93 -13.20 13.46 54.98
N SER C 94 -13.86 14.54 55.40
CA SER C 94 -14.24 14.70 56.79
C SER C 94 -15.47 15.58 56.90
N THR C 95 -16.37 15.19 57.80
CA THR C 95 -17.59 15.94 58.08
C THR C 95 -17.53 16.45 59.52
N GLU C 96 -17.70 17.75 59.70
CA GLU C 96 -17.48 18.36 61.00
C GLU C 96 -18.56 19.39 61.29
N LYS C 97 -18.87 19.52 62.59
CA LYS C 97 -19.56 20.68 63.12
C LYS C 97 -18.59 21.73 63.64
N SER C 98 -17.60 21.33 64.43
CA SER C 98 -16.52 22.19 64.86
C SER C 98 -15.21 21.68 64.26
N ASN C 99 -14.25 22.59 64.08
CA ASN C 99 -12.99 22.24 63.44
C ASN C 99 -12.08 21.48 64.39
N ILE C 100 -12.18 20.16 64.38
CA ILE C 100 -11.36 19.32 65.25
C ILE C 100 -10.06 18.91 64.57
N ILE C 101 -10.14 18.42 63.34
CA ILE C 101 -8.96 18.03 62.59
C ILE C 101 -8.27 19.29 62.06
N ARG C 102 -6.99 19.44 62.39
CA ARG C 102 -6.19 20.59 61.96
C ARG C 102 -5.48 20.38 60.62
N GLY C 103 -4.95 19.20 60.37
CA GLY C 103 -4.08 19.01 59.22
C GLY C 103 -3.41 17.66 59.17
N TRP C 104 -2.27 17.61 58.48
CA TRP C 104 -1.57 16.36 58.18
C TRP C 104 -0.08 16.58 58.32
N ILE C 105 0.64 15.50 58.58
CA ILE C 105 2.10 15.46 58.55
C ILE C 105 2.53 14.36 57.58
N PHE C 106 3.36 14.72 56.61
CA PHE C 106 3.83 13.78 55.60
C PHE C 106 5.32 13.55 55.80
N GLY C 107 5.75 12.31 55.62
CA GLY C 107 7.14 11.97 55.81
C GLY C 107 7.36 10.47 55.67
N THR C 108 8.54 10.04 56.12
CA THR C 108 8.91 8.62 56.03
C THR C 108 9.09 7.98 57.40
N THR C 109 9.94 8.55 58.25
CA THR C 109 10.31 7.90 59.50
C THR C 109 9.82 8.63 60.75
N LEU C 110 9.45 9.91 60.62
CA LEU C 110 9.04 10.81 61.71
C LEU C 110 10.11 10.89 62.81
N ASP C 111 11.37 11.02 62.40
CA ASP C 111 12.52 10.94 63.27
C ASP C 111 13.60 11.84 62.67
N SER C 112 14.75 11.97 63.33
CA SER C 112 15.76 12.96 62.98
C SER C 112 16.75 12.46 61.93
N LYS C 113 16.31 11.58 61.02
CA LYS C 113 17.12 11.16 59.88
C LYS C 113 16.54 11.59 58.53
N THR C 114 15.22 11.65 58.39
CA THR C 114 14.59 11.97 57.11
C THR C 114 13.64 13.13 57.28
N GLN C 115 13.65 14.03 56.29
CA GLN C 115 12.86 15.27 56.36
C GLN C 115 11.37 14.99 56.20
N SER C 116 10.58 15.73 56.97
CA SER C 116 9.14 15.49 57.02
C SER C 116 8.40 16.80 56.73
N LEU C 117 7.27 16.67 56.04
CA LEU C 117 6.44 17.82 55.70
C LEU C 117 5.31 17.94 56.72
N LEU C 118 4.88 19.18 56.97
CA LEU C 118 3.90 19.46 58.00
C LEU C 118 2.92 20.52 57.50
N ILE C 119 1.62 20.23 57.68
CA ILE C 119 0.54 21.17 57.34
C ILE C 119 -0.35 21.32 58.57
N VAL C 120 -0.42 22.53 59.12
CA VAL C 120 -1.24 22.83 60.28
C VAL C 120 -2.10 24.06 59.99
N ASN C 121 -3.40 23.90 60.15
CA ASN C 121 -4.35 25.02 60.10
C ASN C 121 -4.68 25.46 61.52
N ASN C 122 -4.74 26.77 61.71
CA ASN C 122 -5.11 27.37 62.99
C ASN C 122 -5.90 28.64 62.71
N ALA C 123 -6.01 29.50 63.73
CA ALA C 123 -7.03 30.56 63.84
C ALA C 123 -7.00 31.64 62.75
N THR C 124 -5.83 32.20 62.44
CA THR C 124 -5.80 33.33 61.52
C THR C 124 -4.99 33.07 60.25
N ASN C 125 -4.28 31.93 60.16
CA ASN C 125 -3.50 31.61 58.98
C ASN C 125 -3.41 30.09 58.82
N VAL C 126 -2.61 29.66 57.85
CA VAL C 126 -2.19 28.26 57.72
C VAL C 126 -0.68 28.24 57.60
N VAL C 127 -0.07 27.18 58.12
CA VAL C 127 1.37 27.00 58.11
C VAL C 127 1.68 25.68 57.40
N ILE C 128 2.44 25.76 56.31
CA ILE C 128 2.85 24.60 55.54
C ILE C 128 4.37 24.63 55.42
N LYS C 129 5.03 23.60 55.95
CA LYS C 129 6.49 23.62 56.03
C LYS C 129 7.04 22.21 55.89
N VAL C 130 8.30 22.11 55.48
CA VAL C 130 9.06 20.87 55.50
C VAL C 130 10.40 21.11 56.20
N CYS C 131 10.68 20.30 57.22
CA CYS C 131 11.91 20.41 58.01
C CYS C 131 12.33 18.99 58.40
N GLU C 132 13.37 18.90 59.22
CA GLU C 132 13.76 17.65 59.86
C GLU C 132 13.03 17.54 61.19
N PHE C 133 12.01 16.69 61.24
CA PHE C 133 11.06 16.68 62.34
C PHE C 133 11.23 15.45 63.21
N GLN C 134 10.97 15.62 64.50
CA GLN C 134 10.67 14.51 65.40
C GLN C 134 9.37 14.89 66.10
N PHE C 135 8.31 14.16 65.78
CA PHE C 135 7.00 14.43 66.38
C PHE C 135 6.79 13.55 67.61
N CYS C 136 5.72 13.85 68.35
CA CYS C 136 5.42 13.10 69.56
C CYS C 136 4.78 11.76 69.20
N ASN C 137 4.64 10.91 70.22
CA ASN C 137 4.02 9.59 70.02
C ASN C 137 2.53 9.73 69.75
N ASP C 138 1.85 10.65 70.43
CA ASP C 138 0.44 10.94 70.21
C ASP C 138 0.28 12.45 70.00
N PRO C 139 0.45 12.92 68.77
CA PRO C 139 0.40 14.38 68.53
C PRO C 139 -1.03 14.90 68.54
N PHE C 140 -1.24 15.97 69.30
CA PHE C 140 -2.58 16.51 69.55
C PHE C 140 -2.43 17.95 70.03
N LEU C 141 -3.56 18.65 70.09
CA LEU C 141 -3.65 19.97 70.72
C LEU C 141 -4.63 19.94 71.88
N MET C 153 -7.36 25.59 77.70
CA MET C 153 -8.57 25.11 77.05
C MET C 153 -8.55 25.58 75.59
N GLU C 154 -8.05 26.80 75.38
CA GLU C 154 -7.89 27.35 74.04
C GLU C 154 -6.47 27.23 73.52
N SER C 155 -5.51 26.88 74.38
CA SER C 155 -4.11 26.92 74.00
C SER C 155 -3.42 25.63 74.44
N GLU C 156 -2.91 24.88 73.47
CA GLU C 156 -2.13 23.67 73.68
C GLU C 156 -1.30 23.44 72.41
N PHE C 157 -0.07 22.98 72.58
CA PHE C 157 0.81 22.70 71.44
C PHE C 157 1.84 21.65 71.89
N ARG C 158 1.61 20.40 71.51
CA ARG C 158 2.56 19.32 71.80
C ARG C 158 2.68 18.37 70.62
N VAL C 159 2.78 18.91 69.40
CA VAL C 159 2.95 18.06 68.23
C VAL C 159 4.43 17.76 67.94
N TYR C 160 5.34 18.72 68.15
CA TYR C 160 6.74 18.50 67.85
C TYR C 160 7.62 19.39 68.71
N SER C 161 8.90 18.98 68.85
CA SER C 161 9.99 19.89 69.23
C SER C 161 11.23 19.50 68.41
N SER C 162 11.31 20.04 67.18
CA SER C 162 12.44 19.91 66.27
C SER C 162 12.32 20.94 65.15
N ALA C 163 13.29 21.84 65.02
CA ALA C 163 13.20 22.90 64.02
C ALA C 163 14.51 23.08 63.25
N ASN C 164 15.41 22.10 63.37
CA ASN C 164 16.67 22.16 62.64
C ASN C 164 16.48 21.61 61.23
N ASN C 165 17.37 22.05 60.32
CA ASN C 165 17.44 21.62 58.91
C ASN C 165 16.14 21.85 58.15
N CYS C 166 15.58 23.04 58.27
CA CYS C 166 14.35 23.36 57.57
C CYS C 166 14.63 23.66 56.09
N THR C 167 13.61 23.42 55.26
CA THR C 167 13.80 23.51 53.82
C THR C 167 12.90 24.56 53.19
N PHE C 168 11.63 24.61 53.59
CA PHE C 168 10.65 25.46 52.91
C PHE C 168 9.58 25.90 53.89
N GLU C 169 9.09 27.12 53.70
CA GLU C 169 8.03 27.70 54.53
C GLU C 169 6.96 28.31 53.63
N TYR C 170 5.69 28.13 54.03
CA TYR C 170 4.58 28.62 53.24
C TYR C 170 3.46 29.06 54.18
N VAL C 171 3.08 30.34 54.10
CA VAL C 171 2.00 30.89 54.90
C VAL C 171 0.94 31.47 53.98
N SER C 172 -0.28 30.97 54.11
CA SER C 172 -1.42 31.42 53.31
C SER C 172 -2.58 31.70 54.24
N GLN C 173 -3.77 31.92 53.66
CA GLN C 173 -4.98 32.20 54.42
C GLN C 173 -5.93 31.02 54.36
N PRO C 174 -6.61 30.68 55.47
CA PRO C 174 -7.53 29.53 55.44
C PRO C 174 -8.85 29.87 54.76
N PHE C 186 -23.70 18.27 62.41
CA PHE C 186 -22.79 18.25 61.28
C PHE C 186 -23.25 19.21 60.18
N LYS C 187 -22.38 20.11 59.78
CA LYS C 187 -22.77 21.15 58.83
C LYS C 187 -21.85 21.24 57.61
N ASN C 188 -20.59 20.88 57.74
CA ASN C 188 -19.60 21.09 56.68
C ASN C 188 -18.89 19.78 56.38
N LEU C 189 -18.89 19.40 55.10
CA LEU C 189 -18.08 18.28 54.62
C LEU C 189 -17.01 18.82 53.67
N ARG C 190 -15.76 18.52 53.99
CA ARG C 190 -14.63 18.90 53.14
C ARG C 190 -13.93 17.64 52.64
N GLU C 191 -13.60 17.64 51.35
CA GLU C 191 -12.99 16.50 50.68
C GLU C 191 -11.67 16.91 50.06
N PHE C 192 -10.63 16.10 50.26
CA PHE C 192 -9.29 16.44 49.82
C PHE C 192 -8.69 15.28 49.03
N VAL C 193 -7.95 15.61 47.97
CA VAL C 193 -7.17 14.65 47.21
C VAL C 193 -5.71 15.09 47.24
N PHE C 194 -4.84 14.23 47.76
CA PHE C 194 -3.42 14.50 47.91
C PHE C 194 -2.66 13.53 47.02
N LYS C 195 -1.72 14.05 46.24
CA LYS C 195 -0.96 13.22 45.32
C LYS C 195 0.40 13.87 45.06
N ASN C 196 1.35 13.05 44.58
CA ASN C 196 2.73 13.49 44.37
C ASN C 196 3.23 12.90 43.06
N ILE C 197 3.37 13.74 42.04
CA ILE C 197 3.93 13.36 40.75
C ILE C 197 5.11 14.27 40.45
N ASP C 198 6.27 13.67 40.19
CA ASP C 198 7.52 14.32 39.75
C ASP C 198 8.01 15.35 40.77
N GLY C 199 7.92 14.98 42.04
CA GLY C 199 8.36 15.85 43.12
C GLY C 199 7.42 16.99 43.46
N TYR C 200 6.23 17.02 42.88
CA TYR C 200 5.28 18.12 43.07
C TYR C 200 4.07 17.61 43.82
N PHE C 201 3.76 18.27 44.94
CA PHE C 201 2.67 17.87 45.82
C PHE C 201 1.44 18.69 45.48
N LYS C 202 0.40 18.03 45.00
CA LYS C 202 -0.77 18.68 44.44
C LYS C 202 -1.98 18.46 45.34
N ILE C 203 -2.77 19.52 45.53
CA ILE C 203 -3.91 19.52 46.43
C ILE C 203 -5.16 19.85 45.63
N TYR C 204 -6.17 18.98 45.72
CA TYR C 204 -7.49 19.22 45.15
C TYR C 204 -8.53 19.17 46.25
N SER C 205 -9.35 20.23 46.33
CA SER C 205 -10.34 20.30 47.39
C SER C 205 -11.54 21.12 46.93
N LYS C 206 -12.65 20.90 47.62
CA LYS C 206 -13.92 21.60 47.43
C LYS C 206 -14.76 21.38 48.69
N HIS C 207 -15.33 22.48 49.19
CA HIS C 207 -16.19 22.43 50.36
C HIS C 207 -17.64 22.31 49.94
N THR C 208 -18.37 21.40 50.58
CA THR C 208 -19.76 21.14 50.22
C THR C 208 -20.58 21.01 51.50
N PRO C 209 -21.86 21.42 51.47
CA PRO C 209 -22.72 21.23 52.64
C PRO C 209 -23.50 19.92 52.62
N ILE C 210 -23.68 19.30 53.79
CA ILE C 210 -24.54 18.15 53.95
C ILE C 210 -25.17 18.21 55.34
N ASN C 211 -26.36 17.62 55.46
CA ASN C 211 -27.03 17.54 56.76
C ASN C 211 -27.54 16.12 56.95
N LEU C 212 -26.67 15.26 57.47
CA LEU C 212 -26.87 13.86 57.83
C LEU C 212 -25.63 13.41 58.61
N VAL C 213 -25.84 12.46 59.52
CA VAL C 213 -24.79 12.08 60.46
C VAL C 213 -24.46 10.60 60.36
N ARG C 214 -24.65 10.01 59.18
CA ARG C 214 -24.49 8.56 59.01
C ARG C 214 -23.26 8.17 58.21
N ASP C 215 -23.06 8.73 57.01
CA ASP C 215 -21.93 8.36 56.16
C ASP C 215 -21.60 9.52 55.24
N LEU C 216 -20.83 9.25 54.19
CA LEU C 216 -20.67 10.21 53.13
C LEU C 216 -21.91 10.20 52.23
N PRO C 217 -22.35 11.34 51.72
CA PRO C 217 -23.56 11.36 50.89
C PRO C 217 -23.25 10.93 49.46
N GLN C 218 -24.31 10.88 48.67
CA GLN C 218 -24.21 10.62 47.24
C GLN C 218 -24.09 11.95 46.51
N GLY C 219 -24.22 11.91 45.18
CA GLY C 219 -24.17 13.11 44.37
C GLY C 219 -22.77 13.39 43.87
N PHE C 220 -22.66 14.50 43.13
CA PHE C 220 -21.42 14.88 42.48
C PHE C 220 -20.99 16.27 42.94
N SER C 221 -19.69 16.42 43.21
CA SER C 221 -19.07 17.69 43.54
C SER C 221 -17.59 17.60 43.19
N ALA C 222 -17.21 18.26 42.10
CA ALA C 222 -15.88 18.15 41.52
C ALA C 222 -14.86 18.89 42.39
N LEU C 223 -13.59 18.52 42.22
CA LEU C 223 -12.52 18.95 43.11
C LEU C 223 -11.53 19.80 42.33
N GLU C 224 -11.41 21.07 42.71
CA GLU C 224 -10.62 22.14 42.09
C GLU C 224 -9.19 22.11 42.61
N PRO C 225 -8.20 22.34 41.74
CA PRO C 225 -6.82 22.50 42.22
C PRO C 225 -6.63 23.84 42.90
N LEU C 226 -5.74 23.86 43.91
CA LEU C 226 -5.41 25.09 44.62
C LEU C 226 -3.94 25.45 44.51
N VAL C 227 -3.02 24.54 44.85
CA VAL C 227 -1.62 24.89 45.00
C VAL C 227 -0.76 23.68 44.62
N ASP C 228 0.46 23.95 44.18
CA ASP C 228 1.46 22.93 43.89
C ASP C 228 2.77 23.35 44.53
N LEU C 229 3.44 22.41 45.20
CA LEU C 229 4.65 22.75 45.92
C LEU C 229 5.84 21.93 45.42
N PRO C 230 7.00 22.58 45.17
CA PRO C 230 8.20 21.87 44.71
C PRO C 230 9.09 21.35 45.84
N ILE C 231 8.53 20.47 46.68
CA ILE C 231 9.30 19.90 47.78
C ILE C 231 10.30 18.88 47.27
N GLY C 232 9.86 18.02 46.36
CA GLY C 232 10.74 17.05 45.72
C GLY C 232 11.27 15.93 46.60
N ILE C 233 10.44 15.39 47.47
CA ILE C 233 10.84 14.28 48.34
C ILE C 233 10.02 13.04 48.00
N ASN C 234 10.46 11.88 48.44
CA ASN C 234 9.67 10.66 48.39
C ASN C 234 8.70 10.63 49.57
N ILE C 235 7.61 9.90 49.41
CA ILE C 235 6.59 9.88 50.45
C ILE C 235 6.11 8.45 50.65
N THR C 236 6.09 8.02 51.91
CA THR C 236 5.63 6.69 52.30
C THR C 236 4.51 6.68 53.31
N ARG C 237 4.39 7.70 54.17
CA ARG C 237 3.57 7.61 55.37
C ARG C 237 2.98 8.97 55.71
N PHE C 238 1.75 8.94 56.25
CA PHE C 238 1.07 10.14 56.72
C PHE C 238 0.24 9.77 57.95
N GLN C 239 -0.36 10.79 58.56
CA GLN C 239 -1.11 10.62 59.79
C GLN C 239 -2.09 11.78 59.92
N THR C 240 -3.28 11.51 60.43
CA THR C 240 -4.21 12.57 60.78
C THR C 240 -3.75 13.32 62.02
N LEU C 241 -4.17 14.59 62.11
CA LEU C 241 -3.81 15.44 63.24
C LEU C 241 -5.06 16.12 63.76
N LEU C 242 -5.28 16.02 65.07
CA LEU C 242 -6.46 16.57 65.73
C LEU C 242 -6.04 17.43 66.92
N ALA C 243 -7.05 17.82 67.71
CA ALA C 243 -6.81 18.62 68.90
C ALA C 243 -7.11 17.82 70.17
N GLY C 261 -16.47 15.83 72.75
CA GLY C 261 -16.57 16.14 71.34
C GLY C 261 -15.63 15.32 70.47
N ALA C 262 -16.20 14.64 69.48
CA ALA C 262 -15.43 13.82 68.56
C ALA C 262 -15.85 14.11 67.14
N ALA C 263 -14.95 13.82 66.20
CA ALA C 263 -15.21 14.09 64.79
C ALA C 263 -14.86 12.85 63.98
N ALA C 264 -15.52 12.72 62.83
CA ALA C 264 -15.32 11.59 61.92
C ALA C 264 -14.52 12.04 60.71
N TYR C 265 -13.76 11.10 60.14
CA TYR C 265 -12.92 11.38 58.99
C TYR C 265 -12.79 10.13 58.13
N TYR C 266 -12.73 10.33 56.81
CA TYR C 266 -12.74 9.25 55.84
C TYR C 266 -11.44 9.25 55.05
N VAL C 267 -10.88 8.08 54.83
CA VAL C 267 -9.61 7.92 54.15
C VAL C 267 -9.74 6.83 53.08
N GLY C 268 -9.24 7.12 51.87
CA GLY C 268 -9.39 6.22 50.76
C GLY C 268 -8.16 6.23 49.87
N TYR C 269 -7.93 5.10 49.21
CA TYR C 269 -6.74 4.88 48.41
C TYR C 269 -7.08 4.96 46.93
N LEU C 270 -6.14 5.49 46.15
CA LEU C 270 -6.37 5.79 44.75
C LEU C 270 -5.76 4.72 43.84
N GLN C 271 -6.26 4.63 42.62
CA GLN C 271 -5.88 3.62 41.65
C GLN C 271 -5.85 4.26 40.28
N PRO C 272 -4.87 3.92 39.44
CA PRO C 272 -4.84 4.45 38.06
C PRO C 272 -5.95 3.83 37.22
N ARG C 273 -6.96 4.63 36.91
CA ARG C 273 -8.15 4.14 36.25
C ARG C 273 -8.50 5.05 35.08
N THR C 274 -9.20 4.47 34.10
CA THR C 274 -9.68 5.18 32.92
C THR C 274 -11.07 5.72 33.24
N PHE C 275 -11.25 7.03 33.08
CA PHE C 275 -12.56 7.66 33.19
C PHE C 275 -12.99 8.24 31.85
N LEU C 276 -14.28 8.58 31.78
CA LEU C 276 -14.82 9.45 30.75
C LEU C 276 -15.64 10.53 31.44
N LEU C 277 -15.27 11.78 31.20
CA LEU C 277 -15.86 12.92 31.91
C LEU C 277 -16.92 13.59 31.05
N LYS C 278 -17.81 14.33 31.72
CA LYS C 278 -18.79 15.19 31.06
C LYS C 278 -18.48 16.63 31.42
N TYR C 279 -18.08 17.42 30.42
CA TYR C 279 -17.94 18.86 30.58
C TYR C 279 -19.19 19.55 30.07
N ASN C 280 -19.61 20.58 30.78
CA ASN C 280 -20.77 21.36 30.36
C ASN C 280 -20.33 22.46 29.41
N GLU C 281 -21.22 23.43 29.17
CA GLU C 281 -20.86 24.57 28.33
C GLU C 281 -19.93 25.54 29.04
N ASN C 282 -19.90 25.50 30.37
CA ASN C 282 -19.11 26.43 31.16
C ASN C 282 -17.88 25.79 31.80
N GLY C 283 -17.47 24.61 31.34
CA GLY C 283 -16.18 24.06 31.73
C GLY C 283 -16.11 23.40 33.09
N THR C 284 -17.25 23.07 33.70
CA THR C 284 -17.26 22.30 34.93
C THR C 284 -17.54 20.83 34.61
N ILE C 285 -16.92 19.94 35.38
CA ILE C 285 -17.27 18.53 35.28
C ILE C 285 -18.62 18.33 35.96
N THR C 286 -19.64 18.03 35.15
CA THR C 286 -20.98 17.83 35.65
C THR C 286 -21.34 16.38 35.87
N ASP C 287 -20.72 15.46 35.14
CA ASP C 287 -20.95 14.03 35.31
C ASP C 287 -19.70 13.27 34.87
N ALA C 288 -19.67 11.99 35.21
CA ALA C 288 -18.58 11.12 34.80
C ALA C 288 -19.08 9.68 34.79
N VAL C 289 -18.43 8.85 33.99
CA VAL C 289 -18.59 7.40 34.07
C VAL C 289 -17.22 6.77 34.25
N ASP C 290 -17.19 5.69 35.01
CA ASP C 290 -15.97 4.93 35.27
C ASP C 290 -15.91 3.78 34.26
N CYS C 291 -14.79 3.68 33.56
CA CYS C 291 -14.67 2.75 32.45
C CYS C 291 -14.17 1.37 32.86
N ALA C 292 -14.42 0.93 34.10
CA ALA C 292 -14.09 -0.42 34.52
C ALA C 292 -15.11 -1.01 35.49
N LEU C 293 -16.28 -0.39 35.62
CA LEU C 293 -17.23 -0.83 36.65
C LEU C 293 -18.17 -1.91 36.13
N ASP C 294 -18.75 -1.72 34.95
CA ASP C 294 -19.68 -2.66 34.36
C ASP C 294 -19.65 -2.48 32.84
N PRO C 295 -20.06 -3.50 32.06
CA PRO C 295 -19.98 -3.38 30.58
C PRO C 295 -20.85 -2.31 29.94
N LEU C 296 -21.89 -1.81 30.63
CA LEU C 296 -22.65 -0.70 30.08
C LEU C 296 -21.84 0.59 30.13
N SER C 297 -21.03 0.77 31.17
CA SER C 297 -20.13 1.92 31.17
C SER C 297 -18.94 1.70 30.25
N GLU C 298 -18.62 0.44 29.92
CA GLU C 298 -17.66 0.17 28.85
C GLU C 298 -18.19 0.64 27.50
N THR C 299 -19.49 0.41 27.24
CA THR C 299 -20.13 0.95 26.04
C THR C 299 -20.21 2.47 26.09
N LYS C 300 -20.40 3.02 27.29
CA LYS C 300 -20.45 4.47 27.47
C LYS C 300 -19.10 5.11 27.20
N CYS C 301 -18.02 4.44 27.58
CA CYS C 301 -16.69 4.99 27.36
C CYS C 301 -16.23 4.79 25.92
N THR C 302 -16.60 3.67 25.29
CA THR C 302 -16.14 3.42 23.93
C THR C 302 -16.99 4.10 22.87
N LEU C 303 -18.30 4.21 23.07
CA LEU C 303 -19.18 4.75 22.05
C LEU C 303 -19.27 6.27 22.06
N LYS C 304 -18.62 6.92 23.04
CA LYS C 304 -18.60 8.39 23.26
C LYS C 304 -20.01 8.94 23.42
N SER C 305 -20.72 8.39 24.41
CA SER C 305 -22.07 8.81 24.75
C SER C 305 -22.37 8.36 26.18
N PHE C 306 -23.38 8.99 26.77
CA PHE C 306 -24.03 8.42 27.95
C PHE C 306 -25.34 7.74 27.60
N THR C 307 -25.84 7.95 26.39
CA THR C 307 -27.05 7.29 25.92
C THR C 307 -26.66 6.35 24.79
N VAL C 308 -26.90 5.07 25.01
CA VAL C 308 -26.51 4.02 24.07
C VAL C 308 -27.77 3.34 23.57
N GLU C 309 -27.97 3.38 22.26
CA GLU C 309 -29.16 2.87 21.59
C GLU C 309 -29.03 1.34 21.48
N LYS C 310 -30.19 0.68 21.33
CA LYS C 310 -30.29 -0.78 21.34
C LYS C 310 -29.58 -1.40 20.14
N GLY C 311 -28.66 -2.32 20.40
CA GLY C 311 -27.91 -2.97 19.35
C GLY C 311 -26.84 -3.88 19.92
N ILE C 312 -25.92 -4.29 19.05
CA ILE C 312 -24.80 -5.15 19.41
C ILE C 312 -23.51 -4.36 19.20
N TYR C 313 -22.61 -4.45 20.17
CA TYR C 313 -21.39 -3.64 20.19
C TYR C 313 -20.20 -4.48 20.62
N GLN C 314 -19.04 -4.13 20.09
CA GLN C 314 -17.79 -4.81 20.39
C GLN C 314 -16.79 -3.79 20.93
N THR C 315 -16.27 -4.05 22.13
CA THR C 315 -15.35 -3.12 22.77
C THR C 315 -13.93 -3.65 22.89
N SER C 316 -13.74 -4.87 23.38
CA SER C 316 -12.40 -5.39 23.60
C SER C 316 -12.39 -6.87 23.28
N ASN C 317 -11.29 -7.53 23.66
CA ASN C 317 -11.08 -8.94 23.45
C ASN C 317 -10.68 -9.60 24.77
N PHE C 318 -10.47 -10.92 24.72
CA PHE C 318 -9.97 -11.63 25.89
C PHE C 318 -8.94 -12.66 25.45
N ARG C 319 -8.02 -12.96 26.37
CA ARG C 319 -6.92 -13.87 26.14
C ARG C 319 -6.82 -14.86 27.29
N VAL C 320 -6.41 -16.08 26.99
CA VAL C 320 -5.98 -16.98 28.05
C VAL C 320 -4.45 -17.08 28.06
N GLN C 321 -3.89 -17.20 29.25
CA GLN C 321 -2.48 -16.97 29.45
C GLN C 321 -1.72 -18.27 29.71
N PRO C 322 -0.44 -18.34 29.34
CA PRO C 322 0.40 -19.46 29.80
C PRO C 322 0.61 -19.42 31.32
N THR C 323 0.74 -20.61 31.88
CA THR C 323 0.75 -20.78 33.33
C THR C 323 2.08 -21.31 33.87
N GLU C 324 2.56 -22.45 33.38
CA GLU C 324 3.66 -23.14 34.05
C GLU C 324 5.02 -22.88 33.41
N SER C 325 5.04 -22.56 32.09
CA SER C 325 6.24 -22.33 31.27
C SER C 325 7.19 -23.54 31.31
N ILE C 326 6.71 -24.65 30.75
CA ILE C 326 7.43 -25.93 30.74
C ILE C 326 8.64 -25.89 29.81
N VAL C 327 9.67 -26.67 30.13
CA VAL C 327 10.94 -26.68 29.40
C VAL C 327 11.41 -28.12 29.29
N ARG C 328 11.66 -28.59 28.04
CA ARG C 328 12.13 -29.95 27.80
C ARG C 328 13.43 -29.95 26.99
N PHE C 329 14.31 -30.90 27.29
CA PHE C 329 15.54 -31.20 26.58
C PHE C 329 15.64 -32.71 26.39
N PRO C 330 16.40 -33.18 25.38
CA PRO C 330 16.51 -34.64 25.18
C PRO C 330 17.34 -35.36 26.23
N ASN C 331 17.59 -36.63 25.91
CA ASN C 331 18.52 -37.51 26.62
C ASN C 331 19.90 -36.90 26.45
N ILE C 332 20.42 -36.26 27.51
CA ILE C 332 21.71 -35.59 27.42
C ILE C 332 22.83 -36.63 27.40
N THR C 333 23.00 -37.32 28.54
CA THR C 333 23.44 -38.71 28.77
C THR C 333 24.48 -39.26 27.80
N ASN C 334 25.66 -38.66 27.75
CA ASN C 334 26.71 -39.14 26.85
C ASN C 334 28.02 -39.46 27.54
N LEU C 335 28.34 -38.75 28.64
CA LEU C 335 29.37 -39.08 29.64
C LEU C 335 30.77 -39.14 29.03
N CYS C 336 31.29 -37.93 28.72
CA CYS C 336 32.70 -37.64 28.42
C CYS C 336 33.66 -38.27 29.42
N PRO C 337 34.85 -38.74 29.00
CA PRO C 337 35.82 -39.31 29.93
C PRO C 337 36.60 -38.27 30.75
N PHE C 338 35.88 -37.51 31.57
CA PHE C 338 36.54 -36.59 32.48
C PHE C 338 36.75 -37.19 33.87
N GLY C 339 36.23 -38.40 34.10
CA GLY C 339 36.48 -39.07 35.37
C GLY C 339 37.92 -39.53 35.50
N GLU C 340 38.59 -39.77 34.37
CA GLU C 340 39.99 -40.16 34.41
C GLU C 340 40.91 -38.94 34.56
N VAL C 341 40.38 -37.74 34.36
CA VAL C 341 41.20 -36.53 34.51
C VAL C 341 40.62 -35.78 35.71
N PHE C 342 39.76 -36.44 36.48
CA PHE C 342 39.41 -35.97 37.82
C PHE C 342 39.71 -36.95 38.94
N ASN C 343 39.96 -38.23 38.64
CA ASN C 343 40.12 -39.24 39.68
C ASN C 343 41.27 -40.22 39.39
N ALA C 344 42.42 -39.71 38.97
CA ALA C 344 43.58 -40.56 38.73
C ALA C 344 44.77 -40.14 39.59
N THR C 345 45.63 -41.11 39.89
CA THR C 345 46.77 -40.92 40.79
C THR C 345 48.03 -40.43 40.09
N ARG C 346 48.03 -40.37 38.76
CA ARG C 346 49.18 -39.83 38.02
C ARG C 346 48.62 -39.10 36.80
N PHE C 347 48.73 -37.78 36.79
CA PHE C 347 48.25 -36.98 35.68
C PHE C 347 49.39 -36.80 34.67
N ALA C 348 49.20 -35.87 33.74
CA ALA C 348 50.23 -35.57 32.75
C ALA C 348 51.36 -34.75 33.38
N SER C 349 52.45 -34.61 32.62
CA SER C 349 53.60 -33.81 33.01
C SER C 349 53.52 -32.44 32.36
N VAL C 350 54.44 -31.53 32.71
CA VAL C 350 54.39 -30.20 32.13
C VAL C 350 55.30 -30.16 30.90
N TYR C 351 56.05 -31.23 30.67
CA TYR C 351 56.63 -31.45 29.34
C TYR C 351 55.70 -32.29 28.48
N ALA C 352 54.64 -32.87 29.07
CA ALA C 352 53.76 -33.78 28.35
C ALA C 352 52.30 -33.55 28.72
N TRP C 353 51.87 -32.29 28.85
CA TRP C 353 50.45 -32.00 29.06
C TRP C 353 49.76 -32.06 27.71
N ASN C 354 48.99 -33.13 27.51
CA ASN C 354 48.43 -33.43 26.21
C ASN C 354 47.27 -32.50 25.86
N ARG C 355 47.25 -32.04 24.60
CA ARG C 355 46.17 -31.20 24.08
C ARG C 355 45.09 -32.11 23.49
N LYS C 356 44.37 -32.77 24.40
CA LYS C 356 43.49 -33.85 24.01
C LYS C 356 42.17 -33.33 23.48
N ARG C 357 41.69 -33.94 22.39
CA ARG C 357 40.40 -33.60 21.80
C ARG C 357 39.36 -34.57 22.38
N ILE C 358 38.58 -34.07 23.34
CA ILE C 358 37.41 -34.76 23.82
C ILE C 358 36.22 -34.20 23.06
N SER C 359 35.54 -35.05 22.29
CA SER C 359 34.50 -34.60 21.38
C SER C 359 33.30 -35.55 21.45
N ASN C 360 32.16 -35.02 20.99
CA ASN C 360 30.91 -35.74 20.74
C ASN C 360 30.34 -36.39 22.02
N CYS C 361 30.43 -35.64 23.11
CA CYS C 361 29.79 -36.01 24.37
C CYS C 361 29.44 -34.72 25.11
N VAL C 362 29.06 -34.87 26.37
CA VAL C 362 28.69 -33.74 27.21
C VAL C 362 29.49 -33.78 28.50
N ALA C 363 29.88 -32.62 29.00
CA ALA C 363 30.69 -32.50 30.20
C ALA C 363 29.87 -31.80 31.28
N ASP C 364 29.58 -32.52 32.36
CA ASP C 364 28.87 -31.93 33.49
C ASP C 364 29.82 -31.07 34.31
N TYR C 365 29.38 -29.85 34.61
CA TYR C 365 30.11 -28.96 35.50
C TYR C 365 29.36 -28.65 36.79
N SER C 366 28.13 -29.16 36.94
CA SER C 366 27.42 -29.00 38.20
C SER C 366 27.97 -29.94 39.27
N VAL C 367 28.62 -31.02 38.85
CA VAL C 367 29.27 -31.93 39.80
C VAL C 367 30.59 -31.34 40.28
N LEU C 368 31.14 -30.36 39.54
CA LEU C 368 32.38 -29.71 39.94
C LEU C 368 32.16 -28.78 41.13
N TYR C 369 30.99 -28.14 41.20
CA TYR C 369 30.74 -27.17 42.27
C TYR C 369 30.51 -27.88 43.61
N ASN C 370 29.97 -29.10 43.57
CA ASN C 370 29.72 -29.88 44.77
C ASN C 370 30.76 -30.98 44.97
N SER C 371 31.94 -30.85 44.35
CA SER C 371 33.02 -31.80 44.56
C SER C 371 33.71 -31.63 45.90
N ALA C 372 33.56 -30.44 46.53
CA ALA C 372 33.99 -30.12 47.91
C ALA C 372 35.50 -30.28 48.11
N SER C 373 36.27 -30.00 47.06
CA SER C 373 37.72 -30.08 47.15
C SER C 373 38.45 -28.94 46.45
N PHE C 374 37.75 -28.00 45.84
CA PHE C 374 38.40 -27.03 44.96
C PHE C 374 39.08 -25.93 45.75
N SER C 375 40.25 -25.52 45.27
CA SER C 375 41.07 -24.52 45.93
C SER C 375 41.04 -23.17 45.22
N THR C 376 41.29 -23.15 43.92
CA THR C 376 41.37 -21.92 43.13
C THR C 376 40.61 -22.13 41.81
N PHE C 377 39.31 -22.42 41.92
CA PHE C 377 38.41 -22.46 40.77
C PHE C 377 38.38 -21.09 40.12
N LYS C 378 38.88 -21.01 38.89
CA LYS C 378 39.01 -19.76 38.18
C LYS C 378 38.35 -19.90 36.83
N CYS C 379 37.47 -18.96 36.47
CA CYS C 379 36.91 -18.92 35.12
C CYS C 379 37.05 -17.51 34.54
N TYR C 380 37.82 -17.40 33.46
CA TYR C 380 37.96 -16.13 32.75
C TYR C 380 36.92 -16.01 31.64
N GLY C 381 36.49 -14.78 31.38
CA GLY C 381 35.58 -14.52 30.29
C GLY C 381 34.12 -14.68 30.63
N VAL C 382 33.73 -15.90 31.02
CA VAL C 382 32.34 -16.22 31.32
C VAL C 382 32.26 -16.65 32.79
N SER C 383 31.10 -16.47 33.40
CA SER C 383 30.92 -16.83 34.79
C SER C 383 30.82 -18.36 34.92
N PRO C 384 31.27 -18.95 36.04
CA PRO C 384 31.03 -20.39 36.23
C PRO C 384 29.61 -20.72 36.66
N THR C 385 28.82 -19.70 37.04
CA THR C 385 27.42 -19.93 37.35
C THR C 385 26.62 -20.27 36.09
N LYS C 386 26.88 -19.58 34.99
CA LYS C 386 26.24 -19.85 33.71
C LYS C 386 27.16 -20.63 32.77
N LEU C 387 27.93 -21.57 33.31
CA LEU C 387 28.82 -22.38 32.49
C LEU C 387 28.06 -23.57 31.88
N ASN C 388 27.08 -24.11 32.60
CA ASN C 388 26.47 -25.37 32.19
C ASN C 388 25.46 -25.18 31.07
N ASP C 389 24.76 -24.03 31.04
CA ASP C 389 23.68 -23.86 30.07
C ASP C 389 24.21 -23.47 28.70
N LEU C 390 25.23 -22.61 28.64
CA LEU C 390 25.71 -22.06 27.37
C LEU C 390 27.15 -22.53 27.15
N CYS C 391 27.47 -22.85 25.90
CA CYS C 391 28.77 -23.38 25.56
C CYS C 391 29.35 -22.68 24.33
N PHE C 392 30.62 -22.95 24.05
CA PHE C 392 31.29 -22.48 22.84
C PHE C 392 32.02 -23.66 22.22
N THR C 393 32.62 -23.41 21.06
CA THR C 393 33.40 -24.44 20.39
C THR C 393 34.84 -24.46 20.90
N ASN C 394 35.62 -25.43 20.39
CA ASN C 394 37.05 -25.65 20.65
C ASN C 394 37.32 -25.87 22.15
N VAL C 395 36.91 -27.05 22.63
CA VAL C 395 36.76 -27.36 24.05
C VAL C 395 37.97 -28.27 24.38
N TYR C 396 39.13 -27.87 23.85
CA TYR C 396 40.40 -28.53 24.16
C TYR C 396 40.72 -28.43 25.64
N ALA C 397 41.37 -29.48 26.16
CA ALA C 397 41.60 -29.64 27.59
C ALA C 397 43.07 -29.89 27.89
N ASP C 398 43.49 -29.51 29.10
CA ASP C 398 44.86 -29.68 29.55
C ASP C 398 44.87 -30.21 30.98
N SER C 399 46.04 -30.66 31.43
CA SER C 399 46.18 -31.31 32.72
C SER C 399 47.63 -31.29 33.20
N PHE C 400 47.82 -30.82 34.43
CA PHE C 400 49.09 -30.89 35.16
C PHE C 400 48.77 -30.76 36.65
N VAL C 401 49.68 -31.24 37.49
CA VAL C 401 49.64 -31.01 38.93
C VAL C 401 50.69 -29.93 39.18
N ILE C 402 50.26 -28.66 39.17
CA ILE C 402 51.18 -27.54 39.35
C ILE C 402 51.40 -27.29 40.84
N ARG C 403 52.58 -26.78 41.19
CA ARG C 403 52.91 -26.43 42.56
C ARG C 403 52.08 -25.23 43.00
N GLY C 404 51.56 -25.29 44.22
CA GLY C 404 50.55 -24.35 44.67
C GLY C 404 51.03 -22.98 45.11
N ASP C 405 52.33 -22.70 45.03
CA ASP C 405 52.83 -21.41 45.48
C ASP C 405 52.52 -20.28 44.50
N GLU C 406 52.48 -20.57 43.20
CA GLU C 406 52.29 -19.53 42.19
C GLU C 406 51.20 -19.91 41.19
N VAL C 407 50.08 -20.41 41.69
CA VAL C 407 48.90 -20.62 40.84
C VAL C 407 48.30 -19.29 40.42
N ARG C 408 48.34 -18.30 41.33
CA ARG C 408 47.77 -16.97 41.11
C ARG C 408 48.54 -16.16 40.07
N GLN C 409 49.78 -16.53 39.76
CA GLN C 409 50.54 -15.90 38.68
C GLN C 409 50.03 -16.27 37.30
N ILE C 410 49.26 -17.35 37.18
CA ILE C 410 48.68 -17.74 35.90
C ILE C 410 47.47 -16.85 35.65
N ALA C 411 47.68 -15.76 34.92
CA ALA C 411 46.66 -14.76 34.69
C ALA C 411 46.99 -14.03 33.40
N PRO C 412 45.97 -13.54 32.67
CA PRO C 412 46.24 -12.75 31.46
C PRO C 412 46.85 -11.39 31.77
N GLY C 413 48.07 -11.18 31.26
CA GLY C 413 48.79 -9.95 31.51
C GLY C 413 49.79 -10.04 32.64
N GLN C 414 50.02 -11.25 33.15
CA GLN C 414 50.96 -11.47 34.25
C GLN C 414 51.89 -12.62 33.88
N THR C 415 53.18 -12.32 33.80
CA THR C 415 54.21 -13.34 33.61
C THR C 415 54.74 -13.77 34.98
N GLY C 416 55.86 -14.52 34.98
CA GLY C 416 56.43 -15.02 36.23
C GLY C 416 57.57 -15.98 35.99
N LYS C 417 57.52 -17.15 36.61
CA LYS C 417 58.36 -18.28 36.22
C LYS C 417 57.50 -19.49 35.86
N ILE C 418 56.28 -19.57 36.38
CA ILE C 418 55.33 -20.58 35.94
C ILE C 418 54.67 -20.14 34.65
N ALA C 419 54.36 -18.85 34.54
CA ALA C 419 53.83 -18.32 33.28
C ALA C 419 54.91 -18.12 32.23
N ASP C 420 56.18 -18.15 32.59
CA ASP C 420 57.26 -17.92 31.65
C ASP C 420 57.92 -19.20 31.18
N TYR C 421 57.92 -20.25 32.00
CA TYR C 421 58.63 -21.47 31.68
C TYR C 421 57.77 -22.73 31.77
N ASN C 422 56.56 -22.65 32.31
CA ASN C 422 55.70 -23.83 32.39
C ASN C 422 54.45 -23.69 31.53
N TYR C 423 53.60 -22.68 31.78
CA TYR C 423 52.32 -22.58 31.09
C TYR C 423 51.76 -21.15 31.13
N LYS C 424 51.48 -20.58 29.97
CA LYS C 424 51.03 -19.20 29.83
C LYS C 424 49.61 -19.13 29.29
N LEU C 425 48.77 -18.26 29.92
CA LEU C 425 47.40 -17.93 29.54
C LEU C 425 47.38 -16.69 28.62
N PRO C 426 46.64 -16.70 27.52
CA PRO C 426 46.56 -15.51 26.68
C PRO C 426 45.67 -14.43 27.28
N ASP C 427 45.78 -13.23 26.72
CA ASP C 427 44.90 -12.13 27.10
C ASP C 427 43.49 -12.36 26.55
N ASP C 428 42.49 -11.97 27.35
CA ASP C 428 41.05 -12.23 27.15
C ASP C 428 40.79 -13.74 26.96
N PHE C 429 41.08 -14.49 28.02
CA PHE C 429 40.81 -15.91 28.02
C PHE C 429 39.32 -16.15 28.16
N THR C 430 38.78 -17.06 27.35
CA THR C 430 37.43 -17.59 27.52
C THR C 430 37.60 -19.04 27.95
N GLY C 431 37.05 -19.37 29.12
CA GLY C 431 37.22 -20.70 29.66
C GLY C 431 37.62 -20.66 31.11
N CYS C 432 38.01 -21.83 31.62
CA CYS C 432 38.26 -22.02 33.04
C CYS C 432 39.59 -22.74 33.28
N VAL C 433 40.26 -22.35 34.36
CA VAL C 433 41.40 -23.09 34.91
C VAL C 433 41.07 -23.48 36.36
N ILE C 434 41.20 -24.77 36.67
CA ILE C 434 40.52 -25.33 37.84
C ILE C 434 41.55 -25.98 38.75
N ALA C 435 41.87 -25.31 39.86
CA ALA C 435 42.86 -25.81 40.82
C ALA C 435 42.16 -26.37 42.04
N TRP C 436 42.71 -27.45 42.59
CA TRP C 436 42.15 -28.06 43.80
C TRP C 436 43.26 -28.65 44.64
N ASN C 437 42.95 -28.85 45.93
CA ASN C 437 43.82 -29.57 46.86
C ASN C 437 43.86 -31.04 46.45
N SER C 438 45.07 -31.58 46.33
CA SER C 438 45.25 -32.98 45.98
C SER C 438 46.35 -33.59 46.83
N ASN C 439 46.35 -33.26 48.13
CA ASN C 439 47.42 -33.60 49.06
C ASN C 439 47.51 -35.09 49.34
N ASN C 440 46.37 -35.79 49.33
CA ASN C 440 46.34 -37.14 49.87
C ASN C 440 46.87 -38.20 48.91
N LEU C 441 47.14 -37.86 47.65
CA LEU C 441 47.51 -38.88 46.68
C LEU C 441 48.85 -38.64 45.99
N ASP C 442 49.19 -37.40 45.62
CA ASP C 442 50.48 -37.18 44.95
C ASP C 442 51.59 -36.80 45.93
N SER C 443 51.74 -37.58 47.00
CA SER C 443 52.77 -37.31 47.99
C SER C 443 53.17 -38.66 48.61
N LYS C 444 54.24 -39.25 48.09
CA LYS C 444 54.75 -40.51 48.59
C LYS C 444 55.84 -40.23 49.64
N VAL C 445 56.51 -41.28 50.10
CA VAL C 445 57.53 -41.13 51.12
C VAL C 445 58.81 -40.55 50.51
N GLY C 446 59.35 -39.53 51.17
CA GLY C 446 60.55 -38.87 50.70
C GLY C 446 60.34 -37.86 49.60
N GLY C 447 59.10 -37.57 49.22
CA GLY C 447 58.83 -36.63 48.15
C GLY C 447 58.40 -37.29 46.87
N ASN C 448 57.32 -36.80 46.26
CA ASN C 448 56.78 -37.37 45.03
C ASN C 448 57.52 -36.77 43.85
N TYR C 449 58.57 -37.46 43.41
CA TYR C 449 59.37 -37.02 42.27
C TYR C 449 58.89 -37.64 40.97
N ASN C 450 57.61 -37.48 40.65
CA ASN C 450 57.05 -37.99 39.40
C ASN C 450 56.81 -36.91 38.35
N TYR C 451 56.61 -35.67 38.77
CA TYR C 451 56.36 -34.56 37.86
C TYR C 451 57.62 -33.70 37.78
N LEU C 452 58.48 -33.99 36.81
CA LEU C 452 59.63 -33.15 36.51
C LEU C 452 59.15 -31.86 35.85
N TYR C 453 59.96 -30.80 35.93
CA TYR C 453 59.47 -29.52 35.42
C TYR C 453 60.61 -28.73 34.81
N ARG C 454 60.24 -27.63 34.16
CA ARG C 454 61.21 -26.78 33.46
C ARG C 454 61.23 -25.40 34.10
N LEU C 455 62.42 -24.97 34.52
CA LEU C 455 62.64 -23.61 34.99
C LEU C 455 63.60 -22.84 34.08
N PHE C 456 64.06 -23.46 33.00
CA PHE C 456 65.08 -22.86 32.15
C PHE C 456 64.72 -23.06 30.69
N ARG C 457 64.58 -21.95 29.96
CA ARG C 457 64.29 -21.98 28.53
C ARG C 457 64.77 -20.68 27.92
N LYS C 458 64.94 -20.68 26.59
CA LYS C 458 65.61 -19.57 25.91
C LYS C 458 64.74 -18.32 25.85
N SER C 459 63.47 -18.45 25.46
CA SER C 459 62.62 -17.30 25.21
C SER C 459 61.41 -17.34 26.14
N ASN C 460 60.59 -16.29 26.04
CA ASN C 460 59.33 -16.27 26.76
C ASN C 460 58.34 -17.23 26.10
N LEU C 461 57.34 -17.66 26.88
CA LEU C 461 56.31 -18.53 26.35
C LEU C 461 55.36 -17.76 25.42
N LYS C 462 55.12 -18.34 24.26
CA LYS C 462 53.90 -18.04 23.53
C LYS C 462 52.71 -18.59 24.33
N PRO C 463 51.54 -17.95 24.26
CA PRO C 463 50.38 -18.50 24.96
C PRO C 463 49.89 -19.80 24.31
N PHE C 464 49.64 -20.80 25.17
CA PHE C 464 49.27 -22.18 24.83
C PHE C 464 50.30 -22.82 23.90
N GLU C 465 51.51 -23.01 24.43
CA GLU C 465 52.65 -23.47 23.65
C GLU C 465 53.09 -24.83 24.18
N ARG C 466 53.26 -25.79 23.26
CA ARG C 466 53.84 -27.09 23.58
C ARG C 466 55.33 -26.93 23.87
N ASP C 467 55.72 -26.99 25.13
CA ASP C 467 57.14 -26.89 25.49
C ASP C 467 57.68 -28.29 25.83
N ILE C 468 58.25 -28.95 24.84
CA ILE C 468 58.87 -30.27 25.00
C ILE C 468 60.30 -30.22 24.48
N SER C 469 61.24 -30.68 25.32
CA SER C 469 62.67 -30.59 25.07
C SER C 469 63.41 -31.53 26.01
N THR C 470 64.57 -31.98 25.56
CA THR C 470 65.52 -32.72 26.38
C THR C 470 66.85 -31.97 26.48
N GLU C 471 67.19 -31.22 25.43
CA GLU C 471 68.41 -30.42 25.37
C GLU C 471 68.37 -29.26 26.37
N ILE C 472 69.55 -28.80 26.75
CA ILE C 472 69.73 -27.97 27.93
C ILE C 472 69.72 -26.50 27.55
N TYR C 473 69.53 -25.66 28.57
CA TYR C 473 69.52 -24.21 28.39
C TYR C 473 70.90 -23.67 28.05
N GLN C 474 70.94 -22.69 27.14
CA GLN C 474 72.16 -22.01 26.76
C GLN C 474 72.17 -20.62 27.37
N ALA C 475 73.18 -20.33 28.18
CA ALA C 475 73.27 -19.04 28.86
C ALA C 475 74.64 -18.36 28.74
N GLY C 476 75.71 -19.10 28.49
CA GLY C 476 77.03 -18.51 28.38
C GLY C 476 77.56 -18.50 26.97
N SER C 477 78.86 -18.74 26.82
CA SER C 477 79.47 -18.77 25.49
C SER C 477 80.25 -20.06 25.29
N THR C 478 80.78 -20.62 26.38
CA THR C 478 81.52 -21.87 26.29
C THR C 478 80.55 -23.04 26.15
N PRO C 479 80.69 -23.89 25.14
CA PRO C 479 79.72 -24.95 24.91
C PRO C 479 79.90 -26.13 25.85
N CYS C 480 78.82 -26.87 26.07
CA CYS C 480 78.87 -28.07 26.89
C CYS C 480 79.40 -29.24 26.07
N ASN C 481 79.94 -30.24 26.78
CA ASN C 481 80.59 -31.39 26.15
C ASN C 481 79.86 -32.70 26.44
N GLY C 482 78.56 -32.65 26.68
CA GLY C 482 77.82 -33.86 27.05
C GLY C 482 77.80 -34.14 28.54
N VAL C 483 78.99 -34.27 29.14
CA VAL C 483 79.09 -34.29 30.59
C VAL C 483 78.76 -32.89 31.12
N GLU C 484 77.88 -32.84 32.12
CA GLU C 484 77.30 -31.58 32.57
C GLU C 484 78.33 -30.73 33.31
N GLY C 485 78.43 -29.45 32.91
CA GLY C 485 79.45 -28.56 33.44
C GLY C 485 78.88 -27.37 34.19
N PHE C 486 79.65 -26.28 34.21
CA PHE C 486 79.29 -25.11 35.00
C PHE C 486 78.23 -24.23 34.34
N ASN C 487 78.07 -24.29 33.03
CA ASN C 487 77.08 -23.46 32.34
C ASN C 487 76.16 -24.34 31.49
N CYS C 488 76.08 -25.62 31.80
CA CYS C 488 75.21 -26.53 31.08
C CYS C 488 73.73 -26.28 31.38
N TYR C 489 73.40 -26.18 32.67
CA TYR C 489 72.10 -25.74 33.21
C TYR C 489 70.95 -26.63 32.72
N PHE C 490 70.98 -27.88 33.21
CA PHE C 490 69.96 -28.91 32.99
C PHE C 490 68.59 -28.40 33.42
N PRO C 491 67.63 -28.27 32.49
CA PRO C 491 66.38 -27.60 32.82
C PRO C 491 65.38 -28.46 33.57
N LEU C 492 65.58 -29.78 33.58
CA LEU C 492 64.60 -30.69 34.17
C LEU C 492 65.02 -31.06 35.59
N GLN C 493 64.72 -30.16 36.53
CA GLN C 493 64.84 -30.48 37.94
C GLN C 493 63.50 -30.99 38.48
N SER C 494 63.40 -31.15 39.80
CA SER C 494 62.29 -31.85 40.42
C SER C 494 61.49 -30.92 41.34
N TYR C 495 60.17 -30.95 41.19
CA TYR C 495 59.25 -30.70 42.32
C TYR C 495 59.48 -31.67 43.46
N GLY C 496 59.77 -31.14 44.63
CA GLY C 496 59.77 -31.91 45.85
C GLY C 496 58.41 -31.82 46.52
N PHE C 497 57.62 -32.88 46.43
CA PHE C 497 56.27 -32.90 47.00
C PHE C 497 56.24 -33.94 48.11
N GLN C 498 56.63 -33.51 49.29
CA GLN C 498 56.76 -34.19 50.57
C GLN C 498 55.47 -34.04 51.37
N PRO C 499 55.17 -34.97 52.28
CA PRO C 499 54.04 -34.75 53.20
C PRO C 499 54.28 -33.66 54.24
N THR C 500 55.54 -33.25 54.45
CA THR C 500 55.83 -32.20 55.43
C THR C 500 55.66 -30.80 54.87
N ASN C 501 55.32 -30.67 53.59
CA ASN C 501 55.07 -29.36 52.99
C ASN C 501 53.76 -28.78 53.51
N GLY C 502 53.68 -27.44 53.48
CA GLY C 502 52.46 -26.75 53.84
C GLY C 502 51.43 -26.81 52.73
N VAL C 503 50.24 -26.28 53.03
CA VAL C 503 49.11 -26.36 52.10
C VAL C 503 49.34 -25.45 50.90
N GLY C 504 50.07 -24.34 51.08
CA GLY C 504 50.51 -23.57 49.92
C GLY C 504 51.67 -24.22 49.20
N TYR C 505 52.44 -25.04 49.92
CA TYR C 505 53.60 -25.69 49.31
C TYR C 505 53.22 -27.04 48.69
N GLN C 506 52.17 -27.67 49.20
CA GLN C 506 51.62 -28.84 48.55
C GLN C 506 50.93 -28.42 47.26
N PRO C 507 50.99 -29.26 46.21
CA PRO C 507 50.58 -28.81 44.86
C PRO C 507 49.08 -28.61 44.69
N TYR C 508 48.73 -27.77 43.71
CA TYR C 508 47.34 -27.54 43.35
C TYR C 508 47.09 -28.12 41.95
N ARG C 509 46.20 -29.10 41.87
CA ARG C 509 46.03 -29.86 40.64
C ARG C 509 45.16 -29.10 39.64
N VAL C 510 45.72 -28.77 38.47
CA VAL C 510 45.06 -27.88 37.52
C VAL C 510 44.61 -28.64 36.27
N VAL C 511 43.34 -28.45 35.91
CA VAL C 511 42.87 -28.77 34.58
C VAL C 511 42.42 -27.45 33.94
N VAL C 512 42.56 -27.40 32.62
CA VAL C 512 42.29 -26.19 31.85
C VAL C 512 41.16 -26.54 30.90
N LEU C 513 40.05 -25.81 30.98
CA LEU C 513 38.96 -25.95 30.01
C LEU C 513 39.03 -24.74 29.08
N SER C 514 39.95 -24.80 28.11
CA SER C 514 40.15 -23.71 27.17
C SER C 514 39.04 -23.71 26.13
N PHE C 515 38.51 -22.52 25.84
CA PHE C 515 37.47 -22.31 24.83
C PHE C 515 38.02 -21.32 23.80
N GLU C 516 38.33 -21.79 22.60
CA GLU C 516 38.75 -20.93 21.51
C GLU C 516 37.57 -20.71 20.56
N LEU C 517 37.82 -20.07 19.42
CA LEU C 517 36.80 -19.86 18.39
C LEU C 517 37.47 -19.97 17.02
N LEU C 518 37.31 -21.11 16.37
CA LEU C 518 37.67 -21.30 14.98
C LEU C 518 36.39 -21.52 14.19
N HIS C 519 36.53 -21.78 12.88
CA HIS C 519 35.39 -22.11 12.03
C HIS C 519 35.12 -23.61 12.02
N ALA C 520 34.82 -24.14 13.21
CA ALA C 520 34.45 -25.52 13.43
C ALA C 520 33.26 -25.57 14.37
N PRO C 521 32.31 -26.48 14.15
CA PRO C 521 31.16 -26.59 15.05
C PRO C 521 31.55 -27.19 16.40
N ALA C 522 30.77 -26.85 17.42
CA ALA C 522 31.04 -27.30 18.78
C ALA C 522 30.71 -28.78 18.95
N THR C 523 31.44 -29.43 19.85
CA THR C 523 31.24 -30.84 20.14
C THR C 523 30.80 -31.10 21.57
N VAL C 524 31.49 -30.53 22.55
CA VAL C 524 31.25 -30.82 23.97
C VAL C 524 30.74 -29.57 24.65
N CYS C 525 29.59 -29.68 25.31
CA CYS C 525 29.01 -28.57 26.05
C CYS C 525 28.62 -29.05 27.44
N GLY C 526 28.05 -28.14 28.22
CA GLY C 526 27.48 -28.48 29.49
C GLY C 526 26.10 -29.09 29.33
N PRO C 527 25.59 -29.74 30.37
CA PRO C 527 24.28 -30.40 30.28
C PRO C 527 23.15 -29.40 30.41
N LYS C 528 21.93 -29.88 30.14
CA LYS C 528 20.75 -29.02 30.14
C LYS C 528 19.70 -29.62 31.08
N LYS C 529 19.18 -28.78 31.98
CA LYS C 529 18.14 -29.24 32.89
C LYS C 529 16.76 -29.03 32.27
N SER C 530 15.87 -29.99 32.52
CA SER C 530 14.57 -30.01 31.85
C SER C 530 13.48 -30.35 32.84
N THR C 531 12.33 -29.70 32.68
CA THR C 531 11.15 -29.93 33.52
C THR C 531 10.35 -31.12 32.98
N ASN C 532 9.12 -31.26 33.43
CA ASN C 532 8.16 -32.17 32.80
C ASN C 532 7.20 -31.36 31.93
N LEU C 533 6.39 -32.03 31.13
CA LEU C 533 5.44 -31.37 30.25
C LEU C 533 4.02 -31.55 30.79
N VAL C 534 3.24 -30.47 30.75
CA VAL C 534 1.85 -30.49 31.16
C VAL C 534 1.00 -30.56 29.88
N LYS C 535 -0.17 -31.18 29.98
CA LYS C 535 -1.03 -31.39 28.83
C LYS C 535 -2.37 -30.74 29.07
N ASN C 536 -3.07 -30.45 27.94
CA ASN C 536 -4.44 -29.92 27.89
C ASN C 536 -4.58 -28.58 28.60
N LYS C 537 -3.57 -27.73 28.48
CA LYS C 537 -3.53 -26.45 29.17
C LYS C 537 -2.71 -25.46 28.36
N CYS C 538 -3.15 -24.21 28.32
CA CYS C 538 -2.42 -23.13 27.67
C CYS C 538 -1.16 -22.84 28.48
N VAL C 539 0.00 -23.09 27.88
CA VAL C 539 1.27 -23.05 28.60
C VAL C 539 2.36 -22.70 27.59
N ASN C 540 3.40 -22.02 28.09
CA ASN C 540 4.59 -21.77 27.32
C ASN C 540 5.43 -23.04 27.28
N PHE C 541 5.99 -23.37 26.12
CA PHE C 541 6.86 -24.53 26.03
C PHE C 541 8.18 -24.12 25.39
N ASN C 542 9.23 -24.86 25.74
CA ASN C 542 10.53 -24.70 25.09
C ASN C 542 11.16 -26.08 24.98
N PHE C 543 11.07 -26.66 23.80
CA PHE C 543 11.68 -27.95 23.51
C PHE C 543 13.10 -27.72 22.98
N ASN C 544 13.66 -28.74 22.33
CA ASN C 544 15.04 -28.70 21.84
C ASN C 544 15.29 -27.76 20.64
N GLY C 545 15.18 -26.46 20.89
CA GLY C 545 15.42 -25.48 19.85
C GLY C 545 14.18 -24.70 19.48
N LEU C 546 13.02 -25.37 19.48
CA LEU C 546 11.75 -24.75 19.11
C LEU C 546 10.96 -24.44 20.38
N THR C 547 10.14 -23.40 20.30
CA THR C 547 9.40 -22.90 21.45
C THR C 547 8.08 -22.29 20.99
N GLY C 548 7.23 -21.97 21.96
CA GLY C 548 5.98 -21.30 21.67
C GLY C 548 5.07 -21.35 22.88
N THR C 549 3.89 -20.76 22.72
CA THR C 549 2.83 -20.80 23.71
C THR C 549 1.63 -21.48 23.10
N GLY C 550 1.06 -22.44 23.82
CA GLY C 550 -0.08 -23.18 23.29
C GLY C 550 -0.53 -24.28 24.21
N VAL C 551 -1.35 -25.18 23.65
CA VAL C 551 -1.94 -26.30 24.38
C VAL C 551 -1.40 -27.58 23.77
N LEU C 552 -0.82 -28.43 24.60
CA LEU C 552 -0.37 -29.75 24.16
C LEU C 552 -1.47 -30.77 24.46
N THR C 553 -1.97 -31.41 23.41
CA THR C 553 -2.95 -32.48 23.53
C THR C 553 -2.37 -33.74 22.90
N GLU C 554 -3.11 -34.83 23.00
CA GLU C 554 -2.72 -36.07 22.35
C GLU C 554 -2.93 -35.96 20.84
N SER C 555 -2.15 -36.73 20.09
CA SER C 555 -2.20 -36.72 18.64
C SER C 555 -2.88 -37.98 18.13
N ASN C 556 -3.20 -37.96 16.84
CA ASN C 556 -3.79 -39.11 16.15
C ASN C 556 -3.07 -39.48 14.86
N LYS C 557 -2.37 -38.55 14.24
CA LYS C 557 -1.63 -38.82 13.02
C LYS C 557 -0.37 -39.62 13.33
N LYS C 558 0.21 -40.23 12.29
CA LYS C 558 1.41 -41.04 12.49
C LYS C 558 2.59 -40.30 11.88
N PHE C 559 3.49 -39.84 12.74
CA PHE C 559 4.78 -39.35 12.27
C PHE C 559 5.63 -40.53 11.78
N LEU C 560 6.52 -40.25 10.84
CA LEU C 560 7.58 -41.19 10.54
C LEU C 560 8.62 -41.14 11.66
N PRO C 561 9.43 -42.23 11.83
CA PRO C 561 10.37 -42.26 12.98
C PRO C 561 11.53 -41.26 12.99
N PHE C 562 11.65 -40.34 12.02
CA PHE C 562 12.74 -39.37 12.06
C PHE C 562 12.33 -37.95 12.40
N GLN C 563 11.04 -37.60 12.31
CA GLN C 563 10.68 -36.22 12.63
C GLN C 563 10.65 -35.99 14.13
N GLN C 564 10.53 -34.71 14.49
CA GLN C 564 10.37 -34.27 15.87
C GLN C 564 9.26 -33.24 16.00
N PHE C 565 8.76 -32.69 14.89
CA PHE C 565 7.65 -31.75 14.89
C PHE C 565 6.98 -31.83 13.53
N GLY C 566 5.92 -31.04 13.37
CA GLY C 566 5.22 -30.97 12.10
C GLY C 566 4.69 -29.58 11.84
N ARG C 567 4.41 -29.30 10.58
CA ARG C 567 3.79 -28.06 10.14
C ARG C 567 2.55 -28.38 9.31
N ASP C 568 1.90 -27.33 8.79
CA ASP C 568 0.71 -27.53 7.98
C ASP C 568 0.70 -26.64 6.74
N ILE C 569 -0.48 -26.50 6.13
CA ILE C 569 -0.70 -25.50 5.09
C ILE C 569 -0.47 -24.10 5.69
N ALA C 570 0.25 -23.27 4.93
CA ALA C 570 0.70 -21.90 5.21
C ALA C 570 1.67 -21.80 6.38
N ASP C 571 2.39 -22.88 6.70
CA ASP C 571 3.66 -22.88 7.44
C ASP C 571 3.54 -22.39 8.89
N THR C 572 2.76 -23.12 9.67
CA THR C 572 2.65 -22.91 11.12
C THR C 572 2.75 -24.26 11.80
N THR C 573 3.39 -24.31 12.97
CA THR C 573 3.54 -25.59 13.65
C THR C 573 2.22 -26.03 14.28
N ASP C 574 1.98 -27.34 14.25
CA ASP C 574 0.73 -27.91 14.77
C ASP C 574 0.93 -29.20 15.56
N ALA C 575 2.08 -29.86 15.44
CA ALA C 575 2.36 -31.08 16.19
C ALA C 575 3.84 -31.12 16.50
N VAL C 576 4.17 -31.81 17.60
CA VAL C 576 5.56 -31.92 18.06
C VAL C 576 5.75 -33.33 18.61
N ARG C 577 6.97 -33.86 18.49
CA ARG C 577 7.36 -35.09 19.15
C ARG C 577 8.41 -34.74 20.20
N ASP C 578 8.19 -35.19 21.43
CA ASP C 578 9.15 -34.90 22.49
C ASP C 578 10.37 -35.81 22.37
N PRO C 579 11.57 -35.30 22.67
CA PRO C 579 12.78 -36.11 22.40
C PRO C 579 13.19 -37.02 23.54
N GLN C 580 12.37 -37.14 24.57
CA GLN C 580 12.66 -37.96 25.75
C GLN C 580 11.65 -39.08 25.94
N THR C 581 10.58 -39.10 25.14
CA THR C 581 9.55 -40.12 25.19
C THR C 581 9.28 -40.66 23.79
N LEU C 582 9.66 -39.89 22.75
CA LEU C 582 9.41 -40.14 21.33
C LEU C 582 7.91 -40.31 21.06
N GLU C 583 7.12 -39.41 21.63
CA GLU C 583 5.67 -39.39 21.52
C GLU C 583 5.19 -38.11 20.84
N ILE C 584 4.36 -38.28 19.82
CA ILE C 584 3.85 -37.17 19.02
C ILE C 584 2.74 -36.47 19.80
N LEU C 585 2.89 -35.17 20.02
CA LEU C 585 1.94 -34.36 20.75
C LEU C 585 1.42 -33.25 19.85
N ASP C 586 0.10 -33.13 19.76
CA ASP C 586 -0.52 -32.07 18.98
C ASP C 586 -0.39 -30.73 19.67
N ILE C 587 -0.18 -29.69 18.88
CA ILE C 587 -0.07 -28.32 19.38
C ILE C 587 -1.33 -27.57 19.00
N THR C 588 -2.05 -27.09 20.01
CA THR C 588 -3.24 -26.28 19.85
C THR C 588 -2.93 -24.88 20.38
N PRO C 589 -3.28 -23.82 19.64
CA PRO C 589 -3.05 -22.47 20.16
C PRO C 589 -3.99 -22.15 21.30
N CYS C 590 -3.58 -21.20 22.14
CA CYS C 590 -4.43 -20.71 23.21
C CYS C 590 -5.61 -19.92 22.64
N SER C 591 -6.77 -20.15 23.22
CA SER C 591 -8.01 -19.62 22.67
C SER C 591 -8.15 -18.13 22.96
N PHE C 592 -8.88 -17.44 22.09
CA PHE C 592 -9.13 -16.02 22.25
C PHE C 592 -10.46 -15.68 21.61
N GLY C 593 -10.82 -14.41 21.72
CA GLY C 593 -12.05 -13.95 21.11
C GLY C 593 -12.39 -12.57 21.64
N GLY C 594 -13.32 -11.92 20.96
CA GLY C 594 -13.75 -10.59 21.35
C GLY C 594 -15.02 -10.62 22.18
N VAL C 595 -15.25 -9.56 22.96
CA VAL C 595 -16.43 -9.47 23.79
C VAL C 595 -17.53 -8.79 22.99
N SER C 596 -18.73 -9.34 23.06
CA SER C 596 -19.92 -8.74 22.49
C SER C 596 -20.95 -8.53 23.59
N VAL C 597 -21.44 -7.31 23.71
CA VAL C 597 -22.33 -6.91 24.78
C VAL C 597 -23.69 -6.52 24.20
N ILE C 598 -24.75 -6.98 24.85
CA ILE C 598 -26.11 -6.84 24.35
C ILE C 598 -26.86 -5.89 25.29
N THR C 599 -27.36 -4.78 24.74
CA THR C 599 -28.19 -3.88 25.52
C THR C 599 -29.47 -3.54 24.77
N PRO C 600 -30.60 -3.47 25.48
CA PRO C 600 -31.86 -3.01 24.86
C PRO C 600 -32.05 -1.49 24.85
N GLY C 601 -31.04 -0.70 25.17
CA GLY C 601 -31.21 0.72 25.21
C GLY C 601 -31.12 1.27 26.62
N THR C 602 -30.39 2.39 26.77
CA THR C 602 -30.16 2.95 28.10
C THR C 602 -31.40 3.64 28.66
N ASN C 603 -32.37 3.98 27.80
CA ASN C 603 -33.61 4.52 28.35
C ASN C 603 -34.48 3.43 28.99
N THR C 604 -34.28 2.18 28.57
CA THR C 604 -35.24 1.11 28.81
C THR C 604 -34.85 0.27 30.01
N SER C 605 -33.65 -0.28 30.00
CA SER C 605 -33.21 -1.16 31.07
C SER C 605 -31.80 -0.77 31.47
N ASN C 606 -31.37 -1.32 32.60
CA ASN C 606 -30.01 -1.13 33.08
C ASN C 606 -29.22 -2.44 33.01
N GLN C 607 -29.89 -3.55 32.73
CA GLN C 607 -29.26 -4.85 32.64
C GLN C 607 -28.60 -5.02 31.27
N VAL C 608 -27.53 -5.82 31.24
CA VAL C 608 -26.77 -6.11 30.03
C VAL C 608 -26.62 -7.62 29.89
N ALA C 609 -26.29 -8.05 28.67
CA ALA C 609 -25.98 -9.43 28.38
C ALA C 609 -24.65 -9.50 27.64
N VAL C 610 -23.80 -10.44 28.04
CA VAL C 610 -22.41 -10.50 27.60
C VAL C 610 -22.18 -11.79 26.82
N LEU C 611 -21.69 -11.66 25.59
CA LEU C 611 -21.37 -12.79 24.72
C LEU C 611 -19.85 -12.89 24.58
N TYR C 612 -19.30 -14.06 24.86
CA TYR C 612 -17.91 -14.37 24.55
C TYR C 612 -17.94 -15.26 23.31
N GLN C 613 -17.31 -14.80 22.23
CA GLN C 613 -17.45 -15.48 20.95
C GLN C 613 -16.47 -16.64 20.81
N ASP C 614 -16.96 -17.71 20.15
CA ASP C 614 -16.30 -18.99 19.78
C ASP C 614 -15.33 -19.55 20.81
N VAL C 615 -15.79 -19.57 22.06
CA VAL C 615 -15.02 -20.06 23.20
C VAL C 615 -15.91 -21.03 23.96
N ASN C 616 -15.32 -22.16 24.38
CA ASN C 616 -15.98 -23.15 25.25
C ASN C 616 -16.47 -22.48 26.53
N CYS C 617 -17.73 -22.75 26.87
CA CYS C 617 -18.42 -22.01 27.92
C CYS C 617 -18.29 -22.74 29.25
N THR C 618 -17.05 -23.04 29.63
CA THR C 618 -16.69 -23.54 30.96
C THR C 618 -15.55 -22.76 31.58
N GLU C 619 -14.59 -22.31 30.78
CA GLU C 619 -13.43 -21.57 31.26
C GLU C 619 -13.62 -20.06 31.15
N VAL C 620 -14.83 -19.62 30.84
CA VAL C 620 -15.09 -18.18 30.72
C VAL C 620 -14.96 -17.34 31.99
N PRO C 621 -15.08 -17.85 33.24
CA PRO C 621 -14.58 -17.01 34.34
C PRO C 621 -13.06 -16.99 34.46
N VAL C 622 -12.35 -17.99 33.94
CA VAL C 622 -10.89 -17.99 34.10
C VAL C 622 -10.23 -17.64 32.77
N ALA C 623 -11.03 -17.45 31.72
CA ALA C 623 -10.53 -16.77 30.53
C ALA C 623 -10.30 -15.29 30.84
N ILE C 624 -11.20 -14.70 31.60
CA ILE C 624 -11.03 -13.33 32.08
C ILE C 624 -10.34 -13.38 33.43
N HIS C 625 -9.83 -12.22 33.86
CA HIS C 625 -9.25 -12.08 35.19
C HIS C 625 -10.34 -11.64 36.14
N ALA C 626 -11.22 -12.60 36.48
CA ALA C 626 -12.40 -12.29 37.30
C ALA C 626 -12.03 -12.05 38.76
N ASP C 627 -10.91 -12.61 39.20
CA ASP C 627 -10.42 -12.32 40.54
C ASP C 627 -9.80 -10.92 40.65
N GLN C 628 -9.34 -10.35 39.55
CA GLN C 628 -8.73 -9.02 39.56
C GLN C 628 -9.73 -7.89 39.36
N LEU C 629 -10.88 -8.16 38.76
CA LEU C 629 -11.86 -7.12 38.51
C LEU C 629 -12.77 -6.94 39.73
N THR C 630 -13.81 -6.14 39.53
CA THR C 630 -14.77 -5.84 40.58
C THR C 630 -15.67 -7.05 40.83
N PRO C 631 -16.32 -7.12 42.00
CA PRO C 631 -17.42 -8.08 42.18
C PRO C 631 -18.63 -7.82 41.29
N THR C 632 -18.80 -6.61 40.74
CA THR C 632 -19.76 -6.34 39.69
C THR C 632 -19.45 -7.13 38.41
N TRP C 633 -18.18 -7.27 38.04
CA TRP C 633 -17.81 -8.07 36.88
C TRP C 633 -17.85 -9.56 37.19
N ARG C 634 -17.83 -9.92 38.48
CA ARG C 634 -17.77 -11.32 38.90
C ARG C 634 -19.08 -12.06 38.63
N VAL C 635 -20.24 -11.39 38.76
CA VAL C 635 -21.52 -12.03 38.47
C VAL C 635 -21.78 -12.19 36.99
N TYR C 636 -20.98 -11.55 36.13
CA TYR C 636 -21.02 -11.79 34.70
C TYR C 636 -19.90 -12.71 34.25
N SER C 637 -19.25 -13.39 35.19
CA SER C 637 -18.30 -14.45 34.91
C SER C 637 -18.84 -15.82 35.35
N THR C 638 -19.76 -15.86 36.30
CA THR C 638 -20.38 -17.09 36.76
C THR C 638 -21.78 -16.75 37.23
N GLY C 639 -22.64 -17.75 37.25
CA GLY C 639 -24.01 -17.59 37.67
C GLY C 639 -24.89 -18.68 37.11
N SER C 640 -26.18 -18.59 37.43
CA SER C 640 -27.15 -19.56 36.93
C SER C 640 -27.52 -19.29 35.48
N ASN C 641 -27.52 -18.03 35.08
CA ASN C 641 -27.93 -17.62 33.72
C ASN C 641 -26.77 -17.77 32.73
N VAL C 642 -26.38 -19.01 32.47
CA VAL C 642 -25.28 -19.30 31.55
C VAL C 642 -25.86 -20.02 30.34
N PHE C 643 -25.25 -19.80 29.18
CA PHE C 643 -25.69 -20.42 27.93
C PHE C 643 -24.53 -20.47 26.94
N GLN C 644 -24.47 -21.56 26.17
CA GLN C 644 -23.53 -21.71 25.07
C GLN C 644 -24.32 -21.74 23.77
N THR C 645 -23.96 -20.86 22.85
CA THR C 645 -24.57 -20.80 21.53
C THR C 645 -23.60 -21.36 20.49
N ARG C 646 -24.00 -21.30 19.23
CA ARG C 646 -23.08 -21.62 18.15
C ARG C 646 -22.03 -20.53 17.97
N ALA C 647 -22.41 -19.27 18.19
CA ALA C 647 -21.47 -18.16 18.15
C ALA C 647 -20.52 -18.16 19.34
N GLY C 648 -20.93 -18.66 20.49
CA GLY C 648 -20.06 -18.76 21.64
C GLY C 648 -20.86 -18.78 22.93
N CYS C 649 -20.18 -18.47 24.03
CA CYS C 649 -20.76 -18.46 25.37
C CYS C 649 -21.46 -17.14 25.64
N LEU C 650 -22.70 -17.22 26.12
CA LEU C 650 -23.50 -16.06 26.46
C LEU C 650 -23.72 -16.03 27.97
N ILE C 651 -23.39 -14.90 28.59
CA ILE C 651 -23.60 -14.68 30.02
C ILE C 651 -24.56 -13.52 30.19
N GLY C 652 -25.63 -13.73 30.96
CA GLY C 652 -26.59 -12.70 31.24
C GLY C 652 -27.97 -12.92 30.66
N ALA C 653 -28.22 -14.07 30.04
CA ALA C 653 -29.51 -14.37 29.45
C ALA C 653 -29.83 -15.84 29.64
N GLU C 654 -31.12 -16.16 29.59
CA GLU C 654 -31.59 -17.53 29.67
C GLU C 654 -32.20 -17.93 28.33
N HIS C 655 -32.01 -19.19 27.95
CA HIS C 655 -32.58 -19.67 26.71
C HIS C 655 -34.08 -19.89 26.83
N VAL C 656 -34.81 -19.45 25.80
CA VAL C 656 -36.24 -19.65 25.72
C VAL C 656 -36.53 -20.55 24.53
N ASN C 657 -37.29 -21.62 24.77
CA ASN C 657 -37.70 -22.55 23.72
C ASN C 657 -38.63 -21.92 22.70
N ASN C 658 -39.40 -20.91 23.09
CA ASN C 658 -40.34 -20.25 22.21
C ASN C 658 -39.59 -19.41 21.18
N SER C 659 -40.27 -19.10 20.09
CA SER C 659 -39.66 -18.40 18.97
C SER C 659 -40.33 -17.06 18.78
N TYR C 660 -39.52 -16.01 18.68
CA TYR C 660 -40.00 -14.65 18.55
C TYR C 660 -39.29 -14.00 17.36
N GLU C 661 -39.71 -12.77 17.05
CA GLU C 661 -39.07 -12.00 15.99
C GLU C 661 -37.70 -11.51 16.46
N CYS C 662 -36.72 -11.55 15.55
CA CYS C 662 -35.38 -11.08 15.87
C CYS C 662 -35.34 -9.57 15.98
N ASP C 663 -34.67 -9.09 17.03
CA ASP C 663 -34.54 -7.66 17.28
C ASP C 663 -33.09 -7.25 17.45
N ILE C 664 -32.27 -8.08 18.08
CA ILE C 664 -30.85 -7.82 18.27
C ILE C 664 -30.06 -8.89 17.53
N PRO C 665 -29.30 -8.55 16.49
CA PRO C 665 -28.58 -9.58 15.73
C PRO C 665 -27.30 -10.00 16.42
N ILE C 666 -27.28 -11.23 16.93
CA ILE C 666 -26.05 -11.87 17.39
C ILE C 666 -25.41 -12.69 16.27
N GLY C 667 -26.15 -13.63 15.71
CA GLY C 667 -25.62 -14.49 14.66
C GLY C 667 -25.97 -15.93 14.93
N ALA C 668 -25.95 -16.73 13.85
CA ALA C 668 -26.26 -18.17 13.82
C ALA C 668 -27.66 -18.48 14.36
N GLY C 669 -28.60 -17.57 14.11
CA GLY C 669 -30.00 -17.83 14.38
C GLY C 669 -30.52 -17.39 15.73
N ILE C 670 -29.67 -17.02 16.67
CA ILE C 670 -30.11 -16.67 18.02
C ILE C 670 -30.15 -15.14 18.16
N CYS C 671 -31.25 -14.64 18.69
CA CYS C 671 -31.45 -13.23 18.99
C CYS C 671 -31.90 -13.07 20.43
N ALA C 672 -31.92 -11.82 20.90
CA ALA C 672 -32.22 -11.52 22.29
C ALA C 672 -33.18 -10.34 22.36
N SER C 673 -33.91 -10.26 23.47
CA SER C 673 -34.84 -9.16 23.71
C SER C 673 -35.04 -9.01 25.21
N TYR C 674 -35.90 -8.06 25.58
CA TYR C 674 -36.20 -7.73 26.97
C TYR C 674 -37.71 -7.79 27.18
N GLN C 675 -38.14 -8.57 28.17
CA GLN C 675 -39.56 -8.73 28.47
C GLN C 675 -39.89 -8.49 29.94
N THR C 676 -38.99 -7.82 30.68
CA THR C 676 -39.07 -7.53 32.13
C THR C 676 -39.31 -8.77 32.99
N SER C 691 -36.08 -9.28 32.72
CA SER C 691 -34.85 -10.03 32.46
C SER C 691 -34.61 -10.15 30.95
N ILE C 692 -33.37 -10.47 30.60
CA ILE C 692 -32.96 -10.59 29.21
C ILE C 692 -33.11 -12.04 28.79
N ILE C 693 -33.80 -12.28 27.67
CA ILE C 693 -34.06 -13.63 27.21
C ILE C 693 -33.20 -13.92 25.99
N ALA C 694 -33.02 -15.21 25.72
CA ALA C 694 -32.34 -15.68 24.53
C ALA C 694 -33.24 -16.66 23.81
N TYR C 695 -33.31 -16.55 22.48
CA TYR C 695 -34.25 -17.32 21.69
C TYR C 695 -33.71 -17.48 20.28
N THR C 696 -34.04 -18.61 19.66
CA THR C 696 -33.87 -18.78 18.23
C THR C 696 -35.01 -18.02 17.55
N MET C 697 -34.66 -17.23 16.53
CA MET C 697 -35.61 -16.29 15.96
C MET C 697 -36.65 -16.99 15.08
N SER C 698 -37.82 -16.37 14.98
CA SER C 698 -38.92 -16.89 14.19
C SER C 698 -38.99 -16.13 12.88
N LEU C 699 -39.16 -16.87 11.78
CA LEU C 699 -39.20 -16.28 10.45
C LEU C 699 -40.47 -15.48 10.21
N GLY C 700 -41.59 -15.88 10.80
CA GLY C 700 -42.85 -15.20 10.58
C GLY C 700 -43.99 -16.17 10.72
N ALA C 701 -45.16 -15.71 10.25
CA ALA C 701 -46.35 -16.53 10.32
C ALA C 701 -46.33 -17.61 9.24
N GLU C 702 -46.68 -18.83 9.64
CA GLU C 702 -46.83 -19.91 8.67
C GLU C 702 -48.13 -19.71 7.90
N ASN C 703 -48.15 -20.23 6.67
CA ASN C 703 -49.35 -20.13 5.86
C ASN C 703 -49.47 -21.37 4.99
N SER C 704 -50.55 -22.11 5.20
CA SER C 704 -50.92 -23.21 4.32
C SER C 704 -52.35 -22.95 3.90
N VAL C 705 -52.51 -22.09 2.91
CA VAL C 705 -53.83 -21.72 2.41
C VAL C 705 -54.22 -22.69 1.30
N ALA C 706 -55.51 -23.04 1.25
CA ALA C 706 -56.03 -24.23 0.57
C ALA C 706 -55.89 -24.13 -0.95
N TYR C 707 -54.99 -24.96 -1.47
CA TYR C 707 -54.83 -25.10 -2.91
C TYR C 707 -56.03 -25.83 -3.50
N SER C 708 -56.61 -25.23 -4.53
CA SER C 708 -57.73 -25.83 -5.22
C SER C 708 -57.58 -25.59 -6.71
N ASN C 709 -57.90 -26.63 -7.49
CA ASN C 709 -57.77 -26.57 -8.93
C ASN C 709 -58.93 -25.85 -9.61
N ASN C 710 -59.97 -25.49 -8.87
CA ASN C 710 -61.18 -24.91 -9.47
C ASN C 710 -61.73 -23.78 -8.64
N SER C 711 -60.91 -23.20 -7.74
CA SER C 711 -61.37 -22.11 -6.89
C SER C 711 -60.37 -20.97 -6.90
N ILE C 712 -60.87 -19.76 -7.16
CA ILE C 712 -60.07 -18.54 -7.15
C ILE C 712 -60.67 -17.59 -6.13
N ALA C 713 -59.80 -16.99 -5.31
CA ALA C 713 -60.18 -15.90 -4.42
C ALA C 713 -59.91 -14.58 -5.13
N ILE C 714 -60.94 -13.75 -5.24
CA ILE C 714 -60.81 -12.42 -5.86
C ILE C 714 -61.18 -11.37 -4.83
N PRO C 715 -60.32 -10.38 -4.57
CA PRO C 715 -60.67 -9.31 -3.64
C PRO C 715 -61.74 -8.38 -4.18
N THR C 716 -62.57 -7.88 -3.25
CA THR C 716 -63.65 -6.97 -3.57
C THR C 716 -63.53 -5.63 -2.86
N ASN C 717 -62.47 -5.41 -2.08
CA ASN C 717 -62.37 -4.21 -1.27
C ASN C 717 -60.92 -3.76 -1.43
N PHE C 718 -60.65 -2.47 -1.24
CA PHE C 718 -59.33 -1.98 -1.61
C PHE C 718 -58.74 -1.16 -0.47
N THR C 719 -57.41 -1.17 -0.41
CA THR C 719 -56.65 -0.32 0.51
C THR C 719 -55.80 0.63 -0.29
N ILE C 720 -55.77 1.88 0.15
CA ILE C 720 -54.85 2.88 -0.38
C ILE C 720 -53.89 3.27 0.74
N SER C 721 -52.64 2.85 0.61
CA SER C 721 -51.58 3.20 1.55
C SER C 721 -50.30 3.43 0.77
N VAL C 722 -49.39 4.19 1.36
CA VAL C 722 -48.14 4.57 0.71
C VAL C 722 -46.98 4.08 1.57
N THR C 723 -45.81 3.95 0.94
CA THR C 723 -44.62 3.44 1.59
C THR C 723 -43.44 4.35 1.26
N THR C 724 -42.77 4.84 2.31
CA THR C 724 -41.61 5.70 2.18
C THR C 724 -40.42 4.93 1.63
N GLU C 725 -39.61 5.61 0.83
CA GLU C 725 -38.35 5.06 0.33
C GLU C 725 -37.31 6.17 0.33
N ILE C 726 -36.22 5.93 1.03
CA ILE C 726 -35.20 6.94 1.31
C ILE C 726 -33.89 6.49 0.70
N LEU C 727 -33.25 7.37 -0.10
CA LEU C 727 -31.93 7.12 -0.65
C LEU C 727 -31.08 8.37 -0.57
N PRO C 728 -29.83 8.26 -0.12
CA PRO C 728 -28.93 9.42 -0.16
C PRO C 728 -28.35 9.63 -1.56
N VAL C 729 -28.30 10.90 -1.98
CA VAL C 729 -27.86 11.24 -3.32
C VAL C 729 -26.58 12.07 -3.35
N SER C 730 -26.12 12.59 -2.23
CA SER C 730 -25.05 13.60 -2.32
C SER C 730 -24.19 13.56 -1.06
N MET C 731 -23.14 14.37 -1.11
CA MET C 731 -22.16 14.51 -0.04
C MET C 731 -21.86 16.00 0.14
N THR C 732 -21.60 16.40 1.39
CA THR C 732 -21.00 17.69 1.62
C THR C 732 -19.55 17.64 1.17
N LYS C 733 -19.18 18.55 0.27
CA LYS C 733 -17.87 18.53 -0.38
C LYS C 733 -16.80 18.95 0.63
N THR C 734 -15.70 18.22 0.65
CA THR C 734 -14.57 18.53 1.51
C THR C 734 -13.27 18.33 0.72
N SER C 735 -12.44 19.36 0.72
CA SER C 735 -11.10 19.28 0.17
C SER C 735 -10.12 19.74 1.23
N VAL C 736 -8.88 19.26 1.14
CA VAL C 736 -7.84 19.68 2.05
C VAL C 736 -6.69 20.24 1.24
N ASP C 737 -5.99 21.24 1.78
CA ASP C 737 -4.70 21.65 1.27
C ASP C 737 -3.66 20.71 1.87
N CYS C 738 -2.74 20.23 1.04
CA CYS C 738 -1.80 19.23 1.50
C CYS C 738 -0.69 19.84 2.34
N THR C 739 -0.09 20.95 1.86
CA THR C 739 1.28 21.31 2.22
C THR C 739 1.41 21.80 3.65
N MET C 740 0.57 22.73 4.08
CA MET C 740 0.68 23.22 5.45
C MET C 740 -0.19 22.41 6.41
N TYR C 741 -1.01 21.48 5.91
CA TYR C 741 -1.46 20.38 6.76
C TYR C 741 -0.29 19.50 7.16
N ILE C 742 0.56 19.17 6.19
CA ILE C 742 1.63 18.21 6.41
C ILE C 742 2.75 18.86 7.22
N CYS C 743 3.11 20.11 6.89
CA CYS C 743 4.24 20.76 7.52
C CYS C 743 3.83 21.74 8.63
N GLY C 744 2.94 22.67 8.32
CA GLY C 744 2.59 23.70 9.27
C GLY C 744 3.53 24.90 9.19
N ASP C 745 3.74 25.38 7.96
CA ASP C 745 4.53 26.57 7.61
C ASP C 745 5.98 26.46 8.09
N SER C 746 6.68 25.47 7.56
CA SER C 746 8.11 25.32 7.79
C SER C 746 8.78 25.33 6.41
N THR C 747 9.89 26.06 6.31
CA THR C 747 10.56 26.23 5.01
C THR C 747 11.26 24.95 4.57
N GLU C 748 11.98 24.31 5.49
CA GLU C 748 12.71 23.10 5.16
C GLU C 748 11.78 21.90 4.99
N CYS C 749 10.61 21.92 5.64
CA CYS C 749 9.64 20.85 5.43
C CYS C 749 8.98 20.98 4.08
N SER C 750 8.70 22.22 3.65
CA SER C 750 8.16 22.44 2.32
C SER C 750 9.22 22.15 1.26
N ASN C 751 10.50 22.37 1.59
CA ASN C 751 11.60 21.94 0.72
C ASN C 751 11.81 20.44 0.78
N LEU C 752 11.25 19.77 1.80
CA LEU C 752 11.20 18.30 1.82
C LEU C 752 9.99 17.78 1.04
N LEU C 753 8.89 18.54 1.05
CA LEU C 753 7.62 18.01 0.56
C LEU C 753 7.48 18.11 -0.95
N LEU C 754 8.04 19.16 -1.55
CA LEU C 754 8.14 19.22 -3.01
C LEU C 754 9.19 18.23 -3.52
N GLN C 755 10.10 17.82 -2.64
CA GLN C 755 11.10 16.80 -2.83
C GLN C 755 10.56 15.39 -2.57
N TYR C 756 9.31 15.24 -2.12
CA TYR C 756 8.56 14.00 -2.33
C TYR C 756 7.76 14.00 -3.62
N GLY C 757 8.13 14.83 -4.58
CA GLY C 757 7.59 14.75 -5.92
C GLY C 757 6.24 15.47 -6.00
N SER C 758 5.22 14.75 -6.44
CA SER C 758 3.95 15.37 -6.79
C SER C 758 2.78 14.60 -6.22
N PHE C 759 2.89 14.15 -4.97
CA PHE C 759 1.78 13.50 -4.25
C PHE C 759 0.59 14.42 -4.03
N CYS C 760 0.88 15.72 -3.89
CA CYS C 760 -0.16 16.73 -3.74
C CYS C 760 -1.01 16.85 -5.00
N THR C 761 -0.42 16.56 -6.17
CA THR C 761 -1.18 16.62 -7.43
C THR C 761 -2.23 15.52 -7.53
N GLN C 762 -1.86 14.25 -7.24
CA GLN C 762 -2.87 13.18 -7.23
C GLN C 762 -3.87 13.37 -6.09
N LEU C 763 -3.39 13.90 -4.96
CA LEU C 763 -4.24 14.08 -3.79
C LEU C 763 -5.32 15.13 -4.03
N ASN C 764 -4.92 16.30 -4.53
CA ASN C 764 -5.87 17.37 -4.77
C ASN C 764 -6.73 17.09 -6.00
N ARG C 765 -6.17 16.38 -7.00
CA ARG C 765 -6.94 16.09 -8.19
C ARG C 765 -7.96 14.98 -7.96
N ALA C 766 -7.67 14.05 -7.05
CA ALA C 766 -8.65 13.04 -6.68
C ALA C 766 -9.70 13.63 -5.76
N LEU C 767 -9.32 14.54 -4.87
CA LEU C 767 -10.27 15.08 -3.92
C LEU C 767 -11.06 16.26 -4.50
N THR C 768 -10.67 16.75 -5.68
CA THR C 768 -11.56 17.58 -6.47
C THR C 768 -12.61 16.71 -7.17
N GLY C 769 -12.21 15.47 -7.48
CA GLY C 769 -13.04 14.57 -8.26
C GLY C 769 -14.28 14.09 -7.54
N ILE C 770 -14.19 13.90 -6.22
CA ILE C 770 -15.35 13.55 -5.40
C ILE C 770 -16.41 14.66 -5.42
N ALA C 771 -15.96 15.92 -5.40
CA ALA C 771 -16.88 17.05 -5.37
C ALA C 771 -17.53 17.26 -6.73
N VAL C 772 -16.74 17.15 -7.80
CA VAL C 772 -17.29 17.38 -9.14
C VAL C 772 -18.16 16.20 -9.57
N GLU C 773 -17.86 14.98 -9.10
CA GLU C 773 -18.69 13.84 -9.44
C GLU C 773 -19.99 13.86 -8.64
N GLN C 774 -19.91 14.29 -7.37
CA GLN C 774 -21.10 14.48 -6.54
C GLN C 774 -22.01 15.57 -7.10
N ASP C 775 -21.41 16.62 -7.67
CA ASP C 775 -22.18 17.66 -8.36
C ASP C 775 -22.88 17.11 -9.60
N LYS C 776 -22.20 16.22 -10.35
CA LYS C 776 -22.85 15.53 -11.47
C LYS C 776 -23.96 14.59 -11.01
N ASN C 777 -23.78 13.91 -9.86
CA ASN C 777 -24.85 13.05 -9.34
C ASN C 777 -26.09 13.84 -8.94
N THR C 778 -25.89 15.01 -8.31
CA THR C 778 -27.02 15.86 -7.94
C THR C 778 -27.71 16.44 -9.18
N GLN C 779 -26.91 16.79 -10.20
CA GLN C 779 -27.43 17.28 -11.47
C GLN C 779 -28.23 16.20 -12.20
N GLU C 780 -27.82 14.93 -12.08
CA GLU C 780 -28.62 13.86 -12.67
C GLU C 780 -29.89 13.58 -11.87
N VAL C 781 -29.83 13.59 -10.55
CA VAL C 781 -30.95 13.06 -9.77
C VAL C 781 -32.06 14.10 -9.66
N PHE C 782 -31.73 15.38 -9.86
CA PHE C 782 -32.79 16.36 -9.67
C PHE C 782 -32.99 17.34 -10.82
N ALA C 783 -32.54 17.02 -12.04
CA ALA C 783 -32.88 17.85 -13.20
C ALA C 783 -33.21 16.94 -14.38
N GLN C 784 -34.51 16.74 -14.58
CA GLN C 784 -35.03 16.05 -15.76
C GLN C 784 -36.24 16.79 -16.33
N VAL C 785 -36.25 18.12 -16.21
CA VAL C 785 -37.39 18.93 -16.62
C VAL C 785 -36.84 20.08 -17.48
N LYS C 786 -37.57 20.40 -18.55
CA LYS C 786 -37.10 21.45 -19.45
C LYS C 786 -37.34 22.84 -18.88
N GLN C 787 -38.44 23.03 -18.17
CA GLN C 787 -38.88 24.33 -17.68
C GLN C 787 -39.09 24.29 -16.17
N ILE C 788 -39.70 25.35 -15.66
CA ILE C 788 -40.22 25.40 -14.29
C ILE C 788 -41.73 25.28 -14.39
N TYR C 789 -42.28 24.22 -13.82
CA TYR C 789 -43.72 23.99 -13.87
C TYR C 789 -44.40 24.52 -12.63
N LYS C 790 -45.62 25.02 -12.81
CA LYS C 790 -46.42 25.51 -11.71
C LYS C 790 -47.84 24.98 -11.81
N THR C 791 -48.43 24.76 -10.65
CA THR C 791 -49.75 24.35 -10.23
C THR C 791 -50.73 25.52 -10.39
N PRO C 792 -52.03 25.24 -10.57
CA PRO C 792 -53.02 26.32 -10.54
C PRO C 792 -53.13 26.90 -9.14
N PRO C 793 -53.47 28.19 -9.03
CA PRO C 793 -53.52 28.82 -7.70
C PRO C 793 -54.68 28.36 -6.84
N ILE C 794 -55.77 27.93 -7.45
CA ILE C 794 -56.88 27.32 -6.72
C ILE C 794 -56.67 25.80 -6.76
N LYS C 795 -56.88 25.14 -5.63
CA LYS C 795 -56.55 23.73 -5.48
C LYS C 795 -57.86 22.94 -5.41
N ASP C 796 -58.36 22.57 -6.59
CA ASP C 796 -59.56 21.74 -6.74
C ASP C 796 -59.14 20.54 -7.57
N PHE C 797 -58.99 19.38 -6.92
CA PHE C 797 -58.44 18.21 -7.57
C PHE C 797 -59.35 16.99 -7.43
N GLY C 798 -60.64 17.23 -7.18
CA GLY C 798 -61.56 16.13 -7.01
C GLY C 798 -61.57 15.51 -5.62
N GLY C 799 -61.49 16.32 -4.57
CA GLY C 799 -61.54 15.85 -3.19
C GLY C 799 -60.18 15.60 -2.58
N PHE C 800 -59.15 15.53 -3.42
CA PHE C 800 -57.82 15.17 -2.94
C PHE C 800 -57.13 16.38 -2.31
N ASN C 801 -56.17 16.11 -1.44
CA ASN C 801 -55.50 17.13 -0.64
C ASN C 801 -54.00 16.97 -0.85
N PHE C 802 -53.37 17.99 -1.43
CA PHE C 802 -51.94 17.95 -1.72
C PHE C 802 -51.18 19.11 -1.05
N SER C 803 -51.78 19.72 -0.03
CA SER C 803 -51.15 20.87 0.61
C SER C 803 -49.99 20.45 1.50
N GLN C 804 -49.96 19.19 1.92
CA GLN C 804 -48.88 18.65 2.71
C GLN C 804 -47.59 18.45 1.92
N ILE C 805 -47.66 18.32 0.61
CA ILE C 805 -46.47 18.12 -0.21
C ILE C 805 -46.14 19.34 -1.08
N LEU C 806 -47.13 20.15 -1.44
CA LEU C 806 -46.88 21.41 -2.13
C LEU C 806 -46.20 22.39 -1.19
N PRO C 807 -45.33 23.26 -1.72
CA PRO C 807 -44.64 24.23 -0.85
C PRO C 807 -45.57 25.29 -0.28
N ASP C 808 -45.28 25.68 0.96
CA ASP C 808 -46.05 26.68 1.68
C ASP C 808 -45.47 28.05 1.37
N PRO C 809 -46.25 28.99 0.83
CA PRO C 809 -45.73 30.34 0.63
C PRO C 809 -45.55 31.14 1.91
N SER C 810 -46.15 30.69 3.02
CA SER C 810 -45.96 31.38 4.30
C SER C 810 -44.57 31.16 4.87
N LYS C 811 -43.94 30.04 4.51
CA LYS C 811 -42.60 29.75 4.98
C LYS C 811 -41.57 30.61 4.24
N PRO C 812 -40.52 31.09 4.95
CA PRO C 812 -39.49 31.88 4.26
C PRO C 812 -38.53 31.00 3.46
N SER C 813 -38.52 29.69 3.74
CA SER C 813 -37.70 28.78 2.97
C SER C 813 -38.42 28.28 1.71
N LYS C 814 -39.71 28.61 1.58
CA LYS C 814 -40.59 28.21 0.47
C LYS C 814 -40.66 26.70 0.29
N ARG C 815 -40.77 25.99 1.41
CA ARG C 815 -40.78 24.53 1.43
C ARG C 815 -42.13 24.03 1.93
N SER C 816 -42.41 22.76 1.66
CA SER C 816 -43.55 22.08 2.25
C SER C 816 -43.27 21.82 3.73
N PRO C 817 -44.32 21.68 4.56
CA PRO C 817 -44.04 21.33 5.97
C PRO C 817 -43.55 19.90 6.19
N ILE C 818 -43.68 19.03 5.18
CA ILE C 818 -42.93 17.79 5.17
C ILE C 818 -41.43 18.08 5.08
N GLU C 819 -41.04 18.98 4.18
CA GLU C 819 -39.64 19.36 4.01
C GLU C 819 -39.09 20.11 5.21
N ASP C 820 -39.92 20.95 5.86
CA ASP C 820 -39.48 21.68 7.04
C ASP C 820 -39.28 20.74 8.23
N LEU C 821 -40.14 19.73 8.36
CA LEU C 821 -39.96 18.71 9.38
C LEU C 821 -38.74 17.84 9.09
N LEU C 822 -38.46 17.58 7.80
CA LEU C 822 -37.26 16.85 7.42
C LEU C 822 -35.99 17.63 7.73
N PHE C 823 -36.00 18.95 7.50
CA PHE C 823 -34.82 19.76 7.82
C PHE C 823 -34.67 19.93 9.33
N ASN C 824 -35.79 20.06 10.05
CA ASN C 824 -35.71 20.27 11.49
C ASN C 824 -35.35 19.00 12.23
N LYS C 825 -35.62 17.83 11.63
CA LYS C 825 -35.29 16.59 12.31
C LYS C 825 -33.81 16.26 12.23
N VAL C 826 -33.13 16.58 11.12
CA VAL C 826 -31.72 16.23 11.01
C VAL C 826 -30.84 17.33 11.59
N THR C 827 -29.85 16.94 12.38
CA THR C 827 -28.87 17.84 12.99
C THR C 827 -27.51 17.16 12.92
N LEU C 828 -26.47 17.88 13.31
CA LEU C 828 -25.13 17.31 13.37
C LEU C 828 -24.81 16.97 14.83
N ALA C 852 -16.91 19.93 10.17
CA ALA C 852 -17.89 20.91 10.59
C ALA C 852 -17.23 22.22 11.00
N GLN C 853 -15.90 22.25 10.93
CA GLN C 853 -15.12 23.44 11.25
C GLN C 853 -14.15 23.71 10.10
N LYS C 854 -13.25 24.67 10.30
CA LYS C 854 -12.30 25.05 9.27
C LYS C 854 -11.00 25.48 9.94
N PHE C 855 -10.05 24.56 10.04
CA PHE C 855 -8.70 24.86 10.53
C PHE C 855 -7.72 24.11 9.65
N ASN C 856 -6.42 24.37 9.89
CA ASN C 856 -5.18 23.69 9.49
C ASN C 856 -5.14 23.20 8.03
N GLY C 857 -5.83 23.86 7.11
CA GLY C 857 -5.82 23.47 5.72
C GLY C 857 -6.96 22.60 5.25
N LEU C 858 -7.94 22.30 6.11
CA LEU C 858 -9.15 21.62 5.66
C LEU C 858 -10.24 22.63 5.40
N THR C 859 -10.91 22.49 4.27
CA THR C 859 -11.96 23.42 3.87
C THR C 859 -13.18 22.66 3.38
N VAL C 860 -14.32 23.32 3.46
CA VAL C 860 -15.59 22.76 2.99
C VAL C 860 -16.11 23.66 1.89
N LEU C 861 -16.20 23.14 0.72
CA LEU C 861 -16.78 23.95 -0.34
C LEU C 861 -18.30 23.83 -0.32
N PRO C 862 -19.01 24.91 -0.61
CA PRO C 862 -20.47 24.83 -0.71
C PRO C 862 -20.88 24.09 -1.97
N PRO C 863 -22.06 23.45 -1.96
CA PRO C 863 -22.53 22.78 -3.17
C PRO C 863 -23.03 23.78 -4.20
N LEU C 864 -23.20 23.29 -5.44
CA LEU C 864 -23.74 24.12 -6.49
C LEU C 864 -25.23 24.34 -6.31
N LEU C 865 -25.94 23.36 -5.76
CA LEU C 865 -27.39 23.42 -5.66
C LEU C 865 -27.76 23.69 -4.21
N THR C 866 -28.47 24.79 -3.97
CA THR C 866 -28.90 25.12 -2.62
C THR C 866 -30.21 24.39 -2.30
N ASP C 867 -30.66 24.54 -1.06
CA ASP C 867 -31.82 23.79 -0.59
C ASP C 867 -33.13 24.40 -1.10
N GLU C 868 -33.18 25.72 -1.26
CA GLU C 868 -34.39 26.38 -1.72
C GLU C 868 -34.67 26.09 -3.18
N MET C 869 -33.62 26.07 -4.01
CA MET C 869 -33.84 25.83 -5.42
C MET C 869 -33.99 24.34 -5.72
N ILE C 870 -33.47 23.46 -4.86
CA ILE C 870 -33.74 22.04 -5.06
C ILE C 870 -35.15 21.72 -4.56
N ALA C 871 -35.65 22.54 -3.61
CA ALA C 871 -37.06 22.49 -3.26
C ALA C 871 -37.92 23.01 -4.40
N GLN C 872 -37.42 23.99 -5.15
CA GLN C 872 -38.10 24.46 -6.35
C GLN C 872 -38.09 23.39 -7.46
N TYR C 873 -37.02 22.60 -7.55
CA TYR C 873 -36.99 21.43 -8.43
C TYR C 873 -38.05 20.39 -8.05
N THR C 874 -38.17 20.10 -6.75
CA THR C 874 -39.22 19.16 -6.30
C THR C 874 -40.61 19.72 -6.54
N SER C 875 -40.80 21.04 -6.38
CA SER C 875 -42.09 21.65 -6.67
C SER C 875 -42.39 21.64 -8.15
N ALA C 876 -41.35 21.73 -9.00
CA ALA C 876 -41.51 21.62 -10.44
C ALA C 876 -41.94 20.22 -10.86
N LEU C 877 -41.31 19.18 -10.28
CA LEU C 877 -41.68 17.82 -10.63
C LEU C 877 -43.04 17.41 -10.07
N LEU C 878 -43.38 17.85 -8.86
CA LEU C 878 -44.75 17.67 -8.37
C LEU C 878 -45.78 18.42 -9.19
N ALA C 879 -45.44 19.63 -9.67
CA ALA C 879 -46.36 20.39 -10.53
C ALA C 879 -46.57 19.70 -11.87
N GLY C 880 -45.50 19.12 -12.43
CA GLY C 880 -45.63 18.36 -13.67
C GLY C 880 -46.44 17.09 -13.51
N THR C 881 -46.19 16.33 -12.43
CA THR C 881 -46.92 15.09 -12.25
C THR C 881 -48.34 15.27 -11.72
N ILE C 882 -48.69 16.45 -11.20
CA ILE C 882 -50.09 16.69 -10.89
C ILE C 882 -50.82 17.25 -12.11
N THR C 883 -50.27 18.30 -12.73
CA THR C 883 -50.99 18.97 -13.81
C THR C 883 -50.97 18.21 -15.12
N SER C 884 -50.06 17.26 -15.32
CA SER C 884 -50.03 16.57 -16.60
C SER C 884 -49.85 15.06 -16.49
N GLY C 885 -49.58 14.51 -15.31
CA GLY C 885 -49.34 13.08 -15.24
C GLY C 885 -47.94 12.75 -15.70
N TRP C 886 -47.84 11.98 -16.78
CA TRP C 886 -46.55 11.54 -17.29
C TRP C 886 -46.25 12.05 -18.69
N THR C 887 -47.15 12.83 -19.30
CA THR C 887 -46.93 13.25 -20.68
C THR C 887 -45.95 14.41 -20.78
N PHE C 888 -45.63 15.07 -19.66
CA PHE C 888 -44.56 16.06 -19.68
C PHE C 888 -43.19 15.40 -19.63
N GLY C 889 -43.12 14.15 -19.20
CA GLY C 889 -41.86 13.43 -19.12
C GLY C 889 -41.34 12.89 -20.43
N ALA C 890 -42.12 12.99 -21.50
CA ALA C 890 -41.70 12.54 -22.83
C ALA C 890 -41.52 13.67 -23.82
N GLY C 891 -42.43 14.65 -23.79
CA GLY C 891 -42.37 15.76 -24.71
C GLY C 891 -43.04 16.98 -24.12
N PRO C 892 -43.90 17.63 -24.90
CA PRO C 892 -44.68 18.76 -24.35
C PRO C 892 -45.79 18.26 -23.42
N ALA C 893 -46.08 19.07 -22.42
CA ALA C 893 -47.11 18.72 -21.43
C ALA C 893 -48.49 18.88 -22.04
N LEU C 894 -49.42 18.03 -21.61
CA LEU C 894 -50.80 18.08 -22.04
C LEU C 894 -51.70 18.18 -20.81
N GLN C 895 -52.84 18.84 -20.97
CA GLN C 895 -53.72 19.07 -19.84
C GLN C 895 -54.68 17.90 -19.64
N ILE C 896 -54.45 17.15 -18.57
CA ILE C 896 -55.31 16.03 -18.19
C ILE C 896 -55.72 16.24 -16.73
N PRO C 897 -57.01 16.21 -16.40
CA PRO C 897 -57.42 16.33 -14.99
C PRO C 897 -57.03 15.11 -14.17
N PHE C 898 -56.79 15.34 -12.88
CA PHE C 898 -56.14 14.33 -12.04
C PHE C 898 -57.02 13.13 -11.65
N PRO C 899 -58.35 13.25 -11.40
CA PRO C 899 -59.16 12.02 -11.39
C PRO C 899 -59.18 11.30 -12.73
N MET C 900 -59.11 12.02 -13.84
CA MET C 900 -59.08 11.36 -15.14
C MET C 900 -57.70 10.79 -15.43
N GLN C 901 -56.64 11.43 -14.92
CA GLN C 901 -55.29 10.89 -15.03
C GLN C 901 -55.12 9.65 -14.15
N MET C 902 -55.75 9.65 -12.98
CA MET C 902 -55.81 8.46 -12.13
C MET C 902 -56.61 7.36 -12.82
N ALA C 903 -57.67 7.74 -13.54
CA ALA C 903 -58.47 6.80 -14.31
C ALA C 903 -57.68 6.18 -15.46
N TYR C 904 -56.78 6.97 -16.07
CA TYR C 904 -55.81 6.42 -17.01
C TYR C 904 -54.88 5.44 -16.32
N ARG C 905 -54.47 5.75 -15.09
CA ARG C 905 -53.44 4.92 -14.45
C ARG C 905 -54.01 3.62 -13.86
N PHE C 906 -55.33 3.51 -13.71
CA PHE C 906 -55.87 2.16 -13.47
C PHE C 906 -55.89 1.31 -14.73
N ASN C 907 -55.84 1.91 -15.93
CA ASN C 907 -55.82 1.09 -17.14
C ASN C 907 -54.46 0.44 -17.35
N GLY C 908 -53.41 1.00 -16.75
CA GLY C 908 -52.09 0.41 -16.90
C GLY C 908 -51.88 -0.87 -16.11
N ILE C 909 -52.66 -1.09 -15.06
CA ILE C 909 -52.48 -2.25 -14.21
C ILE C 909 -53.56 -3.30 -14.46
N GLY C 910 -54.63 -2.94 -15.17
CA GLY C 910 -55.69 -3.88 -15.48
C GLY C 910 -57.00 -3.63 -14.78
N VAL C 911 -57.33 -2.38 -14.46
CA VAL C 911 -58.54 -2.03 -13.72
C VAL C 911 -59.37 -1.08 -14.57
N THR C 912 -60.64 -1.41 -14.77
CA THR C 912 -61.54 -0.58 -15.56
C THR C 912 -61.92 0.69 -14.82
N GLN C 913 -62.49 1.64 -15.56
CA GLN C 913 -62.74 2.98 -15.04
C GLN C 913 -64.09 3.09 -14.33
N ASN C 914 -64.85 1.99 -14.27
CA ASN C 914 -66.19 2.06 -13.69
C ASN C 914 -66.17 2.10 -12.17
N VAL C 915 -65.07 1.68 -11.54
CA VAL C 915 -65.05 1.54 -10.10
C VAL C 915 -64.72 2.86 -9.41
N LEU C 916 -64.21 3.84 -10.15
CA LEU C 916 -63.65 5.04 -9.58
C LEU C 916 -64.58 6.24 -9.67
N TYR C 917 -65.48 6.23 -10.66
CA TYR C 917 -66.50 7.27 -10.76
C TYR C 917 -67.64 7.03 -9.79
N GLU C 918 -67.72 5.81 -9.24
CA GLU C 918 -68.63 5.47 -8.15
C GLU C 918 -67.98 5.60 -6.78
N ASN C 919 -66.65 5.63 -6.71
CA ASN C 919 -65.93 5.65 -5.45
C ASN C 919 -64.83 6.71 -5.41
N GLN C 920 -65.05 7.88 -6.00
CA GLN C 920 -64.02 8.92 -6.03
C GLN C 920 -63.81 9.53 -4.65
N LYS C 921 -64.90 9.69 -3.89
CA LYS C 921 -64.83 10.29 -2.57
C LYS C 921 -64.13 9.36 -1.58
N LEU C 922 -64.38 8.06 -1.68
CA LEU C 922 -63.75 7.08 -0.79
C LEU C 922 -62.27 6.92 -1.12
N ILE C 923 -61.92 6.98 -2.41
CA ILE C 923 -60.53 6.93 -2.86
C ILE C 923 -59.77 8.16 -2.36
N ALA C 924 -60.41 9.34 -2.45
CA ALA C 924 -59.79 10.58 -1.99
C ALA C 924 -59.63 10.60 -0.48
N ASN C 925 -60.61 10.04 0.24
CA ASN C 925 -60.53 9.99 1.69
C ASN C 925 -59.48 8.99 2.16
N GLN C 926 -59.36 7.86 1.45
CA GLN C 926 -58.32 6.87 1.75
C GLN C 926 -56.92 7.40 1.47
N PHE C 927 -56.77 8.14 0.36
CA PHE C 927 -55.48 8.74 0.02
C PHE C 927 -55.09 9.85 1.00
N ASN C 928 -56.04 10.69 1.38
CA ASN C 928 -55.74 11.80 2.27
C ASN C 928 -55.55 11.32 3.71
N SER C 929 -56.15 10.16 4.05
CA SER C 929 -55.80 9.52 5.31
C SER C 929 -54.44 8.84 5.23
N ALA C 930 -54.06 8.38 4.04
CA ALA C 930 -52.81 7.63 3.89
C ALA C 930 -51.59 8.53 3.98
N ILE C 931 -51.66 9.73 3.38
CA ILE C 931 -50.52 10.64 3.45
C ILE C 931 -50.43 11.28 4.83
N GLY C 932 -51.57 11.40 5.52
CA GLY C 932 -51.58 12.08 6.81
C GLY C 932 -50.97 11.27 7.94
N LYS C 933 -50.83 9.95 7.73
CA LYS C 933 -50.14 9.12 8.71
C LYS C 933 -48.63 9.35 8.66
N ILE C 934 -48.11 9.77 7.51
CA ILE C 934 -46.68 9.69 7.21
C ILE C 934 -45.90 10.72 8.01
N GLN C 935 -46.50 11.91 8.18
CA GLN C 935 -45.88 12.98 8.96
C GLN C 935 -45.76 12.60 10.44
N ASP C 936 -46.79 11.96 10.98
CA ASP C 936 -46.70 11.45 12.35
C ASP C 936 -45.85 10.19 12.42
N SER C 937 -45.72 9.47 11.30
CA SER C 937 -44.85 8.30 11.27
C SER C 937 -43.38 8.66 11.33
N LEU C 938 -42.97 9.74 10.67
CA LEU C 938 -41.61 10.23 10.75
C LEU C 938 -41.36 11.07 12.00
N SER C 939 -42.35 11.87 12.43
CA SER C 939 -42.17 12.76 13.57
C SER C 939 -42.13 12.05 14.91
N SER C 940 -42.58 10.79 14.99
CA SER C 940 -42.53 10.06 16.24
C SER C 940 -41.49 8.95 16.21
N THR C 941 -40.63 8.90 15.19
CA THR C 941 -39.64 7.86 15.06
C THR C 941 -38.29 8.46 14.68
N PRO C 942 -37.24 8.25 15.47
CA PRO C 942 -35.93 8.79 15.13
C PRO C 942 -35.00 7.85 14.37
N SER C 943 -35.48 6.70 13.91
CA SER C 943 -34.63 5.69 13.30
C SER C 943 -34.94 5.46 11.82
N ALA C 944 -35.97 6.12 11.28
CA ALA C 944 -36.33 5.91 9.89
C ALA C 944 -35.38 6.62 8.94
N LEU C 945 -34.72 7.68 9.42
CA LEU C 945 -33.80 8.47 8.61
C LEU C 945 -32.35 8.03 8.76
N GLY C 946 -32.11 6.73 8.99
CA GLY C 946 -30.77 6.27 9.30
C GLY C 946 -29.82 6.31 8.12
N LYS C 947 -30.35 6.09 6.90
CA LYS C 947 -29.50 6.02 5.73
C LYS C 947 -29.15 7.40 5.20
N LEU C 948 -29.73 8.45 5.77
CA LEU C 948 -29.24 9.79 5.51
C LEU C 948 -28.18 10.20 6.53
N GLN C 949 -28.35 9.79 7.79
CA GLN C 949 -27.49 10.30 8.85
C GLN C 949 -26.23 9.46 9.02
N ASP C 950 -26.19 8.23 8.49
CA ASP C 950 -25.01 7.38 8.66
C ASP C 950 -23.82 7.89 7.85
N VAL C 951 -24.09 8.48 6.68
CA VAL C 951 -23.03 9.04 5.84
C VAL C 951 -22.44 10.29 6.50
N VAL C 952 -23.31 11.10 7.12
CA VAL C 952 -22.89 12.27 7.89
C VAL C 952 -22.07 11.87 9.12
N ASN C 953 -22.49 10.78 9.78
CA ASN C 953 -21.77 10.33 10.97
C ASN C 953 -20.40 9.74 10.65
N GLN C 954 -20.27 9.01 9.55
CA GLN C 954 -18.93 8.50 9.24
C GLN C 954 -18.11 9.52 8.47
N ASN C 955 -18.73 10.59 7.95
CA ASN C 955 -18.01 11.81 7.62
C ASN C 955 -17.36 12.42 8.84
N ALA C 956 -18.13 12.59 9.92
CA ALA C 956 -17.60 13.17 11.16
C ALA C 956 -16.56 12.26 11.80
N GLN C 957 -16.79 10.94 11.73
CA GLN C 957 -15.83 9.97 12.27
C GLN C 957 -14.54 9.96 11.46
N ALA C 958 -14.64 10.07 10.12
CA ALA C 958 -13.45 10.06 9.28
C ALA C 958 -12.62 11.33 9.45
N LEU C 959 -13.29 12.50 9.58
CA LEU C 959 -12.54 13.74 9.76
C LEU C 959 -11.96 13.84 11.18
N ASN C 960 -12.70 13.37 12.19
CA ASN C 960 -12.21 13.43 13.55
C ASN C 960 -11.10 12.40 13.79
N THR C 961 -11.12 11.30 13.03
CA THR C 961 -9.99 10.40 13.02
C THR C 961 -8.80 11.02 12.30
N LEU C 962 -9.08 11.77 11.23
CA LEU C 962 -8.04 12.36 10.39
C LEU C 962 -7.26 13.45 11.11
N VAL C 963 -7.94 14.24 11.95
CA VAL C 963 -7.24 15.32 12.63
C VAL C 963 -6.47 14.82 13.85
N LYS C 964 -6.69 13.56 14.26
CA LYS C 964 -6.13 13.09 15.52
C LYS C 964 -4.72 12.52 15.36
N GLN C 965 -4.20 12.42 14.14
CA GLN C 965 -2.82 11.95 14.02
C GLN C 965 -1.79 13.08 14.08
N LEU C 966 -2.23 14.31 14.31
CA LEU C 966 -1.29 15.44 14.37
C LEU C 966 -0.57 15.53 15.69
N SER C 967 -1.00 14.79 16.71
CA SER C 967 -0.34 14.75 18.01
C SER C 967 0.44 13.45 18.15
N SER C 968 0.56 12.70 17.06
CA SER C 968 1.15 11.37 17.09
C SER C 968 2.63 11.45 16.73
N ASN C 969 3.44 10.69 17.47
CA ASN C 969 4.89 10.79 17.33
C ASN C 969 5.40 10.08 16.09
N PHE C 970 4.76 8.97 15.71
CA PHE C 970 5.17 8.04 14.64
C PHE C 970 6.61 7.55 14.80
N GLY C 971 6.95 6.98 15.94
CA GLY C 971 8.26 6.39 16.16
C GLY C 971 9.36 7.39 16.47
N ALA C 972 9.02 8.67 16.68
CA ALA C 972 10.01 9.72 16.81
C ALA C 972 10.22 10.08 18.28
N ILE C 973 11.00 11.14 18.52
CA ILE C 973 11.32 11.53 19.89
C ILE C 973 10.26 12.48 20.43
N SER C 974 9.98 13.58 19.72
CA SER C 974 8.97 14.52 20.18
C SER C 974 8.07 14.91 19.01
N SER C 975 6.78 15.09 19.33
CA SER C 975 5.75 15.31 18.32
C SER C 975 5.62 16.77 17.90
N VAL C 976 6.33 17.68 18.56
CA VAL C 976 6.39 19.08 18.17
C VAL C 976 7.67 19.28 17.39
N LEU C 977 7.54 19.72 16.14
CA LEU C 977 8.70 19.90 15.28
C LEU C 977 9.52 21.12 15.66
N ASN C 978 8.90 22.07 16.39
CA ASN C 978 9.62 23.26 16.87
C ASN C 978 10.62 22.89 17.95
N ASP C 979 10.31 21.89 18.77
CA ASP C 979 11.24 21.43 19.80
C ASP C 979 12.42 20.68 19.18
N ILE C 980 12.18 19.90 18.13
CA ILE C 980 13.24 19.20 17.43
C ILE C 980 14.10 20.19 16.64
N LEU C 981 13.51 21.29 16.19
CA LEU C 981 14.32 22.36 15.62
C LEU C 981 15.13 23.10 16.67
N SER C 982 14.59 23.25 17.88
CA SER C 982 15.28 24.01 18.91
C SER C 982 16.32 23.16 19.61
N ARG C 983 15.92 22.02 20.14
CA ARG C 983 16.77 21.21 21.00
C ARG C 983 17.70 20.27 20.23
N LEU C 984 17.50 20.07 18.94
CA LEU C 984 18.23 19.01 18.25
C LEU C 984 18.81 19.58 16.94
N ASP C 985 19.95 19.05 16.53
CA ASP C 985 20.90 19.25 15.43
C ASP C 985 20.27 18.82 14.10
N PRO C 986 20.38 19.65 13.06
CA PRO C 986 19.52 19.48 11.84
C PRO C 986 19.77 18.23 11.01
N PRO C 987 21.00 17.88 10.52
CA PRO C 987 21.05 16.82 9.49
C PRO C 987 20.93 15.40 10.03
N GLU C 988 20.90 15.22 11.35
CA GLU C 988 20.51 13.94 11.94
C GLU C 988 19.16 13.99 12.65
N ALA C 989 18.47 15.12 12.60
CA ALA C 989 17.03 15.14 12.87
C ALA C 989 16.23 14.96 11.59
N GLU C 990 16.93 14.91 10.45
CA GLU C 990 16.32 14.75 9.13
C GLU C 990 15.57 13.43 9.01
N VAL C 991 16.12 12.36 9.58
CA VAL C 991 15.48 11.05 9.56
C VAL C 991 14.20 11.07 10.42
N GLN C 992 14.24 11.78 11.55
CA GLN C 992 13.08 11.94 12.43
C GLN C 992 11.95 12.71 11.76
N ILE C 993 12.32 13.78 11.05
CA ILE C 993 11.35 14.55 10.26
C ILE C 993 10.77 13.69 9.14
N ASP C 994 11.60 12.81 8.56
CA ASP C 994 11.14 11.88 7.51
C ASP C 994 10.13 10.87 8.07
N ARG C 995 10.37 10.38 9.31
CA ARG C 995 9.43 9.50 10.03
C ARG C 995 8.05 10.13 10.18
N LEU C 996 8.03 11.35 10.71
CA LEU C 996 6.75 11.98 11.04
C LEU C 996 6.00 12.45 9.78
N ILE C 997 6.74 12.86 8.75
CA ILE C 997 6.09 13.26 7.51
C ILE C 997 5.52 12.05 6.76
N THR C 998 6.24 10.91 6.74
CA THR C 998 5.66 9.75 6.04
C THR C 998 4.53 9.11 6.86
N GLY C 999 4.51 9.35 8.17
CA GLY C 999 3.36 8.98 8.97
C GLY C 999 2.11 9.75 8.63
N ARG C 1000 2.22 11.08 8.49
CA ARG C 1000 1.02 11.84 8.15
C ARG C 1000 0.63 11.71 6.68
N LEU C 1001 1.58 11.42 5.77
CA LEU C 1001 1.19 11.05 4.40
C LEU C 1001 0.46 9.72 4.34
N GLN C 1002 0.86 8.72 5.15
CA GLN C 1002 0.15 7.45 5.14
C GLN C 1002 -1.24 7.59 5.76
N SER C 1003 -1.36 8.47 6.77
CA SER C 1003 -2.66 8.80 7.35
C SER C 1003 -3.57 9.49 6.33
N LEU C 1004 -3.00 10.40 5.53
CA LEU C 1004 -3.80 11.13 4.56
C LEU C 1004 -4.22 10.23 3.39
N GLN C 1005 -3.35 9.29 2.99
CA GLN C 1005 -3.70 8.33 1.95
C GLN C 1005 -4.79 7.36 2.39
N THR C 1006 -4.76 6.90 3.65
CA THR C 1006 -5.83 5.99 4.07
C THR C 1006 -7.15 6.74 4.30
N TYR C 1007 -7.07 8.04 4.64
CA TYR C 1007 -8.26 8.88 4.70
C TYR C 1007 -8.91 9.05 3.32
N VAL C 1008 -8.12 9.41 2.31
CA VAL C 1008 -8.73 9.64 1.00
C VAL C 1008 -9.05 8.32 0.30
N THR C 1009 -8.44 7.22 0.75
CA THR C 1009 -8.88 5.88 0.37
C THR C 1009 -10.31 5.62 0.83
N GLN C 1010 -10.60 5.93 2.10
CA GLN C 1010 -11.95 5.78 2.65
C GLN C 1010 -12.96 6.72 1.95
N GLN C 1011 -12.52 7.95 1.66
CA GLN C 1011 -13.36 8.93 0.95
C GLN C 1011 -13.74 8.47 -0.45
N LEU C 1012 -12.77 7.94 -1.21
CA LEU C 1012 -13.06 7.53 -2.58
C LEU C 1012 -13.87 6.24 -2.64
N ILE C 1013 -13.66 5.31 -1.70
CA ILE C 1013 -14.45 4.07 -1.77
C ILE C 1013 -15.88 4.30 -1.29
N ARG C 1014 -16.12 5.33 -0.47
CA ARG C 1014 -17.51 5.59 -0.16
C ARG C 1014 -18.12 6.46 -1.26
N ALA C 1015 -17.27 7.19 -1.99
CA ALA C 1015 -17.71 7.96 -3.14
C ALA C 1015 -18.24 7.08 -4.26
N ALA C 1016 -17.59 5.92 -4.47
CA ALA C 1016 -18.08 4.96 -5.47
C ALA C 1016 -19.46 4.41 -5.10
N GLU C 1017 -19.66 4.10 -3.82
CA GLU C 1017 -20.94 3.60 -3.32
C GLU C 1017 -22.03 4.66 -3.39
N ILE C 1018 -21.70 5.91 -3.05
CA ILE C 1018 -22.74 6.94 -3.03
C ILE C 1018 -23.04 7.43 -4.45
N ARG C 1019 -22.07 7.24 -5.38
CA ARG C 1019 -22.33 7.48 -6.80
C ARG C 1019 -23.28 6.44 -7.36
N ALA C 1020 -23.07 5.17 -7.00
CA ALA C 1020 -23.99 4.11 -7.42
C ALA C 1020 -25.37 4.27 -6.80
N SER C 1021 -25.42 4.72 -5.53
CA SER C 1021 -26.70 4.96 -4.86
C SER C 1021 -27.43 6.16 -5.47
N ALA C 1022 -26.70 7.19 -5.88
CA ALA C 1022 -27.32 8.36 -6.47
C ALA C 1022 -27.80 8.08 -7.90
N ASN C 1023 -27.06 7.26 -8.64
CA ASN C 1023 -27.53 6.82 -9.95
C ASN C 1023 -28.75 5.91 -9.83
N LEU C 1024 -28.77 5.09 -8.77
CA LEU C 1024 -29.96 4.30 -8.45
C LEU C 1024 -31.15 5.20 -8.11
N ALA C 1025 -30.94 6.26 -7.34
CA ALA C 1025 -32.03 7.16 -6.97
C ALA C 1025 -32.49 8.01 -8.14
N ALA C 1026 -31.58 8.31 -9.08
CA ALA C 1026 -31.98 8.99 -10.31
C ALA C 1026 -32.81 8.06 -11.19
N THR C 1027 -32.48 6.76 -11.16
CA THR C 1027 -33.34 5.76 -11.81
C THR C 1027 -34.68 5.64 -11.08
N LYS C 1028 -34.70 5.82 -9.75
CA LYS C 1028 -35.96 5.84 -9.00
C LYS C 1028 -36.84 7.01 -9.39
N MET C 1029 -36.23 8.19 -9.57
CA MET C 1029 -37.00 9.37 -9.96
C MET C 1029 -37.51 9.24 -11.39
N SER C 1030 -36.69 8.67 -12.28
CA SER C 1030 -37.12 8.52 -13.68
C SER C 1030 -38.15 7.41 -13.86
N GLU C 1031 -38.07 6.32 -13.11
CA GLU C 1031 -38.99 5.21 -13.30
C GLU C 1031 -40.06 5.12 -12.22
N CYS C 1032 -40.20 6.15 -11.39
CA CYS C 1032 -41.35 6.25 -10.51
C CYS C 1032 -42.07 7.59 -10.62
N VAL C 1033 -41.37 8.64 -11.01
CA VAL C 1033 -41.95 9.97 -11.09
C VAL C 1033 -42.43 10.27 -12.51
N LEU C 1034 -41.61 9.98 -13.50
CA LEU C 1034 -41.90 10.38 -14.88
C LEU C 1034 -42.83 9.43 -15.60
N GLY C 1035 -43.27 8.35 -14.97
CA GLY C 1035 -44.18 7.44 -15.65
C GLY C 1035 -44.57 6.23 -14.84
N GLN C 1036 -45.26 5.30 -15.51
CA GLN C 1036 -45.77 4.08 -14.90
C GLN C 1036 -44.67 3.04 -14.85
N SER C 1037 -44.44 2.46 -13.67
CA SER C 1037 -43.60 1.29 -13.54
C SER C 1037 -44.47 0.04 -13.44
N LYS C 1038 -44.30 -0.88 -14.38
CA LYS C 1038 -44.91 -2.19 -14.31
C LYS C 1038 -44.05 -3.17 -13.51
N ARG C 1039 -42.85 -2.76 -13.12
CA ARG C 1039 -41.94 -3.66 -12.42
C ARG C 1039 -42.32 -3.75 -10.95
N VAL C 1040 -42.27 -4.97 -10.41
CA VAL C 1040 -42.69 -5.19 -9.03
C VAL C 1040 -41.61 -4.67 -8.08
N ASP C 1041 -42.09 -4.05 -6.99
CA ASP C 1041 -41.47 -3.43 -5.82
C ASP C 1041 -40.23 -2.57 -6.11
N PHE C 1042 -40.11 -1.97 -7.29
CA PHE C 1042 -39.22 -0.84 -7.46
C PHE C 1042 -39.76 0.38 -6.75
N CYS C 1043 -40.93 0.83 -7.16
CA CYS C 1043 -41.59 1.99 -6.59
C CYS C 1043 -42.41 1.50 -5.40
N GLY C 1044 -41.73 1.23 -4.29
CA GLY C 1044 -42.40 0.78 -3.10
C GLY C 1044 -42.35 -0.73 -2.95
N LYS C 1045 -43.47 -1.28 -2.50
CA LYS C 1045 -43.69 -2.73 -2.43
C LYS C 1045 -45.06 -3.02 -2.99
N GLY C 1046 -45.12 -3.45 -4.25
CA GLY C 1046 -46.38 -3.79 -4.88
C GLY C 1046 -46.63 -3.05 -6.17
N TYR C 1047 -47.90 -2.95 -6.58
CA TYR C 1047 -48.28 -2.32 -7.83
C TYR C 1047 -48.19 -0.81 -7.70
N HIS C 1048 -47.24 -0.20 -8.43
CA HIS C 1048 -47.08 1.24 -8.43
C HIS C 1048 -48.23 1.97 -9.11
N LEU C 1049 -48.70 3.05 -8.47
CA LEU C 1049 -49.58 4.01 -9.11
C LEU C 1049 -48.93 5.38 -9.30
N MET C 1050 -48.54 6.03 -8.21
CA MET C 1050 -47.90 7.35 -8.27
C MET C 1050 -46.68 7.34 -7.36
N SER C 1051 -45.86 8.37 -7.48
CA SER C 1051 -44.74 8.59 -6.58
C SER C 1051 -44.45 10.07 -6.47
N PHE C 1052 -44.13 10.52 -5.24
CA PHE C 1052 -43.85 11.91 -5.00
C PHE C 1052 -42.47 12.07 -4.38
N PRO C 1053 -41.52 12.70 -5.08
CA PRO C 1053 -40.19 12.91 -4.51
C PRO C 1053 -40.14 14.10 -3.55
N GLN C 1054 -39.53 13.84 -2.39
CA GLN C 1054 -39.29 14.88 -1.40
C GLN C 1054 -37.80 14.93 -1.11
N SER C 1055 -37.25 16.14 -1.12
CA SER C 1055 -35.82 16.32 -1.00
C SER C 1055 -35.35 16.21 0.45
N ALA C 1056 -34.05 16.02 0.62
CA ALA C 1056 -33.40 15.96 1.91
C ALA C 1056 -32.16 16.85 1.80
N PRO C 1057 -31.50 17.19 2.94
CA PRO C 1057 -30.18 17.83 2.85
C PRO C 1057 -29.10 17.04 2.13
N HIS C 1058 -29.19 15.71 2.09
CA HIS C 1058 -28.19 14.91 1.41
C HIS C 1058 -28.83 13.76 0.63
N GLY C 1059 -30.14 13.81 0.40
CA GLY C 1059 -30.79 12.67 -0.23
C GLY C 1059 -32.16 13.00 -0.78
N VAL C 1060 -32.97 11.94 -0.92
CA VAL C 1060 -34.29 12.02 -1.50
C VAL C 1060 -35.22 11.10 -0.70
N VAL C 1061 -36.48 11.52 -0.55
CA VAL C 1061 -37.52 10.71 0.09
C VAL C 1061 -38.65 10.54 -0.91
N PHE C 1062 -38.98 9.28 -1.23
CA PHE C 1062 -40.03 8.96 -2.18
C PHE C 1062 -41.26 8.47 -1.45
N LEU C 1063 -42.43 8.90 -1.92
CA LEU C 1063 -43.71 8.47 -1.37
C LEU C 1063 -44.46 7.71 -2.46
N HIS C 1064 -44.32 6.40 -2.46
CA HIS C 1064 -44.83 5.56 -3.54
C HIS C 1064 -46.27 5.17 -3.28
N VAL C 1065 -47.14 5.43 -4.24
CA VAL C 1065 -48.57 5.13 -4.12
C VAL C 1065 -48.81 3.73 -4.66
N THR C 1066 -49.37 2.87 -3.82
CA THR C 1066 -49.40 1.45 -4.10
C THR C 1066 -50.77 0.86 -3.85
N TYR C 1067 -51.28 0.13 -4.84
CA TYR C 1067 -52.43 -0.75 -4.67
C TYR C 1067 -52.02 -2.01 -3.94
N VAL C 1068 -52.69 -2.29 -2.82
CA VAL C 1068 -52.58 -3.54 -2.09
C VAL C 1068 -53.99 -4.13 -2.00
N PRO C 1069 -54.26 -5.29 -2.61
CA PRO C 1069 -55.60 -5.88 -2.54
C PRO C 1069 -55.85 -6.54 -1.18
N ALA C 1070 -57.13 -6.57 -0.79
CA ALA C 1070 -57.52 -7.10 0.51
C ALA C 1070 -58.98 -7.54 0.47
N GLN C 1071 -59.35 -8.32 1.50
CA GLN C 1071 -60.70 -8.87 1.74
C GLN C 1071 -61.19 -9.71 0.57
N GLU C 1072 -60.49 -10.83 0.35
CA GLU C 1072 -60.81 -11.71 -0.75
C GLU C 1072 -61.88 -12.72 -0.37
N LYS C 1073 -62.64 -13.17 -1.37
CA LYS C 1073 -63.62 -14.22 -1.22
C LYS C 1073 -63.45 -15.22 -2.36
N ASN C 1074 -63.52 -16.50 -2.03
CA ASN C 1074 -63.25 -17.56 -3.00
C ASN C 1074 -64.48 -17.81 -3.86
N PHE C 1075 -64.26 -18.02 -5.14
CA PHE C 1075 -65.30 -18.33 -6.10
C PHE C 1075 -64.86 -19.51 -6.96
N THR C 1076 -65.82 -20.27 -7.45
CA THR C 1076 -65.57 -21.47 -8.23
C THR C 1076 -65.37 -21.08 -9.69
N THR C 1077 -64.26 -21.54 -10.28
CA THR C 1077 -63.90 -21.12 -11.64
C THR C 1077 -64.02 -22.27 -12.62
N ALA C 1078 -63.91 -21.92 -13.90
CA ALA C 1078 -63.86 -22.85 -15.01
C ALA C 1078 -63.17 -22.14 -16.16
N PRO C 1079 -62.41 -22.86 -17.00
CA PRO C 1079 -61.73 -22.20 -18.13
C PRO C 1079 -62.66 -21.78 -19.26
N ALA C 1080 -63.74 -22.51 -19.51
CA ALA C 1080 -64.58 -22.22 -20.66
C ALA C 1080 -66.00 -22.65 -20.36
N ILE C 1081 -66.94 -22.11 -21.13
CA ILE C 1081 -68.37 -22.37 -20.98
C ILE C 1081 -68.85 -23.10 -22.22
N CYS C 1082 -69.44 -24.27 -22.02
CA CYS C 1082 -69.98 -25.05 -23.13
C CYS C 1082 -71.38 -24.53 -23.47
N HIS C 1083 -71.49 -23.86 -24.61
CA HIS C 1083 -72.77 -23.36 -25.10
C HIS C 1083 -72.87 -23.72 -26.57
N ASP C 1084 -73.98 -24.38 -26.92
CA ASP C 1084 -74.26 -24.96 -28.25
C ASP C 1084 -73.16 -25.93 -28.70
N GLY C 1085 -72.60 -26.69 -27.76
CA GLY C 1085 -71.60 -27.69 -28.09
C GLY C 1085 -70.22 -27.14 -28.41
N LYS C 1086 -69.99 -25.86 -28.15
CA LYS C 1086 -68.74 -25.22 -28.52
C LYS C 1086 -68.06 -24.72 -27.25
N ALA C 1087 -66.77 -24.39 -27.36
CA ALA C 1087 -66.00 -23.86 -26.23
C ALA C 1087 -65.89 -22.35 -26.36
N HIS C 1088 -66.47 -21.64 -25.40
CA HIS C 1088 -66.43 -20.18 -25.35
C HIS C 1088 -65.38 -19.77 -24.33
N PHE C 1089 -64.39 -19.00 -24.78
CA PHE C 1089 -63.27 -18.62 -23.93
C PHE C 1089 -63.36 -17.16 -23.53
N PRO C 1090 -62.96 -16.80 -22.31
CA PRO C 1090 -63.03 -15.40 -21.88
C PRO C 1090 -61.96 -14.54 -22.54
N ARG C 1091 -62.36 -13.32 -22.88
CA ARG C 1091 -61.43 -12.38 -23.52
C ARG C 1091 -60.53 -11.74 -22.46
N GLU C 1092 -61.10 -10.94 -21.57
CA GLU C 1092 -60.36 -10.20 -20.57
C GLU C 1092 -61.01 -10.32 -19.20
N GLY C 1093 -61.36 -11.54 -18.81
CA GLY C 1093 -61.96 -11.76 -17.52
C GLY C 1093 -61.89 -13.21 -17.11
N VAL C 1094 -62.59 -13.54 -16.03
CA VAL C 1094 -62.69 -14.91 -15.55
C VAL C 1094 -64.15 -15.27 -15.34
N PHE C 1095 -64.42 -16.58 -15.38
CA PHE C 1095 -65.75 -17.09 -15.08
C PHE C 1095 -65.81 -17.52 -13.62
N VAL C 1096 -66.72 -16.92 -12.87
CA VAL C 1096 -66.91 -17.25 -11.46
C VAL C 1096 -68.36 -17.64 -11.24
N SER C 1097 -68.58 -18.46 -10.22
CA SER C 1097 -69.90 -18.94 -9.85
C SER C 1097 -70.04 -18.94 -8.35
N ASN C 1098 -71.18 -18.47 -7.86
CA ASN C 1098 -71.52 -18.57 -6.44
C ASN C 1098 -72.31 -19.83 -6.13
N GLY C 1099 -71.82 -20.97 -6.63
CA GLY C 1099 -72.47 -22.26 -6.50
C GLY C 1099 -73.52 -22.56 -7.55
N THR C 1100 -74.39 -21.60 -7.83
CA THR C 1100 -75.58 -21.80 -8.64
C THR C 1100 -75.44 -21.35 -10.10
N HIS C 1101 -74.51 -20.42 -10.43
CA HIS C 1101 -74.84 -19.40 -11.43
C HIS C 1101 -73.62 -18.57 -11.82
N TRP C 1102 -73.26 -18.69 -13.10
CA TRP C 1102 -71.98 -18.31 -13.65
C TRP C 1102 -71.96 -16.83 -14.01
N PHE C 1103 -70.89 -16.14 -13.63
CA PHE C 1103 -70.77 -14.72 -13.91
C PHE C 1103 -69.49 -14.47 -14.70
N VAL C 1104 -69.34 -13.23 -15.16
CA VAL C 1104 -68.12 -12.73 -15.77
C VAL C 1104 -67.58 -11.59 -14.91
N THR C 1105 -66.40 -11.77 -14.35
CA THR C 1105 -65.75 -10.68 -13.64
C THR C 1105 -64.30 -10.63 -14.07
N GLN C 1106 -63.64 -9.53 -13.71
CA GLN C 1106 -62.23 -9.40 -14.03
C GLN C 1106 -61.37 -10.03 -12.93
N ARG C 1107 -60.07 -9.84 -13.07
CA ARG C 1107 -59.09 -10.60 -12.32
C ARG C 1107 -58.59 -9.88 -11.08
N ASN C 1108 -59.08 -8.68 -10.80
CA ASN C 1108 -58.75 -7.96 -9.57
C ASN C 1108 -59.97 -7.57 -8.75
N PHE C 1109 -61.04 -7.10 -9.39
CA PHE C 1109 -62.25 -6.73 -8.68
C PHE C 1109 -63.39 -7.68 -9.03
N TYR C 1110 -64.20 -8.00 -8.02
CA TYR C 1110 -65.39 -8.80 -8.26
C TYR C 1110 -66.54 -7.91 -8.66
N GLU C 1111 -66.62 -7.56 -9.95
CA GLU C 1111 -67.85 -6.97 -10.46
C GLU C 1111 -68.43 -7.90 -11.53
N PRO C 1112 -69.57 -8.52 -11.25
CA PRO C 1112 -70.05 -9.60 -12.13
C PRO C 1112 -70.73 -9.08 -13.38
N GLN C 1113 -70.62 -9.87 -14.45
CA GLN C 1113 -71.35 -9.65 -15.69
C GLN C 1113 -71.96 -10.98 -16.13
N ILE C 1114 -73.09 -10.89 -16.83
CA ILE C 1114 -73.68 -12.06 -17.44
C ILE C 1114 -72.87 -12.42 -18.68
N ILE C 1115 -72.80 -13.71 -18.99
CA ILE C 1115 -71.98 -14.20 -20.09
C ILE C 1115 -72.67 -13.88 -21.41
N THR C 1116 -72.12 -12.92 -22.16
CA THR C 1116 -72.65 -12.53 -23.45
C THR C 1116 -71.61 -12.78 -24.53
N THR C 1117 -71.97 -12.45 -25.77
CA THR C 1117 -71.17 -12.76 -26.94
C THR C 1117 -70.18 -11.66 -27.30
N ASP C 1118 -70.01 -10.65 -26.45
CA ASP C 1118 -69.08 -9.58 -26.72
C ASP C 1118 -67.87 -9.56 -25.78
N ASN C 1119 -67.99 -10.12 -24.58
CA ASN C 1119 -66.86 -10.25 -23.66
C ASN C 1119 -66.30 -11.67 -23.68
N THR C 1120 -66.81 -12.52 -24.56
CA THR C 1120 -66.36 -13.89 -24.69
C THR C 1120 -66.13 -14.20 -26.16
N PHE C 1121 -65.06 -14.93 -26.46
CA PHE C 1121 -64.79 -15.39 -27.82
C PHE C 1121 -64.85 -16.90 -27.86
N VAL C 1122 -65.36 -17.43 -28.97
CA VAL C 1122 -65.51 -18.87 -29.16
C VAL C 1122 -64.29 -19.37 -29.93
N SER C 1123 -63.77 -20.53 -29.50
CA SER C 1123 -62.60 -21.13 -30.14
C SER C 1123 -62.65 -22.63 -29.90
N GLY C 1124 -62.73 -23.40 -30.97
CA GLY C 1124 -62.66 -24.84 -30.86
C GLY C 1124 -63.94 -25.50 -30.40
N ASN C 1125 -63.79 -26.75 -29.97
CA ASN C 1125 -64.91 -27.60 -29.60
C ASN C 1125 -64.90 -27.87 -28.09
N CYS C 1126 -65.96 -28.54 -27.61
CA CYS C 1126 -66.17 -28.81 -26.20
C CYS C 1126 -65.56 -30.15 -25.77
N ASP C 1127 -64.49 -30.59 -26.43
CA ASP C 1127 -63.89 -31.89 -26.13
C ASP C 1127 -62.48 -31.81 -25.57
N VAL C 1128 -61.64 -30.92 -26.09
CA VAL C 1128 -60.25 -30.83 -25.65
C VAL C 1128 -60.12 -29.98 -24.38
N VAL C 1129 -61.15 -29.21 -24.05
CA VAL C 1129 -61.13 -28.41 -22.84
C VAL C 1129 -61.46 -29.29 -21.65
N ILE C 1130 -60.60 -29.25 -20.63
CA ILE C 1130 -60.83 -29.98 -19.39
C ILE C 1130 -61.54 -29.05 -18.42
N GLY C 1131 -62.50 -29.58 -17.67
CA GLY C 1131 -63.23 -28.81 -16.69
C GLY C 1131 -64.29 -27.89 -17.26
N ILE C 1132 -64.65 -28.03 -18.55
CA ILE C 1132 -65.63 -27.14 -19.14
C ILE C 1132 -67.04 -27.52 -18.66
N VAL C 1133 -67.76 -26.51 -18.16
CA VAL C 1133 -69.09 -26.68 -17.58
C VAL C 1133 -70.12 -26.21 -18.61
N ASN C 1134 -71.37 -26.53 -18.35
CA ASN C 1134 -72.46 -26.23 -19.27
C ASN C 1134 -73.25 -25.03 -18.75
N ASN C 1135 -73.28 -23.97 -19.56
CA ASN C 1135 -74.04 -22.77 -19.25
C ASN C 1135 -74.40 -22.09 -20.56
N THR C 1136 -75.23 -21.05 -20.48
CA THR C 1136 -75.74 -20.38 -21.66
C THR C 1136 -75.07 -19.02 -21.84
N VAL C 1137 -74.88 -18.65 -23.11
CA VAL C 1137 -74.27 -17.38 -23.48
C VAL C 1137 -75.34 -16.59 -24.24
N TYR C 1138 -75.79 -15.49 -23.65
CA TYR C 1138 -76.93 -14.76 -24.20
C TYR C 1138 -76.47 -13.83 -25.31
N ASP C 1139 -77.20 -13.86 -26.44
CA ASP C 1139 -76.96 -12.98 -27.57
C ASP C 1139 -78.00 -11.86 -27.56
N PRO C 1140 -77.61 -10.59 -27.61
CA PRO C 1140 -78.58 -9.50 -27.40
C PRO C 1140 -79.39 -9.08 -28.62
N LEU C 1141 -79.45 -9.89 -29.68
CA LEU C 1141 -80.17 -9.46 -30.88
C LEU C 1141 -81.55 -10.08 -31.03
N GLN C 1142 -81.76 -11.29 -30.49
CA GLN C 1142 -83.00 -12.03 -30.76
C GLN C 1142 -84.31 -11.44 -30.23
N PRO C 1143 -84.41 -10.81 -28.98
CA PRO C 1143 -85.66 -10.09 -28.66
C PRO C 1143 -85.97 -8.92 -29.58
N GLU C 1144 -84.95 -8.15 -29.98
CA GLU C 1144 -85.15 -7.11 -30.97
C GLU C 1144 -85.36 -7.66 -32.38
N LEU C 1145 -84.92 -8.89 -32.63
CA LEU C 1145 -85.20 -9.54 -33.91
C LEU C 1145 -86.65 -10.01 -34.01
N ASP C 1146 -87.21 -10.52 -32.92
CA ASP C 1146 -88.51 -11.20 -33.00
C ASP C 1146 -89.66 -10.39 -32.41
N SER C 1147 -89.51 -9.86 -31.19
CA SER C 1147 -90.66 -9.27 -30.50
C SER C 1147 -91.02 -7.88 -31.03
N PHE C 1148 -90.13 -7.23 -31.77
CA PHE C 1148 -90.41 -5.91 -32.31
C PHE C 1148 -90.53 -5.92 -33.83
N LYS C 1149 -89.49 -6.37 -34.53
CA LYS C 1149 -89.52 -6.43 -35.99
C LYS C 1149 -89.26 -7.85 -36.48
N GLN D 1 47.64 -4.26 3.62
CA GLN D 1 46.58 -5.07 3.03
C GLN D 1 47.12 -5.99 1.95
N VAL D 2 48.44 -5.95 1.75
CA VAL D 2 49.11 -6.78 0.75
C VAL D 2 50.10 -7.68 1.48
N GLN D 3 49.94 -8.99 1.31
CA GLN D 3 50.85 -9.97 1.87
C GLN D 3 51.77 -10.46 0.77
N LEU D 4 53.08 -10.47 1.05
CA LEU D 4 54.07 -10.97 0.11
C LEU D 4 54.64 -12.29 0.63
N VAL D 5 54.59 -13.31 -0.23
CA VAL D 5 55.11 -14.64 0.08
C VAL D 5 56.23 -14.95 -0.90
N GLU D 6 57.42 -15.16 -0.38
CA GLU D 6 58.61 -15.41 -1.19
C GLU D 6 59.17 -16.79 -0.92
N SER D 7 59.74 -17.39 -1.96
CA SER D 7 60.31 -18.73 -1.87
C SER D 7 61.38 -18.87 -2.94
N GLY D 8 62.05 -20.03 -2.95
CA GLY D 8 63.07 -20.32 -3.93
C GLY D 8 64.50 -20.14 -3.45
N GLY D 9 64.71 -19.85 -2.18
CA GLY D 9 66.05 -19.67 -1.65
C GLY D 9 66.74 -20.98 -1.32
N GLY D 10 67.95 -20.88 -0.79
CA GLY D 10 68.73 -22.03 -0.43
C GLY D 10 70.21 -21.77 -0.65
N SER D 11 70.94 -22.85 -0.86
CA SER D 11 72.38 -22.81 -1.06
C SER D 11 72.74 -23.22 -2.49
N VAL D 12 73.77 -22.56 -3.02
CA VAL D 12 74.23 -22.82 -4.39
C VAL D 12 75.73 -22.56 -4.42
N GLN D 13 76.41 -23.16 -5.39
CA GLN D 13 77.83 -22.95 -5.59
C GLN D 13 78.06 -21.74 -6.50
N ALA D 14 79.30 -21.25 -6.51
CA ALA D 14 79.63 -20.02 -7.23
C ALA D 14 79.66 -20.26 -8.74
N GLY D 15 78.96 -19.39 -9.47
CA GLY D 15 78.74 -19.58 -10.89
C GLY D 15 77.48 -20.34 -11.23
N GLY D 16 76.71 -20.77 -10.24
CA GLY D 16 75.46 -21.46 -10.45
C GLY D 16 74.31 -20.50 -10.71
N SER D 17 73.10 -21.05 -10.64
CA SER D 17 71.91 -20.30 -10.97
C SER D 17 70.83 -20.53 -9.91
N LEU D 18 69.99 -19.51 -9.74
CA LEU D 18 68.83 -19.58 -8.85
C LEU D 18 67.72 -18.72 -9.44
N ARG D 19 66.49 -18.96 -8.97
CA ARG D 19 65.33 -18.25 -9.49
C ARG D 19 64.34 -18.03 -8.34
N LEU D 20 64.37 -16.84 -7.76
CA LEU D 20 63.47 -16.51 -6.67
C LEU D 20 62.08 -16.16 -7.18
N SER D 21 61.12 -16.13 -6.26
CA SER D 21 59.77 -15.66 -6.53
C SER D 21 59.30 -14.79 -5.36
N CYS D 22 58.26 -14.00 -5.61
CA CYS D 22 57.62 -13.21 -4.57
C CYS D 22 56.16 -13.07 -4.93
N ALA D 23 55.31 -13.84 -4.25
CA ALA D 23 53.89 -13.93 -4.58
C ALA D 23 53.11 -12.86 -3.84
N ALA D 24 52.35 -12.07 -4.59
CA ALA D 24 51.51 -11.02 -4.03
C ALA D 24 50.06 -11.48 -3.99
N SER D 25 49.38 -11.15 -2.89
CA SER D 25 47.98 -11.52 -2.71
C SER D 25 47.24 -10.36 -2.06
N GLY D 26 45.97 -10.21 -2.42
CA GLY D 26 45.13 -9.16 -1.86
C GLY D 26 44.91 -8.04 -2.87
N SER D 27 45.45 -6.87 -2.56
CA SER D 27 45.31 -5.69 -3.41
C SER D 27 46.37 -5.72 -4.50
N ILE D 28 46.07 -6.50 -5.55
CA ILE D 28 46.93 -6.54 -6.73
C ILE D 28 46.82 -5.25 -7.52
N SER D 29 45.63 -4.64 -7.52
CA SER D 29 45.34 -3.45 -8.32
C SER D 29 46.05 -2.20 -7.82
N SER D 30 46.37 -2.13 -6.53
CA SER D 30 47.06 -0.96 -5.99
C SER D 30 48.56 -1.02 -6.21
N ILE D 31 49.12 -2.19 -6.50
CA ILE D 31 50.56 -2.34 -6.62
C ILE D 31 51.02 -1.79 -7.97
N THR D 32 51.92 -0.81 -7.95
CA THR D 32 52.49 -0.26 -9.17
C THR D 32 53.97 -0.55 -9.33
N TYR D 33 54.62 -1.11 -8.31
CA TYR D 33 56.08 -1.23 -8.29
C TYR D 33 56.50 -2.29 -7.29
N LEU D 34 57.38 -3.18 -7.72
CA LEU D 34 57.89 -4.28 -6.91
C LEU D 34 59.42 -4.24 -6.95
N GLY D 35 60.04 -4.11 -5.78
CA GLY D 35 61.48 -3.99 -5.69
C GLY D 35 62.08 -5.14 -4.90
N TRP D 36 63.28 -5.56 -5.30
CA TRP D 36 64.02 -6.60 -4.60
C TRP D 36 65.12 -5.95 -3.77
N PHE D 37 65.13 -6.25 -2.47
CA PHE D 37 66.13 -5.73 -1.55
C PHE D 37 67.16 -6.81 -1.24
N ARG D 38 68.28 -6.39 -0.65
CA ARG D 38 69.38 -7.30 -0.36
C ARG D 38 70.15 -6.79 0.84
N GLN D 39 70.17 -7.57 1.92
CA GLN D 39 70.91 -7.23 3.13
C GLN D 39 72.10 -8.18 3.26
N ALA D 40 73.28 -7.69 2.92
CA ALA D 40 74.51 -8.46 3.09
C ALA D 40 74.87 -8.55 4.57
N PRO D 41 75.57 -9.62 4.97
CA PRO D 41 76.11 -9.67 6.33
C PRO D 41 77.20 -8.63 6.55
N GLY D 42 76.99 -7.76 7.54
CA GLY D 42 77.88 -6.65 7.77
C GLY D 42 77.59 -5.41 6.96
N LYS D 43 76.47 -5.38 6.23
CA LYS D 43 76.11 -4.23 5.40
C LYS D 43 74.62 -3.92 5.56
N GLU D 44 74.29 -2.67 5.28
CA GLU D 44 72.91 -2.20 5.29
C GLU D 44 72.17 -2.77 4.07
N ARG D 45 70.86 -2.94 4.22
CA ARG D 45 70.02 -3.50 3.17
C ARG D 45 69.87 -2.49 2.03
N GLU D 46 70.37 -2.85 0.86
CA GLU D 46 70.40 -1.97 -0.30
C GLU D 46 69.55 -2.55 -1.43
N GLY D 47 69.59 -1.87 -2.58
CA GLY D 47 68.77 -2.23 -3.71
C GLY D 47 69.55 -2.98 -4.78
N VAL D 48 68.86 -3.86 -5.49
CA VAL D 48 69.48 -4.70 -6.51
C VAL D 48 68.77 -4.51 -7.85
N ALA D 49 67.44 -4.64 -7.86
CA ALA D 49 66.71 -4.69 -9.12
C ALA D 49 65.30 -4.19 -8.92
N ALA D 50 64.61 -3.97 -10.04
CA ALA D 50 63.33 -3.28 -10.03
C ALA D 50 62.49 -3.71 -11.22
N LEU D 51 61.19 -3.42 -11.14
CA LEU D 51 60.25 -3.57 -12.24
C LEU D 51 59.06 -2.65 -12.00
N ILE D 52 58.70 -1.89 -13.02
CA ILE D 52 57.45 -1.13 -13.03
C ILE D 52 56.36 -2.03 -13.60
N THR D 53 55.33 -2.31 -12.80
CA THR D 53 54.29 -3.23 -13.25
C THR D 53 53.35 -2.57 -14.26
N VAL D 54 53.25 -1.24 -14.20
CA VAL D 54 52.46 -0.50 -15.18
C VAL D 54 53.12 -0.49 -16.55
N ASN D 55 54.43 -0.27 -16.61
CA ASN D 55 55.13 -0.01 -17.86
C ASN D 55 55.92 -1.20 -18.39
N GLY D 56 56.42 -2.06 -17.50
CA GLY D 56 57.39 -3.06 -17.88
C GLY D 56 58.83 -2.61 -17.83
N HIS D 57 59.07 -1.34 -17.49
CA HIS D 57 60.43 -0.83 -17.39
C HIS D 57 61.09 -1.34 -16.12
N THR D 58 62.41 -1.55 -16.20
CA THR D 58 63.15 -2.16 -15.11
C THR D 58 64.42 -1.36 -14.82
N TYR D 59 64.93 -1.56 -13.61
CA TYR D 59 66.19 -0.97 -13.18
C TYR D 59 67.06 -2.06 -12.57
N TYR D 60 68.37 -1.88 -12.63
CA TYR D 60 69.32 -2.78 -12.00
C TYR D 60 70.43 -1.99 -11.34
N ALA D 61 70.97 -2.52 -10.25
CA ALA D 61 72.17 -1.97 -9.66
C ALA D 61 73.38 -2.32 -10.51
N ASP D 62 74.47 -1.57 -10.32
CA ASP D 62 75.68 -1.80 -11.11
C ASP D 62 76.46 -3.03 -10.65
N SER D 63 76.23 -3.50 -9.42
CA SER D 63 76.86 -4.73 -8.95
C SER D 63 76.21 -5.98 -9.53
N VAL D 64 74.99 -5.88 -10.06
CA VAL D 64 74.26 -7.01 -10.59
C VAL D 64 73.95 -6.77 -12.06
N LYS D 65 74.52 -5.71 -12.63
CA LYS D 65 74.27 -5.36 -14.02
C LYS D 65 74.99 -6.32 -14.96
N GLY D 66 74.27 -6.80 -15.97
CA GLY D 66 74.79 -7.79 -16.88
C GLY D 66 74.63 -9.23 -16.41
N ARG D 67 74.12 -9.44 -15.19
CA ARG D 67 73.91 -10.76 -14.64
C ARG D 67 72.47 -11.05 -14.25
N PHE D 68 71.74 -10.07 -13.73
CA PHE D 68 70.44 -10.31 -13.12
C PHE D 68 69.33 -9.82 -14.04
N THR D 69 68.18 -10.51 -13.97
CA THR D 69 66.98 -10.10 -14.68
C THR D 69 65.77 -10.30 -13.77
N VAL D 70 64.74 -9.46 -13.96
CA VAL D 70 63.51 -9.51 -13.18
C VAL D 70 62.33 -9.47 -14.13
N SER D 71 61.45 -10.46 -14.02
CA SER D 71 60.26 -10.52 -14.86
C SER D 71 59.03 -10.64 -13.96
N LEU D 72 57.90 -10.24 -14.51
CA LEU D 72 56.62 -10.27 -13.82
C LEU D 72 55.69 -11.27 -14.49
N ASP D 73 54.98 -12.04 -13.68
CA ASP D 73 53.99 -12.99 -14.16
C ASP D 73 52.65 -12.57 -13.58
N ASN D 74 51.87 -11.80 -14.35
CA ASN D 74 50.57 -11.33 -13.90
C ASN D 74 49.50 -12.40 -13.90
N ALA D 75 49.74 -13.54 -14.56
CA ALA D 75 48.85 -14.69 -14.43
C ALA D 75 48.93 -15.30 -13.04
N LYS D 76 50.10 -15.25 -12.43
CA LYS D 76 50.31 -15.77 -11.08
C LYS D 76 50.39 -14.67 -10.04
N ASN D 77 50.40 -13.39 -10.47
CA ASN D 77 50.61 -12.19 -9.65
C ASN D 77 51.92 -12.27 -8.85
N THR D 78 52.96 -12.76 -9.51
CA THR D 78 54.22 -13.07 -8.86
C THR D 78 55.36 -12.49 -9.68
N VAL D 79 56.25 -11.74 -9.03
CA VAL D 79 57.44 -11.20 -9.67
C VAL D 79 58.58 -12.21 -9.46
N TYR D 80 59.47 -12.29 -10.45
CA TYR D 80 60.57 -13.24 -10.44
C TYR D 80 61.91 -12.52 -10.37
N LEU D 81 62.92 -13.23 -9.89
CA LEU D 81 64.31 -12.79 -9.93
C LEU D 81 65.15 -13.99 -10.33
N GLN D 82 65.62 -14.00 -11.56
CA GLN D 82 66.50 -15.06 -12.05
C GLN D 82 67.95 -14.64 -11.83
N MET D 83 68.67 -15.44 -11.06
CA MET D 83 70.07 -15.16 -10.73
C MET D 83 70.95 -15.95 -11.68
N ASN D 84 71.71 -15.24 -12.50
CA ASN D 84 72.69 -15.85 -13.40
C ASN D 84 74.09 -15.38 -13.03
N SER D 85 75.05 -16.33 -13.11
CA SER D 85 76.48 -16.14 -12.84
C SER D 85 76.74 -15.61 -11.42
N LEU D 86 76.36 -16.41 -10.42
CA LEU D 86 76.43 -15.97 -9.04
C LEU D 86 77.85 -16.02 -8.49
N LYS D 87 78.09 -15.15 -7.51
CA LYS D 87 79.37 -14.97 -6.85
C LYS D 87 79.13 -14.96 -5.34
N PRO D 88 80.16 -15.27 -4.52
CA PRO D 88 79.95 -15.27 -3.06
C PRO D 88 79.74 -13.90 -2.41
N GLU D 89 79.89 -12.80 -3.13
CA GLU D 89 79.48 -11.49 -2.62
C GLU D 89 77.98 -11.29 -2.65
N ASP D 90 77.22 -12.14 -3.35
CA ASP D 90 75.77 -12.11 -3.34
C ASP D 90 75.17 -12.98 -2.24
N THR D 91 76.00 -13.55 -1.37
CA THR D 91 75.50 -14.35 -0.25
C THR D 91 74.90 -13.42 0.79
N ALA D 92 73.57 -13.41 0.85
CA ALA D 92 72.84 -12.42 1.63
C ALA D 92 71.41 -12.88 1.88
N LEU D 93 70.72 -12.17 2.76
CA LEU D 93 69.27 -12.25 2.87
C LEU D 93 68.64 -11.41 1.77
N TYR D 94 67.57 -11.91 1.17
CA TYR D 94 66.91 -11.22 0.06
C TYR D 94 65.45 -10.97 0.40
N TYR D 95 65.02 -9.74 0.14
CA TYR D 95 63.68 -9.28 0.48
C TYR D 95 63.01 -8.70 -0.75
N CYS D 96 61.71 -8.90 -0.86
CA CYS D 96 60.90 -8.27 -1.88
C CYS D 96 59.90 -7.31 -1.23
N ALA D 97 59.70 -6.16 -1.87
CA ALA D 97 58.86 -5.11 -1.32
C ALA D 97 57.84 -4.68 -2.35
N ALA D 98 56.66 -4.30 -1.87
CA ALA D 98 55.55 -3.90 -2.73
C ALA D 98 55.24 -2.43 -2.52
N ALA D 99 55.25 -1.66 -3.61
CA ALA D 99 54.97 -0.23 -3.57
C ALA D 99 53.62 0.06 -4.21
N ALA D 100 52.82 0.84 -3.49
CA ALA D 100 51.53 1.30 -3.99
C ALA D 100 51.47 2.81 -4.17
N TRP D 101 52.61 3.49 -4.24
CA TRP D 101 52.67 4.93 -4.23
C TRP D 101 53.46 5.52 -5.41
N GLY D 102 53.87 4.68 -6.36
CA GLY D 102 54.69 5.13 -7.46
C GLY D 102 55.99 4.36 -7.54
N TYR D 103 56.94 4.82 -8.36
CA TYR D 103 58.21 4.13 -8.47
C TYR D 103 59.35 5.06 -8.10
N ALA D 104 60.29 4.51 -7.33
CA ALA D 104 61.40 5.27 -6.78
C ALA D 104 62.71 4.52 -7.02
N TRP D 105 63.63 5.15 -7.74
CA TRP D 105 64.97 4.62 -7.97
C TRP D 105 66.00 5.66 -7.53
N PRO D 106 67.00 5.29 -6.71
CA PRO D 106 67.37 3.98 -6.15
C PRO D 106 66.48 3.51 -5.01
N LEU D 107 66.60 2.23 -4.64
CA LEU D 107 65.69 1.64 -3.67
C LEU D 107 65.98 2.14 -2.26
N HIS D 108 64.92 2.62 -1.60
CA HIS D 108 65.03 3.23 -0.29
C HIS D 108 64.35 2.33 0.73
N GLN D 109 65.01 2.13 1.88
CA GLN D 109 64.42 1.42 2.99
C GLN D 109 63.35 2.28 3.67
N ASP D 110 63.51 3.60 3.59
CA ASP D 110 62.70 4.54 4.32
C ASP D 110 61.37 4.86 3.64
N ASP D 111 61.12 4.34 2.44
CA ASP D 111 59.86 4.64 1.75
C ASP D 111 58.73 3.75 2.29
N TYR D 112 57.55 3.93 1.71
CA TYR D 112 56.37 3.19 2.14
C TYR D 112 56.25 1.92 1.31
N TRP D 113 56.48 0.77 1.94
CA TRP D 113 56.45 -0.51 1.25
C TRP D 113 55.53 -1.48 1.97
N TYR D 114 55.18 -2.57 1.28
CA TYR D 114 54.69 -3.77 1.94
C TYR D 114 55.81 -4.79 1.96
N TRP D 115 56.18 -5.26 3.15
CA TRP D 115 57.38 -6.06 3.31
C TRP D 115 57.05 -7.55 3.39
N GLY D 116 57.97 -8.37 2.86
CA GLY D 116 57.85 -9.80 2.93
C GLY D 116 58.60 -10.39 4.11
N GLN D 117 58.65 -11.72 4.13
CA GLN D 117 59.28 -12.41 5.27
C GLN D 117 60.77 -12.62 5.06
N GLY D 118 61.27 -12.51 3.83
CA GLY D 118 62.68 -12.70 3.57
C GLY D 118 63.08 -14.14 3.32
N THR D 119 63.97 -14.37 2.37
CA THR D 119 64.49 -15.69 2.06
C THR D 119 66.01 -15.69 2.15
N GLN D 120 66.59 -16.86 2.32
CA GLN D 120 68.04 -16.99 2.42
C GLN D 120 68.63 -17.55 1.14
N VAL D 121 69.57 -16.81 0.56
CA VAL D 121 70.31 -17.24 -0.62
C VAL D 121 71.79 -17.26 -0.26
N THR D 122 72.40 -18.44 -0.33
CA THR D 122 73.81 -18.61 0.02
C THR D 122 74.58 -19.06 -1.22
N VAL D 123 75.60 -18.27 -1.58
CA VAL D 123 76.50 -18.62 -2.68
C VAL D 123 77.88 -18.83 -2.10
N SER D 124 78.46 -20.00 -2.35
CA SER D 124 79.78 -20.32 -1.80
C SER D 124 80.70 -20.90 -2.87
N GLN E 1 29.16 -2.49 39.44
CA GLN E 1 27.79 -2.97 39.47
C GLN E 1 27.45 -3.59 40.82
N VAL E 2 28.47 -3.78 41.66
CA VAL E 2 28.31 -4.33 43.00
C VAL E 2 28.81 -3.30 44.00
N GLN E 3 27.93 -2.90 44.93
CA GLN E 3 28.25 -1.91 45.94
C GLN E 3 28.06 -2.55 47.31
N LEU E 4 29.07 -2.44 48.18
CA LEU E 4 29.02 -3.04 49.50
C LEU E 4 29.06 -1.96 50.58
N VAL E 5 28.07 -1.99 51.46
CA VAL E 5 28.02 -1.15 52.66
C VAL E 5 27.89 -2.09 53.85
N GLU E 6 28.88 -2.06 54.74
CA GLU E 6 28.89 -2.97 55.88
C GLU E 6 28.78 -2.21 57.19
N SER E 7 28.43 -2.94 58.25
CA SER E 7 28.37 -2.43 59.61
C SER E 7 28.70 -3.58 60.55
N GLY E 8 28.41 -3.39 61.84
CA GLY E 8 28.60 -4.42 62.82
C GLY E 8 29.88 -4.32 63.62
N GLY E 9 30.71 -3.32 63.37
CA GLY E 9 31.89 -3.10 64.19
C GLY E 9 31.54 -2.42 65.50
N GLY E 10 32.52 -2.38 66.38
CA GLY E 10 32.35 -1.75 67.68
C GLY E 10 33.42 -2.21 68.65
N SER E 11 33.15 -1.95 69.93
CA SER E 11 34.07 -2.26 71.01
C SER E 11 33.48 -3.30 71.95
N VAL E 12 34.31 -4.26 72.34
CA VAL E 12 33.91 -5.33 73.25
C VAL E 12 35.17 -5.81 73.97
N GLN E 13 34.99 -6.38 75.16
CA GLN E 13 36.08 -6.95 75.93
C GLN E 13 36.38 -8.37 75.46
N ALA E 14 37.38 -8.97 76.09
CA ALA E 14 37.76 -10.35 75.76
C ALA E 14 36.72 -11.33 76.28
N GLY E 15 36.45 -12.36 75.48
CA GLY E 15 35.41 -13.31 75.77
C GLY E 15 34.04 -12.94 75.25
N GLY E 16 33.90 -11.76 74.64
CA GLY E 16 32.64 -11.33 74.08
C GLY E 16 32.46 -11.80 72.64
N SER E 17 31.37 -11.35 72.04
CA SER E 17 31.04 -11.72 70.67
C SER E 17 30.41 -10.54 69.94
N LEU E 18 30.80 -10.38 68.69
CA LEU E 18 30.21 -9.39 67.80
C LEU E 18 29.64 -10.09 66.57
N ARG E 19 28.97 -9.32 65.72
CA ARG E 19 28.29 -9.89 64.55
C ARG E 19 28.41 -8.91 63.39
N LEU E 20 29.34 -9.17 62.49
CA LEU E 20 29.52 -8.32 61.32
C LEU E 20 28.49 -8.64 60.25
N SER E 21 28.01 -7.59 59.59
CA SER E 21 27.08 -7.72 58.48
C SER E 21 27.57 -6.88 57.31
N CYS E 22 27.54 -7.45 56.12
CA CYS E 22 27.92 -6.74 54.89
C CYS E 22 26.75 -6.83 53.91
N ALA E 23 26.18 -5.68 53.57
CA ALA E 23 25.02 -5.60 52.70
C ALA E 23 25.47 -5.38 51.27
N ALA E 24 24.81 -6.06 50.33
CA ALA E 24 25.13 -5.95 48.91
C ALA E 24 23.97 -5.30 48.17
N SER E 25 24.31 -4.37 47.28
CA SER E 25 23.33 -3.69 46.45
C SER E 25 23.83 -3.66 45.01
N GLY E 26 22.94 -3.99 44.07
CA GLY E 26 23.28 -4.02 42.67
C GLY E 26 23.14 -5.42 42.10
N SER E 27 24.21 -5.91 41.46
CA SER E 27 24.20 -7.23 40.82
C SER E 27 24.39 -8.31 41.88
N ILE E 28 23.27 -8.73 42.45
CA ILE E 28 23.29 -9.76 43.49
C ILE E 28 23.54 -11.13 42.87
N SER E 29 22.93 -11.41 41.72
CA SER E 29 22.97 -12.73 41.11
C SER E 29 24.34 -13.06 40.51
N SER E 30 25.15 -12.04 40.19
CA SER E 30 26.50 -12.31 39.74
C SER E 30 27.47 -12.59 40.88
N ILE E 31 27.10 -12.27 42.12
CA ILE E 31 27.96 -12.51 43.26
C ILE E 31 27.96 -14.00 43.58
N THR E 32 29.14 -14.62 43.50
CA THR E 32 29.28 -16.05 43.75
C THR E 32 30.24 -16.38 44.88
N TYR E 33 30.96 -15.40 45.42
CA TYR E 33 31.98 -15.68 46.43
C TYR E 33 32.16 -14.47 47.32
N LEU E 34 31.93 -14.68 48.61
CA LEU E 34 32.00 -13.62 49.61
C LEU E 34 33.13 -13.93 50.57
N GLY E 35 34.16 -13.11 50.56
CA GLY E 35 35.33 -13.30 51.41
C GLY E 35 35.46 -12.19 52.41
N TRP E 36 35.98 -12.52 53.59
CA TRP E 36 36.17 -11.56 54.67
C TRP E 36 37.67 -11.35 54.87
N PHE E 37 38.11 -10.10 54.78
CA PHE E 37 39.51 -9.73 54.88
C PHE E 37 39.79 -9.07 56.23
N ARG E 38 41.07 -9.01 56.58
CA ARG E 38 41.49 -8.51 57.88
C ARG E 38 42.92 -8.01 57.79
N GLN E 39 43.13 -6.76 58.20
CA GLN E 39 44.44 -6.13 58.16
C GLN E 39 44.77 -5.60 59.55
N ALA E 40 45.68 -6.29 60.24
CA ALA E 40 46.19 -5.85 61.52
C ALA E 40 47.10 -4.65 61.35
N PRO E 41 47.25 -3.81 62.39
CA PRO E 41 48.24 -2.73 62.32
C PRO E 41 49.66 -3.28 62.31
N GLY E 42 50.40 -2.93 61.27
CA GLY E 42 51.73 -3.48 61.06
C GLY E 42 51.77 -4.83 60.37
N LYS E 43 50.65 -5.29 59.81
CA LYS E 43 50.60 -6.57 59.14
C LYS E 43 49.81 -6.45 57.83
N GLU E 44 50.06 -7.41 56.94
CA GLU E 44 49.44 -7.43 55.62
C GLU E 44 47.98 -7.89 55.74
N ARG E 45 47.13 -7.38 54.84
CA ARG E 45 45.74 -7.79 54.73
C ARG E 45 45.66 -9.25 54.28
N GLU E 46 45.06 -10.09 55.13
CA GLU E 46 45.01 -11.53 54.93
C GLU E 46 43.56 -12.00 54.84
N GLY E 47 43.39 -13.32 54.85
CA GLY E 47 42.08 -13.93 54.74
C GLY E 47 41.66 -14.60 56.04
N VAL E 48 40.35 -14.55 56.30
CA VAL E 48 39.78 -15.10 57.53
C VAL E 48 38.69 -16.10 57.19
N ALA E 49 37.70 -15.68 56.42
CA ALA E 49 36.52 -16.51 56.17
C ALA E 49 36.12 -16.39 54.71
N ALA E 50 35.31 -17.34 54.27
CA ALA E 50 34.89 -17.41 52.87
C ALA E 50 33.53 -18.09 52.78
N LEU E 51 32.76 -17.70 51.78
CA LEU E 51 31.43 -18.29 51.57
C LEU E 51 31.13 -18.30 50.08
N ILE E 52 30.54 -19.40 49.62
CA ILE E 52 30.07 -19.53 48.24
C ILE E 52 28.55 -19.38 48.26
N THR E 53 28.02 -18.50 47.40
CA THR E 53 26.58 -18.30 47.37
C THR E 53 25.87 -19.46 46.67
N VAL E 54 26.54 -20.05 45.67
CA VAL E 54 25.97 -21.18 44.94
C VAL E 54 25.93 -22.45 45.77
N ASN E 55 26.99 -22.75 46.50
CA ASN E 55 27.14 -24.06 47.15
C ASN E 55 26.94 -24.01 48.66
N GLY E 56 27.17 -22.88 49.30
CA GLY E 56 27.14 -22.80 50.74
C GLY E 56 28.38 -23.35 51.42
N HIS E 57 29.46 -23.56 50.67
CA HIS E 57 30.67 -24.15 51.25
C HIS E 57 31.55 -23.08 51.85
N THR E 58 32.03 -23.33 53.07
CA THR E 58 32.79 -22.35 53.83
C THR E 58 34.26 -22.76 53.87
N TYR E 59 35.13 -21.78 53.62
CA TYR E 59 36.57 -21.94 53.77
C TYR E 59 37.04 -21.02 54.88
N TYR E 60 37.73 -21.60 55.85
CA TYR E 60 38.07 -20.93 57.10
C TYR E 60 39.58 -20.88 57.25
N ALA E 61 40.09 -19.77 57.78
CA ALA E 61 41.52 -19.66 58.03
C ALA E 61 41.89 -20.46 59.29
N ASP E 62 43.19 -20.75 59.40
CA ASP E 62 43.67 -21.65 60.45
C ASP E 62 43.71 -20.99 61.83
N SER E 63 43.82 -19.67 61.89
CA SER E 63 43.86 -18.97 63.17
C SER E 63 42.48 -18.60 63.69
N VAL E 64 41.42 -18.80 62.89
CA VAL E 64 40.06 -18.43 63.28
C VAL E 64 39.18 -19.68 63.26
N LYS E 65 39.80 -20.85 63.06
CA LYS E 65 39.04 -22.08 62.93
C LYS E 65 38.55 -22.55 64.29
N GLY E 66 37.26 -22.87 64.36
CA GLY E 66 36.62 -23.26 65.60
C GLY E 66 35.98 -22.11 66.35
N ARG E 67 36.31 -20.87 66.01
CA ARG E 67 35.77 -19.69 66.69
C ARG E 67 34.96 -18.78 65.79
N PHE E 68 35.31 -18.68 64.51
CA PHE E 68 34.70 -17.72 63.59
C PHE E 68 33.82 -18.45 62.58
N THR E 69 32.68 -17.87 62.25
CA THR E 69 31.75 -18.48 61.31
C THR E 69 31.10 -17.44 60.41
N VAL E 70 30.66 -17.88 59.23
CA VAL E 70 30.01 -17.02 58.24
C VAL E 70 28.70 -17.66 57.80
N SER E 71 27.65 -16.85 57.64
CA SER E 71 26.36 -17.35 57.20
C SER E 71 25.80 -16.41 56.14
N LEU E 72 24.90 -16.95 55.33
CA LEU E 72 24.33 -16.24 54.20
C LEU E 72 22.84 -15.98 54.43
N ASP E 73 22.42 -14.76 54.11
CA ASP E 73 21.02 -14.35 54.25
C ASP E 73 20.60 -13.72 52.93
N ASN E 74 19.96 -14.50 52.07
CA ASN E 74 19.63 -14.04 50.73
C ASN E 74 18.33 -13.25 50.68
N ALA E 75 17.58 -13.19 51.79
CA ALA E 75 16.36 -12.40 51.80
C ALA E 75 16.65 -10.90 51.85
N LYS E 76 17.68 -10.50 52.61
CA LYS E 76 18.07 -9.12 52.74
C LYS E 76 19.28 -8.76 51.87
N ASN E 77 19.80 -9.74 51.11
CA ASN E 77 21.03 -9.67 50.32
C ASN E 77 22.23 -9.24 51.17
N THR E 78 22.31 -9.81 52.37
CA THR E 78 23.36 -9.50 53.34
C THR E 78 24.07 -10.78 53.73
N VAL E 79 25.38 -10.70 53.93
CA VAL E 79 26.16 -11.80 54.47
C VAL E 79 26.49 -11.48 55.93
N TYR E 80 26.46 -12.50 56.80
CA TYR E 80 26.69 -12.33 58.22
C TYR E 80 28.00 -12.98 58.60
N LEU E 81 28.75 -12.32 59.48
CA LEU E 81 29.98 -12.87 60.03
C LEU E 81 29.88 -12.79 61.54
N GLN E 82 29.92 -13.94 62.21
CA GLN E 82 29.78 -14.02 63.66
C GLN E 82 31.12 -14.41 64.27
N MET E 83 31.61 -13.57 65.18
CA MET E 83 32.94 -13.74 65.78
C MET E 83 32.77 -14.07 67.26
N ASN E 84 32.77 -15.36 67.59
CA ASN E 84 32.77 -15.80 68.98
C ASN E 84 34.19 -16.15 69.42
N SER E 85 34.37 -16.20 70.74
CA SER E 85 35.65 -16.47 71.43
C SER E 85 36.75 -15.50 71.00
N LEU E 86 36.50 -14.21 71.20
CA LEU E 86 37.41 -13.18 70.74
C LEU E 86 38.63 -13.06 71.65
N LYS E 87 39.77 -12.79 71.04
CA LYS E 87 41.06 -12.61 71.69
C LYS E 87 41.71 -11.35 71.16
N PRO E 88 42.59 -10.69 71.94
CA PRO E 88 43.14 -9.38 71.50
C PRO E 88 44.15 -9.43 70.34
N GLU E 89 44.40 -10.59 69.72
CA GLU E 89 45.14 -10.64 68.47
C GLU E 89 44.24 -10.40 67.25
N ASP E 90 42.94 -10.21 67.45
CA ASP E 90 41.99 -9.99 66.37
C ASP E 90 41.63 -8.52 66.17
N THR E 91 42.30 -7.60 66.85
CA THR E 91 41.99 -6.18 66.71
C THR E 91 42.55 -5.66 65.39
N ALA E 92 41.67 -5.44 64.42
CA ALA E 92 42.08 -5.13 63.06
C ALA E 92 40.91 -4.48 62.31
N LEU E 93 41.23 -3.92 61.14
CA LEU E 93 40.22 -3.43 60.22
C LEU E 93 39.68 -4.61 59.41
N TYR E 94 38.38 -4.86 59.51
CA TYR E 94 37.75 -5.99 58.85
C TYR E 94 37.04 -5.53 57.58
N TYR E 95 37.27 -6.25 56.49
CA TYR E 95 36.73 -5.91 55.18
C TYR E 95 35.87 -7.04 54.66
N CYS E 96 34.76 -6.70 54.01
CA CYS E 96 33.98 -7.67 53.24
C CYS E 96 34.25 -7.45 51.76
N ALA E 97 34.26 -8.55 51.01
CA ALA E 97 34.59 -8.50 49.59
C ALA E 97 33.75 -9.49 48.80
N ALA E 98 33.33 -9.07 47.61
CA ALA E 98 32.49 -9.87 46.73
C ALA E 98 33.21 -10.19 45.43
N ALA E 99 32.90 -11.36 44.89
CA ALA E 99 33.53 -11.88 43.67
C ALA E 99 32.45 -12.32 42.68
N ALA E 100 32.65 -11.94 41.42
CA ALA E 100 31.79 -12.39 40.34
C ALA E 100 32.52 -13.29 39.36
N TRP E 101 33.69 -13.79 39.77
CA TRP E 101 34.61 -14.58 38.97
C TRP E 101 34.90 -15.97 39.52
N GLY E 102 34.23 -16.38 40.59
CA GLY E 102 34.44 -17.72 41.12
C GLY E 102 35.01 -17.73 42.52
N TYR E 103 35.29 -18.92 43.04
CA TYR E 103 35.76 -19.02 44.42
C TYR E 103 37.21 -19.49 44.42
N ALA E 104 38.00 -18.89 45.31
CA ALA E 104 39.41 -19.16 45.37
C ALA E 104 39.89 -19.06 46.81
N TRP E 105 40.51 -20.12 47.31
CA TRP E 105 41.08 -20.17 48.65
C TRP E 105 42.56 -20.53 48.55
N PRO E 106 43.46 -19.82 49.27
CA PRO E 106 43.28 -18.68 50.19
C PRO E 106 43.06 -17.35 49.50
N LEU E 107 42.57 -16.37 50.25
CA LEU E 107 42.25 -15.05 49.70
C LEU E 107 43.51 -14.29 49.33
N HIS E 108 43.45 -13.60 48.19
CA HIS E 108 44.60 -12.89 47.64
C HIS E 108 44.19 -11.44 47.40
N GLN E 109 45.10 -10.51 47.65
CA GLN E 109 44.82 -9.08 47.54
C GLN E 109 44.77 -8.63 46.09
N ASP E 110 45.49 -9.32 45.22
CA ASP E 110 45.63 -8.91 43.83
C ASP E 110 44.44 -9.28 42.95
N ASP E 111 43.49 -10.07 43.48
CA ASP E 111 42.32 -10.45 42.70
C ASP E 111 41.33 -9.28 42.59
N TYR E 112 40.38 -9.43 41.68
CA TYR E 112 39.36 -8.40 41.47
C TYR E 112 38.27 -8.53 42.52
N TRP E 113 38.26 -7.60 43.48
CA TRP E 113 37.27 -7.60 44.55
C TRP E 113 36.46 -6.31 44.51
N TYR E 114 35.16 -6.45 44.75
CA TYR E 114 34.33 -5.32 45.11
C TYR E 114 34.44 -5.11 46.61
N TRP E 115 34.98 -3.97 47.02
CA TRP E 115 35.41 -3.76 48.39
C TRP E 115 34.34 -3.08 49.23
N GLY E 116 34.51 -3.16 50.55
CA GLY E 116 33.67 -2.44 51.48
C GLY E 116 34.37 -1.20 52.02
N GLN E 117 33.63 -0.46 52.86
CA GLN E 117 34.15 0.81 53.37
C GLN E 117 34.96 0.63 54.65
N GLY E 118 34.88 -0.53 55.29
CA GLY E 118 35.67 -0.78 56.48
C GLY E 118 35.01 -0.41 57.79
N THR E 119 34.91 -1.38 58.71
CA THR E 119 34.47 -1.13 60.08
C THR E 119 35.55 -1.58 61.05
N GLN E 120 35.83 -0.74 62.04
CA GLN E 120 36.87 -1.04 63.02
C GLN E 120 36.34 -1.98 64.10
N VAL E 121 37.06 -3.07 64.33
CA VAL E 121 36.74 -4.03 65.38
C VAL E 121 37.87 -3.96 66.41
N THR E 122 37.51 -3.62 67.64
CA THR E 122 38.50 -3.42 68.71
C THR E 122 38.16 -4.30 69.89
N VAL E 123 39.13 -5.08 70.35
CA VAL E 123 38.98 -5.94 71.51
C VAL E 123 40.27 -5.87 72.34
N SER E 124 40.13 -5.88 73.66
CA SER E 124 41.28 -5.80 74.56
C SER E 124 41.01 -6.53 75.88
#